data_5HM8
#
_entry.id   5HM8
#
_cell.length_a   107.837
_cell.length_b   185.310
_cell.length_c   122.439
_cell.angle_alpha   90.00
_cell.angle_beta   97.85
_cell.angle_gamma   90.00
#
_symmetry.space_group_name_H-M   'P 1 21 1'
#
loop_
_entity.id
_entity.type
_entity.pdbx_description
1 polymer Adenosylhomocysteinase
2 non-polymer ADENOSINE
3 non-polymer NICOTINAMIDE-ADENINE-DINUCLEOTIDE
4 non-polymer 'CHLORIDE ION'
5 non-polymer 'SULFATE ION'
6 water water
#
_entity_poly.entity_id   1
_entity_poly.type   'polypeptide(L)'
_entity_poly.pdbx_seq_one_letter_code
;SNAYKMESRIKDISLAEFGLQDMEIAKTDMMGLVELQRKYRDSKPLKGARITGSLHLTIETSVLVETLYELGAEIRWCSC
NIYSTQDHAAAALVKKNIATVFAWKNETIEDYWVCLNDAMTWRNPNDKDKICGPNLIVDDGGDATLILHEGVKAEIEYEK
YNKIPEYLETELDENGKQLSMDLKCMYKVLKMELLKNPFRWRGMLKDLYGVSEETTTGVLRLKIMESEGKLLLPAINVND
SVTKSKFDNTYGCRQSLLHGLFNGCIQMLAGKKIVVLGYGEVGKGCAQGLSGVGARVIVTEIDPICALQASMEGYQVSVL
EDVVSEADIFITATGNKDVITVEHMRKMKENAYIANIGHFDDEIDVYGLENYPGIKVIEVKQNVHKFTFPDTQKSVILLC
KGRLVNLGCATGHPPLVMSMSFTNQVLAQMDLWKSRELVDRSKNTRFFVKKLSKELDEYVARLHLDVLGIKLTKLTETQA
KYINVSINGPYKSEDYRY
;
_entity_poly.pdbx_strand_id   A,B,C,D,E,F,G,H
#
loop_
_chem_comp.id
_chem_comp.type
_chem_comp.name
_chem_comp.formula
ADN non-polymer ADENOSINE 'C10 H13 N5 O4'
CL non-polymer 'CHLORIDE ION' 'Cl -1'
NAD non-polymer NICOTINAMIDE-ADENINE-DINUCLEOTIDE 'C21 H27 N7 O14 P2'
SO4 non-polymer 'SULFATE ION' 'O4 S -2'
#
# COMPACT_ATOMS: atom_id res chain seq x y z
N LYS A 5 -40.66 -19.24 20.72
CA LYS A 5 -39.50 -19.32 21.71
C LYS A 5 -40.13 -18.67 22.99
N MET A 6 -40.66 -19.53 23.91
CA MET A 6 -41.29 -19.14 25.25
C MET A 6 -40.29 -18.65 26.29
N GLU A 7 -39.12 -19.29 26.30
CA GLU A 7 -38.08 -19.04 27.28
C GLU A 7 -36.93 -18.22 26.70
N SER A 8 -36.18 -17.59 27.59
CA SER A 8 -35.07 -16.73 27.21
C SER A 8 -33.80 -17.45 26.76
N ARG A 9 -32.97 -16.74 26.01
CA ARG A 9 -31.63 -17.20 25.58
C ARG A 9 -30.60 -16.18 26.08
N ILE A 10 -29.83 -16.57 27.10
CA ILE A 10 -28.79 -15.71 27.70
C ILE A 10 -27.56 -16.53 27.99
N LYS A 11 -26.47 -15.88 28.40
CA LYS A 11 -25.23 -16.62 28.65
C LYS A 11 -25.22 -17.44 29.94
N ASP A 12 -25.54 -16.82 31.06
CA ASP A 12 -25.46 -17.49 32.36
C ASP A 12 -26.42 -16.91 33.41
N ILE A 13 -27.39 -17.72 33.79
CA ILE A 13 -28.39 -17.34 34.80
C ILE A 13 -27.82 -17.10 36.20
N SER A 14 -26.69 -17.73 36.53
CA SER A 14 -26.09 -17.58 37.88
C SER A 14 -25.50 -16.20 38.13
N LEU A 15 -25.28 -15.42 37.06
CA LEU A 15 -24.80 -14.04 37.19
C LEU A 15 -25.91 -13.07 37.65
N ALA A 16 -27.14 -13.59 37.78
CA ALA A 16 -28.30 -12.79 38.19
C ALA A 16 -28.13 -12.03 39.49
N GLU A 17 -27.46 -12.63 40.46
CA GLU A 17 -27.30 -11.98 41.76
C GLU A 17 -26.49 -10.69 41.64
N PHE A 18 -25.39 -10.72 40.88
CA PHE A 18 -24.55 -9.54 40.67
C PHE A 18 -25.33 -8.46 39.93
N GLY A 19 -26.22 -8.86 39.04
CA GLY A 19 -27.03 -7.92 38.27
C GLY A 19 -28.01 -7.15 39.12
N LEU A 20 -28.67 -7.84 40.04
CA LEU A 20 -29.62 -7.22 40.94
C LEU A 20 -28.93 -6.24 41.89
N GLN A 21 -27.68 -6.52 42.25
CA GLN A 21 -26.91 -5.63 43.11
C GLN A 21 -26.62 -4.35 42.39
N ASP A 22 -26.08 -4.44 41.16
CA ASP A 22 -25.78 -3.27 40.35
C ASP A 22 -27.06 -2.47 40.06
N MET A 23 -28.19 -3.16 39.83
CA MET A 23 -29.44 -2.47 39.59
C MET A 23 -29.81 -1.58 40.77
N GLU A 24 -29.71 -2.09 41.99
CA GLU A 24 -30.06 -1.30 43.18
C GLU A 24 -29.14 -0.12 43.38
N ILE A 25 -27.85 -0.31 43.11
CA ILE A 25 -26.88 0.77 43.24
C ILE A 25 -27.16 1.83 42.16
N ALA A 26 -27.39 1.37 40.93
CA ALA A 26 -27.65 2.26 39.81
C ALA A 26 -28.87 3.13 40.09
N LYS A 27 -29.90 2.56 40.71
CA LYS A 27 -31.12 3.32 41.04
C LYS A 27 -30.93 4.53 41.95
N THR A 28 -29.84 4.58 42.71
CA THR A 28 -29.56 5.74 43.56
C THR A 28 -29.54 7.01 42.71
N ASP A 29 -28.91 6.91 41.53
CA ASP A 29 -28.82 8.01 40.58
C ASP A 29 -29.91 8.07 39.52
N MET A 30 -30.60 6.97 39.23
CA MET A 30 -31.65 6.97 38.18
C MET A 30 -32.99 7.42 38.76
N MET A 31 -33.00 8.58 39.41
CA MET A 31 -34.20 9.09 40.05
C MET A 31 -35.43 9.30 39.15
N GLY A 32 -35.19 9.52 37.86
CA GLY A 32 -36.29 9.69 36.91
C GLY A 32 -37.12 8.41 36.82
N LEU A 33 -36.46 7.28 36.61
CA LEU A 33 -37.14 6.01 36.53
C LEU A 33 -37.75 5.59 37.87
N VAL A 34 -37.05 5.84 38.96
CA VAL A 34 -37.55 5.53 40.30
C VAL A 34 -38.86 6.31 40.57
N GLU A 35 -38.94 7.56 40.13
CA GLU A 35 -40.13 8.36 40.33
C GLU A 35 -41.28 7.85 39.48
N LEU A 36 -41.01 7.48 38.23
CA LEU A 36 -42.08 6.94 37.39
C LEU A 36 -42.64 5.65 37.99
N GLN A 37 -41.77 4.78 38.53
CA GLN A 37 -42.25 3.56 39.17
C GLN A 37 -43.14 3.93 40.35
N ARG A 38 -42.65 4.81 41.20
CA ARG A 38 -43.41 5.18 42.40
C ARG A 38 -44.80 5.71 42.02
N LYS A 39 -44.81 6.60 41.04
CA LYS A 39 -46.04 7.27 40.63
C LYS A 39 -47.04 6.44 39.86
N TYR A 40 -46.58 5.62 38.93
CA TYR A 40 -47.49 4.85 38.09
C TYR A 40 -47.59 3.34 38.38
N ARG A 41 -46.88 2.82 39.39
CA ARG A 41 -46.95 1.35 39.62
C ARG A 41 -48.34 0.83 39.98
N ASP A 42 -49.19 1.68 40.57
CA ASP A 42 -50.55 1.27 40.96
C ASP A 42 -51.56 1.42 39.84
N SER A 43 -51.53 2.55 39.14
CA SER A 43 -52.48 2.79 38.04
C SER A 43 -52.18 1.99 36.76
N LYS A 44 -50.96 1.47 36.62
CA LYS A 44 -50.56 0.67 35.44
C LYS A 44 -50.99 1.28 34.07
N PRO A 45 -50.46 2.47 33.71
CA PRO A 45 -50.83 3.12 32.44
C PRO A 45 -50.53 2.29 31.19
N LEU A 46 -49.59 1.34 31.27
CA LEU A 46 -49.24 0.47 30.14
C LEU A 46 -49.81 -0.95 30.27
N LYS A 47 -50.85 -1.15 31.09
CA LYS A 47 -51.40 -2.50 31.26
C LYS A 47 -51.94 -3.06 29.94
N GLY A 48 -51.54 -4.31 29.65
CA GLY A 48 -51.95 -5.00 28.44
C GLY A 48 -51.08 -4.76 27.22
N ALA A 49 -50.12 -3.85 27.33
CA ALA A 49 -49.26 -3.54 26.21
C ALA A 49 -48.15 -4.57 26.06
N ARG A 50 -47.86 -4.93 24.81
CA ARG A 50 -46.77 -5.86 24.48
C ARG A 50 -45.66 -5.01 23.88
N ILE A 51 -44.53 -4.93 24.58
CA ILE A 51 -43.41 -4.12 24.16
C ILE A 51 -42.17 -4.96 23.80
N THR A 52 -41.64 -4.74 22.60
CA THR A 52 -40.44 -5.39 22.14
C THR A 52 -39.38 -4.30 22.12
N GLY A 53 -38.21 -4.58 22.67
CA GLY A 53 -37.11 -3.62 22.71
C GLY A 53 -35.84 -4.13 22.06
N SER A 54 -35.20 -3.26 21.28
CA SER A 54 -33.94 -3.54 20.62
C SER A 54 -33.01 -2.43 21.11
N LEU A 55 -32.39 -2.65 22.26
CA LEU A 55 -31.53 -1.64 22.86
C LEU A 55 -30.50 -2.27 23.80
N HIS A 56 -29.23 -1.83 23.70
CA HIS A 56 -28.09 -2.32 24.51
C HIS A 56 -28.53 -2.82 25.88
N LEU A 57 -28.40 -4.12 26.13
CA LEU A 57 -28.89 -4.66 27.40
C LEU A 57 -27.86 -4.53 28.52
N THR A 58 -27.81 -3.32 29.08
CA THR A 58 -26.90 -2.97 30.16
C THR A 58 -27.68 -2.90 31.48
N ILE A 59 -26.97 -2.71 32.59
CA ILE A 59 -27.63 -2.53 33.88
C ILE A 59 -28.62 -1.38 33.81
N GLU A 60 -28.24 -0.28 33.16
CA GLU A 60 -29.11 0.88 33.01
C GLU A 60 -30.40 0.51 32.26
N THR A 61 -30.26 -0.29 31.20
CA THR A 61 -31.41 -0.77 30.41
C THR A 61 -32.29 -1.68 31.26
N SER A 62 -31.71 -2.44 32.20
CA SER A 62 -32.51 -3.31 33.06
C SER A 62 -33.50 -2.51 33.91
N VAL A 63 -33.08 -1.31 34.34
CA VAL A 63 -33.93 -0.45 35.14
C VAL A 63 -35.07 0.12 34.24
N LEU A 64 -34.78 0.35 32.95
CA LEU A 64 -35.79 0.82 32.02
C LEU A 64 -36.83 -0.28 31.87
N VAL A 65 -36.35 -1.49 31.60
CA VAL A 65 -37.23 -2.66 31.43
C VAL A 65 -38.05 -2.89 32.69
N GLU A 66 -37.43 -2.71 33.84
CA GLU A 66 -38.13 -2.90 35.11
C GLU A 66 -39.23 -1.85 35.25
N THR A 67 -38.93 -0.62 34.84
CA THR A 67 -39.90 0.47 34.91
C THR A 67 -41.11 0.19 34.02
N LEU A 68 -40.86 -0.25 32.79
CA LEU A 68 -41.95 -0.61 31.86
C LEU A 68 -42.79 -1.75 32.44
N TYR A 69 -42.13 -2.72 33.07
CA TYR A 69 -42.84 -3.85 33.68
C TYR A 69 -43.71 -3.38 34.86
N GLU A 70 -43.15 -2.56 35.76
CA GLU A 70 -43.91 -2.06 36.91
C GLU A 70 -45.12 -1.23 36.45
N LEU A 71 -45.06 -0.69 35.24
CA LEU A 71 -46.19 0.07 34.70
C LEU A 71 -47.23 -0.82 33.95
N GLY A 72 -47.06 -2.14 34.02
CA GLY A 72 -48.02 -3.11 33.47
C GLY A 72 -47.76 -3.76 32.14
N ALA A 73 -46.65 -3.44 31.50
CA ALA A 73 -46.37 -4.03 30.19
C ALA A 73 -45.72 -5.41 30.26
N GLU A 74 -45.95 -6.21 29.23
CA GLU A 74 -45.27 -7.50 29.05
C GLU A 74 -44.10 -7.12 28.15
N ILE A 75 -42.92 -7.66 28.44
CA ILE A 75 -41.72 -7.29 27.68
C ILE A 75 -40.95 -8.46 27.04
N ARG A 76 -40.44 -8.22 25.83
CA ARG A 76 -39.53 -9.13 25.12
C ARG A 76 -38.38 -8.22 24.70
N TRP A 77 -37.14 -8.62 24.95
CA TRP A 77 -36.01 -7.73 24.67
C TRP A 77 -34.78 -8.39 24.05
N CYS A 78 -34.06 -7.58 23.27
CA CYS A 78 -32.81 -8.00 22.64
C CYS A 78 -31.90 -6.80 22.61
N SER A 79 -30.62 -7.03 22.42
CA SER A 79 -29.65 -5.95 22.37
C SER A 79 -29.58 -5.41 20.95
N CYS A 80 -29.09 -4.17 20.79
CA CYS A 80 -28.97 -3.56 19.44
C CYS A 80 -27.53 -3.52 18.93
N ASN A 81 -26.67 -4.34 19.54
CA ASN A 81 -25.26 -4.45 19.17
C ASN A 81 -24.70 -5.76 19.72
N ILE A 82 -23.91 -6.45 18.90
CA ILE A 82 -23.35 -7.77 19.30
C ILE A 82 -22.39 -7.76 20.49
N TYR A 83 -21.79 -6.62 20.82
CA TYR A 83 -20.85 -6.54 21.95
C TYR A 83 -21.35 -5.78 23.20
N SER A 84 -22.46 -5.06 23.10
CA SER A 84 -22.92 -4.21 24.21
C SER A 84 -23.61 -4.85 25.41
N THR A 85 -24.17 -6.05 25.24
CA THR A 85 -24.87 -6.72 26.35
C THR A 85 -23.97 -7.00 27.55
N GLN A 86 -24.53 -6.82 28.74
CA GLN A 86 -23.85 -7.12 29.99
C GLN A 86 -24.60 -8.35 30.49
N ASP A 87 -23.92 -9.50 30.44
CA ASP A 87 -24.54 -10.78 30.80
C ASP A 87 -25.21 -10.81 32.19
N HIS A 88 -24.65 -10.11 33.16
CA HIS A 88 -25.26 -10.10 34.50
C HIS A 88 -26.58 -9.30 34.53
N ALA A 89 -26.69 -8.29 33.67
CA ALA A 89 -27.90 -7.49 33.53
C ALA A 89 -29.03 -8.31 32.91
N ALA A 90 -28.68 -9.06 31.86
CA ALA A 90 -29.64 -9.95 31.17
C ALA A 90 -30.14 -11.04 32.11
N ALA A 91 -29.23 -11.62 32.87
CA ALA A 91 -29.59 -12.65 33.84
C ALA A 91 -30.55 -12.12 34.90
N ALA A 92 -30.36 -10.88 35.34
CA ALA A 92 -31.24 -10.28 36.36
C ALA A 92 -32.69 -10.19 35.89
N LEU A 93 -32.88 -9.85 34.62
CA LEU A 93 -34.21 -9.72 34.06
C LEU A 93 -34.90 -11.05 34.00
N VAL A 94 -34.21 -12.10 33.54
CA VAL A 94 -34.89 -13.40 33.44
C VAL A 94 -35.08 -14.01 34.82
N LYS A 95 -34.16 -13.74 35.76
CA LYS A 95 -34.29 -14.27 37.12
C LYS A 95 -35.59 -13.80 37.79
N LYS A 96 -35.97 -12.53 37.61
CA LYS A 96 -37.19 -12.00 38.20
C LYS A 96 -38.44 -12.05 37.29
N ASN A 97 -38.36 -12.69 36.13
CA ASN A 97 -39.50 -12.76 35.20
C ASN A 97 -40.08 -11.42 34.78
N ILE A 98 -39.21 -10.43 34.66
CA ILE A 98 -39.60 -9.11 34.23
C ILE A 98 -39.83 -9.15 32.71
N ALA A 99 -38.95 -9.87 32.01
CA ALA A 99 -39.00 -9.96 30.57
C ALA A 99 -38.43 -11.26 30.03
N THR A 100 -38.65 -11.48 28.74
CA THR A 100 -38.13 -12.62 28.02
C THR A 100 -37.01 -11.98 27.23
N VAL A 101 -35.80 -12.47 27.43
CA VAL A 101 -34.61 -11.88 26.84
C VAL A 101 -33.88 -12.79 25.86
N PHE A 102 -33.38 -12.16 24.79
CA PHE A 102 -32.58 -12.84 23.78
C PHE A 102 -31.32 -11.97 23.58
N ALA A 103 -30.35 -12.16 24.45
CA ALA A 103 -29.14 -11.36 24.39
C ALA A 103 -27.99 -11.88 25.22
N TRP A 104 -26.79 -11.77 24.65
CA TRP A 104 -25.55 -12.13 25.35
C TRP A 104 -24.41 -11.34 24.71
N LYS A 105 -23.33 -11.16 25.47
CA LYS A 105 -22.18 -10.40 24.98
C LYS A 105 -21.45 -11.28 23.97
N ASN A 106 -20.95 -10.67 22.90
CA ASN A 106 -20.21 -11.38 21.84
C ASN A 106 -21.05 -12.33 21.00
N GLU A 107 -22.16 -11.81 20.48
CA GLU A 107 -23.04 -12.57 19.62
C GLU A 107 -22.39 -12.59 18.26
N THR A 108 -22.79 -13.54 17.44
CA THR A 108 -22.33 -13.58 16.06
C THR A 108 -23.38 -12.71 15.35
N ILE A 109 -23.02 -12.15 14.20
CA ILE A 109 -23.99 -11.35 13.44
C ILE A 109 -25.25 -12.19 13.09
N GLU A 110 -25.06 -13.49 12.86
CA GLU A 110 -26.17 -14.37 12.54
C GLU A 110 -27.14 -14.44 13.71
N ASP A 111 -26.61 -14.67 14.91
CA ASP A 111 -27.42 -14.79 16.15
C ASP A 111 -28.09 -13.47 16.53
N TYR A 112 -27.46 -12.35 16.18
CA TYR A 112 -28.02 -11.03 16.45
C TYR A 112 -29.40 -10.88 15.81
N TRP A 113 -29.51 -11.23 14.52
CA TRP A 113 -30.78 -11.14 13.80
C TRP A 113 -31.81 -12.20 14.21
N VAL A 114 -31.35 -13.35 14.69
CA VAL A 114 -32.26 -14.39 15.16
C VAL A 114 -32.86 -13.91 16.49
N CYS A 115 -32.03 -13.28 17.32
CA CYS A 115 -32.48 -12.74 18.62
C CYS A 115 -33.50 -11.61 18.42
N LEU A 116 -33.22 -10.71 17.48
CA LEU A 116 -34.13 -9.61 17.16
C LEU A 116 -35.47 -10.15 16.67
N ASN A 117 -35.41 -11.18 15.81
CA ASN A 117 -36.63 -11.76 15.26
C ASN A 117 -37.43 -12.45 16.36
N ASP A 118 -36.73 -13.15 17.26
CA ASP A 118 -37.38 -13.81 18.38
C ASP A 118 -38.07 -12.79 19.26
N ALA A 119 -37.39 -11.68 19.55
CA ALA A 119 -37.96 -10.61 20.37
C ALA A 119 -39.21 -10.04 19.73
N MET A 120 -39.25 -9.99 18.41
CA MET A 120 -40.42 -9.49 17.67
C MET A 120 -41.58 -10.50 17.66
N THR A 121 -41.32 -11.77 17.97
CA THR A 121 -42.36 -12.83 17.97
C THR A 121 -43.10 -12.98 19.29
N TRP A 122 -44.42 -12.88 19.24
CA TRP A 122 -45.27 -13.03 20.41
C TRP A 122 -46.31 -14.12 20.20
N ARG A 123 -46.73 -14.76 21.29
CA ARG A 123 -47.80 -15.78 21.23
C ARG A 123 -49.13 -15.08 21.41
N ASN A 124 -50.05 -15.33 20.48
CA ASN A 124 -51.40 -14.72 20.49
C ASN A 124 -52.13 -15.07 21.81
N PRO A 125 -52.52 -14.04 22.62
CA PRO A 125 -53.21 -14.33 23.89
C PRO A 125 -54.57 -15.06 23.76
N ASN A 126 -55.27 -14.86 22.63
CA ASN A 126 -56.57 -15.49 22.37
C ASN A 126 -56.42 -16.98 22.03
N ASP A 127 -55.60 -17.25 21.02
CA ASP A 127 -55.33 -18.59 20.52
C ASP A 127 -53.82 -18.86 20.68
N LYS A 128 -53.42 -19.45 21.81
CA LYS A 128 -51.97 -19.73 22.10
C LYS A 128 -51.13 -20.36 20.96
N ASP A 129 -51.79 -21.01 20.01
CA ASP A 129 -51.10 -21.65 18.88
C ASP A 129 -50.57 -20.67 17.84
N LYS A 130 -51.32 -19.61 17.56
CA LYS A 130 -50.94 -18.61 16.54
C LYS A 130 -49.92 -17.55 17.00
N ILE A 131 -49.39 -16.81 16.03
CA ILE A 131 -48.38 -15.78 16.21
C ILE A 131 -48.91 -14.37 15.95
N CYS A 132 -48.34 -13.39 16.67
CA CYS A 132 -48.66 -11.97 16.49
C CYS A 132 -47.40 -11.16 16.82
N GLY A 133 -47.49 -9.84 16.76
CA GLY A 133 -46.33 -8.97 17.03
C GLY A 133 -46.53 -8.12 18.25
N PRO A 134 -45.65 -7.14 18.45
CA PRO A 134 -45.78 -6.24 19.58
C PRO A 134 -46.74 -5.10 19.28
N ASN A 135 -47.10 -4.38 20.34
CA ASN A 135 -47.95 -3.22 20.26
C ASN A 135 -47.07 -1.99 20.14
N LEU A 136 -45.94 -2.03 20.84
CA LEU A 136 -45.00 -0.91 20.87
C LEU A 136 -43.57 -1.42 20.72
N ILE A 137 -42.69 -0.55 20.20
CA ILE A 137 -41.29 -0.89 20.01
C ILE A 137 -40.37 0.20 20.61
N VAL A 138 -39.37 -0.23 21.39
CA VAL A 138 -38.35 0.66 21.93
C VAL A 138 -37.14 0.32 21.07
N ASP A 139 -36.69 1.27 20.26
CA ASP A 139 -35.60 1.00 19.32
C ASP A 139 -34.43 1.96 19.49
N ASP A 140 -33.23 1.47 19.19
CA ASP A 140 -31.99 2.23 19.29
C ASP A 140 -31.13 1.82 18.12
N GLY A 141 -31.14 2.64 17.09
CA GLY A 141 -30.38 2.37 15.87
C GLY A 141 -31.29 2.07 14.68
N GLY A 142 -32.56 1.73 14.97
CA GLY A 142 -33.53 1.46 13.91
C GLY A 142 -33.60 0.05 13.34
N ASP A 143 -32.87 -0.92 13.92
CA ASP A 143 -32.90 -2.31 13.42
C ASP A 143 -34.25 -3.02 13.59
N ALA A 144 -34.93 -2.80 14.71
CA ALA A 144 -36.26 -3.38 14.92
C ALA A 144 -37.26 -2.78 13.91
N THR A 145 -37.15 -1.47 13.70
CA THR A 145 -37.97 -0.77 12.75
C THR A 145 -37.63 -1.25 11.32
N LEU A 146 -36.36 -1.56 11.06
CA LEU A 146 -35.93 -1.99 9.73
C LEU A 146 -36.45 -3.38 9.38
N ILE A 147 -36.33 -4.32 10.31
CA ILE A 147 -36.76 -5.70 10.02
C ILE A 147 -38.26 -5.73 9.74
N LEU A 148 -39.01 -4.85 10.39
CA LEU A 148 -40.45 -4.74 10.18
C LEU A 148 -40.75 -4.27 8.78
N HIS A 149 -40.14 -3.15 8.37
CA HIS A 149 -40.39 -2.57 7.06
C HIS A 149 -39.90 -3.42 5.89
N GLU A 150 -38.75 -4.06 6.07
CA GLU A 150 -38.17 -4.93 5.05
C GLU A 150 -38.93 -6.25 4.97
N GLY A 151 -39.56 -6.63 6.08
CA GLY A 151 -40.36 -7.85 6.16
C GLY A 151 -41.63 -7.64 5.38
N VAL A 152 -42.23 -6.45 5.50
CA VAL A 152 -43.43 -6.10 4.76
C VAL A 152 -43.08 -6.05 3.27
N LYS A 153 -41.95 -5.42 2.90
CA LYS A 153 -41.53 -5.36 1.49
C LYS A 153 -41.36 -6.75 0.89
N ALA A 154 -40.71 -7.63 1.65
CA ALA A 154 -40.46 -9.02 1.26
C ALA A 154 -41.76 -9.79 1.03
N GLU A 155 -42.77 -9.52 1.84
CA GLU A 155 -44.07 -10.17 1.68
C GLU A 155 -44.82 -9.66 0.44
N ILE A 156 -44.71 -8.36 0.14
CA ILE A 156 -45.33 -7.78 -1.07
C ILE A 156 -44.71 -8.42 -2.33
N GLU A 157 -43.38 -8.48 -2.35
CA GLU A 157 -42.62 -9.06 -3.45
C GLU A 157 -42.85 -10.58 -3.57
N TYR A 158 -43.17 -11.22 -2.45
CA TYR A 158 -43.44 -12.66 -2.45
C TYR A 158 -44.76 -12.92 -3.16
N GLU A 159 -45.82 -12.21 -2.80
CA GLU A 159 -47.13 -12.41 -3.42
C GLU A 159 -47.17 -12.04 -4.89
N LYS A 160 -46.43 -11.01 -5.26
CA LYS A 160 -46.42 -10.53 -6.64
C LYS A 160 -46.01 -11.62 -7.63
N TYR A 161 -44.87 -12.26 -7.38
CA TYR A 161 -44.36 -13.33 -8.27
C TYR A 161 -44.59 -14.75 -7.72
N ASN A 162 -45.16 -14.86 -6.52
CA ASN A 162 -45.45 -16.13 -5.84
C ASN A 162 -44.22 -17.06 -5.62
N LYS A 163 -43.09 -16.44 -5.28
CA LYS A 163 -41.84 -17.16 -5.04
C LYS A 163 -40.93 -16.29 -4.15
N ILE A 164 -39.91 -16.92 -3.59
CA ILE A 164 -38.96 -16.20 -2.77
C ILE A 164 -38.26 -15.15 -3.66
N PRO A 165 -38.33 -13.86 -3.29
CA PRO A 165 -37.65 -12.81 -4.06
C PRO A 165 -36.16 -13.07 -4.24
N GLU A 166 -35.65 -12.83 -5.44
CA GLU A 166 -34.24 -13.08 -5.71
C GLU A 166 -33.24 -12.21 -4.94
N TYR A 167 -33.65 -11.04 -4.45
CA TYR A 167 -32.70 -10.17 -3.72
C TYR A 167 -32.33 -10.77 -2.35
N LEU A 168 -33.17 -11.67 -1.84
CA LEU A 168 -32.95 -12.33 -0.54
C LEU A 168 -32.04 -13.56 -0.63
N GLU A 169 -31.98 -14.19 -1.79
CA GLU A 169 -31.15 -15.40 -1.99
C GLU A 169 -29.73 -15.11 -2.46
N THR A 170 -29.53 -13.97 -3.14
CA THR A 170 -28.22 -13.58 -3.67
C THR A 170 -27.33 -13.13 -2.49
N GLU A 171 -26.03 -13.30 -2.67
CA GLU A 171 -25.04 -12.92 -1.67
C GLU A 171 -24.33 -11.63 -2.15
N LEU A 172 -24.83 -11.06 -3.25
CA LEU A 172 -24.28 -9.85 -3.86
C LEU A 172 -25.34 -8.75 -3.93
N ASP A 173 -24.90 -7.51 -4.04
CA ASP A 173 -25.84 -6.37 -4.13
C ASP A 173 -26.14 -6.10 -5.60
N GLU A 174 -26.80 -4.98 -5.91
CA GLU A 174 -27.15 -4.65 -7.29
C GLU A 174 -25.96 -4.34 -8.24
N ASN A 175 -24.75 -4.13 -7.69
CA ASN A 175 -23.55 -3.79 -8.47
C ASN A 175 -22.43 -4.84 -8.47
N GLY A 176 -22.71 -6.05 -7.96
CA GLY A 176 -21.71 -7.12 -7.90
C GLY A 176 -20.90 -7.22 -6.60
N LYS A 177 -21.02 -6.22 -5.71
CA LYS A 177 -20.25 -6.16 -4.45
C LYS A 177 -20.92 -7.05 -3.40
N GLN A 178 -20.14 -7.57 -2.46
CA GLN A 178 -20.67 -8.38 -1.37
C GLN A 178 -21.64 -7.59 -0.48
N LEU A 179 -22.76 -8.20 -0.11
CA LEU A 179 -23.69 -7.57 0.81
C LEU A 179 -23.05 -7.54 2.20
N SER A 180 -23.44 -6.58 3.02
CA SER A 180 -22.89 -6.51 4.38
C SER A 180 -23.40 -7.72 5.16
N MET A 181 -22.63 -8.20 6.12
CA MET A 181 -23.07 -9.32 6.95
C MET A 181 -24.42 -9.08 7.59
N ASP A 182 -24.68 -7.85 8.02
CA ASP A 182 -25.96 -7.53 8.64
C ASP A 182 -27.12 -7.72 7.65
N LEU A 183 -26.93 -7.36 6.39
CA LEU A 183 -27.97 -7.56 5.37
C LEU A 183 -28.19 -9.03 5.05
N LYS A 184 -27.10 -9.79 4.91
CA LYS A 184 -27.22 -11.21 4.62
C LYS A 184 -27.98 -11.96 5.70
N CYS A 185 -27.60 -11.71 6.95
CA CYS A 185 -28.20 -12.37 8.11
C CYS A 185 -29.65 -11.98 8.37
N MET A 186 -30.00 -10.75 8.00
CA MET A 186 -31.38 -10.28 8.15
C MET A 186 -32.24 -10.95 7.06
N TYR A 187 -31.74 -10.91 5.82
CA TYR A 187 -32.38 -11.54 4.66
C TYR A 187 -32.59 -13.01 4.89
N LYS A 188 -31.64 -13.64 5.55
CA LYS A 188 -31.71 -15.06 5.82
C LYS A 188 -32.89 -15.32 6.76
N VAL A 189 -33.11 -14.41 7.69
CA VAL A 189 -34.21 -14.52 8.66
C VAL A 189 -35.55 -14.25 7.97
N LEU A 190 -35.58 -13.23 7.12
CA LEU A 190 -36.79 -12.89 6.38
C LEU A 190 -37.21 -14.01 5.45
N LYS A 191 -36.23 -14.71 4.87
CA LYS A 191 -36.50 -15.85 3.97
C LYS A 191 -37.13 -17.00 4.74
N MET A 192 -36.56 -17.31 5.90
CA MET A 192 -37.14 -18.36 6.70
C MET A 192 -38.59 -18.07 7.07
N GLU A 193 -38.86 -16.81 7.41
CA GLU A 193 -40.20 -16.41 7.83
C GLU A 193 -41.21 -16.40 6.68
N LEU A 194 -40.75 -16.25 5.44
CA LEU A 194 -41.64 -16.31 4.27
C LEU A 194 -42.10 -17.75 4.04
N LEU A 195 -41.23 -18.72 4.38
CA LEU A 195 -41.55 -20.12 4.30
C LEU A 195 -42.53 -20.57 5.40
N LYS A 196 -42.43 -19.99 6.60
CA LYS A 196 -43.40 -20.33 7.67
C LYS A 196 -44.74 -19.65 7.46
N ASN A 197 -44.71 -18.35 7.20
CA ASN A 197 -45.92 -17.56 7.07
C ASN A 197 -45.66 -16.25 6.31
N PRO A 198 -46.14 -16.17 5.04
CA PRO A 198 -45.94 -14.94 4.25
C PRO A 198 -46.85 -13.74 4.62
N PHE A 199 -47.65 -13.85 5.69
N PHE A 199 -47.65 -13.85 5.68
CA PHE A 199 -48.51 -12.75 6.16
CA PHE A 199 -48.51 -12.76 6.16
C PHE A 199 -48.08 -12.31 7.57
C PHE A 199 -48.09 -12.31 7.57
N ARG A 200 -46.97 -12.86 8.07
CA ARG A 200 -46.46 -12.54 9.41
C ARG A 200 -46.29 -11.03 9.72
N TRP A 201 -45.46 -10.37 8.92
CA TRP A 201 -45.14 -8.97 9.11
C TRP A 201 -46.33 -8.02 8.92
N ARG A 202 -47.09 -8.22 7.86
CA ARG A 202 -48.26 -7.37 7.62
C ARG A 202 -49.33 -7.62 8.69
N GLY A 203 -49.33 -8.82 9.26
CA GLY A 203 -50.24 -9.17 10.34
C GLY A 203 -49.95 -8.36 11.60
N MET A 204 -48.68 -8.06 11.84
CA MET A 204 -48.27 -7.27 13.01
C MET A 204 -48.73 -5.84 12.95
N LEU A 205 -48.93 -5.33 11.74
CA LEU A 205 -49.30 -3.93 11.56
C LEU A 205 -50.62 -3.60 12.19
N LYS A 206 -51.55 -4.56 12.18
CA LYS A 206 -52.85 -4.32 12.77
C LYS A 206 -52.76 -3.80 14.21
N ASP A 207 -51.88 -4.42 15.00
CA ASP A 207 -51.72 -4.05 16.41
C ASP A 207 -50.54 -3.12 16.77
N LEU A 208 -49.76 -2.66 15.80
CA LEU A 208 -48.63 -1.73 16.09
C LEU A 208 -49.09 -0.31 16.26
N TYR A 209 -48.78 0.26 17.42
CA TYR A 209 -49.16 1.63 17.73
C TYR A 209 -48.01 2.64 17.74
N GLY A 210 -46.76 2.19 17.60
CA GLY A 210 -45.61 3.10 17.54
C GLY A 210 -44.23 2.63 17.97
N VAL A 211 -43.23 3.47 17.67
CA VAL A 211 -41.83 3.24 18.07
C VAL A 211 -41.18 4.51 18.65
N SER A 212 -40.37 4.33 19.68
CA SER A 212 -39.58 5.38 20.33
C SER A 212 -38.16 5.13 19.83
N GLU A 213 -37.56 6.11 19.16
CA GLU A 213 -36.19 5.95 18.66
C GLU A 213 -35.20 6.73 19.53
N GLU A 214 -34.19 6.02 20.01
CA GLU A 214 -33.19 6.53 20.95
C GLU A 214 -32.01 7.34 20.40
N THR A 215 -31.53 7.06 19.19
CA THR A 215 -30.29 7.70 18.72
C THR A 215 -30.37 8.40 17.37
N THR A 216 -29.43 9.32 17.16
CA THR A 216 -29.33 10.15 15.98
C THR A 216 -29.43 9.38 14.69
N THR A 217 -28.64 8.33 14.55
CA THR A 217 -28.67 7.50 13.34
C THR A 217 -30.02 6.85 13.05
N GLY A 218 -30.70 6.37 14.08
CA GLY A 218 -32.02 5.76 13.90
C GLY A 218 -33.09 6.78 13.48
N VAL A 219 -32.94 8.02 13.98
CA VAL A 219 -33.85 9.09 13.66
C VAL A 219 -33.71 9.47 12.21
N LEU A 220 -32.47 9.44 11.73
CA LEU A 220 -32.21 9.74 10.34
C LEU A 220 -32.97 8.75 9.45
N ARG A 221 -32.92 7.47 9.82
CA ARG A 221 -33.61 6.43 9.06
C ARG A 221 -35.12 6.62 9.10
N LEU A 222 -35.64 7.13 10.23
CA LEU A 222 -37.07 7.40 10.36
C LEU A 222 -37.51 8.57 9.51
N LYS A 223 -36.71 9.64 9.48
CA LYS A 223 -37.02 10.82 8.65
C LYS A 223 -36.99 10.53 7.17
N ILE A 224 -36.10 9.63 6.73
CA ILE A 224 -36.04 9.25 5.32
C ILE A 224 -37.34 8.52 4.96
N MET A 225 -37.82 7.62 5.84
CA MET A 225 -39.05 6.89 5.59
C MET A 225 -40.26 7.81 5.60
N GLU A 226 -40.23 8.84 6.44
CA GLU A 226 -41.31 9.81 6.54
C GLU A 226 -41.47 10.59 5.23
N SER A 227 -40.36 11.08 4.69
CA SER A 227 -40.35 11.83 3.42
C SER A 227 -40.90 11.01 2.26
N GLU A 228 -40.44 9.77 2.17
CA GLU A 228 -40.84 8.87 1.10
C GLU A 228 -42.24 8.28 1.29
N GLY A 229 -42.87 8.54 2.43
CA GLY A 229 -44.22 8.03 2.71
C GLY A 229 -44.23 6.53 2.96
N LYS A 230 -43.12 6.01 3.45
CA LYS A 230 -42.95 4.58 3.72
C LYS A 230 -43.02 4.20 5.21
N LEU A 231 -43.21 5.19 6.09
CA LEU A 231 -43.24 4.91 7.53
C LEU A 231 -44.59 4.28 7.85
N LEU A 232 -44.53 3.05 8.36
CA LEU A 232 -45.73 2.22 8.66
C LEU A 232 -46.29 2.27 10.09
N LEU A 233 -45.76 3.13 10.95
CA LEU A 233 -46.30 3.29 12.32
C LEU A 233 -45.87 4.63 12.91
N PRO A 234 -46.60 5.15 13.91
CA PRO A 234 -46.21 6.43 14.51
C PRO A 234 -44.86 6.31 15.17
N ALA A 235 -44.15 7.43 15.28
CA ALA A 235 -42.81 7.39 15.86
C ALA A 235 -42.53 8.63 16.68
N ILE A 236 -41.75 8.44 17.72
CA ILE A 236 -41.33 9.51 18.59
C ILE A 236 -39.81 9.52 18.59
N ASN A 237 -39.27 10.67 18.25
CA ASN A 237 -37.85 10.94 18.25
C ASN A 237 -37.46 11.31 19.66
N VAL A 238 -36.91 10.35 20.40
CA VAL A 238 -36.47 10.57 21.78
C VAL A 238 -35.12 11.25 21.81
N ASN A 239 -34.29 10.96 20.82
CA ASN A 239 -32.93 11.52 20.75
C ASN A 239 -32.85 13.03 20.78
N ASP A 240 -33.86 13.71 20.23
CA ASP A 240 -33.81 15.18 20.16
C ASP A 240 -34.47 15.92 21.30
N SER A 241 -34.76 15.21 22.39
CA SER A 241 -35.26 15.87 23.59
C SER A 241 -34.00 16.57 24.09
N VAL A 242 -34.15 17.75 24.68
CA VAL A 242 -32.98 18.44 25.21
C VAL A 242 -32.30 17.58 26.27
N THR A 243 -33.10 16.92 27.12
CA THR A 243 -32.58 16.08 28.20
C THR A 243 -32.01 14.74 27.74
N LYS A 244 -31.84 14.59 26.44
CA LYS A 244 -31.22 13.42 25.88
C LYS A 244 -30.00 13.88 25.07
N SER A 245 -30.21 14.59 23.96
CA SER A 245 -29.09 15.04 23.10
C SER A 245 -28.03 15.89 23.78
N LYS A 246 -28.44 16.80 24.65
CA LYS A 246 -27.46 17.67 25.34
C LYS A 246 -26.73 17.04 26.53
N PHE A 247 -27.18 15.86 26.97
CA PHE A 247 -26.60 15.19 28.14
C PHE A 247 -26.02 13.83 27.79
N ASP A 248 -26.87 12.92 27.33
CA ASP A 248 -26.43 11.58 26.93
C ASP A 248 -25.35 11.67 25.87
N ASN A 249 -25.69 12.25 24.73
CA ASN A 249 -24.74 12.34 23.62
C ASN A 249 -23.41 13.00 23.97
N THR A 250 -23.48 14.11 24.70
CA THR A 250 -22.28 14.86 25.05
C THR A 250 -21.60 14.36 26.33
N TYR A 251 -22.21 14.62 27.48
CA TYR A 251 -21.61 14.26 28.76
C TYR A 251 -21.48 12.76 29.00
N GLY A 252 -22.36 11.96 28.41
CA GLY A 252 -22.27 10.52 28.53
C GLY A 252 -20.96 10.06 27.91
N CYS A 253 -20.72 10.44 26.66
CA CYS A 253 -19.48 10.08 25.95
C CYS A 253 -18.21 10.63 26.60
N ARG A 254 -18.28 11.80 27.23
CA ARG A 254 -17.09 12.37 27.89
C ARG A 254 -16.45 11.35 28.84
N GLN A 255 -17.29 10.60 29.55
CA GLN A 255 -16.82 9.57 30.48
C GLN A 255 -16.69 8.21 29.81
N SER A 256 -17.74 7.87 29.09
CA SER A 256 -17.89 6.61 28.37
C SER A 256 -16.80 6.30 27.33
N LEU A 257 -16.39 7.29 26.54
CA LEU A 257 -15.29 7.08 25.57
C LEU A 257 -13.99 6.74 26.31
N LEU A 258 -13.64 7.53 27.33
CA LEU A 258 -12.44 7.32 28.11
C LEU A 258 -12.42 5.91 28.70
N HIS A 259 -13.56 5.46 29.20
CA HIS A 259 -13.64 4.15 29.81
C HIS A 259 -13.28 3.11 28.74
N GLY A 260 -13.89 3.25 27.57
CA GLY A 260 -13.63 2.35 26.44
C GLY A 260 -12.18 2.35 26.00
N LEU A 261 -11.57 3.53 25.88
CA LEU A 261 -10.19 3.61 25.46
C LEU A 261 -9.28 3.05 26.54
N PHE A 262 -9.56 3.35 27.80
CA PHE A 262 -8.68 2.86 28.85
C PHE A 262 -8.68 1.34 28.87
N ASN A 263 -9.82 0.72 28.59
CA ASN A 263 -9.91 -0.75 28.56
C ASN A 263 -9.31 -1.39 27.31
N GLY A 264 -9.56 -0.82 26.13
CA GLY A 264 -9.06 -1.38 24.87
C GLY A 264 -7.66 -0.95 24.43
N CYS A 265 -7.28 0.27 24.77
CA CYS A 265 -5.99 0.82 24.43
C CYS A 265 -5.11 0.87 25.67
N ILE A 266 -3.96 0.20 25.63
CA ILE A 266 -3.04 0.19 26.76
C ILE A 266 -2.24 1.48 26.94
N GLN A 267 -2.13 2.28 25.89
CA GLN A 267 -1.34 3.51 25.92
C GLN A 267 -1.92 4.69 26.68
N MET A 268 -1.01 5.61 27.03
CA MET A 268 -1.31 6.82 27.74
C MET A 268 -1.87 7.79 26.74
N LEU A 269 -2.93 8.49 27.10
CA LEU A 269 -3.52 9.46 26.22
C LEU A 269 -2.84 10.83 26.28
N ALA A 270 -2.27 11.19 27.42
CA ALA A 270 -1.65 12.50 27.56
C ALA A 270 -0.55 12.75 26.54
N GLY A 271 -0.61 13.92 25.92
CA GLY A 271 0.37 14.34 24.91
C GLY A 271 0.21 13.76 23.51
N LYS A 272 -0.65 12.77 23.36
CA LYS A 272 -0.88 12.17 22.06
C LYS A 272 -1.75 13.06 21.19
N LYS A 273 -1.57 12.97 19.87
CA LYS A 273 -2.42 13.70 18.93
C LYS A 273 -3.58 12.73 18.68
N ILE A 274 -4.79 13.11 19.09
CA ILE A 274 -5.95 12.25 18.92
C ILE A 274 -6.92 12.97 18.01
N VAL A 275 -7.27 12.34 16.89
CA VAL A 275 -8.15 12.95 15.92
C VAL A 275 -9.58 12.53 16.19
N VAL A 276 -10.44 13.50 16.43
CA VAL A 276 -11.86 13.22 16.63
C VAL A 276 -12.52 13.67 15.32
N LEU A 277 -13.07 12.73 14.58
CA LEU A 277 -13.71 13.01 13.30
C LEU A 277 -15.18 13.19 13.56
N GLY A 278 -15.63 14.44 13.41
CA GLY A 278 -17.01 14.82 13.72
C GLY A 278 -17.01 15.55 15.06
N TYR A 279 -17.50 16.79 15.08
CA TYR A 279 -17.58 17.60 16.28
C TYR A 279 -19.03 18.06 16.48
N GLY A 280 -19.92 17.06 16.53
CA GLY A 280 -21.33 17.26 16.78
C GLY A 280 -21.56 17.04 18.26
N GLU A 281 -22.77 16.61 18.63
CA GLU A 281 -23.12 16.37 20.06
C GLU A 281 -22.12 15.38 20.73
N VAL A 282 -21.83 14.27 20.04
CA VAL A 282 -20.92 13.25 20.53
C VAL A 282 -19.46 13.70 20.48
N GLY A 283 -19.05 14.25 19.36
CA GLY A 283 -17.67 14.72 19.19
C GLY A 283 -17.24 15.73 20.23
N LYS A 284 -18.15 16.65 20.55
CA LYS A 284 -17.88 17.67 21.56
C LYS A 284 -17.52 17.02 22.89
N GLY A 285 -18.30 16.02 23.28
CA GLY A 285 -18.04 15.31 24.53
C GLY A 285 -16.76 14.51 24.52
N CYS A 286 -16.51 13.82 23.41
CA CYS A 286 -15.28 13.03 23.26
C CYS A 286 -14.09 13.95 23.44
N ALA A 287 -14.12 15.10 22.79
CA ALA A 287 -13.03 16.07 22.88
C ALA A 287 -12.83 16.56 24.32
N GLN A 288 -13.90 16.88 25.03
CA GLN A 288 -13.77 17.33 26.42
C GLN A 288 -13.04 16.33 27.31
N GLY A 289 -13.40 15.07 27.18
CA GLY A 289 -12.82 14.00 27.97
C GLY A 289 -11.36 13.78 27.66
N LEU A 290 -11.05 13.72 26.37
CA LEU A 290 -9.69 13.54 25.92
C LEU A 290 -8.78 14.68 26.40
N SER A 291 -9.26 15.93 26.30
CA SER A 291 -8.49 17.10 26.78
C SER A 291 -8.30 17.00 28.27
N GLY A 292 -9.35 16.55 28.95
CA GLY A 292 -9.34 16.38 30.39
C GLY A 292 -8.21 15.55 30.92
N VAL A 293 -7.71 14.61 30.11
CA VAL A 293 -6.61 13.72 30.52
C VAL A 293 -5.32 13.99 29.74
N GLY A 294 -5.20 15.22 29.23
CA GLY A 294 -3.97 15.69 28.58
C GLY A 294 -3.72 15.45 27.11
N ALA A 295 -4.69 14.94 26.38
CA ALA A 295 -4.49 14.68 24.97
C ALA A 295 -4.53 15.97 24.20
N ARG A 296 -4.02 15.92 22.97
CA ARG A 296 -4.07 17.07 22.09
C ARG A 296 -5.03 16.68 21.00
N VAL A 297 -6.25 17.21 21.09
CA VAL A 297 -7.29 16.89 20.13
C VAL A 297 -7.21 17.67 18.84
N ILE A 298 -7.29 16.94 17.73
CA ILE A 298 -7.34 17.50 16.37
C ILE A 298 -8.76 17.13 15.91
N VAL A 299 -9.48 18.07 15.31
CA VAL A 299 -10.85 17.81 14.86
C VAL A 299 -10.97 17.84 13.35
N THR A 300 -11.80 16.95 12.80
CA THR A 300 -12.14 16.96 11.33
C THR A 300 -13.61 17.21 11.34
N GLU A 301 -14.07 17.98 10.37
CA GLU A 301 -15.45 18.36 10.31
C GLU A 301 -15.81 18.91 8.94
N ILE A 302 -17.07 18.71 8.54
CA ILE A 302 -17.60 19.19 7.25
C ILE A 302 -18.48 20.43 7.40
N ASP A 303 -18.95 20.66 8.63
CA ASP A 303 -19.85 21.77 8.93
C ASP A 303 -19.02 22.97 9.38
N PRO A 304 -19.11 24.09 8.66
CA PRO A 304 -18.32 25.25 9.04
C PRO A 304 -18.67 25.82 10.41
N ILE A 305 -19.92 25.67 10.84
CA ILE A 305 -20.32 26.15 12.17
C ILE A 305 -19.70 25.28 13.25
N CYS A 306 -19.79 23.97 13.09
CA CYS A 306 -19.18 23.06 14.05
C CYS A 306 -17.66 23.21 14.06
N ALA A 307 -17.07 23.45 12.89
CA ALA A 307 -15.62 23.63 12.79
C ALA A 307 -15.16 24.84 13.62
N LEU A 308 -15.89 25.96 13.49
CA LEU A 308 -15.60 27.14 14.28
C LEU A 308 -15.76 26.91 15.76
N GLN A 309 -16.72 26.06 16.14
CA GLN A 309 -16.93 25.79 17.57
C GLN A 309 -15.71 25.12 18.15
N ALA A 310 -15.15 24.18 17.38
CA ALA A 310 -13.95 23.48 17.77
C ALA A 310 -12.79 24.46 17.98
N SER A 311 -12.60 25.41 17.05
CA SER A 311 -11.52 26.40 17.19
C SER A 311 -11.63 27.19 18.45
N MET A 312 -12.84 27.63 18.77
CA MET A 312 -13.10 28.41 19.98
C MET A 312 -12.77 27.65 21.26
N GLU A 313 -12.75 26.31 21.20
CA GLU A 313 -12.36 25.50 22.35
C GLU A 313 -10.86 25.15 22.30
N GLY A 314 -10.10 25.81 21.42
CA GLY A 314 -8.65 25.62 21.31
C GLY A 314 -8.18 24.43 20.48
N TYR A 315 -9.08 23.81 19.72
CA TYR A 315 -8.68 22.66 18.92
C TYR A 315 -8.37 23.01 17.49
N GLN A 316 -7.37 22.32 16.97
CA GLN A 316 -6.95 22.46 15.59
C GLN A 316 -7.97 21.73 14.74
N VAL A 317 -8.34 22.32 13.62
CA VAL A 317 -9.29 21.68 12.71
C VAL A 317 -8.57 21.43 11.39
N SER A 318 -8.48 20.15 11.04
CA SER A 318 -7.79 19.71 9.81
C SER A 318 -8.54 18.65 9.04
N VAL A 319 -8.11 18.48 7.79
CA VAL A 319 -8.61 17.40 6.94
C VAL A 319 -7.75 16.19 7.32
N LEU A 320 -8.37 15.02 7.38
CA LEU A 320 -7.67 13.79 7.75
C LEU A 320 -6.35 13.54 6.98
N GLU A 321 -6.35 13.82 5.69
CA GLU A 321 -5.18 13.59 4.82
C GLU A 321 -3.90 14.27 5.32
N ASP A 322 -4.06 15.47 5.88
CA ASP A 322 -2.95 16.26 6.39
C ASP A 322 -2.41 15.83 7.76
N VAL A 323 -3.18 15.02 8.50
CA VAL A 323 -2.77 14.56 9.85
C VAL A 323 -2.69 13.04 10.03
N VAL A 324 -3.14 12.26 9.05
CA VAL A 324 -3.17 10.79 9.18
C VAL A 324 -1.82 10.11 9.46
N SER A 325 -0.72 10.61 8.90
CA SER A 325 0.59 10.00 9.12
C SER A 325 1.21 10.28 10.48
N GLU A 326 0.83 11.39 11.11
CA GLU A 326 1.41 11.82 12.39
C GLU A 326 0.56 11.56 13.62
N ALA A 327 -0.77 11.50 13.47
CA ALA A 327 -1.64 11.29 14.62
C ALA A 327 -1.46 9.89 15.21
N ASP A 328 -1.75 9.77 16.51
CA ASP A 328 -1.59 8.55 17.26
C ASP A 328 -2.87 7.72 17.41
N ILE A 329 -4.01 8.38 17.61
CA ILE A 329 -5.29 7.69 17.82
C ILE A 329 -6.38 8.36 16.99
N PHE A 330 -7.29 7.57 16.44
CA PHE A 330 -8.38 8.07 15.62
C PHE A 330 -9.74 7.61 16.16
N ILE A 331 -10.63 8.57 16.44
CA ILE A 331 -11.98 8.31 16.97
C ILE A 331 -13.04 8.87 16.01
N THR A 332 -13.86 8.00 15.43
CA THR A 332 -14.90 8.44 14.49
C THR A 332 -16.21 8.66 15.23
N ALA A 333 -16.78 9.86 15.05
CA ALA A 333 -18.04 10.24 15.69
C ALA A 333 -18.91 11.06 14.71
N THR A 334 -19.00 10.58 13.47
CA THR A 334 -19.73 11.28 12.41
C THR A 334 -21.15 10.81 12.09
N GLY A 335 -21.42 9.52 12.33
CA GLY A 335 -22.70 8.93 11.95
C GLY A 335 -22.71 8.78 10.42
N ASN A 336 -21.51 8.84 9.81
CA ASN A 336 -21.37 8.78 8.36
C ASN A 336 -20.71 7.45 7.92
N LYS A 337 -20.21 7.40 6.69
CA LYS A 337 -19.69 6.19 6.08
C LYS A 337 -18.34 6.43 5.41
N ASP A 338 -17.45 5.45 5.51
CA ASP A 338 -16.12 5.53 4.91
C ASP A 338 -15.35 6.83 5.25
N VAL A 339 -15.23 7.08 6.55
CA VAL A 339 -14.54 8.25 7.08
C VAL A 339 -13.06 7.91 7.26
N ILE A 340 -12.79 6.65 7.59
CA ILE A 340 -11.43 6.08 7.71
C ILE A 340 -11.45 4.93 6.66
N THR A 341 -10.65 5.08 5.61
CA THR A 341 -10.56 4.11 4.51
C THR A 341 -9.30 3.27 4.69
N VAL A 342 -9.13 2.21 3.88
CA VAL A 342 -7.92 1.37 3.99
C VAL A 342 -6.74 2.21 3.51
N GLU A 343 -6.95 3.11 2.54
CA GLU A 343 -5.86 3.95 2.05
C GLU A 343 -5.38 4.88 3.16
N HIS A 344 -6.29 5.28 4.05
CA HIS A 344 -5.90 6.10 5.20
C HIS A 344 -5.08 5.25 6.17
N MET A 345 -5.58 4.05 6.50
CA MET A 345 -4.91 3.16 7.47
C MET A 345 -3.49 2.72 7.06
N ARG A 346 -3.22 2.66 5.77
CA ARG A 346 -1.88 2.30 5.29
C ARG A 346 -0.85 3.40 5.51
N LYS A 347 -1.32 4.64 5.56
N LYS A 347 -1.32 4.64 5.56
CA LYS A 347 -0.45 5.80 5.80
CA LYS A 347 -0.45 5.80 5.80
C LYS A 347 -0.23 6.05 7.29
C LYS A 347 -0.23 6.05 7.29
N MET A 348 -1.00 5.39 8.15
CA MET A 348 -0.88 5.56 9.62
C MET A 348 0.42 5.01 10.13
N LYS A 349 0.81 5.44 11.32
CA LYS A 349 2.06 4.98 11.91
C LYS A 349 1.91 3.74 12.75
N GLU A 350 3.06 3.13 13.04
CA GLU A 350 3.13 1.88 13.80
C GLU A 350 2.28 1.93 15.07
N ASN A 351 1.42 0.93 15.20
CA ASN A 351 0.52 0.76 16.34
C ASN A 351 -0.41 1.93 16.63
N ALA A 352 -0.93 2.53 15.57
CA ALA A 352 -1.87 3.61 15.71
C ALA A 352 -3.17 2.92 16.07
N TYR A 353 -3.91 3.51 16.99
CA TYR A 353 -5.21 2.97 17.45
C TYR A 353 -6.37 3.62 16.69
N ILE A 354 -7.35 2.81 16.33
CA ILE A 354 -8.52 3.25 15.59
C ILE A 354 -9.77 2.76 16.33
N ALA A 355 -10.71 3.67 16.56
CA ALA A 355 -11.96 3.33 17.27
C ALA A 355 -13.13 4.14 16.75
N ASN A 356 -14.33 3.63 17.00
CA ASN A 356 -15.55 4.25 16.53
C ASN A 356 -16.54 4.39 17.67
N ILE A 357 -17.21 5.53 17.71
CA ILE A 357 -18.22 5.78 18.74
C ILE A 357 -19.58 6.19 18.11
N GLY A 358 -19.68 6.21 16.77
CA GLY A 358 -20.96 6.47 16.05
C GLY A 358 -21.72 5.16 16.08
N HIS A 359 -23.02 5.15 15.81
CA HIS A 359 -23.79 3.88 15.98
C HIS A 359 -23.36 2.59 15.19
N PHE A 360 -23.01 2.69 13.91
CA PHE A 360 -22.67 1.45 13.14
C PHE A 360 -21.22 1.36 12.83
N ASP A 361 -20.81 0.20 12.30
CA ASP A 361 -19.41 -0.06 11.88
C ASP A 361 -18.99 0.41 10.45
N ASP A 362 -19.83 1.24 9.80
CA ASP A 362 -19.54 1.76 8.45
C ASP A 362 -18.53 2.88 8.44
N GLU A 363 -18.39 3.59 9.57
CA GLU A 363 -17.48 4.75 9.65
C GLU A 363 -16.05 4.40 9.29
N ILE A 364 -15.65 3.19 9.66
CA ILE A 364 -14.33 2.66 9.39
C ILE A 364 -14.54 1.51 8.42
N ASP A 365 -13.73 1.44 7.37
CA ASP A 365 -13.85 0.36 6.38
C ASP A 365 -13.21 -0.92 6.96
N VAL A 366 -13.92 -1.51 7.92
CA VAL A 366 -13.48 -2.72 8.56
C VAL A 366 -13.46 -3.89 7.58
N TYR A 367 -14.49 -4.01 6.73
CA TYR A 367 -14.55 -5.10 5.76
C TYR A 367 -13.32 -5.07 4.85
N GLY A 368 -12.98 -3.89 4.36
CA GLY A 368 -11.82 -3.71 3.50
C GLY A 368 -10.52 -4.08 4.19
N LEU A 369 -10.41 -3.76 5.47
CA LEU A 369 -9.22 -4.06 6.25
C LEU A 369 -9.07 -5.57 6.48
N GLU A 370 -10.13 -6.23 6.91
CA GLU A 370 -10.07 -7.69 7.17
C GLU A 370 -9.82 -8.50 5.92
N ASN A 371 -10.32 -8.02 4.79
CA ASN A 371 -10.17 -8.71 3.50
C ASN A 371 -9.04 -8.20 2.61
N TYR A 372 -8.16 -7.36 3.17
CA TYR A 372 -7.03 -6.83 2.40
C TYR A 372 -6.12 -8.02 2.01
N PRO A 373 -5.64 -8.06 0.75
CA PRO A 373 -4.79 -9.17 0.29
C PRO A 373 -3.54 -9.39 1.14
N GLY A 374 -3.42 -10.61 1.69
CA GLY A 374 -2.27 -11.02 2.50
C GLY A 374 -2.07 -10.31 3.83
N ILE A 375 -3.15 -9.77 4.41
CA ILE A 375 -3.03 -9.08 5.67
C ILE A 375 -2.99 -10.10 6.78
N LYS A 376 -2.26 -9.77 7.85
CA LYS A 376 -2.10 -10.61 9.02
C LYS A 376 -2.88 -9.97 10.19
N VAL A 377 -3.73 -10.75 10.85
CA VAL A 377 -4.53 -10.26 11.99
C VAL A 377 -4.27 -11.11 13.21
N ILE A 378 -4.27 -10.46 14.37
CA ILE A 378 -4.06 -11.16 15.62
C ILE A 378 -4.84 -10.50 16.73
N GLU A 379 -5.35 -11.32 17.63
CA GLU A 379 -6.13 -10.85 18.74
C GLU A 379 -5.19 -10.39 19.88
N VAL A 380 -5.18 -9.10 20.16
CA VAL A 380 -4.37 -8.53 21.24
C VAL A 380 -4.99 -8.86 22.59
N LYS A 381 -6.33 -8.82 22.62
CA LYS A 381 -7.12 -9.15 23.80
C LYS A 381 -8.60 -9.25 23.41
N GLN A 382 -9.44 -9.38 24.42
CA GLN A 382 -10.86 -9.47 24.25
C GLN A 382 -11.36 -8.28 23.38
N ASN A 383 -11.73 -8.55 22.13
CA ASN A 383 -12.26 -7.53 21.21
C ASN A 383 -11.30 -6.41 20.82
N VAL A 384 -10.04 -6.74 20.64
CA VAL A 384 -9.02 -5.77 20.21
C VAL A 384 -8.13 -6.54 19.25
N HIS A 385 -8.04 -6.09 18.01
CA HIS A 385 -7.26 -6.77 16.99
C HIS A 385 -6.23 -5.88 16.32
N LYS A 386 -5.05 -6.47 16.08
CA LYS A 386 -3.95 -5.79 15.45
C LYS A 386 -3.82 -6.34 14.03
N PHE A 387 -3.89 -5.44 13.05
CA PHE A 387 -3.80 -5.79 11.63
C PHE A 387 -2.47 -5.31 11.09
N THR A 388 -1.71 -6.19 10.44
CA THR A 388 -0.41 -5.86 9.88
C THR A 388 -0.40 -6.00 8.35
N PHE A 389 -0.09 -4.90 7.65
CA PHE A 389 -0.04 -4.91 6.17
C PHE A 389 1.24 -5.64 5.71
N PRO A 390 1.16 -6.44 4.64
CA PRO A 390 2.32 -7.22 4.18
C PRO A 390 3.46 -6.44 3.49
N ASP A 391 3.14 -5.35 2.79
CA ASP A 391 4.15 -4.59 2.07
C ASP A 391 5.01 -3.67 2.95
N THR A 392 4.37 -2.91 3.83
CA THR A 392 5.06 -1.96 4.71
C THR A 392 5.47 -2.59 6.04
N GLN A 393 4.86 -3.73 6.37
CA GLN A 393 5.05 -4.43 7.66
C GLN A 393 4.54 -3.61 8.89
N LYS A 394 3.84 -2.51 8.63
CA LYS A 394 3.29 -1.67 9.69
C LYS A 394 1.93 -2.19 10.14
N SER A 395 1.56 -1.87 11.38
CA SER A 395 0.32 -2.35 11.98
C SER A 395 -0.56 -1.25 12.53
N VAL A 396 -1.85 -1.55 12.62
CA VAL A 396 -2.85 -0.67 13.22
C VAL A 396 -3.70 -1.52 14.18
N ILE A 397 -4.07 -0.96 15.34
CA ILE A 397 -4.87 -1.67 16.31
C ILE A 397 -6.30 -1.15 16.20
N LEU A 398 -7.26 -2.05 16.01
CA LEU A 398 -8.67 -1.69 15.87
C LEU A 398 -9.41 -2.15 17.11
N LEU A 399 -10.23 -1.27 17.67
CA LEU A 399 -11.00 -1.61 18.87
C LEU A 399 -12.38 -2.16 18.49
N CYS A 400 -12.67 -3.34 19.04
CA CYS A 400 -13.89 -4.13 18.79
C CYS A 400 -14.52 -4.00 17.39
N LYS A 401 -13.71 -4.38 16.40
CA LYS A 401 -14.12 -4.45 14.99
C LYS A 401 -14.86 -3.21 14.49
N GLY A 402 -14.45 -2.02 14.93
CA GLY A 402 -15.09 -0.79 14.48
C GLY A 402 -16.49 -0.51 14.96
N ARG A 403 -16.93 -1.23 15.99
CA ARG A 403 -18.26 -1.00 16.59
C ARG A 403 -18.11 -0.14 17.86
N LEU A 404 -19.23 0.44 18.30
CA LEU A 404 -19.27 1.30 19.50
C LEU A 404 -18.25 0.94 20.58
N VAL A 405 -17.15 1.71 20.68
CA VAL A 405 -16.10 1.39 21.66
C VAL A 405 -16.56 1.60 23.10
N ASN A 406 -17.40 2.60 23.34
CA ASN A 406 -17.84 2.83 24.71
C ASN A 406 -18.66 1.68 25.29
N LEU A 407 -19.40 0.98 24.43
CA LEU A 407 -20.25 -0.16 24.82
C LEU A 407 -19.58 -1.50 24.54
N GLY A 408 -18.63 -1.52 23.60
CA GLY A 408 -17.93 -2.75 23.21
C GLY A 408 -16.78 -3.10 24.13
N CYS A 409 -15.97 -2.09 24.44
CA CYS A 409 -14.81 -2.29 25.32
C CYS A 409 -15.09 -1.88 26.76
N ALA A 410 -16.21 -1.20 27.00
CA ALA A 410 -16.61 -0.78 28.35
C ALA A 410 -18.10 -0.98 28.56
N THR A 411 -18.68 -0.30 29.55
CA THR A 411 -20.10 -0.49 29.89
C THR A 411 -21.06 0.63 29.49
N GLY A 412 -20.64 1.47 28.54
CA GLY A 412 -21.47 2.54 28.08
C GLY A 412 -21.59 3.68 29.07
N HIS A 413 -22.58 4.54 28.84
CA HIS A 413 -22.81 5.68 29.70
C HIS A 413 -23.24 5.24 31.08
N PRO A 414 -22.97 6.07 32.08
CA PRO A 414 -23.32 5.75 33.46
C PRO A 414 -24.81 5.98 33.73
N PRO A 415 -25.31 5.49 34.86
CA PRO A 415 -26.74 5.57 35.19
C PRO A 415 -27.42 6.93 35.15
N LEU A 416 -26.80 7.95 35.72
CA LEU A 416 -27.44 9.27 35.77
C LEU A 416 -27.92 9.77 34.45
N VAL A 417 -27.07 9.72 33.46
CA VAL A 417 -27.42 10.25 32.17
C VAL A 417 -28.35 9.32 31.40
N MET A 418 -28.25 8.01 31.62
CA MET A 418 -29.17 7.07 30.96
C MET A 418 -30.57 7.17 31.54
N SER A 419 -30.66 7.58 32.80
CA SER A 419 -31.94 7.77 33.46
C SER A 419 -32.69 8.91 32.78
N MET A 420 -31.96 9.94 32.37
CA MET A 420 -32.56 11.07 31.67
C MET A 420 -33.03 10.61 30.28
N SER A 421 -32.21 9.85 29.57
CA SER A 421 -32.60 9.32 28.28
C SER A 421 -33.78 8.36 28.40
N PHE A 422 -33.73 7.47 29.40
CA PHE A 422 -34.79 6.48 29.58
C PHE A 422 -36.09 7.00 30.17
N THR A 423 -36.04 8.13 30.89
CA THR A 423 -37.26 8.72 31.43
C THR A 423 -38.01 9.22 30.21
N ASN A 424 -37.30 9.76 29.22
CA ASN A 424 -37.93 10.21 27.98
C ASN A 424 -38.55 9.03 27.24
N GLN A 425 -37.85 7.88 27.23
CA GLN A 425 -38.37 6.68 26.60
C GLN A 425 -39.71 6.24 27.19
N VAL A 426 -39.78 6.14 28.51
CA VAL A 426 -41.00 5.71 29.16
C VAL A 426 -42.14 6.68 28.83
N LEU A 427 -41.86 7.98 28.91
CA LEU A 427 -42.86 9.01 28.60
C LEU A 427 -43.32 8.89 27.14
N ALA A 428 -42.41 8.52 26.25
CA ALA A 428 -42.73 8.33 24.83
C ALA A 428 -43.62 7.10 24.65
N GLN A 429 -43.27 6.00 25.32
CA GLN A 429 -44.06 4.78 25.28
C GLN A 429 -45.48 5.02 25.81
N MET A 430 -45.59 5.77 26.91
CA MET A 430 -46.89 6.09 27.48
C MET A 430 -47.73 6.94 26.52
N ASP A 431 -47.08 7.82 25.80
CA ASP A 431 -47.73 8.72 24.86
C ASP A 431 -48.31 7.91 23.69
N LEU A 432 -47.47 7.06 23.09
CA LEU A 432 -47.87 6.22 21.97
C LEU A 432 -49.02 5.29 22.32
N TRP A 433 -48.96 4.71 23.52
CA TRP A 433 -49.97 3.77 24.01
C TRP A 433 -51.29 4.48 24.31
N LYS A 434 -51.21 5.67 24.88
CA LYS A 434 -52.39 6.42 25.20
C LYS A 434 -53.08 6.96 23.94
N SER A 435 -52.41 6.96 22.80
CA SER A 435 -52.99 7.43 21.52
C SER A 435 -53.48 6.30 20.62
N ARG A 436 -53.33 5.04 21.05
CA ARG A 436 -53.80 3.87 20.29
C ARG A 436 -54.99 4.08 19.37
N GLU A 437 -56.09 4.53 19.97
CA GLU A 437 -57.37 4.72 19.27
C GLU A 437 -57.30 5.57 17.99
N LEU A 438 -56.41 6.56 17.98
CA LEU A 438 -56.25 7.45 16.82
C LEU A 438 -55.52 6.80 15.64
N VAL A 439 -54.86 5.67 15.88
CA VAL A 439 -54.14 4.94 14.82
C VAL A 439 -55.13 4.05 14.09
N ASP A 440 -55.74 4.57 13.03
CA ASP A 440 -56.76 3.84 12.27
C ASP A 440 -56.17 3.42 10.92
N ARG A 441 -55.94 2.12 10.78
CA ARG A 441 -55.35 1.56 9.56
C ARG A 441 -56.33 1.20 8.43
N SER A 442 -57.63 1.29 8.71
CA SER A 442 -58.65 1.04 7.69
C SER A 442 -58.65 2.20 6.68
N LYS A 443 -57.97 3.29 7.04
CA LYS A 443 -57.91 4.50 6.18
C LYS A 443 -56.55 4.80 5.46
N ASN A 444 -56.17 6.05 5.12
CA ASN A 444 -54.96 6.11 4.18
C ASN A 444 -53.68 5.23 4.43
N THR A 445 -52.77 5.50 5.37
CA THR A 445 -52.77 6.65 6.28
C THR A 445 -51.26 6.86 6.57
N ARG A 446 -50.71 8.04 6.23
CA ARG A 446 -49.28 8.32 6.45
C ARG A 446 -48.94 8.52 7.93
N PHE A 447 -47.81 7.98 8.39
CA PHE A 447 -47.43 8.24 9.78
C PHE A 447 -46.23 9.16 9.81
N PHE A 448 -46.11 9.92 10.90
CA PHE A 448 -45.05 10.91 11.07
C PHE A 448 -44.24 10.69 12.32
N VAL A 449 -43.15 11.45 12.42
CA VAL A 449 -42.24 11.42 13.56
C VAL A 449 -42.48 12.69 14.34
N LYS A 450 -42.71 12.58 15.65
CA LYS A 450 -42.88 13.78 16.48
C LYS A 450 -41.94 13.71 17.67
N LYS A 451 -41.84 14.81 18.42
CA LYS A 451 -41.00 14.88 19.61
C LYS A 451 -41.84 15.16 20.83
N LEU A 452 -41.27 14.95 22.01
CA LEU A 452 -41.97 15.22 23.25
C LEU A 452 -41.95 16.73 23.48
N SER A 453 -42.89 17.22 24.27
CA SER A 453 -42.99 18.66 24.54
C SER A 453 -41.88 19.15 25.44
N LYS A 454 -41.69 20.46 25.46
CA LYS A 454 -40.71 21.10 26.32
C LYS A 454 -41.14 20.97 27.79
N GLU A 455 -42.45 20.99 28.05
CA GLU A 455 -42.98 20.81 29.39
C GLU A 455 -42.42 19.52 29.98
N LEU A 456 -42.52 18.43 29.23
CA LEU A 456 -42.00 17.12 29.68
C LEU A 456 -40.47 17.09 29.74
N ASP A 457 -39.83 17.83 28.85
CA ASP A 457 -38.39 17.86 28.77
C ASP A 457 -37.84 18.49 30.07
N GLU A 458 -38.49 19.57 30.53
CA GLU A 458 -38.11 20.22 31.79
C GLU A 458 -38.45 19.33 32.99
N TYR A 459 -39.56 18.60 32.89
CA TYR A 459 -39.99 17.68 33.94
C TYR A 459 -38.88 16.64 34.15
N VAL A 460 -38.35 16.08 33.07
CA VAL A 460 -37.28 15.09 33.18
C VAL A 460 -36.12 15.68 33.98
N ALA A 461 -35.77 16.93 33.68
CA ALA A 461 -34.64 17.58 34.38
C ALA A 461 -34.94 17.77 35.87
N ARG A 462 -36.16 18.19 36.20
CA ARG A 462 -36.54 18.39 37.61
C ARG A 462 -36.38 17.13 38.41
N LEU A 463 -36.78 15.99 37.83
CA LEU A 463 -36.69 14.72 38.52
C LEU A 463 -35.26 14.33 38.94
N HIS A 464 -34.23 14.93 38.32
CA HIS A 464 -32.86 14.57 38.62
C HIS A 464 -32.06 15.64 39.37
N LEU A 465 -32.71 16.73 39.77
CA LEU A 465 -31.97 17.78 40.48
C LEU A 465 -31.44 17.35 41.84
N ASP A 466 -32.23 16.60 42.62
CA ASP A 466 -31.77 16.13 43.95
C ASP A 466 -30.59 15.16 43.94
N VAL A 467 -30.38 14.47 42.83
CA VAL A 467 -29.25 13.57 42.71
C VAL A 467 -27.97 14.34 42.99
N LEU A 468 -27.85 15.54 42.42
CA LEU A 468 -26.63 16.37 42.58
C LEU A 468 -26.75 17.55 43.54
N GLY A 469 -27.79 17.58 44.36
CA GLY A 469 -27.97 18.65 45.31
C GLY A 469 -28.17 20.02 44.72
N ILE A 470 -28.77 20.07 43.53
CA ILE A 470 -29.04 21.34 42.87
C ILE A 470 -30.21 22.04 43.55
N LYS A 471 -30.08 23.34 43.74
CA LYS A 471 -31.13 24.14 44.32
C LYS A 471 -31.66 25.16 43.30
N LEU A 472 -32.88 24.96 42.81
CA LEU A 472 -33.46 25.93 41.86
C LEU A 472 -34.00 27.16 42.53
N THR A 473 -33.83 28.26 41.81
CA THR A 473 -34.35 29.53 42.22
C THR A 473 -35.76 29.57 41.65
N LYS A 474 -36.64 30.25 42.35
CA LYS A 474 -38.01 30.37 41.88
C LYS A 474 -38.31 31.84 41.53
N LEU A 475 -38.93 32.05 40.36
CA LEU A 475 -39.28 33.39 39.90
C LEU A 475 -40.38 34.00 40.74
N THR A 476 -40.33 35.32 40.91
CA THR A 476 -41.39 36.04 41.61
C THR A 476 -42.44 36.35 40.54
N GLU A 477 -43.64 36.78 40.95
CA GLU A 477 -44.67 37.13 39.97
C GLU A 477 -44.16 38.18 38.97
N THR A 478 -43.51 39.22 39.49
CA THR A 478 -42.98 40.31 38.68
C THR A 478 -41.92 39.85 37.68
N GLN A 479 -40.99 39.02 38.15
CA GLN A 479 -39.93 38.49 37.30
C GLN A 479 -40.48 37.64 36.17
N ALA A 480 -41.44 36.78 36.48
CA ALA A 480 -42.07 35.91 35.50
C ALA A 480 -42.73 36.75 34.42
N LYS A 481 -43.39 37.82 34.84
CA LYS A 481 -44.07 38.71 33.90
C LYS A 481 -43.03 39.46 33.04
N TYR A 482 -41.95 39.93 33.68
CA TYR A 482 -40.92 40.71 32.99
C TYR A 482 -40.30 39.94 31.83
N ILE A 483 -39.92 38.69 32.07
CA ILE A 483 -39.32 37.84 31.01
C ILE A 483 -40.39 37.05 30.22
N ASN A 484 -41.65 37.27 30.56
CA ASN A 484 -42.78 36.68 29.85
C ASN A 484 -42.80 35.14 29.80
N VAL A 485 -42.88 34.54 30.98
CA VAL A 485 -42.96 33.08 31.13
C VAL A 485 -43.78 32.77 32.38
N SER A 486 -44.24 31.54 32.49
CA SER A 486 -44.98 31.10 33.64
C SER A 486 -43.96 30.75 34.75
N ILE A 487 -44.34 30.92 36.01
CA ILE A 487 -43.46 30.57 37.11
C ILE A 487 -43.02 29.12 37.03
N ASN A 488 -43.91 28.26 36.55
CA ASN A 488 -43.61 26.83 36.43
C ASN A 488 -43.09 26.38 35.07
N GLY A 489 -42.81 27.33 34.19
CA GLY A 489 -42.30 27.05 32.87
C GLY A 489 -43.37 26.70 31.85
N PRO A 490 -42.99 26.39 30.62
CA PRO A 490 -41.60 26.34 30.17
C PRO A 490 -40.90 27.70 30.15
N TYR A 491 -39.58 27.69 30.34
CA TYR A 491 -38.78 28.92 30.44
C TYR A 491 -38.14 29.43 29.14
N LYS A 492 -38.09 28.61 28.10
CA LYS A 492 -37.47 29.01 26.83
C LYS A 492 -38.36 28.72 25.62
N SER A 493 -38.04 29.42 24.52
CA SER A 493 -38.73 29.27 23.25
C SER A 493 -38.41 27.93 22.64
N GLU A 494 -39.25 27.46 21.72
CA GLU A 494 -39.03 26.18 21.07
C GLU A 494 -37.73 26.11 20.28
N ASP A 495 -37.26 27.26 19.80
CA ASP A 495 -36.04 27.30 18.98
C ASP A 495 -34.74 27.44 19.80
N TYR A 496 -34.86 27.60 21.12
CA TYR A 496 -33.70 27.79 22.02
C TYR A 496 -32.77 26.60 21.97
N ARG A 497 -31.48 26.88 21.87
CA ARG A 497 -30.46 25.83 21.71
C ARG A 497 -29.69 25.39 22.94
N TYR A 498 -29.97 26.00 24.08
CA TYR A 498 -29.28 25.60 25.34
C TYR A 498 -27.74 25.60 25.20
N LYS B 5 -30.20 68.41 13.82
CA LYS B 5 -28.72 68.55 13.75
C LYS B 5 -28.15 67.89 12.49
N MET B 6 -27.48 68.65 11.63
CA MET B 6 -26.96 68.06 10.41
C MET B 6 -25.44 67.68 10.60
N GLU B 7 -24.78 68.21 11.66
CA GLU B 7 -23.38 67.87 12.02
C GLU B 7 -23.39 66.97 13.26
N SER B 8 -22.31 66.24 13.43
CA SER B 8 -22.18 65.27 14.54
C SER B 8 -21.86 65.89 15.90
N ARG B 9 -22.16 65.13 16.96
CA ARG B 9 -21.85 65.48 18.36
C ARG B 9 -21.01 64.35 18.94
N ILE B 10 -19.71 64.60 19.11
CA ILE B 10 -18.76 63.62 19.67
C ILE B 10 -17.83 64.31 20.66
N LYS B 11 -17.01 63.54 21.36
CA LYS B 11 -16.12 64.13 22.35
C LYS B 11 -14.91 64.87 21.76
N ASP B 12 -14.14 64.21 20.90
CA ASP B 12 -12.92 64.81 20.36
C ASP B 12 -12.54 64.29 18.95
N ILE B 13 -12.59 65.17 17.97
CA ILE B 13 -12.27 64.86 16.58
C ILE B 13 -10.79 64.48 16.37
N SER B 14 -9.89 65.00 17.19
CA SER B 14 -8.45 64.72 17.05
C SER B 14 -8.08 63.25 17.35
N LEU B 15 -8.96 62.51 18.02
CA LEU B 15 -8.73 61.08 18.31
C LEU B 15 -8.97 60.21 17.05
N ALA B 16 -9.40 60.83 15.96
CA ALA B 16 -9.71 60.13 14.71
C ALA B 16 -8.57 59.28 14.16
N GLU B 17 -7.35 59.76 14.29
CA GLU B 17 -6.21 59.03 13.76
C GLU B 17 -6.03 57.68 14.44
N PHE B 18 -6.12 57.66 15.77
CA PHE B 18 -6.01 56.41 16.53
C PHE B 18 -7.16 55.43 16.17
N GLY B 19 -8.34 55.97 15.85
CA GLY B 19 -9.49 55.15 15.49
C GLY B 19 -9.31 54.43 14.18
N LEU B 20 -8.76 55.13 13.19
CA LEU B 20 -8.50 54.55 11.88
C LEU B 20 -7.43 53.47 11.94
N GLN B 21 -6.49 53.60 12.88
CA GLN B 21 -5.43 52.61 13.06
C GLN B 21 -6.03 51.32 13.60
N ASP B 22 -6.83 51.45 14.67
CA ASP B 22 -7.51 50.28 15.27
C ASP B 22 -8.46 49.64 14.27
N MET B 23 -9.15 50.44 13.46
CA MET B 23 -10.04 49.90 12.44
C MET B 23 -9.27 48.98 11.49
N GLU B 24 -8.11 49.41 10.99
CA GLU B 24 -7.32 48.59 10.05
C GLU B 24 -6.81 47.31 10.68
N ILE B 25 -6.41 47.39 11.95
CA ILE B 25 -5.92 46.21 12.67
C ILE B 25 -7.09 45.24 12.91
N ALA B 26 -8.20 45.79 13.40
CA ALA B 26 -9.40 45.00 13.63
C ALA B 26 -9.83 44.23 12.37
N LYS B 27 -9.72 44.87 11.19
CA LYS B 27 -10.13 44.23 9.93
C LYS B 27 -9.37 42.96 9.58
N THR B 28 -8.19 42.75 10.15
CA THR B 28 -7.43 41.52 9.90
C THR B 28 -8.29 40.30 10.27
N ASP B 29 -9.00 40.39 11.40
CA ASP B 29 -9.90 39.32 11.89
C ASP B 29 -11.36 39.44 11.46
N MET B 30 -11.84 40.63 11.10
CA MET B 30 -13.24 40.79 10.70
C MET B 30 -13.45 40.45 9.21
N MET B 31 -12.99 39.25 8.81
CA MET B 31 -13.08 38.84 7.41
C MET B 31 -14.49 38.80 6.79
N GLY B 32 -15.51 38.66 7.62
CA GLY B 32 -16.88 38.63 7.13
C GLY B 32 -17.24 39.98 6.53
N LEU B 33 -16.95 41.04 7.26
CA LEU B 33 -17.26 42.38 6.80
C LEU B 33 -16.36 42.79 5.63
N VAL B 34 -15.09 42.39 5.67
CA VAL B 34 -14.15 42.68 4.60
C VAL B 34 -14.62 42.05 3.30
N GLU B 35 -15.16 40.82 3.38
CA GLU B 35 -15.66 40.12 2.20
C GLU B 35 -16.91 40.81 1.63
N LEU B 36 -17.83 41.22 2.51
CA LEU B 36 -19.02 41.91 2.04
C LEU B 36 -18.65 43.21 1.34
N GLN B 37 -17.67 43.94 1.86
CA GLN B 37 -17.23 45.18 1.20
C GLN B 37 -16.66 44.86 -0.17
N ARG B 38 -15.73 43.92 -0.22
CA ARG B 38 -15.12 43.54 -1.48
C ARG B 38 -16.18 43.16 -2.52
N LYS B 39 -17.13 42.32 -2.12
CA LYS B 39 -18.16 41.82 -3.00
C LYS B 39 -19.25 42.78 -3.46
N TYR B 40 -19.75 43.60 -2.55
CA TYR B 40 -20.86 44.49 -2.88
C TYR B 40 -20.52 45.98 -3.01
N ARG B 41 -19.26 46.38 -2.86
CA ARG B 41 -18.95 47.83 -2.95
C ARG B 41 -19.27 48.48 -4.30
N ASP B 42 -19.25 47.68 -5.37
CA ASP B 42 -19.53 48.20 -6.73
C ASP B 42 -21.00 48.22 -7.06
N SER B 43 -21.72 47.13 -6.74
CA SER B 43 -23.16 47.02 -7.04
C SER B 43 -24.05 47.86 -6.10
N LYS B 44 -23.54 48.24 -4.92
CA LYS B 44 -24.29 49.08 -3.96
C LYS B 44 -25.72 48.58 -3.68
N PRO B 45 -25.88 47.37 -3.15
CA PRO B 45 -27.23 46.83 -2.88
C PRO B 45 -28.10 47.68 -1.95
N LEU B 46 -27.48 48.54 -1.13
CA LEU B 46 -28.21 49.41 -0.19
C LEU B 46 -28.24 50.88 -0.66
N LYS B 47 -28.02 51.14 -1.95
CA LYS B 47 -28.02 52.51 -2.44
C LYS B 47 -29.37 53.19 -2.21
N GLY B 48 -29.31 54.41 -1.66
CA GLY B 48 -30.51 55.20 -1.37
C GLY B 48 -31.17 54.93 -0.02
N ALA B 49 -30.67 53.94 0.71
CA ALA B 49 -31.25 53.60 2.00
C ALA B 49 -30.73 54.51 3.09
N ARG B 50 -31.63 54.89 3.99
CA ARG B 50 -31.31 55.74 5.14
C ARG B 50 -31.37 54.82 6.34
N ILE B 51 -30.21 54.60 6.97
CA ILE B 51 -30.11 53.71 8.11
C ILE B 51 -29.74 54.44 9.40
N THR B 52 -30.56 54.25 10.43
CA THR B 52 -30.29 54.79 11.76
C THR B 52 -29.89 53.60 12.62
N GLY B 53 -28.81 53.75 13.38
CA GLY B 53 -28.32 52.68 14.25
C GLY B 53 -28.21 53.10 15.70
N SER B 54 -28.66 52.23 16.59
CA SER B 54 -28.58 52.41 18.04
C SER B 54 -27.80 51.19 18.54
N LEU B 55 -26.47 51.30 18.54
CA LEU B 55 -25.63 50.17 18.91
C LEU B 55 -24.24 50.64 19.36
N HIS B 56 -23.76 50.08 20.48
CA HIS B 56 -22.45 50.42 21.08
C HIS B 56 -21.45 50.87 20.05
N LEU B 57 -21.03 52.13 20.11
CA LEU B 57 -20.12 52.65 19.10
C LEU B 57 -18.65 52.36 19.44
N THR B 58 -18.26 51.13 19.13
CA THR B 58 -16.91 50.64 19.35
C THR B 58 -16.17 50.58 18.02
N ILE B 59 -14.89 50.24 18.08
CA ILE B 59 -14.09 50.06 16.87
C ILE B 59 -14.75 49.04 15.95
N GLU B 60 -15.21 47.93 16.55
CA GLU B 60 -15.89 46.88 15.79
C GLU B 60 -17.13 47.43 15.07
N THR B 61 -17.90 48.28 15.75
CA THR B 61 -19.10 48.89 15.18
C THR B 61 -18.73 49.83 14.05
N SER B 62 -17.57 50.50 14.15
CA SER B 62 -17.12 51.38 13.07
C SER B 62 -16.95 50.63 11.75
N VAL B 63 -16.48 49.39 11.83
CA VAL B 63 -16.29 48.56 10.65
C VAL B 63 -17.67 48.15 10.09
N LEU B 64 -18.67 47.96 10.97
CA LEU B 64 -20.03 47.66 10.52
C LEU B 64 -20.58 48.86 9.76
N VAL B 65 -20.47 50.03 10.38
CA VAL B 65 -20.93 51.27 9.78
C VAL B 65 -20.22 51.50 8.44
N GLU B 66 -18.91 51.21 8.40
CA GLU B 66 -18.15 51.41 7.18
C GLU B 66 -18.68 50.48 6.09
N THR B 67 -19.01 49.25 6.47
CA THR B 67 -19.51 48.25 5.52
C THR B 67 -20.84 48.70 4.94
N LEU B 68 -21.75 49.16 5.81
CA LEU B 68 -23.06 49.67 5.35
C LEU B 68 -22.85 50.87 4.39
N TYR B 69 -21.90 51.75 4.69
CA TYR B 69 -21.61 52.89 3.85
C TYR B 69 -21.05 52.45 2.49
N GLU B 70 -20.08 51.53 2.48
CA GLU B 70 -19.50 51.05 1.22
C GLU B 70 -20.55 50.38 0.35
N LEU B 71 -21.63 49.90 0.96
CA LEU B 71 -22.72 49.29 0.20
C LEU B 71 -23.78 50.30 -0.28
N GLY B 72 -23.51 51.60 -0.10
CA GLY B 72 -24.38 52.68 -0.58
C GLY B 72 -25.36 53.38 0.35
N ALA B 73 -25.40 53.00 1.62
CA ALA B 73 -26.34 53.61 2.54
C ALA B 73 -25.84 54.91 3.15
N GLU B 74 -26.78 55.77 3.53
CA GLU B 74 -26.48 57.01 4.27
C GLU B 74 -26.73 56.58 5.71
N ILE B 75 -25.87 57.01 6.63
CA ILE B 75 -25.96 56.54 8.00
C ILE B 75 -26.02 57.66 9.05
N ARG B 76 -26.84 57.42 10.09
CA ARG B 76 -26.92 58.26 11.29
C ARG B 76 -26.81 57.27 12.43
N TRP B 77 -25.97 57.56 13.42
CA TRP B 77 -25.72 56.56 14.47
C TRP B 77 -25.59 57.12 15.89
N CYS B 78 -26.01 56.31 16.84
CA CYS B 78 -25.88 56.63 18.27
C CYS B 78 -25.56 55.34 19.00
N SER B 79 -25.07 55.45 20.22
CA SER B 79 -24.72 54.29 21.01
C SER B 79 -25.98 53.82 21.75
N CYS B 80 -26.00 52.55 22.17
CA CYS B 80 -27.16 52.00 22.92
C CYS B 80 -26.88 51.85 24.42
N ASN B 81 -25.86 52.54 24.92
CA ASN B 81 -25.47 52.54 26.33
C ASN B 81 -24.60 53.77 26.61
N ILE B 82 -24.84 54.43 27.73
CA ILE B 82 -24.10 55.66 28.08
C ILE B 82 -22.58 55.49 28.31
N TYR B 83 -22.12 54.27 28.60
CA TYR B 83 -20.67 54.03 28.85
C TYR B 83 -19.91 53.25 27.77
N SER B 84 -20.62 52.65 26.82
CA SER B 84 -19.96 51.79 25.82
C SER B 84 -19.20 52.44 24.68
N THR B 85 -19.50 53.70 24.35
CA THR B 85 -18.84 54.37 23.23
C THR B 85 -17.33 54.48 23.42
N GLN B 86 -16.59 54.30 22.33
CA GLN B 86 -15.15 54.48 22.32
C GLN B 86 -14.99 55.75 21.49
N ASP B 87 -14.62 56.83 22.17
CA ASP B 87 -14.48 58.14 21.52
C ASP B 87 -13.59 58.16 20.26
N HIS B 88 -12.54 57.35 20.21
CA HIS B 88 -11.66 57.34 19.03
C HIS B 88 -12.37 56.68 17.83
N ALA B 89 -13.27 55.74 18.12
CA ALA B 89 -14.05 55.06 17.06
C ALA B 89 -15.07 56.02 16.45
N ALA B 90 -15.71 56.80 17.31
CA ALA B 90 -16.71 57.79 16.88
C ALA B 90 -16.04 58.87 16.04
N ALA B 91 -14.87 59.30 16.48
CA ALA B 91 -14.13 60.31 15.76
C ALA B 91 -13.73 59.84 14.35
N ALA B 92 -13.35 58.57 14.23
CA ALA B 92 -12.97 58.02 12.94
C ALA B 92 -14.11 58.09 11.92
N LEU B 93 -15.34 57.82 12.36
CA LEU B 93 -16.49 57.85 11.47
C LEU B 93 -16.79 59.26 10.98
N VAL B 94 -16.76 60.25 11.87
CA VAL B 94 -17.04 61.62 11.41
C VAL B 94 -15.88 62.18 10.59
N LYS B 95 -14.66 61.77 10.89
CA LYS B 95 -13.50 62.24 10.16
C LYS B 95 -13.57 61.88 8.66
N LYS B 96 -14.03 60.66 8.34
CA LYS B 96 -14.16 60.22 6.96
C LYS B 96 -15.54 60.43 6.34
N ASN B 97 -16.45 61.13 7.02
CA ASN B 97 -17.81 61.35 6.49
C ASN B 97 -18.58 60.08 6.13
N ILE B 98 -18.35 59.02 6.89
CA ILE B 98 -19.04 57.76 6.68
C ILE B 98 -20.46 57.92 7.24
N ALA B 99 -20.57 58.58 8.39
CA ALA B 99 -21.84 58.75 9.06
C ALA B 99 -21.92 60.02 9.91
N THR B 100 -23.12 60.32 10.37
CA THR B 100 -23.38 61.44 11.26
C THR B 100 -23.59 60.74 12.58
N VAL B 101 -22.74 61.08 13.55
CA VAL B 101 -22.72 60.40 14.84
C VAL B 101 -23.14 61.28 16.02
N PHE B 102 -23.86 60.67 16.96
CA PHE B 102 -24.29 61.33 18.20
C PHE B 102 -23.94 60.37 19.32
N ALA B 103 -22.69 60.42 19.75
CA ALA B 103 -22.22 59.50 20.78
C ALA B 103 -20.86 59.86 21.38
N TRP B 104 -20.77 59.65 22.68
CA TRP B 104 -19.54 59.86 23.43
C TRP B 104 -19.59 58.99 24.68
N LYS B 105 -18.43 58.66 25.23
CA LYS B 105 -18.36 57.84 26.42
C LYS B 105 -18.78 58.70 27.62
N ASN B 106 -19.52 58.11 28.54
CA ASN B 106 -20.01 58.79 29.76
C ASN B 106 -21.06 59.87 29.50
N GLU B 107 -22.11 59.50 28.78
CA GLU B 107 -23.22 60.38 28.49
C GLU B 107 -24.09 60.40 29.72
N THR B 108 -24.92 61.44 29.84
CA THR B 108 -25.89 61.50 30.93
C THR B 108 -27.10 60.77 30.34
N ILE B 109 -27.98 60.27 31.18
CA ILE B 109 -29.17 59.58 30.68
C ILE B 109 -30.01 60.54 29.82
N GLU B 110 -30.00 61.83 30.18
CA GLU B 110 -30.75 62.83 29.42
C GLU B 110 -30.21 62.93 27.99
N ASP B 111 -28.90 63.06 27.87
CA ASP B 111 -28.21 63.18 26.57
C ASP B 111 -28.34 61.92 25.73
N TYR B 112 -28.42 60.76 26.38
CA TYR B 112 -28.57 59.49 25.67
C TYR B 112 -29.83 59.52 24.78
N TRP B 113 -30.96 59.96 25.34
CA TRP B 113 -32.23 60.00 24.61
C TRP B 113 -32.28 61.13 23.58
N VAL B 114 -31.53 62.20 23.81
CA VAL B 114 -31.47 63.29 22.85
C VAL B 114 -30.67 62.81 21.63
N CYS B 115 -29.59 62.07 21.89
CA CYS B 115 -28.75 61.51 20.83
C CYS B 115 -29.54 60.51 19.98
N LEU B 116 -30.30 59.64 20.64
CA LEU B 116 -31.11 58.64 19.94
C LEU B 116 -32.15 59.32 19.06
N ASN B 117 -32.77 60.38 19.60
CA ASN B 117 -33.79 61.11 18.86
C ASN B 117 -33.17 61.83 17.67
N ASP B 118 -31.96 62.37 17.86
CA ASP B 118 -31.24 63.05 16.78
C ASP B 118 -30.91 62.06 15.67
N ALA B 119 -30.44 60.87 16.06
CA ALA B 119 -30.11 59.82 15.10
C ALA B 119 -31.34 59.39 14.29
N MET B 120 -32.51 59.40 14.93
CA MET B 120 -33.77 59.07 14.24
C MET B 120 -34.26 60.20 13.29
N THR B 121 -33.77 61.44 13.46
CA THR B 121 -34.17 62.58 12.61
C THR B 121 -33.37 62.72 11.32
N TRP B 122 -34.07 62.77 10.18
CA TRP B 122 -33.45 62.95 8.87
C TRP B 122 -34.05 64.14 8.13
N ARG B 123 -33.23 64.81 7.30
CA ARG B 123 -33.72 65.92 6.43
C ARG B 123 -34.31 65.30 5.15
N ASN B 124 -35.54 65.69 4.80
CA ASN B 124 -36.25 65.19 3.62
C ASN B 124 -35.45 65.53 2.33
N PRO B 125 -35.03 64.49 1.56
CA PRO B 125 -34.23 64.79 0.33
C PRO B 125 -34.96 65.63 -0.75
N ASN B 126 -36.29 65.55 -0.81
CA ASN B 126 -37.10 66.31 -1.78
C ASN B 126 -37.20 67.79 -1.41
N ASP B 127 -37.67 68.02 -0.19
CA ASP B 127 -37.85 69.36 0.37
C ASP B 127 -36.91 69.48 1.58
N LYS B 128 -35.64 69.87 1.30
CA LYS B 128 -34.59 70.04 2.30
C LYS B 128 -35.16 71.09 3.20
N ASP B 129 -35.83 70.68 4.26
CA ASP B 129 -36.52 71.68 5.11
C ASP B 129 -37.44 70.95 6.03
N LYS B 130 -38.21 70.01 5.44
CA LYS B 130 -39.13 69.17 6.21
C LYS B 130 -38.31 68.01 6.81
N ILE B 131 -38.96 67.29 7.71
CA ILE B 131 -38.39 66.17 8.44
C ILE B 131 -39.00 64.82 8.03
N CYS B 132 -38.20 63.76 8.13
CA CYS B 132 -38.64 62.39 7.84
C CYS B 132 -37.80 61.46 8.72
N GLY B 133 -38.03 60.15 8.59
CA GLY B 133 -37.29 59.17 9.40
C GLY B 133 -36.41 58.28 8.58
N PRO B 134 -35.87 57.22 9.20
CA PRO B 134 -35.04 56.29 8.46
C PRO B 134 -35.87 55.25 7.70
N ASN B 135 -35.19 54.52 6.83
CA ASN B 135 -35.79 53.45 6.04
C ASN B 135 -35.59 52.15 6.80
N LEU B 136 -34.42 52.02 7.42
CA LEU B 136 -34.04 50.83 8.16
C LEU B 136 -33.43 51.22 9.50
N ILE B 137 -33.53 50.30 10.45
CA ILE B 137 -32.98 50.51 11.79
C ILE B 137 -32.11 49.31 12.23
N VAL B 138 -30.91 49.59 12.76
CA VAL B 138 -30.02 48.56 13.32
C VAL B 138 -30.14 48.84 14.80
N ASP B 139 -30.71 47.88 15.54
CA ASP B 139 -30.96 48.11 16.95
C ASP B 139 -30.32 47.03 17.83
N ASP B 140 -29.97 47.43 19.06
CA ASP B 140 -29.32 46.56 20.03
C ASP B 140 -29.87 46.93 21.40
N GLY B 141 -30.85 46.17 21.85
CA GLY B 141 -31.50 46.43 23.13
C GLY B 141 -32.94 46.88 22.95
N GLY B 142 -33.30 47.30 21.73
CA GLY B 142 -34.66 47.72 21.42
C GLY B 142 -35.06 49.17 21.72
N ASP B 143 -34.10 50.03 22.12
CA ASP B 143 -34.41 51.44 22.43
C ASP B 143 -34.88 52.26 21.21
N ALA B 144 -34.27 52.04 20.05
CA ALA B 144 -34.69 52.76 18.84
C ALA B 144 -36.09 52.31 18.45
N THR B 145 -36.34 51.01 18.60
CA THR B 145 -37.65 50.43 18.30
C THR B 145 -38.67 50.94 19.33
N LEU B 146 -38.24 51.11 20.58
CA LEU B 146 -39.14 51.59 21.64
C LEU B 146 -39.56 53.03 21.44
N ILE B 147 -38.61 53.93 21.18
CA ILE B 147 -38.96 55.35 21.00
C ILE B 147 -39.93 55.53 19.84
N LEU B 148 -39.82 54.68 18.82
CA LEU B 148 -40.71 54.74 17.66
C LEU B 148 -42.12 54.36 18.06
N HIS B 149 -42.28 53.22 18.71
CA HIS B 149 -43.60 52.73 19.12
C HIS B 149 -44.29 53.57 20.18
N GLU B 150 -43.50 54.08 21.12
CA GLU B 150 -44.02 54.95 22.18
C GLU B 150 -44.33 56.34 21.65
N GLY B 151 -43.64 56.73 20.58
CA GLY B 151 -43.87 58.02 19.92
C GLY B 151 -45.20 57.97 19.19
N VAL B 152 -45.48 56.84 18.55
CA VAL B 152 -46.76 56.65 17.85
C VAL B 152 -47.89 56.63 18.88
N LYS B 153 -47.71 55.91 19.99
CA LYS B 153 -48.73 55.88 21.06
C LYS B 153 -49.03 57.27 21.58
N ALA B 154 -47.97 58.04 21.83
CA ALA B 154 -48.07 59.41 22.34
C ALA B 154 -48.83 60.32 21.37
N GLU B 155 -48.67 60.11 20.06
CA GLU B 155 -49.37 60.91 19.06
C GLU B 155 -50.86 60.54 19.00
N ILE B 156 -51.19 59.26 19.18
CA ILE B 156 -52.59 58.79 19.22
C ILE B 156 -53.30 59.42 20.41
N GLU B 157 -52.67 59.34 21.57
CA GLU B 157 -53.21 59.89 22.81
C GLU B 157 -53.28 61.44 22.77
N TYR B 158 -52.41 62.06 21.98
CA TYR B 158 -52.40 63.52 21.85
C TYR B 158 -53.63 63.97 21.08
N GLU B 159 -53.89 63.35 19.93
CA GLU B 159 -55.07 63.72 19.11
C GLU B 159 -56.40 63.42 19.78
N LYS B 160 -56.46 62.31 20.51
CA LYS B 160 -57.69 61.88 21.20
C LYS B 160 -58.25 62.98 22.14
N TYR B 161 -57.42 63.45 23.07
CA TYR B 161 -57.81 64.52 24.03
C TYR B 161 -57.32 65.94 23.67
N ASN B 162 -56.56 66.06 22.58
CA ASN B 162 -56.02 67.33 22.09
C ASN B 162 -55.16 68.10 23.11
N LYS B 163 -54.37 67.35 23.87
CA LYS B 163 -53.46 67.92 24.87
C LYS B 163 -52.32 66.92 25.14
N ILE B 164 -51.27 67.40 25.79
CA ILE B 164 -50.15 66.55 26.14
C ILE B 164 -50.67 65.49 27.11
N PRO B 165 -50.51 64.19 26.78
CA PRO B 165 -50.95 63.11 27.67
C PRO B 165 -50.34 63.23 29.07
N GLU B 166 -51.15 62.97 30.10
CA GLU B 166 -50.68 63.08 31.47
C GLU B 166 -49.61 62.07 31.90
N TYR B 167 -49.50 60.92 31.23
CA TYR B 167 -48.48 59.94 31.61
C TYR B 167 -47.04 60.45 31.28
N LEU B 168 -46.93 61.40 30.36
CA LEU B 168 -45.64 61.99 29.96
C LEU B 168 -45.16 63.13 30.88
N GLU B 169 -46.09 63.80 31.56
CA GLU B 169 -45.76 64.91 32.46
C GLU B 169 -45.50 64.48 33.91
N THR B 170 -46.05 63.36 34.33
CA THR B 170 -45.88 62.89 35.70
C THR B 170 -44.51 62.28 35.87
N GLU B 171 -44.02 62.30 37.10
CA GLU B 171 -42.72 61.78 37.44
C GLU B 171 -42.88 60.44 38.19
N LEU B 172 -44.12 59.94 38.26
CA LEU B 172 -44.46 58.69 38.94
C LEU B 172 -45.11 57.70 37.97
N ASP B 173 -45.06 56.41 38.30
CA ASP B 173 -45.68 55.36 37.45
C ASP B 173 -47.12 55.14 37.93
N GLU B 174 -47.77 54.08 37.44
CA GLU B 174 -49.16 53.80 37.79
C GLU B 174 -49.40 53.37 39.24
N ASN B 175 -48.34 53.04 39.99
CA ASN B 175 -48.44 52.59 41.38
C ASN B 175 -47.82 53.54 42.44
N GLY B 176 -47.45 54.76 42.04
CA GLY B 176 -46.85 55.75 42.97
C GLY B 176 -45.32 55.75 43.04
N LYS B 177 -44.68 54.73 42.45
CA LYS B 177 -43.21 54.61 42.41
C LYS B 177 -42.56 55.53 41.38
N GLN B 178 -41.33 55.95 41.65
CA GLN B 178 -40.61 56.81 40.72
C GLN B 178 -40.35 56.10 39.39
N LEU B 179 -40.55 56.82 38.28
CA LEU B 179 -40.27 56.26 36.96
C LEU B 179 -38.75 56.13 36.83
N SER B 180 -38.30 55.18 36.03
CA SER B 180 -36.87 55.02 35.82
C SER B 180 -36.35 56.24 35.08
N MET B 181 -35.09 56.60 35.29
CA MET B 181 -34.52 57.75 34.58
C MET B 181 -34.65 57.62 33.08
N ASP B 182 -34.47 56.40 32.55
CA ASP B 182 -34.61 56.18 31.12
C ASP B 182 -36.04 56.53 30.62
N LEU B 183 -37.06 56.21 31.40
CA LEU B 183 -38.44 56.55 31.01
C LEU B 183 -38.71 58.04 31.09
N LYS B 184 -38.23 58.71 32.14
CA LYS B 184 -38.43 60.16 32.29
C LYS B 184 -37.80 60.92 31.13
N CYS B 185 -36.55 60.59 30.83
CA CYS B 185 -35.79 61.26 29.77
C CYS B 185 -36.32 60.98 28.37
N MET B 186 -36.94 59.83 28.17
CA MET B 186 -37.52 59.47 26.87
C MET B 186 -38.81 60.26 26.71
N TYR B 187 -39.63 60.23 27.75
CA TYR B 187 -40.91 60.96 27.83
C TYR B 187 -40.69 62.43 27.62
N LYS B 188 -39.60 62.95 28.19
CA LYS B 188 -39.26 64.35 28.04
C LYS B 188 -38.99 64.69 26.56
N VAL B 189 -38.33 63.76 25.84
CA VAL B 189 -38.04 63.93 24.41
C VAL B 189 -39.34 63.80 23.59
N LEU B 190 -40.20 62.85 23.93
CA LEU B 190 -41.47 62.65 23.22
C LEU B 190 -42.39 63.86 23.38
N LYS B 191 -42.36 64.47 24.57
CA LYS B 191 -43.15 65.67 24.86
C LYS B 191 -42.69 66.85 24.01
N MET B 192 -41.38 67.06 23.93
CA MET B 192 -40.82 68.15 23.13
C MET B 192 -41.19 67.96 21.64
N GLU B 193 -41.20 66.73 21.16
CA GLU B 193 -41.55 66.41 19.77
C GLU B 193 -43.05 66.57 19.46
N LEU B 194 -43.91 66.43 20.48
CA LEU B 194 -45.35 66.64 20.28
C LEU B 194 -45.64 68.13 20.08
N LEU B 195 -44.82 68.97 20.70
CA LEU B 195 -44.96 70.42 20.58
C LEU B 195 -44.44 70.90 19.22
N LYS B 196 -43.43 70.25 18.66
CA LYS B 196 -42.90 70.63 17.34
C LYS B 196 -43.78 70.11 16.22
N ASN B 197 -44.10 68.82 16.29
CA ASN B 197 -44.88 68.16 15.27
C ASN B 197 -45.55 66.88 15.78
N PRO B 198 -46.90 66.90 15.99
CA PRO B 198 -47.59 65.70 16.48
C PRO B 198 -47.84 64.59 15.44
N PHE B 199 -47.28 64.73 14.23
CA PHE B 199 -47.41 63.70 13.18
C PHE B 199 -46.01 63.14 12.82
N ARG B 200 -44.97 63.54 13.56
CA ARG B 200 -43.60 63.11 13.31
C ARG B 200 -43.40 61.60 13.23
N TRP B 201 -43.74 60.90 14.31
CA TRP B 201 -43.55 59.43 14.40
C TRP B 201 -44.38 58.62 13.41
N ARG B 202 -45.67 58.94 13.28
CA ARG B 202 -46.53 58.23 12.32
C ARG B 202 -46.10 58.54 10.88
N GLY B 203 -45.47 59.70 10.68
CA GLY B 203 -44.96 60.09 9.36
C GLY B 203 -43.81 59.20 8.93
N MET B 204 -43.01 58.76 9.90
CA MET B 204 -41.86 57.87 9.62
C MET B 204 -42.28 56.49 9.17
N LEU B 205 -43.45 56.04 9.61
CA LEU B 205 -43.94 54.71 9.26
C LEU B 205 -44.07 54.50 7.77
N LYS B 206 -44.44 55.54 7.02
CA LYS B 206 -44.61 55.40 5.58
C LYS B 206 -43.36 54.80 4.92
N ASP B 207 -42.19 55.29 5.31
CA ASP B 207 -40.92 54.83 4.73
C ASP B 207 -40.12 53.77 5.52
N LEU B 208 -40.62 53.30 6.67
CA LEU B 208 -39.90 52.26 7.44
C LEU B 208 -40.10 50.87 6.87
N TYR B 209 -38.99 50.21 6.54
CA TYR B 209 -39.04 48.89 5.96
C TYR B 209 -38.56 47.76 6.88
N GLY B 210 -38.00 48.11 8.07
CA GLY B 210 -37.59 47.09 9.05
C GLY B 210 -36.49 47.39 10.05
N VAL B 211 -36.33 46.45 11.01
CA VAL B 211 -35.30 46.52 12.05
C VAL B 211 -34.60 45.20 12.22
N SER B 212 -33.29 45.25 12.45
CA SER B 212 -32.46 44.11 12.76
C SER B 212 -32.16 44.24 14.25
N GLU B 213 -32.56 43.26 15.05
CA GLU B 213 -32.29 43.31 16.50
C GLU B 213 -31.11 42.39 16.88
N GLU B 214 -30.14 42.98 17.56
CA GLU B 214 -28.88 42.34 17.93
C GLU B 214 -28.83 41.44 19.18
N THR B 215 -29.58 41.77 20.23
CA THR B 215 -29.47 41.00 21.50
C THR B 215 -30.76 40.39 22.06
N THR B 216 -30.56 39.39 22.92
CA THR B 216 -31.62 38.61 23.55
C THR B 216 -32.74 39.45 24.14
N THR B 217 -32.36 40.44 24.94
CA THR B 217 -33.33 41.33 25.57
C THR B 217 -34.20 42.12 24.58
N GLY B 218 -33.60 42.61 23.51
CA GLY B 218 -34.34 43.33 22.48
C GLY B 218 -35.31 42.45 21.70
N VAL B 219 -34.91 41.19 21.51
CA VAL B 219 -35.75 40.21 20.81
C VAL B 219 -36.97 39.88 21.66
N LEU B 220 -36.79 39.83 22.98
CA LEU B 220 -37.89 39.58 23.88
C LEU B 220 -38.94 40.69 23.72
N ARG B 221 -38.49 41.94 23.65
CA ARG B 221 -39.37 43.08 23.48
C ARG B 221 -40.10 43.03 22.13
N LEU B 222 -39.42 42.51 21.10
CA LEU B 222 -40.04 42.38 19.78
C LEU B 222 -41.11 41.31 19.77
N LYS B 223 -40.85 40.18 20.45
CA LYS B 223 -41.81 39.07 20.49
C LYS B 223 -43.06 39.43 21.29
N ILE B 224 -42.91 40.26 22.31
CA ILE B 224 -44.07 40.73 23.09
C ILE B 224 -44.97 41.59 22.18
N MET B 225 -44.37 42.50 21.40
CA MET B 225 -45.12 43.33 20.46
C MET B 225 -45.79 42.51 19.37
N GLU B 226 -45.13 41.44 18.93
CA GLU B 226 -45.66 40.58 17.87
C GLU B 226 -46.94 39.88 18.35
N SER B 227 -46.92 39.34 19.57
CA SER B 227 -48.07 38.65 20.15
C SER B 227 -49.27 39.56 20.31
N GLU B 228 -49.01 40.76 20.82
CA GLU B 228 -50.06 41.75 21.04
C GLU B 228 -50.54 42.44 19.74
N GLY B 229 -49.89 42.18 18.61
CA GLY B 229 -50.25 42.79 17.32
C GLY B 229 -49.89 44.27 17.25
N LYS B 230 -48.88 44.66 18.02
CA LYS B 230 -48.42 46.06 18.11
C LYS B 230 -47.13 46.36 17.35
N LEU B 231 -46.55 45.35 16.70
CA LEU B 231 -45.30 45.56 15.96
C LEU B 231 -45.62 46.31 14.67
N LEU B 232 -45.05 47.50 14.53
CA LEU B 232 -45.29 48.42 13.41
C LEU B 232 -44.34 48.34 12.20
N LEU B 233 -43.42 47.38 12.17
CA LEU B 233 -42.51 47.21 11.04
C LEU B 233 -41.92 45.81 11.04
N PRO B 234 -41.47 45.33 9.87
CA PRO B 234 -40.87 43.99 9.84
C PRO B 234 -39.61 43.96 10.71
N ALA B 235 -39.29 42.78 11.24
CA ALA B 235 -38.11 42.66 12.08
C ALA B 235 -37.37 41.36 11.82
N ILE B 236 -36.06 41.43 11.97
CA ILE B 236 -35.20 40.27 11.85
C ILE B 236 -34.43 40.10 13.16
N ASN B 237 -34.59 38.92 13.74
CA ASN B 237 -33.92 38.52 14.98
C ASN B 237 -32.53 38.02 14.59
N VAL B 238 -31.54 38.88 14.75
CA VAL B 238 -30.17 38.57 14.41
C VAL B 238 -29.55 37.76 15.54
N ASN B 239 -29.97 38.03 16.78
CA ASN B 239 -29.42 37.35 17.96
C ASN B 239 -29.51 35.84 17.91
N ASP B 240 -30.56 35.30 17.29
CA ASP B 240 -30.74 33.84 17.25
C ASP B 240 -30.14 33.09 16.07
N SER B 241 -29.28 33.78 15.29
CA SER B 241 -28.53 33.09 14.25
C SER B 241 -27.53 32.25 15.04
N VAL B 242 -27.21 31.07 14.57
CA VAL B 242 -26.26 30.22 15.27
C VAL B 242 -24.91 30.95 15.38
N THR B 243 -24.50 31.62 14.31
CA THR B 243 -23.24 32.35 14.27
C THR B 243 -23.21 33.66 15.10
N LYS B 244 -24.25 33.88 15.90
CA LYS B 244 -24.31 35.03 16.77
C LYS B 244 -24.47 34.47 18.19
N SER B 245 -25.61 33.86 18.52
CA SER B 245 -25.84 33.35 19.89
C SER B 245 -24.81 32.36 20.41
N LYS B 246 -24.35 31.43 19.58
CA LYS B 246 -23.37 30.43 20.03
C LYS B 246 -21.93 30.90 20.09
N PHE B 247 -21.64 32.08 19.54
CA PHE B 247 -20.29 32.65 19.52
C PHE B 247 -20.16 33.97 20.30
N ASP B 248 -20.87 34.99 19.85
CA ASP B 248 -20.87 36.30 20.50
C ASP B 248 -21.27 36.17 21.95
N ASN B 249 -22.50 35.71 22.19
CA ASN B 249 -22.99 35.58 23.57
C ASN B 249 -22.09 34.77 24.50
N THR B 250 -21.59 33.65 24.01
CA THR B 250 -20.80 32.74 24.84
C THR B 250 -19.32 33.06 24.83
N TYR B 251 -18.65 32.80 23.71
CA TYR B 251 -17.21 33.03 23.60
C TYR B 251 -16.78 34.48 23.69
N GLY B 252 -17.65 35.40 23.27
CA GLY B 252 -17.34 36.82 23.36
C GLY B 252 -17.20 37.18 24.83
N CYS B 253 -18.22 36.86 25.63
CA CYS B 253 -18.18 37.13 27.07
C CYS B 253 -17.04 36.42 27.84
N ARG B 254 -16.65 35.22 27.39
CA ARG B 254 -15.58 34.51 28.06
C ARG B 254 -14.34 35.38 28.21
N GLN B 255 -14.06 36.18 27.18
CA GLN B 255 -12.90 37.09 27.18
C GLN B 255 -13.29 38.46 27.71
N SER B 256 -14.38 38.96 27.18
CA SER B 256 -14.94 40.26 27.48
C SER B 256 -15.26 40.53 28.96
N LEU B 257 -15.81 39.53 29.66
CA LEU B 257 -16.13 39.69 31.09
C LEU B 257 -14.82 39.85 31.87
N LEU B 258 -13.87 38.96 31.60
CA LEU B 258 -12.58 39.00 32.28
C LEU B 258 -11.89 40.36 32.06
N HIS B 259 -11.96 40.88 30.86
CA HIS B 259 -11.36 42.17 30.56
C HIS B 259 -12.01 43.23 31.47
N GLY B 260 -13.34 43.23 31.52
CA GLY B 260 -14.09 44.18 32.35
C GLY B 260 -13.76 44.05 33.83
N LEU B 261 -13.71 42.83 34.34
CA LEU B 261 -13.38 42.61 35.75
C LEU B 261 -11.93 43.01 36.03
N PHE B 262 -10.99 42.61 35.17
CA PHE B 262 -9.61 42.99 35.41
C PHE B 262 -9.43 44.50 35.49
N ASN B 263 -10.17 45.26 34.67
CA ASN B 263 -10.08 46.72 34.69
C ASN B 263 -10.80 47.36 35.88
N GLY B 264 -11.99 46.89 36.23
CA GLY B 264 -12.77 47.48 37.33
C GLY B 264 -12.50 46.96 38.74
N CYS B 265 -12.14 45.68 38.82
CA CYS B 265 -11.86 44.99 40.08
C CYS B 265 -10.38 44.75 40.20
N ILE B 266 -9.77 45.29 41.27
CA ILE B 266 -8.31 45.12 41.44
C ILE B 266 -7.92 43.76 41.99
N GLN B 267 -8.87 43.04 42.57
CA GLN B 267 -8.58 41.75 43.19
C GLN B 267 -8.32 40.59 42.23
N MET B 268 -7.68 39.56 42.79
CA MET B 268 -7.34 38.34 42.11
C MET B 268 -8.57 37.48 42.07
N LEU B 269 -8.85 36.86 40.93
CA LEU B 269 -10.04 36.05 40.80
C LEU B 269 -9.82 34.63 41.26
N ALA B 270 -8.59 34.13 41.17
CA ALA B 270 -8.31 32.75 41.57
C ALA B 270 -8.69 32.47 43.03
N GLY B 271 -9.38 31.36 43.22
CA GLY B 271 -9.81 30.88 44.53
C GLY B 271 -11.03 31.56 45.11
N LYS B 272 -11.48 32.65 44.50
CA LYS B 272 -12.65 33.37 44.99
C LYS B 272 -13.93 32.64 44.62
N LYS B 273 -14.98 32.81 45.44
CA LYS B 273 -16.27 32.23 45.14
C LYS B 273 -16.95 33.32 44.32
N ILE B 274 -17.21 33.05 43.05
CA ILE B 274 -17.84 34.02 42.19
C ILE B 274 -19.20 33.46 41.78
N VAL B 275 -20.26 34.19 42.08
CA VAL B 275 -21.61 33.75 41.75
C VAL B 275 -22.03 34.30 40.39
N VAL B 276 -22.37 33.42 39.48
CA VAL B 276 -22.84 33.81 38.16
C VAL B 276 -24.34 33.52 38.21
N LEU B 277 -25.14 34.58 38.18
CA LEU B 277 -26.57 34.45 38.24
C LEU B 277 -27.08 34.38 36.80
N GLY B 278 -27.53 33.20 36.40
CA GLY B 278 -28.02 32.95 35.04
C GLY B 278 -26.95 32.14 34.32
N TYR B 279 -27.32 30.97 33.80
CA TYR B 279 -26.40 30.08 33.11
C TYR B 279 -26.98 29.75 31.72
N GLY B 280 -27.28 30.82 30.98
CA GLY B 280 -27.78 30.76 29.63
C GLY B 280 -26.58 30.91 28.71
N GLU B 281 -26.80 31.41 27.50
CA GLU B 281 -25.72 31.59 26.52
C GLU B 281 -24.55 32.43 27.12
N VAL B 282 -24.88 33.56 27.76
CA VAL B 282 -23.90 34.46 28.37
C VAL B 282 -23.28 33.88 29.63
N GLY B 283 -24.11 33.38 30.52
CA GLY B 283 -23.63 32.78 31.76
C GLY B 283 -22.63 31.66 31.55
N LYS B 284 -22.88 30.83 30.54
CA LYS B 284 -21.99 29.73 30.22
C LYS B 284 -20.59 30.25 29.91
N GLY B 285 -20.52 31.30 29.10
CA GLY B 285 -19.24 31.90 28.72
C GLY B 285 -18.53 32.56 29.89
N CYS B 286 -19.30 33.30 30.69
CA CYS B 286 -18.76 33.94 31.88
C CYS B 286 -18.12 32.88 32.78
N ALA B 287 -18.83 31.79 33.02
CA ALA B 287 -18.32 30.70 33.86
C ALA B 287 -17.03 30.10 33.29
N GLN B 288 -16.97 29.86 31.99
CA GLN B 288 -15.75 29.31 31.39
C GLN B 288 -14.51 30.18 31.63
N GLY B 289 -14.67 31.49 31.45
CA GLY B 289 -13.58 32.43 31.63
C GLY B 289 -13.11 32.50 33.05
N LEU B 290 -14.07 32.59 33.97
CA LEU B 290 -13.79 32.67 35.41
C LEU B 290 -13.05 31.41 35.88
N SER B 291 -13.51 30.24 35.45
CA SER B 291 -12.83 28.97 35.78
C SER B 291 -11.44 28.96 35.20
N GLY B 292 -11.30 29.48 33.99
CA GLY B 292 -10.04 29.54 33.29
C GLY B 292 -8.93 30.22 34.05
N VAL B 293 -9.28 31.18 34.92
CA VAL B 293 -8.29 31.89 35.73
C VAL B 293 -8.35 31.52 37.21
N GLY B 294 -8.88 30.33 37.50
CA GLY B 294 -8.91 29.77 38.86
C GLY B 294 -10.03 30.06 39.82
N ALA B 295 -11.07 30.75 39.38
CA ALA B 295 -12.18 31.07 40.27
C ALA B 295 -13.02 29.85 40.55
N ARG B 296 -13.81 29.91 41.61
CA ARG B 296 -14.72 28.83 41.96
C ARG B 296 -16.11 29.37 41.69
N VAL B 297 -16.68 28.96 40.58
CA VAL B 297 -17.96 29.47 40.16
C VAL B 297 -19.14 28.76 40.84
N ILE B 298 -20.05 29.58 41.36
CA ILE B 298 -21.30 29.11 41.96
C ILE B 298 -22.36 29.67 40.98
N VAL B 299 -23.34 28.85 40.60
CA VAL B 299 -24.36 29.27 39.66
C VAL B 299 -25.74 29.36 40.29
N THR B 300 -26.51 30.37 39.90
CA THR B 300 -27.95 30.49 40.33
C THR B 300 -28.68 30.38 39.04
N GLU B 301 -29.83 29.71 39.08
CA GLU B 301 -30.59 29.51 37.89
C GLU B 301 -32.03 29.09 38.23
N ILE B 302 -32.97 29.43 37.35
CA ILE B 302 -34.40 29.10 37.51
C ILE B 302 -34.84 27.95 36.61
N ASP B 303 -34.04 27.70 35.58
CA ASP B 303 -34.34 26.66 34.60
C ASP B 303 -33.66 25.34 35.02
N PRO B 304 -34.46 24.29 35.24
CA PRO B 304 -33.87 23.01 35.66
C PRO B 304 -32.92 22.40 34.63
N ILE B 305 -33.15 22.62 33.35
CA ILE B 305 -32.23 22.12 32.31
C ILE B 305 -30.90 22.86 32.38
N CYS B 306 -30.94 24.18 32.46
CA CYS B 306 -29.70 24.96 32.54
C CYS B 306 -28.96 24.66 33.84
N ALA B 307 -29.71 24.45 34.93
CA ALA B 307 -29.10 24.11 36.22
C ALA B 307 -28.30 22.81 36.12
N LEU B 308 -28.89 21.79 35.50
CA LEU B 308 -28.19 20.53 35.28
C LEU B 308 -26.96 20.67 34.39
N GLN B 309 -27.03 21.54 33.39
CA GLN B 309 -25.85 21.79 32.54
C GLN B 309 -24.68 22.31 33.36
N ALA B 310 -24.97 23.24 34.28
CA ALA B 310 -23.96 23.79 35.17
C ALA B 310 -23.32 22.69 36.04
N SER B 311 -24.14 21.79 36.60
CA SER B 311 -23.59 20.68 37.41
C SER B 311 -22.62 19.82 36.62
N MET B 312 -22.98 19.52 35.38
CA MET B 312 -22.16 18.68 34.52
C MET B 312 -20.81 19.30 34.20
N GLU B 313 -20.71 20.63 34.35
CA GLU B 313 -19.43 21.32 34.14
C GLU B 313 -18.69 21.52 35.48
N GLY B 314 -19.13 20.83 36.54
CA GLY B 314 -18.51 20.90 37.86
C GLY B 314 -18.88 22.07 38.75
N TYR B 315 -19.91 22.82 38.39
CA TYR B 315 -20.30 23.98 39.20
C TYR B 315 -21.44 23.70 40.18
N GLN B 316 -21.32 24.29 41.36
CA GLN B 316 -22.33 24.20 42.39
C GLN B 316 -23.48 25.10 41.97
N VAL B 317 -24.70 24.63 42.18
CA VAL B 317 -25.88 25.42 41.85
C VAL B 317 -26.64 25.69 43.13
N SER B 318 -26.78 26.99 43.46
CA SER B 318 -27.43 27.43 44.69
C SER B 318 -28.35 28.62 44.50
N VAL B 319 -29.18 28.84 45.52
CA VAL B 319 -30.06 29.99 45.57
C VAL B 319 -29.19 31.08 46.19
N LEU B 320 -29.33 32.31 45.70
CA LEU B 320 -28.53 33.43 46.18
C LEU B 320 -28.53 33.61 47.70
N GLU B 321 -29.70 33.46 48.32
CA GLU B 321 -29.83 33.58 49.79
C GLU B 321 -28.82 32.73 50.60
N ASP B 322 -28.52 31.53 50.11
CA ASP B 322 -27.62 30.59 50.80
C ASP B 322 -26.15 30.86 50.60
N VAL B 323 -25.82 31.74 49.67
CA VAL B 323 -24.42 32.04 49.30
C VAL B 323 -24.03 33.52 49.36
N VAL B 324 -25.01 34.41 49.53
CA VAL B 324 -24.75 35.85 49.54
C VAL B 324 -23.78 36.37 50.60
N SER B 325 -23.80 35.81 51.79
CA SER B 325 -22.88 36.26 52.85
C SER B 325 -21.42 35.81 52.68
N GLU B 326 -21.18 34.68 52.01
CA GLU B 326 -19.82 34.14 51.81
C GLU B 326 -19.16 34.40 50.48
N ALA B 327 -19.93 34.57 49.42
CA ALA B 327 -19.34 34.82 48.11
C ALA B 327 -18.59 36.15 48.05
N ASP B 328 -17.57 36.17 47.20
CA ASP B 328 -16.73 37.35 47.00
C ASP B 328 -17.14 38.30 45.85
N ILE B 329 -17.60 37.75 44.74
CA ILE B 329 -17.98 38.55 43.56
C ILE B 329 -19.31 38.05 43.01
N PHE B 330 -20.16 38.98 42.54
CA PHE B 330 -21.48 38.64 41.97
C PHE B 330 -21.62 39.20 40.55
N ILE B 331 -21.94 38.32 39.60
CA ILE B 331 -22.09 38.69 38.17
C ILE B 331 -23.49 38.31 37.70
N THR B 332 -24.32 39.30 37.37
CA THR B 332 -25.66 39.03 36.89
C THR B 332 -25.70 38.87 35.36
N ALA B 333 -26.29 37.77 34.89
CA ALA B 333 -26.38 37.47 33.45
C ALA B 333 -27.73 36.81 33.14
N THR B 334 -28.79 37.36 33.71
CA THR B 334 -30.14 36.82 33.58
C THR B 334 -31.06 37.45 32.54
N GLY B 335 -30.86 38.74 32.26
CA GLY B 335 -31.76 39.47 31.36
C GLY B 335 -33.07 39.72 32.12
N ASN B 336 -33.02 39.60 33.45
CA ASN B 336 -34.19 39.74 34.29
C ASN B 336 -34.12 41.01 35.14
N LYS B 337 -34.94 41.10 36.19
CA LYS B 337 -35.07 42.26 37.04
C LYS B 337 -35.01 41.93 38.52
N ASP B 338 -34.35 42.79 39.30
CA ASP B 338 -34.24 42.62 40.75
C ASP B 338 -33.71 41.25 41.16
N VAL B 339 -32.57 40.90 40.61
CA VAL B 339 -31.89 39.64 40.87
C VAL B 339 -30.97 39.82 42.09
N ILE B 340 -30.43 41.04 42.23
CA ILE B 340 -29.59 41.46 43.38
C ILE B 340 -30.38 42.66 43.95
N THR B 341 -30.91 42.51 45.17
CA THR B 341 -31.71 43.54 45.84
C THR B 341 -30.83 44.25 46.87
N VAL B 342 -31.34 45.32 47.47
CA VAL B 342 -30.56 46.04 48.51
C VAL B 342 -30.49 45.11 49.74
N GLU B 343 -31.55 44.34 50.01
CA GLU B 343 -31.51 43.42 51.15
C GLU B 343 -30.42 42.36 50.94
N HIS B 344 -30.13 42.01 49.69
CA HIS B 344 -29.05 41.08 49.42
C HIS B 344 -27.72 41.76 49.69
N MET B 345 -27.55 42.98 49.18
CA MET B 345 -26.27 43.72 49.31
C MET B 345 -25.88 44.03 50.77
N ARG B 346 -26.87 44.14 51.65
CA ARG B 346 -26.57 44.42 53.06
C ARG B 346 -26.01 43.21 53.78
N LYS B 347 -26.31 42.02 53.26
CA LYS B 347 -25.81 40.76 53.83
C LYS B 347 -24.44 40.38 53.26
N MET B 348 -24.00 41.05 52.19
CA MET B 348 -22.70 40.76 51.57
C MET B 348 -21.55 41.16 52.48
N LYS B 349 -20.38 40.62 52.18
CA LYS B 349 -19.21 40.91 53.00
C LYS B 349 -18.42 42.09 52.53
N GLU B 350 -17.56 42.57 53.42
CA GLU B 350 -16.74 43.76 53.18
C GLU B 350 -16.05 43.71 51.82
N ASN B 351 -16.26 44.78 51.06
CA ASN B 351 -15.68 44.96 49.72
C ASN B 351 -16.01 43.86 48.71
N ALA B 352 -17.24 43.37 48.77
CA ALA B 352 -17.71 42.40 47.81
C ALA B 352 -17.97 43.19 46.54
N TYR B 353 -17.60 42.62 45.39
CA TYR B 353 -17.76 43.28 44.10
C TYR B 353 -19.05 42.80 43.43
N ILE B 354 -19.77 43.73 42.80
CA ILE B 354 -21.02 43.45 42.12
C ILE B 354 -20.96 44.00 40.71
N ALA B 355 -21.32 43.19 39.72
CA ALA B 355 -21.28 43.61 38.32
C ALA B 355 -22.40 42.95 37.52
N ASN B 356 -22.75 43.59 36.42
CA ASN B 356 -23.81 43.12 35.53
C ASN B 356 -23.31 43.01 34.08
N ILE B 357 -23.73 41.93 33.41
CA ILE B 357 -23.35 41.71 32.02
C ILE B 357 -24.60 41.49 31.14
N GLY B 358 -25.81 41.57 31.72
CA GLY B 358 -27.08 41.47 30.97
C GLY B 358 -27.31 42.85 30.36
N HIS B 359 -28.19 42.99 29.38
CA HIS B 359 -28.30 44.32 28.69
C HIS B 359 -28.63 45.60 29.51
N PHE B 360 -29.59 45.55 30.45
CA PHE B 360 -29.95 46.77 31.20
C PHE B 360 -29.50 46.75 32.64
N ASP B 361 -29.63 47.89 33.31
CA ASP B 361 -29.26 48.05 34.75
C ASP B 361 -30.35 47.64 35.79
N ASP B 362 -31.41 46.98 35.34
CA ASP B 362 -32.47 46.51 36.23
C ASP B 362 -32.10 45.29 37.06
N GLU B 363 -31.14 44.48 36.57
CA GLU B 363 -30.75 43.24 37.25
C GLU B 363 -30.30 43.49 38.68
N ILE B 364 -29.66 44.62 38.91
CA ILE B 364 -29.20 45.02 40.21
C ILE B 364 -30.01 46.24 40.60
N ASP B 365 -30.52 46.28 41.82
CA ASP B 365 -31.31 47.44 42.26
C ASP B 365 -30.38 48.62 42.59
N VAL B 366 -29.83 49.21 41.53
CA VAL B 366 -28.92 50.33 41.68
C VAL B 366 -29.65 51.56 42.23
N TYR B 367 -30.86 51.83 41.75
CA TYR B 367 -31.62 52.99 42.25
C TYR B 367 -31.80 52.90 43.76
N GLY B 368 -32.20 51.72 44.24
CA GLY B 368 -32.38 51.48 45.67
C GLY B 368 -31.11 51.68 46.47
N LEU B 369 -29.98 51.26 45.90
CA LEU B 369 -28.68 51.40 46.57
C LEU B 369 -28.24 52.86 46.67
N GLU B 370 -28.31 53.60 45.56
CA GLU B 370 -27.92 55.01 45.57
C GLU B 370 -28.81 55.88 46.45
N ASN B 371 -30.09 55.54 46.52
CA ASN B 371 -31.06 56.28 47.33
C ASN B 371 -31.32 55.71 48.74
N TYR B 372 -30.49 54.78 49.18
CA TYR B 372 -30.66 54.20 50.51
C TYR B 372 -30.42 55.30 51.55
N PRO B 373 -31.27 55.38 52.60
CA PRO B 373 -31.12 56.44 53.62
C PRO B 373 -29.75 56.50 54.30
N GLY B 374 -29.07 57.64 54.17
CA GLY B 374 -27.77 57.88 54.79
C GLY B 374 -26.60 57.08 54.27
N ILE B 375 -26.70 56.60 53.04
CA ILE B 375 -25.61 55.80 52.48
C ILE B 375 -24.52 56.73 52.00
N LYS B 376 -23.28 56.26 52.08
CA LYS B 376 -22.13 57.02 51.59
C LYS B 376 -21.55 56.37 50.37
N VAL B 377 -21.30 57.18 49.35
CA VAL B 377 -20.75 56.69 48.10
C VAL B 377 -19.46 57.43 47.76
N ILE B 378 -18.52 56.71 47.17
CA ILE B 378 -17.26 57.28 46.77
C ILE B 378 -16.77 56.64 45.50
N GLU B 379 -16.13 57.45 44.66
CA GLU B 379 -15.61 57.00 43.39
C GLU B 379 -14.23 56.39 43.59
N VAL B 380 -14.12 55.09 43.40
CA VAL B 380 -12.84 54.38 43.54
C VAL B 380 -11.96 54.69 42.34
N LYS B 381 -12.60 54.81 41.18
CA LYS B 381 -11.94 55.12 39.92
C LYS B 381 -12.99 55.39 38.84
N GLN B 382 -12.51 55.53 37.61
CA GLN B 382 -13.36 55.75 36.47
C GLN B 382 -14.48 54.66 36.39
N ASN B 383 -15.72 55.05 36.70
CA ASN B 383 -16.89 54.14 36.66
C ASN B 383 -16.86 52.95 37.64
N VAL B 384 -16.37 53.18 38.86
CA VAL B 384 -16.33 52.15 39.89
C VAL B 384 -16.64 52.88 41.17
N HIS B 385 -17.70 52.47 41.86
CA HIS B 385 -18.13 53.14 43.07
C HIS B 385 -18.28 52.21 44.25
N LYS B 386 -17.85 52.69 45.41
CA LYS B 386 -17.92 51.97 46.66
C LYS B 386 -19.03 52.58 47.50
N PHE B 387 -20.02 51.77 47.86
CA PHE B 387 -21.17 52.21 48.67
C PHE B 387 -21.03 51.64 50.07
N THR B 388 -21.15 52.49 51.08
CA THR B 388 -21.04 52.08 52.48
C THR B 388 -22.35 52.32 53.24
N PHE B 389 -22.94 51.26 53.78
CA PHE B 389 -24.16 51.37 54.58
C PHE B 389 -23.85 52.00 55.96
N PRO B 390 -24.72 52.89 56.45
CA PRO B 390 -24.47 53.56 57.74
C PRO B 390 -24.61 52.71 59.02
N ASP B 391 -25.50 51.72 59.04
CA ASP B 391 -25.71 50.90 60.23
C ASP B 391 -24.62 49.84 60.50
N THR B 392 -24.28 49.07 59.47
CA THR B 392 -23.27 48.03 59.59
C THR B 392 -21.85 48.52 59.33
N GLN B 393 -21.72 49.69 58.68
CA GLN B 393 -20.43 50.25 58.25
C GLN B 393 -19.70 49.40 57.16
N LYS B 394 -20.38 48.38 56.64
CA LYS B 394 -19.83 47.53 55.58
C LYS B 394 -20.06 48.17 54.20
N SER B 395 -19.19 47.81 53.26
CA SER B 395 -19.24 48.37 51.91
C SER B 395 -19.31 47.32 50.81
N VAL B 396 -19.80 47.75 49.64
CA VAL B 396 -19.87 46.92 48.42
C VAL B 396 -19.37 47.78 47.27
N ILE B 397 -18.61 47.19 46.35
CA ILE B 397 -18.08 47.91 45.20
C ILE B 397 -18.95 47.55 44.01
N LEU B 398 -19.52 48.56 43.34
CA LEU B 398 -20.36 48.35 42.16
C LEU B 398 -19.59 48.80 40.91
N LEU B 399 -19.60 47.98 39.86
CA LEU B 399 -18.91 48.32 38.61
C LEU B 399 -19.86 49.01 37.64
N CYS B 400 -19.41 50.17 37.17
CA CYS B 400 -20.15 51.09 36.28
C CYS B 400 -21.68 51.13 36.44
N LYS B 401 -22.09 51.49 37.65
CA LYS B 401 -23.49 51.67 38.01
C LYS B 401 -24.41 50.57 37.54
N GLY B 402 -23.97 49.32 37.63
CA GLY B 402 -24.79 48.18 37.23
C GLY B 402 -25.08 48.00 35.76
N ARG B 403 -24.31 48.67 34.90
CA ARG B 403 -24.50 48.56 33.46
C ARG B 403 -23.45 47.64 32.89
N LEU B 404 -23.68 47.13 31.69
CA LEU B 404 -22.75 46.20 30.99
C LEU B 404 -21.28 46.38 31.36
N VAL B 405 -20.73 45.53 32.22
CA VAL B 405 -19.30 45.76 32.58
C VAL B 405 -18.34 45.48 31.47
N ASN B 406 -18.66 44.54 30.60
CA ASN B 406 -17.70 44.25 29.54
C ASN B 406 -17.50 45.44 28.61
N LEU B 407 -18.53 46.26 28.43
CA LEU B 407 -18.50 47.46 27.59
C LEU B 407 -18.27 48.75 28.37
N GLY B 408 -18.65 48.74 29.65
CA GLY B 408 -18.50 49.90 30.51
C GLY B 408 -17.08 50.06 31.07
N CYS B 409 -16.50 48.97 31.56
CA CYS B 409 -15.15 48.97 32.14
C CYS B 409 -14.08 48.51 31.18
N ALA B 410 -14.50 47.97 30.03
CA ALA B 410 -13.56 47.50 29.00
C ALA B 410 -14.11 47.85 27.62
N THR B 411 -13.63 47.17 26.58
CA THR B 411 -14.01 47.49 25.20
C THR B 411 -14.94 46.51 24.51
N GLY B 412 -15.64 45.69 25.29
CA GLY B 412 -16.57 44.72 24.74
C GLY B 412 -15.88 43.56 24.08
N HIS B 413 -16.65 42.81 23.28
CA HIS B 413 -16.13 41.64 22.60
C HIS B 413 -15.08 42.05 21.59
N PRO B 414 -14.15 41.13 21.29
CA PRO B 414 -13.12 41.41 20.32
C PRO B 414 -13.65 41.33 18.87
N PRO B 415 -12.88 41.81 17.89
CA PRO B 415 -13.29 41.86 16.49
C PRO B 415 -13.79 40.58 15.84
N LEU B 416 -13.08 39.47 16.01
CA LEU B 416 -13.48 38.21 15.37
C LEU B 416 -14.93 37.84 15.59
N VAL B 417 -15.36 37.85 16.82
CA VAL B 417 -16.72 37.43 17.12
C VAL B 417 -17.76 38.50 16.75
N MET B 418 -17.38 39.77 16.80
CA MET B 418 -18.31 40.84 16.40
C MET B 418 -18.49 40.87 14.89
N SER B 419 -17.48 40.39 14.16
CA SER B 419 -17.57 40.31 12.71
C SER B 419 -18.64 39.29 12.34
N MET B 420 -18.72 38.22 13.12
CA MET B 420 -19.73 37.21 12.88
C MET B 420 -21.11 37.78 13.18
N SER B 421 -21.23 38.52 14.29
CA SER B 421 -22.51 39.11 14.63
C SER B 421 -22.90 40.18 13.61
N PHE B 422 -21.91 40.97 13.18
CA PHE B 422 -22.19 42.06 12.25
C PHE B 422 -22.36 41.64 10.79
N THR B 423 -21.80 40.49 10.42
CA THR B 423 -22.00 39.98 9.07
C THR B 423 -23.49 39.62 8.99
N ASN B 424 -24.04 39.07 10.08
CA ASN B 424 -25.47 38.76 10.13
C ASN B 424 -26.30 40.03 10.01
N GLN B 425 -25.85 41.10 10.68
CA GLN B 425 -26.54 42.38 10.62
C GLN B 425 -26.64 42.92 9.20
N VAL B 426 -25.51 42.95 8.49
CA VAL B 426 -25.51 43.46 7.12
C VAL B 426 -26.45 42.62 6.25
N LEU B 427 -26.39 41.30 6.40
CA LEU B 427 -27.24 40.41 5.61
C LEU B 427 -28.71 40.64 5.93
N ALA B 428 -29.00 40.97 7.19
CA ALA B 428 -30.38 41.25 7.62
C ALA B 428 -30.85 42.57 7.01
N GLN B 429 -29.98 43.58 7.03
CA GLN B 429 -30.30 44.89 6.45
C GLN B 429 -30.55 44.75 4.94
N MET B 430 -29.72 43.95 4.26
CA MET B 430 -29.90 43.73 2.82
C MET B 430 -31.20 43.01 2.52
N ASP B 431 -31.59 42.09 3.40
CA ASP B 431 -32.83 41.33 3.24
C ASP B 431 -34.04 42.25 3.37
N LEU B 432 -34.07 43.03 4.45
CA LEU B 432 -35.17 43.98 4.70
C LEU B 432 -35.35 45.00 3.59
N TRP B 433 -34.22 45.51 3.09
CA TRP B 433 -34.19 46.51 2.01
C TRP B 433 -34.65 45.91 0.69
N LYS B 434 -34.22 44.67 0.39
CA LYS B 434 -34.60 43.95 -0.85
C LYS B 434 -36.11 43.60 -0.87
N SER B 435 -36.73 43.45 0.33
CA SER B 435 -38.20 43.16 0.49
C SER B 435 -39.08 44.46 0.57
N ARG B 436 -38.51 45.67 0.53
CA ARG B 436 -39.30 46.95 0.53
C ARG B 436 -40.70 46.92 -0.06
N GLU B 437 -40.77 46.53 -1.33
CA GLU B 437 -42.01 46.50 -2.12
C GLU B 437 -43.17 45.71 -1.50
N LEU B 438 -42.84 44.63 -0.80
CA LEU B 438 -43.85 43.80 -0.12
C LEU B 438 -44.44 44.45 1.14
N VAL B 439 -43.80 45.49 1.69
CA VAL B 439 -44.30 46.20 2.88
C VAL B 439 -45.34 47.23 2.42
N ASP B 440 -46.60 46.81 2.38
CA ASP B 440 -47.68 47.69 1.92
C ASP B 440 -48.52 48.09 3.14
N ARG B 441 -48.42 49.37 3.51
CA ARG B 441 -49.13 49.91 4.67
C ARG B 441 -50.56 50.38 4.43
N SER B 442 -50.99 50.41 3.16
CA SER B 442 -52.37 50.78 2.83
C SER B 442 -53.32 49.63 3.25
N LYS B 443 -52.74 48.46 3.54
CA LYS B 443 -53.48 47.25 3.93
C LYS B 443 -52.92 46.41 5.12
N ASN B 444 -51.62 46.09 5.03
CA ASN B 444 -50.92 45.21 6.00
C ASN B 444 -50.40 45.88 7.24
N THR B 445 -51.23 45.90 8.27
CA THR B 445 -50.91 46.51 9.56
C THR B 445 -50.25 45.53 10.57
N ARG B 446 -50.11 44.25 10.19
CA ARG B 446 -49.57 43.16 11.01
C ARG B 446 -48.13 42.73 10.61
N PHE B 447 -47.09 43.01 11.41
CA PHE B 447 -45.73 42.56 11.02
C PHE B 447 -45.21 41.50 11.98
N PHE B 448 -44.31 40.66 11.49
CA PHE B 448 -43.74 39.58 12.27
C PHE B 448 -42.20 39.66 12.38
N VAL B 449 -41.64 38.80 13.23
CA VAL B 449 -40.19 38.69 13.46
C VAL B 449 -39.73 37.41 12.79
N LYS B 450 -38.70 37.47 11.95
CA LYS B 450 -38.21 36.26 11.31
C LYS B 450 -36.70 36.20 11.56
N LYS B 451 -36.10 35.06 11.20
CA LYS B 451 -34.67 34.85 11.33
C LYS B 451 -34.05 34.60 9.97
N LEU B 452 -32.72 34.69 9.90
CA LEU B 452 -32.02 34.44 8.66
C LEU B 452 -31.96 32.94 8.46
N SER B 453 -31.79 32.52 7.22
CA SER B 453 -31.78 31.10 6.90
C SER B 453 -30.51 30.44 7.37
N LYS B 454 -30.54 29.11 7.45
CA LYS B 454 -29.39 28.34 7.85
C LYS B 454 -28.32 28.41 6.75
N GLU B 455 -28.75 28.51 5.49
CA GLU B 455 -27.81 28.67 4.38
C GLU B 455 -26.89 29.86 4.65
N LEU B 456 -27.48 31.00 5.04
CA LEU B 456 -26.70 32.22 5.33
C LEU B 456 -25.90 32.11 6.62
N ASP B 457 -26.44 31.38 7.57
CA ASP B 457 -25.80 31.18 8.85
C ASP B 457 -24.47 30.41 8.64
N GLU B 458 -24.50 29.38 7.80
CA GLU B 458 -23.30 28.63 7.45
C GLU B 458 -22.34 29.49 6.61
N TYR B 459 -22.90 30.33 5.74
CA TYR B 459 -22.09 31.24 4.92
C TYR B 459 -21.25 32.15 5.82
N VAL B 460 -21.87 32.71 6.86
CA VAL B 460 -21.14 33.57 7.79
C VAL B 460 -19.95 32.83 8.38
N ALA B 461 -20.16 31.58 8.77
CA ALA B 461 -19.09 30.77 9.32
C ALA B 461 -17.97 30.53 8.30
N ARG B 462 -18.33 30.21 7.04
CA ARG B 462 -17.31 29.98 6.00
C ARG B 462 -16.39 31.16 5.82
N LEU B 463 -16.97 32.36 5.82
CA LEU B 463 -16.19 33.59 5.67
C LEU B 463 -15.10 33.81 6.73
N HIS B 464 -15.22 33.19 7.90
CA HIS B 464 -14.24 33.36 8.97
C HIS B 464 -13.31 32.15 9.22
N LEU B 465 -13.41 31.10 8.41
CA LEU B 465 -12.54 29.93 8.60
C LEU B 465 -11.05 30.24 8.41
N ASP B 466 -10.69 31.05 7.40
CA ASP B 466 -9.27 31.37 7.15
C ASP B 466 -8.59 32.20 8.25
N VAL B 467 -9.38 32.93 9.02
CA VAL B 467 -8.83 33.72 10.12
C VAL B 467 -8.04 32.81 11.06
N LEU B 468 -8.59 31.62 11.35
CA LEU B 468 -7.93 30.69 12.27
C LEU B 468 -7.30 29.47 11.61
N GLY B 469 -7.13 29.50 10.30
CA GLY B 469 -6.48 28.38 9.59
C GLY B 469 -7.25 27.07 9.64
N ILE B 470 -8.56 27.14 9.70
CA ILE B 470 -9.41 25.97 9.73
C ILE B 470 -9.49 25.36 8.34
N LYS B 471 -9.43 24.03 8.28
CA LYS B 471 -9.50 23.33 7.01
C LYS B 471 -10.73 22.42 7.02
N LEU B 472 -11.74 22.78 6.23
CA LEU B 472 -12.94 21.94 6.11
C LEU B 472 -12.77 20.72 5.23
N THR B 473 -13.44 19.66 5.64
CA THR B 473 -13.48 18.43 4.92
C THR B 473 -14.68 18.57 4.00
N LYS B 474 -14.60 17.93 2.84
CA LYS B 474 -15.68 18.00 1.87
C LYS B 474 -16.27 16.61 1.70
N LEU B 475 -17.60 16.52 1.75
CA LEU B 475 -18.30 15.26 1.59
C LEU B 475 -18.19 14.71 0.18
N THR B 476 -18.16 13.39 0.05
CA THR B 476 -18.14 12.75 -1.25
C THR B 476 -19.60 12.61 -1.66
N GLU B 477 -19.88 12.28 -2.92
CA GLU B 477 -21.27 12.09 -3.34
C GLU B 477 -21.97 11.05 -2.48
N THR B 478 -21.31 9.93 -2.23
CA THR B 478 -21.88 8.83 -1.44
C THR B 478 -22.18 9.24 -0.01
N GLN B 479 -21.25 9.98 0.59
CA GLN B 479 -21.40 10.43 1.98
C GLN B 479 -22.55 11.38 2.12
N ALA B 480 -22.66 12.32 1.20
CA ALA B 480 -23.74 13.29 1.20
C ALA B 480 -25.09 12.58 1.09
N LYS B 481 -25.16 11.57 0.25
CA LYS B 481 -26.39 10.82 0.07
C LYS B 481 -26.71 10.00 1.33
N TYR B 482 -25.69 9.37 1.91
CA TYR B 482 -25.86 8.54 3.12
C TYR B 482 -26.48 9.32 4.28
N ILE B 483 -25.95 10.52 4.56
CA ILE B 483 -26.49 11.36 5.65
C ILE B 483 -27.60 12.31 5.18
N ASN B 484 -27.95 12.22 3.90
CA ASN B 484 -29.08 12.95 3.29
C ASN B 484 -28.99 14.48 3.38
N VAL B 485 -27.95 15.02 2.77
CA VAL B 485 -27.68 16.45 2.74
C VAL B 485 -26.96 16.76 1.44
N SER B 486 -26.98 18.02 1.07
CA SER B 486 -26.28 18.46 -0.11
C SER B 486 -24.80 18.64 0.24
N ILE B 487 -23.92 18.43 -0.72
CA ILE B 487 -22.48 18.61 -0.49
C ILE B 487 -22.19 20.04 0.03
N ASN B 488 -22.95 21.01 -0.44
CA ASN B 488 -22.77 22.42 -0.06
C ASN B 488 -23.65 22.88 1.10
N GLY B 489 -24.34 21.95 1.73
CA GLY B 489 -25.20 22.25 2.85
C GLY B 489 -26.58 22.75 2.45
N PRO B 490 -27.42 23.09 3.42
CA PRO B 490 -27.11 23.04 4.86
C PRO B 490 -26.92 21.60 5.38
N TYR B 491 -26.13 21.47 6.44
CA TYR B 491 -25.78 20.17 6.99
C TYR B 491 -26.62 19.66 8.17
N LYS B 492 -27.41 20.54 8.80
CA LYS B 492 -28.25 20.14 9.92
C LYS B 492 -29.70 20.58 9.76
N SER B 493 -30.57 19.93 10.52
CA SER B 493 -31.99 20.25 10.58
C SER B 493 -32.21 21.59 11.25
N GLU B 494 -33.37 22.19 11.02
CA GLU B 494 -33.69 23.49 11.63
C GLU B 494 -33.73 23.47 13.15
N ASP B 495 -34.08 22.32 13.73
CA ASP B 495 -34.17 22.18 15.19
C ASP B 495 -32.83 21.83 15.88
N TYR B 496 -31.77 21.57 15.12
CA TYR B 496 -30.45 21.23 15.65
C TYR B 496 -29.90 22.33 16.57
N ARG B 497 -29.39 21.93 17.72
CA ARG B 497 -28.90 22.87 18.74
C ARG B 497 -27.40 23.15 18.82
N TYR B 498 -26.60 22.50 17.98
CA TYR B 498 -25.16 22.72 17.98
C TYR B 498 -24.52 22.57 19.36
N LYS C 5 18.76 64.89 46.56
CA LYS C 5 17.33 65.32 46.61
C LYS C 5 16.67 64.87 47.93
N MET C 6 16.23 65.81 48.78
CA MET C 6 15.50 65.42 49.99
C MET C 6 13.95 65.27 49.77
N GLU C 7 13.39 65.86 48.70
N GLU C 7 13.38 65.91 48.73
CA GLU C 7 11.97 65.75 48.36
CA GLU C 7 11.93 65.76 48.40
C GLU C 7 11.79 64.79 47.20
C GLU C 7 11.77 64.81 47.19
N SER C 8 10.59 64.23 47.07
CA SER C 8 10.27 63.27 46.02
C SER C 8 10.08 63.84 44.63
N ARG C 9 10.24 62.97 43.62
CA ARG C 9 9.98 63.28 42.20
C ARG C 9 8.92 62.27 41.69
N ILE C 10 7.68 62.76 41.51
CA ILE C 10 6.56 61.93 41.01
C ILE C 10 5.77 62.71 39.98
N LYS C 11 4.80 62.07 39.34
CA LYS C 11 4.03 62.75 38.30
C LYS C 11 3.00 63.75 38.83
N ASP C 12 2.15 63.31 39.76
CA ASP C 12 1.06 64.17 40.23
C ASP C 12 0.60 63.81 41.65
N ILE C 13 0.83 64.73 42.57
CA ILE C 13 0.46 64.57 43.98
C ILE C 13 -1.05 64.50 44.22
N SER C 14 -1.85 65.15 43.36
CA SER C 14 -3.32 65.14 43.51
C SER C 14 -3.96 63.74 43.31
N LEU C 15 -3.23 62.80 42.70
CA LEU C 15 -3.73 61.44 42.50
C LEU C 15 -3.67 60.62 43.80
N ALA C 16 -3.11 61.22 44.85
CA ALA C 16 -2.94 60.55 46.15
C ALA C 16 -4.21 59.98 46.75
N GLU C 17 -5.32 60.69 46.59
CA GLU C 17 -6.57 60.21 47.16
C GLU C 17 -7.02 58.87 46.57
N PHE C 18 -6.93 58.74 45.24
CA PHE C 18 -7.28 57.48 44.57
C PHE C 18 -6.34 56.34 44.99
N GLY C 19 -5.08 56.67 45.28
CA GLY C 19 -4.10 55.67 45.69
C GLY C 19 -4.40 55.08 47.06
N LEU C 20 -4.80 55.95 47.99
CA LEU C 20 -5.15 55.52 49.35
C LEU C 20 -6.41 54.65 49.34
N GLN C 21 -7.33 54.89 48.40
CA GLN C 21 -8.54 54.11 48.27
C GLN C 21 -8.20 52.70 47.83
N ASP C 22 -7.40 52.60 46.76
CA ASP C 22 -6.96 51.30 46.25
C ASP C 22 -6.14 50.54 47.30
N MET C 23 -5.32 51.26 48.06
CA MET C 23 -4.53 50.62 49.11
C MET C 23 -5.43 49.93 50.11
N GLU C 24 -6.49 50.61 50.54
CA GLU C 24 -7.41 50.01 51.54
C GLU C 24 -8.16 48.81 51.00
N ILE C 25 -8.54 48.86 49.74
CA ILE C 25 -9.26 47.76 49.10
C ILE C 25 -8.30 46.59 48.94
N ALA C 26 -7.10 46.87 48.46
CA ALA C 26 -6.07 45.87 48.28
C ALA C 26 -5.78 45.11 49.58
N LYS C 27 -5.76 45.82 50.70
CA LYS C 27 -5.47 45.21 52.00
C LYS C 27 -6.43 44.13 52.43
N THR C 28 -7.63 44.12 51.86
CA THR C 28 -8.61 43.08 52.21
C THR C 28 -8.01 41.69 51.93
N ASP C 29 -7.29 41.59 50.81
CA ASP C 29 -6.63 40.34 50.41
C ASP C 29 -5.18 40.20 50.82
N MET C 30 -4.49 41.30 51.12
CA MET C 30 -3.06 41.22 51.50
C MET C 30 -2.89 40.95 53.00
N MET C 31 -3.55 39.89 53.48
N MET C 31 -3.51 39.88 53.49
CA MET C 31 -3.55 39.56 54.91
CA MET C 31 -3.49 39.57 54.91
C MET C 31 -2.18 39.30 55.53
C MET C 31 -2.16 39.29 55.54
N GLY C 32 -1.20 38.90 54.73
CA GLY C 32 0.15 38.65 55.22
C GLY C 32 0.77 39.96 55.72
N LEU C 33 0.68 41.01 54.91
CA LEU C 33 1.23 42.30 55.29
C LEU C 33 0.44 42.93 56.43
N VAL C 34 -0.89 42.75 56.41
CA VAL C 34 -1.74 43.32 57.45
C VAL C 34 -1.40 42.69 58.79
N GLU C 35 -1.08 41.40 58.78
CA GLU C 35 -0.73 40.70 60.02
C GLU C 35 0.63 41.17 60.54
N LEU C 36 1.59 41.39 59.64
CA LEU C 36 2.90 41.85 60.08
C LEU C 36 2.78 43.23 60.69
N GLN C 37 1.93 44.09 60.13
CA GLN C 37 1.75 45.42 60.70
C GLN C 37 1.15 45.30 62.07
N ARG C 38 0.04 44.58 62.17
CA ARG C 38 -0.62 44.39 63.45
C ARG C 38 0.37 43.89 64.52
N LYS C 39 1.16 42.89 64.17
CA LYS C 39 2.07 42.24 65.10
C LYS C 39 3.32 43.01 65.50
N TYR C 40 3.96 43.67 64.54
CA TYR C 40 5.21 44.35 64.80
C TYR C 40 5.17 45.88 64.84
N ARG C 41 4.00 46.49 64.64
CA ARG C 41 3.87 47.95 64.67
C ARG C 41 4.32 48.64 65.96
N ASP C 42 4.20 47.93 67.09
CA ASP C 42 4.60 48.46 68.38
C ASP C 42 6.07 48.23 68.73
N SER C 43 6.57 47.03 68.48
CA SER C 43 7.98 46.68 68.81
C SER C 43 9.00 47.27 67.83
N LYS C 44 8.56 47.68 66.64
CA LYS C 44 9.44 48.28 65.63
C LYS C 44 10.75 47.52 65.40
N PRO C 45 10.68 46.25 64.92
CA PRO C 45 11.90 45.46 64.70
C PRO C 45 12.90 46.09 63.72
N LEU C 46 12.44 46.98 62.83
CA LEU C 46 13.31 47.64 61.85
C LEU C 46 13.62 49.09 62.22
N LYS C 47 13.50 49.46 63.49
CA LYS C 47 13.75 50.85 63.88
C LYS C 47 15.20 51.24 63.61
N GLY C 48 15.37 52.39 62.98
CA GLY C 48 16.69 52.93 62.65
C GLY C 48 17.28 52.45 61.33
N ALA C 49 16.60 51.53 60.66
CA ALA C 49 17.09 51.02 59.40
C ALA C 49 16.74 51.94 58.24
N ARG C 50 17.70 52.11 57.32
CA ARG C 50 17.52 52.91 56.11
C ARG C 50 17.38 51.91 54.97
N ILE C 51 16.22 51.90 54.34
CA ILE C 51 15.94 50.94 53.27
C ILE C 51 15.70 51.63 51.93
N THR C 52 16.46 51.22 50.91
CA THR C 52 16.29 51.70 49.55
C THR C 52 15.66 50.55 48.77
N GLY C 53 14.62 50.84 48.00
CA GLY C 53 13.93 49.82 47.20
C GLY C 53 13.89 50.15 45.72
N SER C 54 14.16 49.14 44.91
CA SER C 54 14.12 49.24 43.44
C SER C 54 13.13 48.16 43.02
N LEU C 55 11.84 48.50 43.02
CA LEU C 55 10.80 47.53 42.71
C LEU C 55 9.52 48.22 42.23
N HIS C 56 8.94 47.67 41.16
CA HIS C 56 7.71 48.22 40.51
C HIS C 56 6.80 48.92 41.51
N LEU C 57 6.63 50.23 41.36
CA LEU C 57 5.83 50.98 42.34
C LEU C 57 4.33 50.95 42.01
N THR C 58 3.72 49.84 42.39
CA THR C 58 2.30 49.59 42.19
C THR C 58 1.58 49.75 43.52
N ILE C 59 0.26 49.63 43.48
CA ILE C 59 -0.55 49.71 44.70
C ILE C 59 -0.09 48.64 45.68
N GLU C 60 0.16 47.43 45.18
CA GLU C 60 0.63 46.32 46.00
C GLU C 60 1.96 46.67 46.68
N THR C 61 2.86 47.31 45.95
CA THR C 61 4.16 47.74 46.48
C THR C 61 3.98 48.81 47.56
N SER C 62 2.96 49.65 47.42
CA SER C 62 2.70 50.69 48.41
C SER C 62 2.40 50.09 49.77
N VAL C 63 1.72 48.95 49.78
CA VAL C 63 1.38 48.26 51.02
C VAL C 63 2.66 47.64 51.62
N LEU C 64 3.58 47.20 50.76
CA LEU C 64 4.88 46.69 51.23
C LEU C 64 5.65 47.83 51.90
N VAL C 65 5.78 48.95 51.21
CA VAL C 65 6.46 50.14 51.73
C VAL C 65 5.81 50.60 53.03
N GLU C 66 4.49 50.58 53.08
CA GLU C 66 3.77 50.97 54.30
C GLU C 66 4.11 50.01 55.44
N THR C 67 4.20 48.72 55.14
CA THR C 67 4.52 47.72 56.16
C THR C 67 5.92 47.96 56.72
N LEU C 68 6.90 48.20 55.85
CA LEU C 68 8.28 48.49 56.29
C LEU C 68 8.31 49.74 57.16
N TYR C 69 7.52 50.75 56.79
CA TYR C 69 7.45 52.01 57.55
C TYR C 69 6.84 51.78 58.93
N GLU C 70 5.71 51.08 58.99
CA GLU C 70 5.06 50.78 60.28
C GLU C 70 5.98 49.98 61.19
N LEU C 71 6.97 49.27 60.61
CA LEU C 71 7.92 48.50 61.43
C LEU C 71 9.15 49.33 61.83
N GLY C 72 9.14 50.63 61.55
CA GLY C 72 10.20 51.56 61.98
C GLY C 72 11.27 52.00 61.01
N ALA C 73 11.23 51.52 59.79
CA ALA C 73 12.26 51.90 58.83
C ALA C 73 11.99 53.23 58.13
N GLU C 74 13.08 53.88 57.70
CA GLU C 74 13.02 55.10 56.85
C GLU C 74 13.17 54.53 55.46
N ILE C 75 12.37 55.02 54.51
CA ILE C 75 12.37 54.46 53.17
C ILE C 75 12.63 55.46 52.03
N ARG C 76 13.36 55.00 51.01
CA ARG C 76 13.62 55.75 49.76
C ARG C 76 13.31 54.72 48.70
N TRP C 77 12.52 55.09 47.69
CA TRP C 77 12.09 54.09 46.70
C TRP C 77 12.05 54.56 45.26
N CYS C 78 12.28 53.61 44.35
CA CYS C 78 12.23 53.86 42.92
C CYS C 78 11.69 52.60 42.27
N SER C 79 11.23 52.72 41.05
CA SER C 79 10.66 51.58 40.33
C SER C 79 11.79 50.83 39.64
N CYS C 80 11.56 49.57 39.30
CA CYS C 80 12.60 48.76 38.60
C CYS C 80 12.29 48.56 37.11
N ASN C 81 11.41 49.40 36.56
CA ASN C 81 11.02 49.36 35.15
C ASN C 81 10.39 50.72 34.77
N ILE C 82 10.76 51.25 33.62
CA ILE C 82 10.25 52.53 33.17
C ILE C 82 8.72 52.64 32.94
N TYR C 83 8.02 51.51 32.72
CA TYR C 83 6.58 51.53 32.48
C TYR C 83 5.69 50.98 33.61
N SER C 84 6.28 50.33 34.61
CA SER C 84 5.48 49.70 35.67
C SER C 84 4.86 50.55 36.78
N THR C 85 5.41 51.73 37.04
CA THR C 85 4.88 52.60 38.10
C THR C 85 3.41 53.00 37.88
N GLN C 86 2.66 53.04 38.97
CA GLN C 86 1.27 53.48 38.97
C GLN C 86 1.35 54.80 39.69
N ASP C 87 1.15 55.90 38.95
CA ASP C 87 1.29 57.26 39.51
C ASP C 87 0.46 57.53 40.76
N HIS C 88 -0.73 56.94 40.85
CA HIS C 88 -1.57 57.15 42.05
C HIS C 88 -1.00 56.47 43.29
N ALA C 89 -0.31 55.35 43.09
CA ALA C 89 0.35 54.61 44.17
C ALA C 89 1.54 55.40 44.72
N ALA C 90 2.31 55.98 43.81
CA ALA C 90 3.47 56.79 44.18
C ALA C 90 3.03 58.03 44.94
N ALA C 91 1.95 58.64 44.47
CA ALA C 91 1.43 59.84 45.11
C ALA C 91 0.97 59.55 46.54
N ALA C 92 0.37 58.38 46.75
CA ALA C 92 -0.12 57.99 48.08
C ALA C 92 1.02 57.91 49.09
N LEU C 93 2.17 57.39 48.67
CA LEU C 93 3.31 57.27 49.56
C LEU C 93 3.86 58.63 49.96
N VAL C 94 4.00 59.56 49.00
CA VAL C 94 4.54 60.87 49.37
C VAL C 94 3.51 61.68 50.15
N LYS C 95 2.22 61.46 49.89
CA LYS C 95 1.17 62.22 50.59
C LYS C 95 1.21 61.96 52.08
N LYS C 96 1.45 60.71 52.48
CA LYS C 96 1.50 60.35 53.89
C LYS C 96 2.90 60.33 54.50
N ASN C 97 3.92 60.79 53.77
CA ASN C 97 5.31 60.79 54.29
C ASN C 97 5.83 59.43 54.75
N ILE C 98 5.39 58.39 54.05
CA ILE C 98 5.84 57.03 54.36
C ILE C 98 7.27 56.89 53.80
N ALA C 99 7.49 57.45 52.62
CA ALA C 99 8.77 57.33 51.93
C ALA C 99 9.07 58.51 51.00
N THR C 100 10.30 58.54 50.53
CA THR C 100 10.76 59.53 49.57
C THR C 100 10.82 58.71 48.28
N VAL C 101 10.04 59.13 47.30
CA VAL C 101 9.90 58.39 46.05
C VAL C 101 10.46 59.09 44.82
N PHE C 102 11.07 58.29 43.94
CA PHE C 102 11.60 58.77 42.66
C PHE C 102 11.04 57.81 41.61
N ALA C 103 9.80 58.05 41.16
CA ALA C 103 9.17 57.18 40.19
C ALA C 103 7.91 57.74 39.56
N TRP C 104 7.77 57.46 38.27
CA TRP C 104 6.60 57.86 37.49
C TRP C 104 6.47 56.90 36.31
N LYS C 105 5.26 56.76 35.79
CA LYS C 105 5.02 55.88 34.64
C LYS C 105 5.59 56.56 33.39
N ASN C 106 6.22 55.78 32.51
CA ASN C 106 6.80 56.26 31.26
C ASN C 106 8.03 57.15 31.45
N GLU C 107 8.99 56.62 32.20
CA GLU C 107 10.26 57.30 32.44
C GLU C 107 11.10 57.09 31.20
N THR C 108 12.10 57.93 31.00
CA THR C 108 13.06 57.74 29.93
C THR C 108 14.11 56.84 30.58
N ILE C 109 14.87 56.11 29.77
CA ILE C 109 15.93 55.25 30.34
C ILE C 109 16.95 56.09 31.12
N GLU C 110 17.18 57.33 30.67
CA GLU C 110 18.10 58.24 31.36
C GLU C 110 17.61 58.54 32.78
N ASP C 111 16.34 58.93 32.88
CA ASP C 111 15.70 59.25 34.17
C ASP C 111 15.59 58.05 35.10
N TYR C 112 15.45 56.86 34.52
CA TYR C 112 15.37 55.62 35.32
C TYR C 112 16.60 55.47 36.22
N TRP C 113 17.79 55.64 35.64
CA TRP C 113 19.05 55.51 36.39
C TRP C 113 19.31 56.68 37.33
N VAL C 114 18.78 57.86 37.02
CA VAL C 114 18.95 59.02 37.90
C VAL C 114 18.08 58.78 39.15
N CYS C 115 16.88 58.23 38.94
CA CYS C 115 15.95 57.91 40.04
C CYS C 115 16.55 56.85 40.95
N LEU C 116 17.11 55.80 40.35
CA LEU C 116 17.74 54.73 41.12
C LEU C 116 18.91 55.27 41.95
N ASN C 117 19.73 56.13 41.35
CA ASN C 117 20.85 56.72 42.04
C ASN C 117 20.38 57.63 43.18
N ASP C 118 19.29 58.37 42.95
CA ASP C 118 18.71 59.25 43.97
C ASP C 118 18.22 58.43 45.15
N ALA C 119 17.53 57.34 44.85
CA ALA C 119 17.03 56.43 45.88
C ALA C 119 18.16 55.86 46.73
N MET C 120 19.31 55.61 46.10
CA MET C 120 20.48 55.07 46.81
C MET C 120 21.17 56.14 47.69
N THR C 121 20.90 57.43 47.42
CA THR C 121 21.54 58.53 48.19
C THR C 121 20.80 58.93 49.48
N TRP C 122 21.51 58.88 50.60
CA TRP C 122 20.94 59.26 51.89
C TRP C 122 21.77 60.38 52.53
N ARG C 123 21.13 61.15 53.40
CA ARG C 123 21.80 62.26 54.06
C ARG C 123 22.12 61.97 55.52
N ASN C 124 23.09 62.77 56.02
CA ASN C 124 23.60 62.74 57.40
C ASN C 124 22.54 63.10 58.47
N ILE C 131 27.17 62.59 52.82
CA ILE C 131 26.40 61.56 52.10
C ILE C 131 26.76 60.16 52.62
N CYS C 132 25.77 59.26 52.59
CA CYS C 132 25.95 57.86 52.98
C CYS C 132 24.94 57.04 52.16
N GLY C 133 24.91 55.73 52.37
CA GLY C 133 24.00 54.85 51.64
C GLY C 133 22.96 54.19 52.53
N PRO C 134 22.25 53.21 51.99
CA PRO C 134 21.26 52.50 52.78
C PRO C 134 21.89 51.38 53.60
N ASN C 135 21.10 50.87 54.54
CA ASN C 135 21.49 49.75 55.39
C ASN C 135 21.03 48.46 54.74
N LEU C 136 19.86 48.52 54.12
CA LEU C 136 19.24 47.37 53.45
C LEU C 136 18.71 47.77 52.08
N ILE C 137 18.60 46.79 51.19
CA ILE C 137 18.11 47.00 49.85
C ILE C 137 17.03 45.96 49.48
N VAL C 138 15.91 46.42 48.93
CA VAL C 138 14.85 45.56 48.43
C VAL C 138 15.00 45.69 46.93
N ASP C 139 15.37 44.61 46.26
CA ASP C 139 15.65 44.67 44.85
C ASP C 139 14.82 43.67 44.04
N ASP C 140 14.50 44.06 42.81
CA ASP C 140 13.73 43.24 41.88
C ASP C 140 14.35 43.41 40.50
N GLY C 141 15.17 42.43 40.10
CA GLY C 141 15.85 42.48 38.81
C GLY C 141 17.34 42.67 38.95
N GLY C 142 17.77 43.13 40.13
CA GLY C 142 19.18 43.29 40.42
C GLY C 142 19.85 44.60 40.02
N ASP C 143 19.07 45.59 39.55
CA ASP C 143 19.63 46.91 39.15
C ASP C 143 20.25 47.71 40.32
N ALA C 144 19.63 47.66 41.50
CA ALA C 144 20.18 48.38 42.67
C ALA C 144 21.47 47.71 43.09
N THR C 145 21.48 46.39 43.04
CA THR C 145 22.66 45.61 43.37
C THR C 145 23.75 45.84 42.33
N LEU C 146 23.35 46.00 41.07
CA LEU C 146 24.31 46.21 39.98
C LEU C 146 24.99 47.57 40.08
N ILE C 147 24.23 48.63 40.26
CA ILE C 147 24.83 49.97 40.34
C ILE C 147 25.82 50.05 41.50
N LEU C 148 25.56 49.31 42.58
CA LEU C 148 26.46 49.29 43.73
C LEU C 148 27.78 48.62 43.39
N HIS C 149 27.71 47.41 42.83
CA HIS C 149 28.91 46.67 42.45
C HIS C 149 29.75 47.31 41.34
N GLU C 150 29.06 47.88 40.35
CA GLU C 150 29.72 48.55 39.22
C GLU C 150 30.30 49.88 39.66
N GLY C 151 29.70 50.47 40.69
CA GLY C 151 30.16 51.73 41.25
C GLY C 151 31.47 51.49 41.98
N VAL C 152 31.54 50.38 42.72
CA VAL C 152 32.77 49.99 43.44
C VAL C 152 33.86 49.69 42.42
N LYS C 153 33.55 48.93 41.36
CA LYS C 153 34.52 48.64 40.30
C LYS C 153 35.08 49.91 39.67
N ALA C 154 34.18 50.84 39.35
CA ALA C 154 34.53 52.12 38.75
C ALA C 154 35.46 52.95 39.65
N GLU C 155 35.25 52.88 40.96
CA GLU C 155 36.11 53.61 41.90
C GLU C 155 37.50 52.96 42.01
N ILE C 156 37.57 51.62 41.94
CA ILE C 156 38.86 50.91 41.95
C ILE C 156 39.68 51.30 40.71
N GLU C 157 39.03 51.26 39.55
CA GLU C 157 39.65 51.60 38.27
C GLU C 157 40.02 53.10 38.19
N TYR C 158 39.29 53.93 38.93
CA TYR C 158 39.55 55.37 38.95
C TYR C 158 40.84 55.62 39.70
N GLU C 159 41.00 55.07 40.90
CA GLU C 159 42.23 55.26 41.69
C GLU C 159 43.48 54.66 41.06
N LYS C 160 43.32 53.52 40.40
CA LYS C 160 44.44 52.82 39.76
C LYS C 160 45.18 53.71 38.74
N TYR C 161 44.45 54.26 37.78
CA TYR C 161 45.04 55.15 36.74
C TYR C 161 44.82 56.67 36.99
N ASN C 162 44.13 57.01 38.07
CA ASN C 162 43.83 58.40 38.46
C ASN C 162 43.12 59.24 37.36
N LYS C 163 42.19 58.59 36.66
CA LYS C 163 41.39 59.23 35.61
C LYS C 163 40.09 58.46 35.41
N ILE C 164 39.15 59.08 34.72
CA ILE C 164 37.87 58.43 34.43
C ILE C 164 38.16 57.22 33.54
N PRO C 165 37.76 56.01 33.98
CA PRO C 165 37.98 54.79 33.17
C PRO C 165 37.39 54.91 31.77
N GLU C 166 38.12 54.42 30.78
CA GLU C 166 37.68 54.53 29.39
C GLU C 166 36.44 53.70 29.04
N TYR C 167 36.15 52.63 29.78
CA TYR C 167 34.93 51.85 29.48
C TYR C 167 33.61 52.65 29.76
N LEU C 168 33.69 53.68 30.61
CA LEU C 168 32.54 54.53 30.96
C LEU C 168 32.27 55.66 29.94
N GLU C 169 33.31 56.08 29.21
CA GLU C 169 33.20 57.16 28.22
C GLU C 169 32.86 56.68 26.82
N THR C 170 33.25 55.44 26.47
CA THR C 170 32.98 54.85 25.15
C THR C 170 31.48 54.54 25.03
N GLU C 171 30.98 54.57 23.80
CA GLU C 171 29.60 54.30 23.50
C GLU C 171 29.48 52.88 22.87
N LEU C 172 30.60 52.15 22.86
CA LEU C 172 30.70 50.81 22.28
C LEU C 172 31.15 49.79 23.33
N ASP C 173 30.85 48.52 23.11
CA ASP C 173 31.26 47.45 24.03
C ASP C 173 32.63 46.91 23.60
N GLU C 174 33.06 45.80 24.19
CA GLU C 174 34.36 45.21 23.88
C GLU C 174 34.51 44.63 22.45
N ASN C 175 33.40 44.46 21.74
CA ASN C 175 33.41 43.88 20.37
C ASN C 175 32.99 44.85 19.25
N GLY C 176 32.87 46.14 19.54
CA GLY C 176 32.46 47.14 18.52
C GLY C 176 30.95 47.43 18.44
N LYS C 177 30.13 46.60 19.09
CA LYS C 177 28.66 46.78 19.13
C LYS C 177 28.20 47.89 20.08
N GLN C 178 27.06 48.51 19.77
CA GLN C 178 26.53 49.58 20.61
C GLN C 178 26.15 49.05 21.98
N LEU C 179 26.48 49.80 23.03
CA LEU C 179 26.12 49.41 24.38
C LEU C 179 24.61 49.59 24.50
N SER C 180 23.99 48.81 25.38
CA SER C 180 22.56 48.94 25.59
C SER C 180 22.30 50.29 26.22
N MET C 181 21.14 50.89 25.96
CA MET C 181 20.79 52.18 26.59
C MET C 181 20.91 52.12 28.10
N ASP C 182 20.52 51.02 28.72
CA ASP C 182 20.62 50.88 30.16
C ASP C 182 22.08 50.98 30.64
N LEU C 183 23.01 50.38 29.90
CA LEU C 183 24.44 50.49 30.28
C LEU C 183 24.99 51.91 30.08
N LYS C 184 24.64 52.57 28.98
CA LYS C 184 25.10 53.94 28.73
C LYS C 184 24.64 54.90 29.82
N CYS C 185 23.35 54.82 30.15
CA CYS C 185 22.74 55.70 31.15
C CYS C 185 23.21 55.45 32.58
N MET C 186 23.60 54.20 32.86
CA MET C 186 24.12 53.85 34.18
C MET C 186 25.54 54.40 34.28
N TYR C 187 26.33 54.13 33.24
CA TYR C 187 27.72 54.60 33.12
C TYR C 187 27.79 56.10 33.22
N LYS C 188 26.81 56.76 32.63
CA LYS C 188 26.73 58.21 32.67
C LYS C 188 26.55 58.70 34.12
N VAL C 189 25.74 57.99 34.89
CA VAL C 189 25.51 58.31 36.30
C VAL C 189 26.77 58.01 37.13
N LEU C 190 27.44 56.88 36.86
CA LEU C 190 28.64 56.50 37.61
C LEU C 190 29.74 57.49 37.35
N LYS C 191 29.79 58.03 36.14
CA LYS C 191 30.81 59.00 35.76
C LYS C 191 30.60 60.30 36.51
N MET C 192 29.34 60.75 36.58
CA MET C 192 29.03 61.99 37.29
C MET C 192 29.37 61.85 38.78
N GLU C 193 29.15 60.67 39.36
CA GLU C 193 29.46 60.41 40.77
C GLU C 193 30.96 60.29 41.06
N LEU C 194 31.77 59.92 40.07
CA LEU C 194 33.23 59.86 40.26
C LEU C 194 33.80 61.29 40.35
N LEU C 195 33.15 62.22 39.66
CA LEU C 195 33.56 63.63 39.67
C LEU C 195 33.15 64.30 40.99
N LYS C 196 32.04 63.89 41.59
CA LYS C 196 31.60 64.46 42.89
C LYS C 196 32.38 63.87 44.04
N ASN C 197 32.43 62.54 44.08
CA ASN C 197 33.09 61.82 45.16
C ASN C 197 33.52 60.41 44.74
N PRO C 198 34.84 60.17 44.54
CA PRO C 198 35.28 58.83 44.13
C PRO C 198 35.32 57.76 45.26
N PHE C 199 34.82 58.09 46.45
CA PHE C 199 34.75 57.12 47.58
C PHE C 199 33.28 56.87 47.97
N ARG C 200 32.34 57.38 47.19
CA ARG C 200 30.92 57.24 47.47
C ARG C 200 30.44 55.81 47.67
N TRP C 201 30.66 54.98 46.65
CA TRP C 201 30.17 53.59 46.66
C TRP C 201 30.85 52.70 47.71
N ARG C 202 32.17 52.80 47.82
CA ARG C 202 32.89 52.02 48.82
C ARG C 202 32.53 52.49 50.23
N GLY C 203 32.14 53.76 50.35
CA GLY C 203 31.71 54.34 51.62
C GLY C 203 30.42 53.70 52.12
N MET C 204 29.52 53.35 51.19
CA MET C 204 28.24 52.71 51.51
C MET C 204 28.39 51.31 52.06
N LEU C 205 29.46 50.62 51.67
CA LEU C 205 29.69 49.25 52.11
C LEU C 205 29.80 49.13 53.62
N LYS C 206 30.37 50.12 54.28
CA LYS C 206 30.51 50.04 55.73
C LYS C 206 29.18 49.73 56.42
N ASP C 207 28.11 50.41 55.99
CA ASP C 207 26.78 50.24 56.61
C ASP C 207 25.79 49.31 55.89
N LEU C 208 26.18 48.68 54.78
CA LEU C 208 25.27 47.74 54.08
C LEU C 208 25.21 46.38 54.75
N TYR C 209 24.01 45.96 55.14
CA TYR C 209 23.82 44.69 55.80
C TYR C 209 23.13 43.60 54.96
N GLY C 210 22.66 43.97 53.75
CA GLY C 210 22.05 42.98 52.84
C GLY C 210 21.02 43.42 51.80
N VAL C 211 20.68 42.47 50.91
CA VAL C 211 19.67 42.66 49.86
C VAL C 211 18.73 41.47 49.79
N SER C 212 17.46 41.76 49.53
CA SER C 212 16.42 40.77 49.31
C SER C 212 16.15 40.84 47.81
N GLU C 213 16.37 39.75 47.07
CA GLU C 213 16.10 39.74 45.62
C GLU C 213 14.77 39.03 45.31
N GLU C 214 13.91 39.74 44.57
CA GLU C 214 12.54 39.31 44.26
C GLU C 214 12.33 38.36 43.07
N THR C 215 13.13 38.45 42.02
CA THR C 215 12.86 37.66 40.82
C THR C 215 14.00 36.76 40.31
N THR C 216 13.61 35.78 39.51
CA THR C 216 14.51 34.77 38.95
C THR C 216 15.76 35.35 38.32
N THR C 217 15.57 36.33 37.46
CA THR C 217 16.69 36.97 36.75
C THR C 217 17.69 37.64 37.69
N GLY C 218 17.19 38.30 38.73
CA GLY C 218 18.07 38.97 39.69
C GLY C 218 18.87 37.98 40.52
N VAL C 219 18.24 36.84 40.83
CA VAL C 219 18.89 35.76 41.57
C VAL C 219 20.03 35.16 40.76
N LEU C 220 19.83 35.05 39.45
CA LEU C 220 20.86 34.53 38.57
C LEU C 220 22.09 35.42 38.66
N ARG C 221 21.88 36.74 38.66
CA ARG C 221 22.97 37.71 38.75
C ARG C 221 23.67 37.62 40.10
N LEU C 222 22.91 37.29 41.15
CA LEU C 222 23.50 37.13 42.49
C LEU C 222 24.36 35.88 42.59
N LYS C 223 23.88 34.78 42.02
CA LYS C 223 24.62 33.52 42.05
C LYS C 223 25.92 33.58 41.25
N ILE C 224 25.93 34.35 40.17
CA ILE C 224 27.15 34.53 39.37
C ILE C 224 28.19 35.27 40.23
N MET C 225 27.76 36.31 40.94
CA MET C 225 28.67 37.07 41.79
C MET C 225 29.18 36.22 42.96
N GLU C 226 28.35 35.30 43.43
CA GLU C 226 28.70 34.44 44.58
C GLU C 226 29.84 33.49 44.21
N SER C 227 29.68 32.83 43.05
CA SER C 227 30.69 31.92 42.53
C SER C 227 32.04 32.59 42.34
N GLU C 228 32.02 33.77 41.75
CA GLU C 228 33.24 34.52 41.45
C GLU C 228 33.85 35.21 42.68
N GLY C 229 33.16 35.16 43.83
CA GLY C 229 33.62 35.84 45.05
C GLY C 229 33.54 37.36 44.99
N LYS C 230 32.59 37.86 44.20
CA LYS C 230 32.42 39.28 43.95
C LYS C 230 31.19 39.89 44.66
N LEU C 231 30.43 39.07 45.38
CA LEU C 231 29.26 39.56 46.10
C LEU C 231 29.72 40.31 47.36
N LEU C 232 29.38 41.60 47.41
CA LEU C 232 29.81 42.53 48.47
C LEU C 232 28.88 42.74 49.67
N LEU C 233 27.80 41.98 49.75
CA LEU C 233 26.87 42.07 50.89
C LEU C 233 26.03 40.81 50.98
N PRO C 234 25.49 40.49 52.18
CA PRO C 234 24.65 39.29 52.30
C PRO C 234 23.42 39.43 51.42
N ALA C 235 22.88 38.31 50.98
CA ALA C 235 21.70 38.34 50.14
C ALA C 235 20.74 37.23 50.47
N ILE C 236 19.47 37.53 50.29
CA ILE C 236 18.42 36.57 50.48
C ILE C 236 17.65 36.46 49.18
N ASN C 237 17.57 35.22 48.68
CA ASN C 237 16.83 34.86 47.49
C ASN C 237 15.37 34.67 47.90
N VAL C 238 14.56 35.70 47.68
CA VAL C 238 13.13 35.67 48.02
C VAL C 238 12.36 34.91 46.95
N ASN C 239 12.81 35.01 45.69
CA ASN C 239 12.15 34.34 44.56
C ASN C 239 11.97 32.84 44.72
N ASP C 240 12.90 32.17 45.37
CA ASP C 240 12.79 30.72 45.51
C ASP C 240 12.08 30.19 46.75
N SER C 241 11.38 31.06 47.48
CA SER C 241 10.51 30.61 48.56
C SER C 241 9.37 29.90 47.82
N VAL C 242 8.83 28.83 48.38
CA VAL C 242 7.73 28.13 47.74
C VAL C 242 6.54 29.09 47.57
N THR C 243 6.29 29.90 48.59
CA THR C 243 5.17 30.85 48.57
C THR C 243 5.39 32.07 47.66
N LYS C 244 6.44 32.04 46.85
CA LYS C 244 6.71 33.08 45.90
C LYS C 244 6.74 32.43 44.52
N SER C 245 7.75 31.60 44.23
CA SER C 245 7.88 30.95 42.91
C SER C 245 6.67 30.12 42.45
N LYS C 246 6.07 29.37 43.35
CA LYS C 246 4.91 28.55 42.97
C LYS C 246 3.57 29.29 42.85
N PHE C 247 3.52 30.55 43.29
CA PHE C 247 2.29 31.34 43.29
C PHE C 247 2.41 32.59 42.45
N ASP C 248 3.30 33.49 42.82
CA ASP C 248 3.54 34.72 42.07
C ASP C 248 3.90 34.41 40.64
N ASN C 249 5.01 33.71 40.44
CA ASN C 249 5.46 33.41 39.08
C ASN C 249 4.42 32.71 38.20
N THR C 250 3.76 31.70 38.75
CA THR C 250 2.79 30.93 38.00
C THR C 250 1.37 31.55 37.99
N TYR C 251 0.67 31.48 39.11
CA TYR C 251 -0.70 31.99 39.19
C TYR C 251 -0.85 33.50 39.01
N GLY C 252 0.17 34.26 39.37
CA GLY C 252 0.14 35.69 39.16
C GLY C 252 0.06 35.96 37.67
N CYS C 253 0.99 35.39 36.89
CA CYS C 253 0.99 35.58 35.43
C CYS C 253 -0.27 35.04 34.72
N ARG C 254 -0.87 33.98 35.25
CA ARG C 254 -2.06 33.42 34.63
C ARG C 254 -3.13 34.50 34.43
N GLN C 255 -3.24 35.42 35.39
CA GLN C 255 -4.20 36.52 35.31
C GLN C 255 -3.58 37.76 34.68
N SER C 256 -2.39 38.08 35.19
CA SER C 256 -1.61 39.23 34.81
C SER C 256 -1.26 39.32 33.30
N LEU C 257 -0.92 38.18 32.67
CA LEU C 257 -0.57 38.19 31.24
C LEU C 257 -1.82 38.53 30.43
N LEU C 258 -2.93 37.86 30.76
CA LEU C 258 -4.20 38.10 30.07
C LEU C 258 -4.61 39.58 30.18
N HIS C 259 -4.40 40.17 31.35
CA HIS C 259 -4.77 41.55 31.55
C HIS C 259 -3.97 42.39 30.57
N GLY C 260 -2.67 42.13 30.51
CA GLY C 260 -1.76 42.86 29.63
C GLY C 260 -2.12 42.69 28.18
N LEU C 261 -2.41 41.47 27.75
CA LEU C 261 -2.77 41.23 26.36
C LEU C 261 -4.10 41.87 26.04
N PHE C 262 -5.09 41.73 26.92
CA PHE C 262 -6.38 42.35 26.66
C PHE C 262 -6.27 43.85 26.45
N ASN C 263 -5.42 44.52 27.23
CA ASN C 263 -5.22 45.95 27.09
C ASN C 263 -4.39 46.37 25.86
N GLY C 264 -3.32 45.66 25.55
CA GLY C 264 -2.43 46.01 24.43
C GLY C 264 -2.81 45.44 23.07
N CYS C 265 -3.39 44.25 23.08
CA CYS C 265 -3.81 43.54 21.86
C CYS C 265 -5.33 43.58 21.74
N ILE C 266 -5.83 44.19 20.66
CA ILE C 266 -7.29 44.26 20.48
C ILE C 266 -7.94 42.95 20.02
N GLN C 267 -7.14 42.01 19.51
CA GLN C 267 -7.68 40.75 18.98
C GLN C 267 -8.16 39.75 20.00
N MET C 268 -8.99 38.83 19.50
CA MET C 268 -9.55 37.72 20.27
C MET C 268 -8.49 36.65 20.38
N LEU C 269 -8.31 36.09 21.57
CA LEU C 269 -7.30 35.08 21.76
C LEU C 269 -7.80 33.68 21.40
N ALA C 270 -9.11 33.44 21.51
CA ALA C 270 -9.65 32.12 21.22
C ALA C 270 -9.34 31.65 19.82
N GLY C 271 -8.86 30.41 19.71
CA GLY C 271 -8.54 29.78 18.44
C GLY C 271 -7.22 30.17 17.82
N LYS C 272 -6.57 31.20 18.35
CA LYS C 272 -5.29 31.63 17.80
C LYS C 272 -4.18 30.70 18.25
N LYS C 273 -3.12 30.61 17.42
CA LYS C 273 -1.95 29.82 17.77
C LYS C 273 -1.06 30.82 18.52
N ILE C 274 -0.85 30.59 19.81
CA ILE C 274 -0.04 31.49 20.60
C ILE C 274 1.19 30.71 21.07
N VAL C 275 2.37 31.20 20.69
CA VAL C 275 3.61 30.55 21.09
C VAL C 275 4.13 31.11 22.41
N VAL C 276 4.30 30.25 23.39
CA VAL C 276 4.86 30.65 24.68
C VAL C 276 6.26 30.08 24.67
N LEU C 277 7.26 30.96 24.63
CA LEU C 277 8.66 30.54 24.59
C LEU C 277 9.17 30.49 26.00
N GLY C 278 9.39 29.29 26.48
CA GLY C 278 9.81 29.04 27.86
C GLY C 278 8.61 28.51 28.62
N TYR C 279 8.76 27.32 29.22
CA TYR C 279 7.69 26.68 29.97
C TYR C 279 8.22 26.37 31.39
N GLY C 280 8.71 27.43 32.05
CA GLY C 280 9.19 27.37 33.42
C GLY C 280 8.06 27.80 34.32
N GLU C 281 8.37 28.35 35.49
CA GLU C 281 7.35 28.78 36.44
C GLU C 281 6.36 29.78 35.78
N VAL C 282 6.90 30.76 35.06
CA VAL C 282 6.10 31.80 34.39
C VAL C 282 5.37 31.24 33.17
N GLY C 283 6.09 30.53 32.30
CA GLY C 283 5.50 29.94 31.11
C GLY C 283 4.31 29.05 31.40
N LYS C 284 4.41 28.25 32.46
CA LYS C 284 3.32 27.36 32.88
C LYS C 284 2.04 28.16 33.14
N GLY C 285 2.17 29.24 33.88
CA GLY C 285 1.04 30.11 34.18
C GLY C 285 0.46 30.81 32.95
N CYS C 286 1.34 31.34 32.11
CA CYS C 286 0.92 31.99 30.88
C CYS C 286 0.07 31.02 30.07
N ALA C 287 0.57 29.79 29.93
CA ALA C 287 -0.15 28.78 29.16
C ALA C 287 -1.52 28.47 29.75
N GLN C 288 -1.61 28.33 31.06
CA GLN C 288 -2.91 28.07 31.69
C GLN C 288 -3.95 29.13 31.38
N GLY C 289 -3.54 30.39 31.48
CA GLY C 289 -4.45 31.52 31.22
C GLY C 289 -4.90 31.59 29.78
N LEU C 290 -3.94 31.45 28.86
CA LEU C 290 -4.23 31.46 27.43
C LEU C 290 -5.18 30.33 27.06
N SER C 291 -4.96 29.11 27.58
CA SER C 291 -5.86 27.98 27.33
C SER C 291 -7.23 28.27 27.90
N GLY C 292 -7.24 28.87 29.08
CA GLY C 292 -8.48 29.23 29.75
C GLY C 292 -9.45 30.07 28.94
N VAL C 293 -8.92 30.88 28.00
CA VAL C 293 -9.76 31.71 27.14
C VAL C 293 -9.78 31.23 25.66
N GLY C 294 -9.51 29.94 25.47
CA GLY C 294 -9.61 29.30 24.16
C GLY C 294 -8.46 29.32 23.18
N ALA C 295 -7.31 29.82 23.60
CA ALA C 295 -6.15 29.84 22.68
C ALA C 295 -5.55 28.45 22.52
N ARG C 296 -4.77 28.29 21.45
CA ARG C 296 -4.09 27.03 21.20
C ARG C 296 -2.63 27.33 21.44
N VAL C 297 -2.13 26.91 22.59
CA VAL C 297 -0.76 27.18 22.96
C VAL C 297 0.25 26.23 22.34
N ILE C 298 1.31 26.80 21.76
CA ILE C 298 2.43 26.06 21.23
C ILE C 298 3.57 26.47 22.18
N VAL C 299 4.36 25.51 22.64
CA VAL C 299 5.47 25.80 23.53
C VAL C 299 6.82 25.58 22.88
N THR C 300 7.79 26.41 23.26
CA THR C 300 9.18 26.35 22.80
C THR C 300 9.93 26.16 24.07
N GLU C 301 10.93 25.30 24.07
CA GLU C 301 11.68 25.01 25.29
C GLU C 301 13.01 24.29 24.98
N ILE C 302 14.00 24.51 25.84
CA ILE C 302 15.34 23.88 25.72
C ILE C 302 15.57 22.73 26.71
N ASP C 303 14.76 22.71 27.77
CA ASP C 303 14.85 21.72 28.82
C ASP C 303 13.94 20.53 28.48
N PRO C 304 14.52 19.33 28.32
CA PRO C 304 13.70 18.17 28.01
C PRO C 304 12.63 17.82 29.07
N ILE C 305 12.90 18.12 30.34
CA ILE C 305 11.93 17.86 31.41
C ILE C 305 10.75 18.82 31.29
N CYS C 306 11.04 20.11 31.12
CA CYS C 306 9.97 21.10 30.96
C CYS C 306 9.19 20.84 29.68
N ALA C 307 9.86 20.39 28.63
CA ALA C 307 9.20 20.10 27.35
C ALA C 307 8.17 19.00 27.54
N LEU C 308 8.57 17.94 28.26
CA LEU C 308 7.65 16.86 28.53
C LEU C 308 6.47 17.30 29.39
N GLN C 309 6.70 18.21 30.32
CA GLN C 309 5.61 18.71 31.15
C GLN C 309 4.55 19.39 30.29
N ALA C 310 4.99 20.18 29.31
CA ALA C 310 4.10 20.84 28.38
C ALA C 310 3.27 19.81 27.62
N SER C 311 3.89 18.74 27.11
CA SER C 311 3.14 17.69 26.38
C SER C 311 2.03 17.10 27.21
N MET C 312 2.34 16.82 28.47
CA MET C 312 1.37 16.21 29.39
C MET C 312 0.16 17.10 29.64
N GLU C 313 0.31 18.41 29.41
CA GLU C 313 -0.82 19.35 29.55
C GLU C 313 -1.52 19.58 28.20
N GLY C 314 -1.22 18.75 27.21
CA GLY C 314 -1.82 18.84 25.89
C GLY C 314 -1.24 19.86 24.92
N TYR C 315 -0.07 20.43 25.23
CA TYR C 315 0.51 21.42 24.34
C TYR C 315 1.56 20.84 23.38
N GLN C 316 1.55 21.37 22.17
CA GLN C 316 2.51 21.00 21.14
C GLN C 316 3.82 21.69 21.51
N VAL C 317 4.93 21.00 21.32
CA VAL C 317 6.25 21.59 21.62
C VAL C 317 7.03 21.61 20.34
N SER C 318 7.40 22.81 19.91
CA SER C 318 8.11 23.02 18.66
C SER C 318 9.25 24.01 18.78
N VAL C 319 10.07 24.01 17.75
CA VAL C 319 11.17 24.94 17.61
C VAL C 319 10.53 26.13 16.92
N LEU C 320 10.89 27.35 17.33
CA LEU C 320 10.31 28.56 16.77
C LEU C 320 10.34 28.62 15.23
N GLU C 321 11.46 28.21 14.63
CA GLU C 321 11.63 28.22 13.18
C GLU C 321 10.47 27.51 12.41
N ASP C 322 9.94 26.43 12.99
CA ASP C 322 8.87 25.63 12.36
C ASP C 322 7.46 26.19 12.52
N VAL C 323 7.31 27.17 13.40
CA VAL C 323 6.01 27.76 13.72
C VAL C 323 5.91 29.28 13.52
N VAL C 324 7.03 29.95 13.28
CA VAL C 324 7.06 31.41 13.20
C VAL C 324 6.18 32.02 12.09
N SER C 325 6.07 31.37 10.93
CA SER C 325 5.25 31.90 9.85
C SER C 325 3.75 31.76 10.03
N GLU C 326 3.31 30.77 10.80
CA GLU C 326 1.88 30.49 11.00
C GLU C 326 1.27 30.98 12.31
N ALA C 327 2.07 31.10 13.36
CA ALA C 327 1.54 31.54 14.64
C ALA C 327 1.06 33.00 14.62
N ASP C 328 0.10 33.30 15.48
CA ASP C 328 -0.53 34.61 15.57
C ASP C 328 0.04 35.55 16.63
N ILE C 329 0.42 35.01 17.78
CA ILE C 329 0.95 35.80 18.89
C ILE C 329 2.16 35.11 19.49
N PHE C 330 3.17 35.87 19.88
CA PHE C 330 4.40 35.35 20.50
C PHE C 330 4.65 35.97 21.88
N ILE C 331 4.81 35.13 22.90
CA ILE C 331 5.04 35.55 24.29
C ILE C 331 6.35 34.96 24.80
N THR C 332 7.33 35.78 25.09
CA THR C 332 8.63 35.30 25.60
C THR C 332 8.64 35.26 27.11
N ALA C 333 9.01 34.11 27.67
CA ALA C 333 9.05 33.91 29.13
C ALA C 333 10.25 33.03 29.50
N THR C 334 11.40 33.34 28.93
CA THR C 334 12.63 32.56 29.10
C THR C 334 13.64 33.06 30.09
N GLY C 335 13.68 34.37 30.27
CA GLY C 335 14.72 35.00 31.09
C GLY C 335 16.06 34.93 30.33
N ASN C 336 15.97 34.72 29.01
CA ASN C 336 17.14 34.56 28.16
C ASN C 336 17.29 35.77 27.20
N LYS C 337 18.10 35.62 26.17
CA LYS C 337 18.45 36.68 25.25
C LYS C 337 18.32 36.25 23.80
N ASP C 338 17.85 37.17 22.96
CA ASP C 338 17.69 36.92 21.51
C ASP C 338 16.92 35.65 21.19
N VAL C 339 15.73 35.56 21.78
CA VAL C 339 14.83 34.43 21.60
C VAL C 339 13.95 34.69 20.37
N ILE C 340 13.64 35.98 20.12
CA ILE C 340 12.89 36.45 18.96
C ILE C 340 13.89 37.43 18.30
N THR C 341 14.37 37.08 17.11
CA THR C 341 15.34 37.90 16.36
C THR C 341 14.61 38.69 15.27
N VAL C 342 15.29 39.62 14.61
CA VAL C 342 14.67 40.35 13.50
C VAL C 342 14.41 39.35 12.34
N GLU C 343 15.29 38.37 12.13
CA GLU C 343 15.08 37.39 11.06
C GLU C 343 13.82 36.58 11.34
N HIS C 344 13.47 36.37 12.61
CA HIS C 344 12.23 35.70 12.95
C HIS C 344 11.04 36.61 12.63
N MET C 345 11.11 37.87 13.05
CA MET C 345 10.01 38.82 12.84
C MET C 345 9.67 39.09 11.37
N ARG C 346 10.65 38.93 10.47
CA ARG C 346 10.40 39.17 9.05
C ARG C 346 9.60 38.04 8.42
N LYS C 347 9.69 36.85 9.03
CA LYS C 347 8.96 35.68 8.54
C LYS C 347 7.54 35.60 9.13
N MET C 348 7.25 36.44 10.14
CA MET C 348 5.93 36.45 10.77
C MET C 348 4.86 36.98 9.81
N LYS C 349 3.61 36.68 10.13
CA LYS C 349 2.52 37.13 9.30
C LYS C 349 1.97 38.49 9.69
N GLU C 350 1.19 39.05 8.77
CA GLU C 350 0.61 40.36 8.92
C GLU C 350 -0.06 40.55 10.28
N ASN C 351 0.33 41.63 10.96
CA ASN C 351 -0.18 42.01 12.27
C ASN C 351 -0.06 40.95 13.36
N ALA C 352 1.06 40.24 13.34
CA ALA C 352 1.36 39.28 14.38
C ALA C 352 1.77 40.12 15.60
N TYR C 353 1.30 39.72 16.78
CA TYR C 353 1.61 40.42 18.02
C TYR C 353 2.80 39.76 18.73
N ILE C 354 3.68 40.59 19.26
CA ILE C 354 4.87 40.12 19.98
C ILE C 354 4.92 40.79 21.36
N ALA C 355 5.12 39.99 22.41
CA ALA C 355 5.19 40.53 23.77
C ALA C 355 6.17 39.73 24.61
N ASN C 356 6.64 40.36 25.69
CA ASN C 356 7.58 39.77 26.61
C ASN C 356 7.08 39.85 28.05
N ILE C 357 7.28 38.77 28.80
CA ILE C 357 6.91 38.73 30.21
C ILE C 357 8.08 38.35 31.12
N GLY C 358 9.28 38.15 30.54
CA GLY C 358 10.51 37.88 31.32
C GLY C 358 10.99 39.22 31.83
N HIS C 359 11.90 39.27 32.81
CA HIS C 359 12.26 40.60 33.39
C HIS C 359 12.83 41.73 32.47
N PHE C 360 13.74 41.43 31.53
CA PHE C 360 14.33 42.51 30.70
C PHE C 360 13.87 42.45 29.28
N ASP C 361 14.19 43.51 28.51
CA ASP C 361 13.86 43.62 27.06
C ASP C 361 14.83 42.93 26.07
N ASP C 362 15.74 42.08 26.57
CA ASP C 362 16.71 41.37 25.73
C ASP C 362 16.12 40.20 25.00
N GLU C 363 15.04 39.65 25.52
CA GLU C 363 14.42 38.44 24.93
C GLU C 363 14.02 38.65 23.48
N ILE C 364 13.59 39.88 23.17
CA ILE C 364 13.21 40.25 21.82
C ILE C 364 14.24 41.27 21.37
N ASP C 365 14.73 41.13 20.15
CA ASP C 365 15.73 42.06 19.62
C ASP C 365 15.02 43.37 19.20
N VAL C 366 14.61 44.14 20.20
CA VAL C 366 13.93 45.40 19.98
C VAL C 366 14.86 46.42 19.32
N TYR C 367 16.10 46.49 19.78
CA TYR C 367 17.06 47.43 19.19
C TYR C 367 17.21 47.19 17.68
N GLY C 368 17.35 45.92 17.31
CA GLY C 368 17.50 45.54 15.91
C GLY C 368 16.29 45.91 15.08
N LEU C 369 15.10 45.75 15.67
CA LEU C 369 13.84 46.08 15.01
C LEU C 369 13.70 47.60 14.79
N GLU C 370 13.94 48.40 15.82
CA GLU C 370 13.80 49.87 15.71
C GLU C 370 14.82 50.48 14.77
N ASN C 371 16.01 49.89 14.72
CA ASN C 371 17.10 50.36 13.86
C ASN C 371 17.22 49.64 12.51
N TYR C 372 16.23 48.85 12.12
CA TYR C 372 16.26 48.15 10.84
C TYR C 372 16.23 49.20 9.72
N PRO C 373 17.05 49.03 8.65
CA PRO C 373 17.11 50.02 7.56
C PRO C 373 15.76 50.26 6.88
N GLY C 374 15.34 51.53 6.91
CA GLY C 374 14.09 51.96 6.27
C GLY C 374 12.80 51.44 6.85
N ILE C 375 12.81 51.05 8.12
CA ILE C 375 11.61 50.52 8.75
C ILE C 375 10.72 51.68 9.15
N LYS C 376 9.41 51.45 9.13
CA LYS C 376 8.43 52.45 9.54
C LYS C 376 7.75 52.03 10.80
N VAL C 377 7.65 52.95 11.74
CA VAL C 377 7.05 52.68 13.04
C VAL C 377 5.92 53.68 13.29
N ILE C 378 4.81 53.19 13.85
CA ILE C 378 3.66 54.06 14.18
C ILE C 378 3.09 53.61 15.54
N GLU C 379 2.64 54.58 16.34
CA GLU C 379 2.11 54.33 17.66
C GLU C 379 0.64 53.97 17.51
N VAL C 380 0.29 52.74 17.84
CA VAL C 380 -1.09 52.28 17.73
C VAL C 380 -1.89 52.84 18.89
N LYS C 381 -1.23 52.91 20.04
CA LYS C 381 -1.81 53.43 21.27
C LYS C 381 -0.73 53.56 22.34
N GLN C 382 -1.16 53.87 23.55
CA GLN C 382 -0.27 54.05 24.68
C GLN C 382 0.62 52.78 24.84
N ASN C 383 1.91 52.90 24.50
CA ASN C 383 2.88 51.80 24.62
C ASN C 383 2.62 50.57 23.74
N VAL C 384 2.16 50.78 22.51
CA VAL C 384 1.93 49.70 21.54
C VAL C 384 2.36 50.26 20.21
N HIS C 385 3.34 49.62 19.58
CA HIS C 385 3.87 50.11 18.31
C HIS C 385 3.84 49.08 17.20
N LYS C 386 3.50 49.54 16.01
CA LYS C 386 3.41 48.71 14.82
C LYS C 386 4.61 49.04 13.95
N PHE C 387 5.42 48.02 13.66
CA PHE C 387 6.61 48.17 12.83
C PHE C 387 6.36 47.53 11.45
N THR C 388 6.62 48.26 10.37
CA THR C 388 6.40 47.77 9.00
C THR C 388 7.73 47.68 8.22
N PHE C 389 8.08 46.49 7.75
CA PHE C 389 9.31 46.30 6.97
C PHE C 389 9.11 46.85 5.55
N PRO C 390 10.13 47.51 4.98
CA PRO C 390 9.99 48.12 3.65
C PRO C 390 9.95 47.18 2.45
N ASP C 391 10.62 46.04 2.52
CA ASP C 391 10.67 45.10 1.39
C ASP C 391 9.39 44.25 1.22
N THR C 392 8.92 43.65 2.30
CA THR C 392 7.73 42.79 2.25
C THR C 392 6.44 43.56 2.48
N GLN C 393 6.55 44.77 3.03
CA GLN C 393 5.40 45.62 3.41
C GLN C 393 4.54 45.02 4.56
N LYS C 394 5.03 43.95 5.18
CA LYS C 394 4.34 43.31 6.29
C LYS C 394 4.68 43.98 7.61
N SER C 395 3.78 43.86 8.58
CA SER C 395 3.93 44.51 9.87
C SER C 395 3.82 43.56 11.04
N VAL C 396 4.41 43.98 12.18
CA VAL C 396 4.32 43.26 13.45
C VAL C 396 4.02 44.28 14.53
N ILE C 397 3.16 43.92 15.48
CA ILE C 397 2.79 44.82 16.57
C ILE C 397 3.58 44.39 17.81
N LEU C 398 4.33 45.33 18.40
CA LEU C 398 5.11 45.05 19.59
C LEU C 398 4.47 45.73 20.79
N LEU C 399 4.32 44.99 21.90
CA LEU C 399 3.74 45.55 23.11
C LEU C 399 4.82 46.13 24.04
N CYS C 400 4.61 47.40 24.39
CA CYS C 400 5.50 48.21 25.23
C CYS C 400 7.01 47.94 25.09
N LYS C 401 7.47 48.12 23.86
CA LYS C 401 8.89 48.01 23.50
C LYS C 401 9.59 46.79 24.05
N GLY C 402 8.91 45.65 24.05
CA GLY C 402 9.50 44.40 24.54
C GLY C 402 9.75 44.28 26.04
N ARG C 403 9.14 45.14 26.84
CA ARG C 403 9.31 45.11 28.30
C ARG C 403 8.10 44.43 28.91
N LEU C 404 8.24 44.00 30.17
CA LEU C 404 7.16 43.32 30.92
C LEU C 404 5.75 43.76 30.53
N VAL C 405 5.03 42.96 29.72
CA VAL C 405 3.67 43.43 29.34
C VAL C 405 2.69 43.43 30.46
N ASN C 406 2.84 42.53 31.42
CA ASN C 406 1.84 42.47 32.47
C ASN C 406 1.86 43.75 33.32
N LEU C 407 3.04 44.36 33.43
CA LEU C 407 3.22 45.60 34.20
C LEU C 407 3.24 46.84 33.32
N GLY C 408 3.58 46.66 32.04
CA GLY C 408 3.66 47.77 31.08
C GLY C 408 2.31 48.16 30.51
N CYS C 409 1.55 47.16 30.07
CA CYS C 409 0.21 47.39 29.49
C CYS C 409 -0.92 47.19 30.50
N ALA C 410 -0.61 46.67 31.67
CA ALA C 410 -1.61 46.45 32.73
C ALA C 410 -0.99 46.78 34.10
N THR C 411 -1.59 46.30 35.18
CA THR C 411 -1.16 46.64 36.54
C THR C 411 -0.41 45.54 37.31
N GLY C 412 0.10 44.56 36.59
CA GLY C 412 0.84 43.47 37.20
C GLY C 412 -0.05 42.49 37.94
N HIS C 413 0.57 41.67 38.78
CA HIS C 413 -0.16 40.68 39.56
C HIS C 413 -1.10 41.37 40.53
N PRO C 414 -2.18 40.67 40.88
CA PRO C 414 -3.13 41.18 41.85
C PRO C 414 -2.62 41.10 43.30
N PRO C 415 -3.31 41.80 44.24
CA PRO C 415 -2.87 41.86 45.64
C PRO C 415 -2.61 40.54 46.37
N LEU C 416 -3.51 39.57 46.26
CA LEU C 416 -3.34 38.31 46.99
C LEU C 416 -1.98 37.66 46.79
N VAL C 417 -1.55 37.49 45.55
CA VAL C 417 -0.24 36.83 45.33
C VAL C 417 0.92 37.72 45.66
N MET C 418 0.76 39.03 45.52
CA MET C 418 1.88 39.93 45.84
C MET C 418 2.08 40.00 47.33
N SER C 419 1.01 39.76 48.07
CA SER C 419 1.09 39.78 49.53
C SER C 419 1.96 38.62 49.98
N MET C 420 1.86 37.50 49.27
CA MET C 420 2.65 36.33 49.60
C MET C 420 4.10 36.62 49.26
N SER C 421 4.35 37.24 48.12
CA SER C 421 5.70 37.57 47.75
C SER C 421 6.28 38.61 48.68
N PHE C 422 5.47 39.61 49.04
CA PHE C 422 5.95 40.69 49.90
C PHE C 422 6.05 40.34 51.38
N THR C 423 5.28 39.36 51.84
CA THR C 423 5.40 38.91 53.23
C THR C 423 6.80 38.28 53.34
N ASN C 424 7.24 37.57 52.29
CA ASN C 424 8.58 37.00 52.27
C ASN C 424 9.63 38.09 52.30
N GLN C 425 9.37 39.17 51.56
CA GLN C 425 10.31 40.32 51.54
C GLN C 425 10.50 40.92 52.92
N VAL C 426 9.41 41.20 53.62
CA VAL C 426 9.50 41.79 54.95
C VAL C 426 10.27 40.87 55.88
N LEU C 427 9.97 39.57 55.84
CA LEU C 427 10.65 38.59 56.67
C LEU C 427 12.13 38.53 56.35
N ALA C 428 12.47 38.72 55.06
CA ALA C 428 13.88 38.71 54.61
C ALA C 428 14.60 39.95 55.13
N GLN C 429 13.93 41.11 55.03
CA GLN C 429 14.48 42.36 55.54
C GLN C 429 14.71 42.28 57.05
N MET C 430 13.75 41.72 57.79
CA MET C 430 13.91 41.55 59.24
C MET C 430 15.06 40.64 59.59
N ASP C 431 15.26 39.59 58.79
CA ASP C 431 16.33 38.62 59.01
C ASP C 431 17.69 39.29 58.81
N LEU C 432 17.85 40.00 57.70
CA LEU C 432 19.11 40.69 57.38
C LEU C 432 19.47 41.73 58.42
N TRP C 433 18.46 42.47 58.89
CA TRP C 433 18.64 43.52 59.88
C TRP C 433 18.98 42.97 61.24
N LYS C 434 18.33 41.89 61.61
CA LYS C 434 18.58 41.26 62.89
C LYS C 434 19.98 40.59 62.95
N SER C 435 20.61 40.36 61.79
CA SER C 435 21.95 39.73 61.73
C SER C 435 23.07 40.75 61.58
N ARG C 436 22.74 42.04 61.48
CA ARG C 436 23.74 43.13 61.37
C ARG C 436 25.10 42.85 61.97
N GLU C 437 25.09 42.53 63.27
CA GLU C 437 26.29 42.32 64.07
C GLU C 437 27.28 41.32 63.52
N LEU C 438 26.78 40.28 62.85
CA LEU C 438 27.62 39.25 62.25
C LEU C 438 28.33 39.70 60.96
N VAL C 439 27.90 40.80 60.36
CA VAL C 439 28.51 41.32 59.13
C VAL C 439 29.70 42.20 59.54
N ASP C 440 30.87 41.58 59.65
CA ASP C 440 32.09 42.30 60.06
C ASP C 440 33.02 42.44 58.85
N ARG C 441 33.14 43.67 58.36
CA ARG C 441 33.96 43.95 57.18
C ARG C 441 35.43 44.19 57.44
N SER C 442 35.82 44.25 58.71
CA SER C 442 37.23 44.44 59.07
C SER C 442 38.00 43.14 58.81
N LYS C 443 37.25 42.04 58.65
CA LYS C 443 37.78 40.70 58.38
C LYS C 443 37.14 39.93 57.17
N ASN C 444 35.80 40.02 57.03
CA ASN C 444 34.96 39.42 55.95
C ASN C 444 34.28 40.34 54.94
N THR C 445 34.86 40.50 53.76
CA THR C 445 34.30 41.37 52.72
C THR C 445 33.43 40.60 51.67
N ARG C 446 33.43 39.27 51.79
CA ARG C 446 32.72 38.27 50.88
C ARG C 446 31.58 37.48 51.52
N PHE C 447 30.50 37.39 50.73
CA PHE C 447 29.18 36.93 51.21
C PHE C 447 28.45 35.92 50.33
N PHE C 448 27.39 35.32 50.87
CA PHE C 448 26.63 34.29 50.16
C PHE C 448 25.15 34.64 50.06
N VAL C 449 24.44 33.85 49.25
CA VAL C 449 23.00 33.98 49.03
C VAL C 449 22.33 32.86 49.80
N LYS C 450 21.35 33.18 50.64
CA LYS C 450 20.63 32.12 51.36
C LYS C 450 19.13 32.32 51.11
N LYS C 451 18.34 31.34 51.54
CA LYS C 451 16.89 31.37 51.39
C LYS C 451 16.24 31.34 52.76
N LEU C 452 14.97 31.71 52.81
CA LEU C 452 14.23 31.66 54.06
C LEU C 452 13.90 30.20 54.36
N SER C 453 13.69 29.90 55.64
CA SER C 453 13.41 28.54 56.05
C SER C 453 12.03 28.09 55.61
N LYS C 454 11.82 26.78 55.62
CA LYS C 454 10.54 26.21 55.28
C LYS C 454 9.51 26.57 56.36
N GLU C 455 9.97 26.70 57.62
CA GLU C 455 9.07 27.09 58.72
C GLU C 455 8.38 28.40 58.36
N LEU C 456 9.17 29.39 57.92
CA LEU C 456 8.63 30.70 57.53
C LEU C 456 7.80 30.64 56.24
N ASP C 457 8.20 29.75 55.35
CA ASP C 457 7.52 29.61 54.07
C ASP C 457 6.07 29.12 54.35
N GLU C 458 5.93 28.16 55.27
CA GLU C 458 4.61 27.67 55.66
C GLU C 458 3.83 28.74 56.42
N TYR C 459 4.54 29.52 57.22
CA TYR C 459 3.93 30.61 57.97
C TYR C 459 3.26 31.60 57.01
N VAL C 460 3.96 31.97 55.93
CA VAL C 460 3.40 32.88 54.93
C VAL C 460 2.07 32.33 54.39
N ALA C 461 2.05 31.04 54.07
CA ALA C 461 0.84 30.39 53.58
C ALA C 461 -0.28 30.44 54.63
N ARG C 462 0.02 30.16 55.90
CA ARG C 462 -1.02 30.19 56.96
C ARG C 462 -1.71 31.54 57.04
N LEU C 463 -0.92 32.61 56.92
CA LEU C 463 -1.46 33.96 57.01
C LEU C 463 -2.50 34.32 55.93
N HIS C 464 -2.50 33.60 54.81
CA HIS C 464 -3.45 33.87 53.74
C HIS C 464 -4.58 32.85 53.59
N LEU C 465 -4.68 31.87 54.48
CA LEU C 465 -5.75 30.87 54.34
C LEU C 465 -7.15 31.46 54.49
N ASP C 466 -7.35 32.37 55.45
CA ASP C 466 -8.69 32.98 55.67
C ASP C 466 -9.20 33.85 54.52
N VAL C 467 -8.30 34.38 53.72
CA VAL C 467 -8.70 35.17 52.56
C VAL C 467 -9.65 34.34 51.69
N LEU C 468 -9.32 33.06 51.47
CA LEU C 468 -10.15 32.20 50.63
C LEU C 468 -11.01 31.15 51.36
N GLY C 469 -11.16 31.30 52.67
CA GLY C 469 -11.99 30.39 53.45
C GLY C 469 -11.49 28.97 53.51
N ILE C 470 -10.18 28.80 53.44
CA ILE C 470 -9.56 27.47 53.51
C ILE C 470 -9.58 26.96 54.94
N LYS C 471 -9.87 25.69 55.12
CA LYS C 471 -9.92 25.08 56.43
C LYS C 471 -8.89 23.96 56.48
N LEU C 472 -7.84 24.15 57.26
CA LEU C 472 -6.81 23.10 57.40
C LEU C 472 -7.20 22.01 58.35
N THR C 473 -6.75 20.81 58.00
CA THR C 473 -6.93 19.64 58.81
C THR C 473 -5.71 19.60 59.75
N LYS C 474 -5.88 19.06 60.95
CA LYS C 474 -4.82 18.94 61.93
C LYS C 474 -4.49 17.52 62.13
N LEU C 475 -3.21 17.20 62.12
CA LEU C 475 -2.74 15.85 62.37
C LEU C 475 -2.95 15.44 63.83
N THR C 476 -3.23 14.16 64.03
CA THR C 476 -3.36 13.63 65.38
C THR C 476 -1.92 13.26 65.79
N GLU C 477 -1.70 12.97 67.07
CA GLU C 477 -0.36 12.55 67.54
C GLU C 477 0.15 11.35 66.75
N THR C 478 -0.71 10.33 66.59
CA THR C 478 -0.36 9.13 65.88
C THR C 478 -0.01 9.37 64.41
N GLN C 479 -0.81 10.20 63.75
CA GLN C 479 -0.58 10.53 62.34
C GLN C 479 0.72 11.24 62.13
N ALA C 480 1.00 12.21 63.00
CA ALA C 480 2.24 12.96 62.94
C ALA C 480 3.45 12.04 63.10
N LYS C 481 3.36 11.10 64.02
CA LYS C 481 4.42 10.16 64.23
C LYS C 481 4.57 9.22 63.02
N TYR C 482 3.45 8.76 62.47
CA TYR C 482 3.45 7.81 61.35
C TYR C 482 4.19 8.36 60.14
N ILE C 483 3.90 9.62 59.78
CA ILE C 483 4.55 10.26 58.62
C ILE C 483 5.83 11.00 59.01
N ASN C 484 6.17 10.92 60.29
CA ASN C 484 7.39 11.49 60.82
C ASN C 484 7.57 13.00 60.61
N VAL C 485 6.65 13.77 61.19
CA VAL C 485 6.68 15.23 61.16
C VAL C 485 6.06 15.76 62.44
N SER C 486 6.31 17.01 62.74
CA SER C 486 5.71 17.65 63.89
C SER C 486 4.29 18.08 63.52
N ILE C 487 3.40 18.12 64.50
CA ILE C 487 2.01 18.55 64.24
C ILE C 487 1.97 19.95 63.62
N ASN C 488 2.90 20.80 64.03
CA ASN C 488 2.98 22.19 63.56
C ASN C 488 3.92 22.41 62.38
N GLY C 489 4.44 21.31 61.83
CA GLY C 489 5.33 21.38 60.67
C GLY C 489 6.78 21.64 61.05
N PRO C 490 7.66 21.74 60.05
CA PRO C 490 7.33 21.65 58.61
C PRO C 490 6.88 20.25 58.19
N TYR C 491 6.08 20.20 57.12
CA TYR C 491 5.47 18.94 56.66
C TYR C 491 6.20 18.22 55.54
N LYS C 492 7.15 18.87 54.89
CA LYS C 492 7.87 18.26 53.79
C LYS C 492 9.37 18.42 53.90
N SER C 493 10.09 17.57 53.17
CA SER C 493 11.54 17.61 53.12
C SER C 493 12.01 18.82 52.37
N GLU C 494 13.27 19.22 52.57
CA GLU C 494 13.83 20.40 51.88
C GLU C 494 13.86 20.27 50.35
N ASP C 495 13.96 19.04 49.86
CA ASP C 495 14.01 18.80 48.42
C ASP C 495 12.63 18.68 47.74
N TYR C 496 11.55 18.70 48.51
CA TYR C 496 10.17 18.54 47.98
C TYR C 496 9.82 19.65 47.01
N ARG C 497 9.23 19.26 45.87
CA ARG C 497 8.93 20.20 44.78
C ARG C 497 7.50 20.74 44.67
N TYR C 498 6.61 20.31 45.55
CA TYR C 498 5.22 20.81 45.54
C TYR C 498 4.57 20.68 44.18
N MET D 6 12.17 -22.60 42.80
CA MET D 6 12.99 -23.15 41.65
C MET D 6 12.23 -22.88 40.32
N GLU D 7 10.97 -23.33 40.31
CA GLU D 7 10.06 -23.10 39.21
C GLU D 7 9.08 -22.05 39.71
N SER D 8 8.46 -21.35 38.78
CA SER D 8 7.53 -20.30 39.09
C SER D 8 6.15 -20.75 39.57
N ARG D 9 5.46 -19.83 40.23
CA ARG D 9 4.08 -19.98 40.70
C ARG D 9 3.24 -18.85 40.13
N ILE D 10 2.42 -19.15 39.14
CA ILE D 10 1.53 -18.16 38.49
C ILE D 10 0.14 -18.77 38.25
N LYS D 11 -0.83 -17.95 37.82
CA LYS D 11 -2.22 -18.44 37.61
C LYS D 11 -2.37 -19.33 36.37
N ASP D 12 -1.95 -18.85 35.21
CA ASP D 12 -2.15 -19.58 33.98
C ASP D 12 -1.10 -19.28 32.88
N ILE D 13 -0.31 -20.30 32.55
CA ILE D 13 0.74 -20.19 31.54
C ILE D 13 0.21 -19.92 30.11
N SER D 14 -1.02 -20.36 29.82
CA SER D 14 -1.60 -20.19 28.47
C SER D 14 -1.92 -18.73 28.12
N LEU D 15 -1.97 -17.85 29.13
CA LEU D 15 -2.20 -16.41 28.90
C LEU D 15 -0.93 -15.72 28.38
N ALA D 16 0.17 -16.46 28.28
CA ALA D 16 1.46 -15.92 27.83
C ALA D 16 1.41 -15.23 26.49
N GLU D 17 0.61 -15.76 25.57
CA GLU D 17 0.58 -15.20 24.22
C GLU D 17 0.04 -13.78 24.23
N PHE D 18 -1.06 -13.56 24.95
CA PHE D 18 -1.65 -12.22 25.10
C PHE D 18 -0.65 -11.24 25.79
N GLY D 19 0.16 -11.74 26.72
CA GLY D 19 1.15 -10.93 27.42
C GLY D 19 2.24 -10.41 26.51
N LEU D 20 2.74 -11.28 25.65
CA LEU D 20 3.79 -10.92 24.70
C LEU D 20 3.28 -9.90 23.67
N GLN D 21 2.00 -9.97 23.34
CA GLN D 21 1.39 -9.01 22.41
C GLN D 21 1.34 -7.62 23.04
N ASP D 22 0.81 -7.53 24.26
CA ASP D 22 0.76 -6.27 25.00
C ASP D 22 2.17 -5.75 25.24
N MET D 23 3.15 -6.61 25.51
CA MET D 23 4.52 -6.15 25.72
C MET D 23 5.04 -5.43 24.49
N GLU D 24 4.84 -6.02 23.30
CA GLU D 24 5.31 -5.37 22.07
C GLU D 24 4.63 -4.04 21.78
N ILE D 25 3.33 -3.95 22.07
CA ILE D 25 2.58 -2.73 21.85
C ILE D 25 3.05 -1.68 22.85
N ALA D 26 3.19 -2.09 24.10
CA ALA D 26 3.65 -1.20 25.15
C ALA D 26 5.00 -0.59 24.82
N LYS D 27 5.91 -1.38 24.24
CA LYS D 27 7.24 -0.90 23.87
C LYS D 27 7.28 0.26 22.88
N THR D 28 6.21 0.46 22.12
CA THR D 28 6.15 1.59 21.20
C THR D 28 6.37 2.90 21.97
N ASP D 29 5.77 3.00 23.16
CA ASP D 29 5.88 4.18 24.02
C ASP D 29 6.97 4.10 25.08
N MET D 30 7.44 2.90 25.44
CA MET D 30 8.47 2.79 26.48
C MET D 30 9.87 2.93 25.89
N MET D 31 10.09 4.02 25.16
CA MET D 31 11.37 4.24 24.48
C MET D 31 12.61 4.29 25.36
N GLY D 32 12.43 4.60 26.65
CA GLY D 32 13.55 4.65 27.58
C GLY D 32 14.14 3.27 27.77
N LEU D 33 13.28 2.30 28.04
CA LEU D 33 13.71 0.92 28.22
C LEU D 33 14.21 0.30 26.92
N VAL D 34 13.55 0.63 25.81
CA VAL D 34 13.98 0.13 24.50
C VAL D 34 15.41 0.62 24.18
N GLU D 35 15.71 1.87 24.55
CA GLU D 35 17.04 2.43 24.28
C GLU D 35 18.10 1.78 25.16
N LEU D 36 17.78 1.54 26.43
CA LEU D 36 18.72 0.86 27.30
C LEU D 36 19.03 -0.55 26.79
N GLN D 37 18.02 -1.27 26.30
CA GLN D 37 18.25 -2.61 25.75
C GLN D 37 19.16 -2.51 24.55
N ARG D 38 18.81 -1.66 23.61
CA ARG D 38 19.61 -1.48 22.41
C ARG D 38 21.08 -1.18 22.74
N LYS D 39 21.28 -0.23 23.64
CA LYS D 39 22.61 0.22 24.03
C LYS D 39 23.46 -0.72 24.86
N TYR D 40 22.87 -1.38 25.86
CA TYR D 40 23.63 -2.25 26.76
C TYR D 40 23.45 -3.76 26.59
N ARG D 41 22.65 -4.22 25.63
CA ARG D 41 22.45 -5.68 25.49
C ARG D 41 23.71 -6.48 25.17
N ASP D 42 24.69 -5.83 24.53
CA ASP D 42 25.95 -6.50 24.16
C ASP D 42 26.99 -6.47 25.27
N SER D 43 27.18 -5.32 25.91
CA SER D 43 28.17 -5.17 26.99
C SER D 43 27.73 -5.81 28.32
N LYS D 44 26.44 -6.06 28.51
CA LYS D 44 25.92 -6.71 29.73
C LYS D 44 26.44 -6.10 31.05
N PRO D 45 26.16 -4.81 31.31
CA PRO D 45 26.66 -4.16 32.53
C PRO D 45 26.23 -4.82 33.84
N LEU D 46 25.15 -5.61 33.80
CA LEU D 46 24.63 -6.30 35.00
C LEU D 46 24.92 -7.81 34.98
N LYS D 47 25.89 -8.25 34.19
CA LYS D 47 26.19 -9.67 34.12
C LYS D 47 26.61 -10.23 35.48
N GLY D 48 26.00 -11.35 35.86
CA GLY D 48 26.28 -12.03 37.12
C GLY D 48 25.49 -11.53 38.32
N ALA D 49 24.70 -10.49 38.14
CA ALA D 49 23.92 -9.93 39.23
C ALA D 49 22.64 -10.71 39.45
N ARG D 50 22.28 -10.90 40.72
CA ARG D 50 21.06 -11.61 41.10
C ARG D 50 20.14 -10.54 41.63
N ILE D 51 19.04 -10.30 40.91
CA ILE D 51 18.09 -9.27 41.28
C ILE D 51 16.73 -9.84 41.69
N THR D 52 16.27 -9.45 42.89
CA THR D 52 14.96 -9.82 43.38
C THR D 52 14.12 -8.55 43.31
N GLY D 53 12.92 -8.66 42.77
CA GLY D 53 12.01 -7.52 42.66
C GLY D 53 10.68 -7.74 43.35
N SER D 54 10.23 -6.72 44.08
CA SER D 54 8.93 -6.71 44.75
C SER D 54 8.21 -5.48 44.19
N LEU D 55 7.51 -5.67 43.07
CA LEU D 55 6.87 -4.55 42.38
C LEU D 55 5.74 -5.05 41.47
N HIS D 56 4.59 -4.38 41.54
CA HIS D 56 3.37 -4.71 40.76
C HIS D 56 3.70 -5.37 39.43
N LEU D 57 3.34 -6.62 39.26
CA LEU D 57 3.70 -7.33 38.04
C LEU D 57 2.68 -7.09 36.92
N THR D 58 2.85 -5.94 36.27
CA THR D 58 2.03 -5.50 35.17
C THR D 58 2.79 -5.66 33.88
N ILE D 59 2.13 -5.39 32.75
CA ILE D 59 2.79 -5.45 31.44
C ILE D 59 4.00 -4.52 31.43
N GLU D 60 3.83 -3.33 32.00
CA GLU D 60 4.90 -2.34 32.06
C GLU D 60 6.09 -2.90 32.83
N THR D 61 5.81 -3.57 33.93
CA THR D 61 6.87 -4.20 34.74
C THR D 61 7.57 -5.32 33.97
N SER D 62 6.84 -6.01 33.09
CA SER D 62 7.45 -7.08 32.29
C SER D 62 8.56 -6.54 31.41
N VAL D 63 8.38 -5.33 30.92
CA VAL D 63 9.38 -4.69 30.05
C VAL D 63 10.60 -4.28 30.90
N LEU D 64 10.37 -3.92 32.16
CA LEU D 64 11.46 -3.59 33.08
C LEU D 64 12.28 -4.86 33.32
N VAL D 65 11.59 -5.94 33.68
CA VAL D 65 12.23 -7.23 33.92
C VAL D 65 12.98 -7.70 32.68
N GLU D 66 12.38 -7.52 31.50
CA GLU D 66 13.03 -7.89 30.25
C GLU D 66 14.30 -7.07 30.04
N THR D 67 14.25 -5.78 30.36
CA THR D 67 15.42 -4.90 30.21
C THR D 67 16.55 -5.35 31.13
N LEU D 68 16.23 -5.63 32.39
CA LEU D 68 17.25 -6.13 33.35
C LEU D 68 17.86 -7.44 32.86
N TYR D 69 17.03 -8.32 32.28
CA TYR D 69 17.50 -9.60 31.75
C TYR D 69 18.43 -9.40 30.55
N GLU D 70 18.02 -8.56 29.59
CA GLU D 70 18.86 -8.28 28.42
C GLU D 70 20.21 -7.67 28.82
N LEU D 71 20.27 -7.03 30.00
CA LEU D 71 21.52 -6.46 30.47
C LEU D 71 22.38 -7.45 31.28
N GLY D 72 21.97 -8.73 31.30
CA GLY D 72 22.73 -9.80 31.95
C GLY D 72 22.37 -10.29 33.32
N ALA D 73 21.34 -9.75 33.94
CA ALA D 73 20.97 -10.18 35.28
C ALA D 73 20.07 -11.42 35.30
N GLU D 74 20.16 -12.17 36.39
CA GLU D 74 19.26 -13.29 36.67
C GLU D 74 18.19 -12.64 37.53
N ILE D 75 16.92 -12.97 37.27
CA ILE D 75 15.82 -12.32 38.00
C ILE D 75 14.84 -13.27 38.70
N ARG D 76 14.40 -12.85 39.88
CA ARG D 76 13.35 -13.53 40.67
C ARG D 76 12.40 -12.39 41.01
N TRP D 77 11.10 -12.59 40.81
CA TRP D 77 10.16 -11.48 41.02
C TRP D 77 8.83 -11.85 41.68
N CYS D 78 8.28 -10.88 42.40
CA CYS D 78 6.99 -11.02 43.04
C CYS D 78 6.31 -9.66 42.97
N SER D 79 4.99 -9.64 43.16
CA SER D 79 4.25 -8.41 43.13
C SER D 79 4.30 -7.76 44.53
N CYS D 80 4.06 -6.44 44.61
CA CYS D 80 4.06 -5.72 45.91
C CYS D 80 2.65 -5.38 46.41
N ASN D 81 1.65 -6.08 45.87
CA ASN D 81 0.24 -5.90 46.24
C ASN D 81 -0.56 -7.14 45.77
N ILE D 82 -1.44 -7.64 46.63
CA ILE D 82 -2.25 -8.81 46.31
C ILE D 82 -3.20 -8.71 45.11
N TYR D 83 -3.58 -7.49 44.70
CA TYR D 83 -4.50 -7.32 43.57
C TYR D 83 -3.88 -6.76 42.29
N SER D 84 -2.65 -6.27 42.33
CA SER D 84 -2.06 -5.58 41.18
C SER D 84 -1.53 -6.41 40.02
N THR D 85 -1.19 -7.66 40.28
CA THR D 85 -0.66 -8.51 39.22
C THR D 85 -1.60 -8.69 38.04
N GLN D 86 -1.03 -8.68 36.84
CA GLN D 86 -1.76 -8.98 35.62
C GLN D 86 -1.24 -10.37 35.22
N ASP D 87 -2.11 -11.36 35.35
CA ASP D 87 -1.75 -12.75 35.06
C ASP D 87 -1.11 -12.99 33.69
N HIS D 88 -1.54 -12.25 32.67
CA HIS D 88 -0.95 -12.45 31.33
C HIS D 88 0.49 -11.94 31.25
N ALA D 89 0.78 -10.91 32.05
CA ALA D 89 2.14 -10.35 32.11
C ALA D 89 3.09 -11.32 32.79
N ALA D 90 2.62 -11.95 33.88
CA ALA D 90 3.40 -12.92 34.65
C ALA D 90 3.68 -14.14 33.78
N ALA D 91 2.66 -14.59 33.05
CA ALA D 91 2.81 -15.73 32.16
C ALA D 91 3.86 -15.48 31.07
N ALA D 92 3.89 -14.26 30.53
CA ALA D 92 4.85 -13.91 29.49
C ALA D 92 6.31 -14.06 29.96
N LEU D 93 6.57 -13.64 31.20
CA LEU D 93 7.91 -13.73 31.74
C LEU D 93 8.34 -15.17 31.92
N VAL D 94 7.47 -16.02 32.46
CA VAL D 94 7.83 -17.40 32.67
C VAL D 94 7.92 -18.16 31.32
N LYS D 95 7.09 -17.79 30.34
CA LYS D 95 7.10 -18.43 29.02
C LYS D 95 8.45 -18.27 28.32
N LYS D 96 9.06 -17.10 28.42
CA LYS D 96 10.36 -16.85 27.79
C LYS D 96 11.60 -17.08 28.70
N ASN D 97 11.41 -17.64 29.90
CA ASN D 97 12.53 -17.82 30.84
C ASN D 97 13.35 -16.57 31.17
N ILE D 98 12.68 -15.43 31.21
CA ILE D 98 13.33 -14.16 31.56
C ILE D 98 13.57 -14.15 33.08
N ALA D 99 12.57 -14.62 33.83
CA ALA D 99 12.62 -14.62 35.29
C ALA D 99 11.81 -15.75 35.92
N THR D 100 12.00 -15.89 37.23
CA THR D 100 11.29 -16.87 38.04
C THR D 100 10.31 -15.99 38.79
N VAL D 101 9.03 -16.25 38.59
CA VAL D 101 7.97 -15.42 39.11
C VAL D 101 7.08 -16.09 40.15
N PHE D 102 6.70 -15.32 41.17
CA PHE D 102 5.82 -15.77 42.22
C PHE D 102 4.77 -14.69 42.36
N ALA D 103 3.76 -14.74 41.50
CA ALA D 103 2.72 -13.73 41.51
C ALA D 103 1.48 -14.08 40.69
N TRP D 104 0.34 -13.67 41.23
CA TRP D 104 -0.94 -13.87 40.58
C TRP D 104 -1.92 -12.84 41.15
N LYS D 105 -2.95 -12.52 40.38
CA LYS D 105 -3.95 -11.55 40.83
C LYS D 105 -4.82 -12.22 41.89
N ASN D 106 -5.17 -11.47 42.94
CA ASN D 106 -6.03 -11.94 44.03
C ASN D 106 -5.37 -12.98 44.92
N GLU D 107 -4.18 -12.64 45.39
CA GLU D 107 -3.45 -13.48 46.32
C GLU D 107 -4.09 -13.29 47.69
N THR D 108 -3.86 -14.25 48.58
CA THR D 108 -4.30 -14.10 49.96
C THR D 108 -3.12 -13.39 50.62
N ILE D 109 -3.36 -12.71 51.72
CA ILE D 109 -2.27 -12.03 52.41
C ILE D 109 -1.19 -13.05 52.84
N GLU D 110 -1.62 -14.27 53.16
CA GLU D 110 -0.67 -15.32 53.54
C GLU D 110 0.27 -15.64 52.38
N ASP D 111 -0.31 -15.88 51.21
CA ASP D 111 0.45 -16.21 49.99
C ASP D 111 1.35 -15.07 49.52
N TYR D 112 0.95 -13.84 49.77
CA TYR D 112 1.74 -12.67 49.41
C TYR D 112 3.14 -12.74 50.04
N TRP D 113 3.18 -12.99 51.33
CA TRP D 113 4.45 -13.07 52.05
C TRP D 113 5.27 -14.34 51.72
N VAL D 114 4.60 -15.42 51.35
CA VAL D 114 5.29 -16.63 50.94
C VAL D 114 5.96 -16.37 49.59
N CYS D 115 5.27 -15.64 48.70
CA CYS D 115 5.80 -15.29 47.36
C CYS D 115 7.01 -14.38 47.50
N LEU D 116 6.91 -13.38 48.38
CA LEU D 116 8.03 -12.44 48.62
C LEU D 116 9.23 -13.17 49.17
N ASN D 117 9.01 -14.08 50.11
CA ASN D 117 10.08 -14.87 50.68
C ASN D 117 10.74 -15.79 49.64
N ASP D 118 9.91 -16.37 48.77
CA ASP D 118 10.43 -17.24 47.71
C ASP D 118 11.29 -16.44 46.75
N ALA D 119 10.84 -15.25 46.40
CA ALA D 119 11.57 -14.37 45.51
C ALA D 119 12.92 -14.00 46.10
N MET D 120 12.98 -13.86 47.43
CA MET D 120 14.23 -13.52 48.12
C MET D 120 15.19 -14.72 48.20
N THR D 121 14.70 -15.95 47.99
CA THR D 121 15.52 -17.17 48.08
C THR D 121 16.21 -17.55 46.77
N TRP D 122 17.54 -17.69 46.82
CA TRP D 122 18.35 -18.08 45.66
C TRP D 122 19.21 -19.31 45.97
N ARG D 123 19.53 -20.09 44.94
CA ARG D 123 20.38 -21.27 45.09
C ARG D 123 21.80 -20.84 44.88
N ASN D 124 22.68 -21.18 45.83
CA ASN D 124 24.09 -20.83 45.77
C ASN D 124 24.74 -21.40 44.49
N PRO D 125 25.28 -20.52 43.60
CA PRO D 125 25.91 -21.03 42.36
C PRO D 125 27.13 -21.95 42.55
N ASN D 126 27.87 -21.79 43.66
CA ASN D 126 29.05 -22.62 43.97
C ASN D 126 28.66 -24.02 44.44
N ASP D 127 27.82 -24.04 45.47
CA ASP D 127 27.33 -25.27 46.08
C ASP D 127 25.80 -25.30 45.93
N LYS D 128 25.28 -25.90 44.85
CA LYS D 128 23.80 -25.96 44.59
C LYS D 128 22.89 -26.36 45.78
N ASP D 129 23.46 -27.03 46.78
CA ASP D 129 22.77 -27.50 48.01
C ASP D 129 22.34 -26.34 48.94
N LYS D 130 23.24 -25.37 49.12
CA LYS D 130 23.01 -24.24 50.03
C LYS D 130 22.19 -23.06 49.47
N ILE D 131 21.81 -22.17 50.38
CA ILE D 131 20.98 -20.97 50.10
C ILE D 131 21.73 -19.68 50.27
N CYS D 132 21.33 -18.67 49.48
CA CYS D 132 21.91 -17.34 49.55
C CYS D 132 20.80 -16.36 49.14
N GLY D 133 21.12 -15.08 49.12
CA GLY D 133 20.15 -14.04 48.77
C GLY D 133 20.49 -13.32 47.49
N PRO D 134 19.80 -12.22 47.21
CA PRO D 134 20.07 -11.46 46.02
C PRO D 134 21.23 -10.50 46.24
N ASN D 135 21.71 -9.96 45.13
CA ASN D 135 22.77 -8.95 45.12
C ASN D 135 22.14 -7.57 45.16
N LEU D 136 21.02 -7.44 44.45
CA LEU D 136 20.28 -6.18 44.34
C LEU D 136 18.80 -6.42 44.52
N ILE D 137 18.10 -5.37 44.96
CA ILE D 137 16.66 -5.43 45.17
C ILE D 137 15.95 -4.24 44.50
N VAL D 138 14.87 -4.52 43.77
CA VAL D 138 14.04 -3.48 43.16
C VAL D 138 12.80 -3.54 44.03
N ASP D 139 12.53 -2.47 44.77
CA ASP D 139 11.43 -2.47 45.72
C ASP D 139 10.45 -1.33 45.49
N ASP D 140 9.19 -1.57 45.83
CA ASP D 140 8.10 -0.60 45.66
C ASP D 140 7.18 -0.76 46.85
N GLY D 141 7.36 0.11 47.83
CA GLY D 141 6.57 0.07 49.05
C GLY D 141 7.42 -0.30 50.26
N GLY D 142 8.59 -0.88 50.01
CA GLY D 142 9.51 -1.26 51.08
C GLY D 142 9.34 -2.61 51.75
N ASP D 143 8.45 -3.47 51.22
CA ASP D 143 8.20 -4.80 51.81
C ASP D 143 9.40 -5.76 51.71
N ALA D 144 10.12 -5.73 50.59
CA ALA D 144 11.30 -6.57 50.43
C ALA D 144 12.39 -6.10 51.38
N THR D 145 12.51 -4.79 51.51
CA THR D 145 13.47 -4.17 52.42
C THR D 145 13.05 -4.47 53.88
N LEU D 146 11.76 -4.51 54.16
CA LEU D 146 11.25 -4.77 55.50
C LEU D 146 11.50 -6.21 55.94
N ILE D 147 11.16 -7.18 55.10
CA ILE D 147 11.37 -8.58 55.48
C ILE D 147 12.85 -8.88 55.76
N LEU D 148 13.75 -8.18 55.06
CA LEU D 148 15.18 -8.35 55.26
C LEU D 148 15.58 -7.84 56.63
N HIS D 149 15.20 -6.61 56.95
CA HIS D 149 15.56 -5.99 58.24
C HIS D 149 14.93 -6.65 59.46
N GLU D 150 13.68 -7.06 59.31
CA GLU D 150 12.95 -7.74 60.37
C GLU D 150 13.44 -9.19 60.55
N GLY D 151 13.98 -9.75 59.47
CA GLY D 151 14.55 -11.10 59.50
C GLY D 151 15.84 -11.08 60.28
N VAL D 152 16.65 -10.04 60.07
CA VAL D 152 17.90 -9.87 60.80
C VAL D 152 17.58 -9.67 62.27
N LYS D 153 16.59 -8.82 62.58
CA LYS D 153 16.20 -8.58 63.98
C LYS D 153 15.78 -9.87 64.66
N ALA D 154 14.97 -10.66 63.96
CA ALA D 154 14.45 -11.94 64.46
C ALA D 154 15.58 -12.93 64.73
N GLU D 155 16.61 -12.91 63.91
CA GLU D 155 17.77 -13.80 64.12
C GLU D 155 18.61 -13.35 65.34
N ILE D 156 18.75 -12.04 65.56
CA ILE D 156 19.48 -11.51 66.72
C ILE D 156 18.77 -11.94 68.00
N GLU D 157 17.45 -11.74 68.02
CA GLU D 157 16.61 -12.08 69.17
C GLU D 157 16.53 -13.60 69.39
N TYR D 158 16.71 -14.38 68.32
CA TYR D 158 16.68 -15.84 68.41
C TYR D 158 17.93 -16.34 69.14
N GLU D 159 19.12 -15.90 68.69
CA GLU D 159 20.37 -16.29 69.36
C GLU D 159 20.48 -15.82 70.81
N LYS D 160 19.98 -14.63 71.10
CA LYS D 160 20.07 -14.05 72.44
C LYS D 160 19.44 -14.96 73.51
N TYR D 161 18.23 -15.39 73.24
CA TYR D 161 17.38 -16.16 74.12
C TYR D 161 17.32 -17.67 73.78
N ASN D 162 17.88 -18.01 72.62
CA ASN D 162 17.95 -19.37 72.10
C ASN D 162 16.56 -20.04 71.96
N LYS D 163 15.60 -19.24 71.53
CA LYS D 163 14.21 -19.66 71.37
C LYS D 163 13.50 -18.74 70.40
N ILE D 164 12.36 -19.19 69.88
CA ILE D 164 11.58 -18.37 68.95
C ILE D 164 11.09 -17.15 69.75
N PRO D 165 11.41 -15.92 69.27
CA PRO D 165 11.00 -14.69 69.99
C PRO D 165 9.49 -14.63 70.18
N GLU D 166 9.05 -14.20 71.35
CA GLU D 166 7.62 -14.16 71.66
C GLU D 166 6.82 -13.16 70.84
N TYR D 167 7.45 -12.13 70.27
CA TYR D 167 6.68 -11.15 69.46
C TYR D 167 6.18 -11.78 68.12
N LEU D 168 6.83 -12.85 67.67
CA LEU D 168 6.46 -13.56 66.43
C LEU D 168 5.32 -14.57 66.62
N GLU D 169 5.16 -15.09 67.83
CA GLU D 169 4.11 -16.08 68.12
C GLU D 169 2.78 -15.48 68.57
N THR D 170 2.82 -14.27 69.11
CA THR D 170 1.60 -13.63 69.61
C THR D 170 0.82 -13.07 68.45
N GLU D 171 -0.47 -12.94 68.66
CA GLU D 171 -1.38 -12.45 67.65
C GLU D 171 -1.81 -11.01 67.99
N LEU D 172 -1.18 -10.43 69.03
CA LEU D 172 -1.48 -9.09 69.53
C LEU D 172 -0.22 -8.22 69.48
N ASP D 173 -0.40 -6.89 69.45
CA ASP D 173 0.73 -5.95 69.43
C ASP D 173 1.08 -5.57 70.87
N GLU D 174 1.95 -4.57 71.05
CA GLU D 174 2.39 -4.13 72.38
C GLU D 174 1.29 -3.50 73.26
N ASN D 175 0.14 -3.14 72.68
CA ASN D 175 -0.97 -2.49 73.42
C ASN D 175 -2.26 -3.32 73.55
N GLY D 176 -2.22 -4.60 73.18
CA GLY D 176 -3.42 -5.46 73.24
C GLY D 176 -4.26 -5.55 71.97
N LYS D 177 -4.01 -4.65 71.02
CA LYS D 177 -4.71 -4.60 69.71
C LYS D 177 -4.24 -5.72 68.75
N GLN D 178 -5.13 -6.19 67.88
CA GLN D 178 -4.78 -7.22 66.90
C GLN D 178 -3.72 -6.72 65.94
N LEU D 179 -2.74 -7.56 65.63
CA LEU D 179 -1.71 -7.22 64.66
C LEU D 179 -2.37 -7.20 63.28
N SER D 180 -1.82 -6.40 62.37
CA SER D 180 -2.36 -6.34 61.03
C SER D 180 -2.09 -7.69 60.37
N MET D 181 -2.95 -8.10 59.45
CA MET D 181 -2.73 -9.37 58.73
C MET D 181 -1.36 -9.43 58.07
N ASP D 182 -0.89 -8.31 57.52
CA ASP D 182 0.42 -8.29 56.89
C ASP D 182 1.54 -8.62 57.89
N LEU D 183 1.42 -8.11 59.12
CA LEU D 183 2.42 -8.43 60.15
C LEU D 183 2.35 -9.88 60.60
N LYS D 184 1.14 -10.42 60.77
CA LYS D 184 1.01 -11.82 61.20
C LYS D 184 1.59 -12.77 60.18
N CYS D 185 1.26 -12.55 58.92
CA CYS D 185 1.72 -13.40 57.82
C CYS D 185 3.22 -13.30 57.54
N MET D 186 3.80 -12.14 57.82
CA MET D 186 5.24 -11.94 57.63
C MET D 186 5.94 -12.68 58.77
N TYR D 187 5.46 -12.45 59.99
CA TYR D 187 5.99 -13.09 61.20
C TYR D 187 5.93 -14.61 61.08
N LYS D 188 4.86 -15.10 60.47
CA LYS D 188 4.68 -16.52 60.27
C LYS D 188 5.77 -17.07 59.35
N VAL D 189 6.12 -16.30 58.32
CA VAL D 189 7.20 -16.67 57.40
C VAL D 189 8.58 -16.59 58.09
N LEU D 190 8.81 -15.53 58.87
CA LEU D 190 10.07 -15.38 59.59
C LEU D 190 10.27 -16.51 60.59
N LYS D 191 9.17 -16.95 61.21
CA LYS D 191 9.22 -18.04 62.18
C LYS D 191 9.62 -19.35 61.51
N MET D 192 8.99 -19.65 60.37
CA MET D 192 9.32 -20.86 59.63
C MET D 192 10.80 -20.87 59.19
N GLU D 193 11.33 -19.70 58.82
CA GLU D 193 12.72 -19.58 58.40
C GLU D 193 13.73 -19.68 59.55
N LEU D 194 13.31 -19.35 60.77
CA LEU D 194 14.20 -19.50 61.94
C LEU D 194 14.38 -20.99 62.26
N LEU D 195 13.36 -21.79 61.96
CA LEU D 195 13.41 -23.23 62.19
C LEU D 195 14.26 -23.93 61.12
N LYS D 196 14.30 -23.40 59.91
CA LYS D 196 15.11 -23.99 58.83
C LYS D 196 16.56 -23.58 58.98
N ASN D 197 16.78 -22.27 59.11
CA ASN D 197 18.12 -21.72 59.22
C ASN D 197 18.13 -20.35 59.91
N PRO D 198 18.63 -20.29 61.16
CA PRO D 198 18.67 -18.98 61.86
C PRO D 198 19.79 -18.01 61.43
N PHE D 199 20.54 -18.35 60.38
CA PHE D 199 21.60 -17.47 59.85
C PHE D 199 21.26 -17.04 58.40
N ARG D 200 20.06 -17.39 57.92
CA ARG D 200 19.61 -17.05 56.57
C ARG D 200 19.72 -15.57 56.18
N TRP D 201 19.03 -14.72 56.93
CA TRP D 201 18.99 -13.27 56.64
C TRP D 201 20.34 -12.56 56.78
N ARG D 202 21.06 -12.83 57.85
CA ARG D 202 22.38 -12.21 58.03
C ARG D 202 23.38 -12.73 57.00
N GLY D 203 23.14 -13.94 56.51
CA GLY D 203 23.96 -14.53 55.46
C GLY D 203 23.83 -13.78 54.14
N MET D 204 22.62 -13.27 53.87
CA MET D 204 22.35 -12.46 52.65
C MET D 204 23.08 -11.13 52.62
N LEU D 205 23.34 -10.57 53.79
CA LEU D 205 24.00 -9.27 53.87
C LEU D 205 25.38 -9.27 53.23
N LYS D 206 26.11 -10.38 53.29
CA LYS D 206 27.45 -10.41 52.72
C LYS D 206 27.44 -9.98 51.25
N ASP D 207 26.46 -10.48 50.49
CA ASP D 207 26.36 -10.18 49.05
C ASP D 207 25.38 -9.07 48.63
N LEU D 208 24.69 -8.42 49.57
CA LEU D 208 23.75 -7.33 49.20
C LEU D 208 24.46 -6.04 48.92
N TYR D 209 24.25 -5.51 47.73
CA TYR D 209 24.88 -4.26 47.33
C TYR D 209 23.93 -3.04 47.25
N GLY D 210 22.63 -3.24 47.44
CA GLY D 210 21.66 -2.14 47.41
C GLY D 210 20.22 -2.37 47.00
N VAL D 211 19.40 -1.34 47.22
CA VAL D 211 17.96 -1.36 46.84
C VAL D 211 17.56 -0.02 46.18
N SER D 212 16.71 -0.13 45.16
CA SER D 212 16.13 1.00 44.44
C SER D 212 14.70 1.06 44.93
N GLU D 213 14.30 2.16 45.57
CA GLU D 213 12.92 2.29 46.06
C GLU D 213 12.09 3.19 45.12
N GLU D 214 10.96 2.64 44.67
CA GLU D 214 10.07 3.26 43.71
C GLU D 214 9.05 4.31 44.20
N THR D 215 8.53 4.20 45.42
CA THR D 215 7.44 5.10 45.83
C THR D 215 7.66 5.87 47.14
N THR D 216 6.91 6.97 47.27
CA THR D 216 6.98 7.88 48.39
C THR D 216 6.95 7.20 49.74
N THR D 217 6.00 6.29 49.92
CA THR D 217 5.87 5.58 51.19
C THR D 217 7.08 4.71 51.55
N GLY D 218 7.68 4.06 50.56
CA GLY D 218 8.85 3.22 50.79
C GLY D 218 10.07 4.04 51.14
N VAL D 219 10.15 5.24 50.56
CA VAL D 219 11.25 6.16 50.80
C VAL D 219 11.18 6.64 52.23
N LEU D 220 9.97 6.88 52.71
CA LEU D 220 9.77 7.33 54.08
C LEU D 220 10.33 6.27 55.03
N ARG D 221 10.05 5.00 54.74
CA ARG D 221 10.54 3.90 55.58
C ARG D 221 12.07 3.80 55.52
N LEU D 222 12.66 4.11 54.36
CA LEU D 222 14.12 4.12 54.22
C LEU D 222 14.76 5.26 55.02
N LYS D 223 14.15 6.44 54.98
CA LYS D 223 14.69 7.61 55.71
C LYS D 223 14.63 7.42 57.21
N ILE D 224 13.61 6.70 57.70
CA ILE D 224 13.47 6.43 59.13
C ILE D 224 14.61 5.51 59.57
N MET D 225 14.89 4.47 58.78
CA MET D 225 16.01 3.58 59.06
C MET D 225 17.38 4.28 58.99
N GLU D 226 17.51 5.24 58.07
CA GLU D 226 18.76 5.98 57.92
C GLU D 226 19.06 6.82 59.18
N SER D 227 18.05 7.53 59.69
CA SER D 227 18.13 8.40 60.89
C SER D 227 18.53 7.60 62.11
N GLU D 228 17.87 6.47 62.29
CA GLU D 228 18.16 5.56 63.41
C GLU D 228 19.45 4.72 63.26
N GLY D 229 20.13 4.78 62.10
CA GLY D 229 21.35 4.01 61.85
C GLY D 229 21.10 2.51 61.69
N LYS D 230 19.90 2.16 61.24
CA LYS D 230 19.47 0.77 61.08
C LYS D 230 19.43 0.29 59.62
N LEU D 231 19.75 1.16 58.67
CA LEU D 231 19.75 0.79 57.25
C LEU D 231 20.97 -0.12 56.98
N LEU D 232 20.69 -1.35 56.54
CA LEU D 232 21.70 -2.40 56.33
C LEU D 232 22.26 -2.56 54.91
N LEU D 233 21.89 -1.67 53.99
CA LEU D 233 22.42 -1.71 52.62
C LEU D 233 22.25 -0.35 51.94
N PRO D 234 23.08 -0.05 50.91
CA PRO D 234 22.91 1.22 50.21
C PRO D 234 21.54 1.31 49.56
N ALA D 235 21.04 2.52 49.40
CA ALA D 235 19.72 2.68 48.79
C ALA D 235 19.67 3.88 47.87
N ILE D 236 18.87 3.75 46.83
CA ILE D 236 18.64 4.83 45.88
C ILE D 236 17.14 5.14 45.87
N ASN D 237 16.82 6.40 46.15
CA ASN D 237 15.47 6.91 46.13
C ASN D 237 15.16 7.26 44.67
N VAL D 238 14.45 6.36 44.00
CA VAL D 238 14.05 6.55 42.61
C VAL D 238 12.84 7.47 42.54
N ASN D 239 11.97 7.39 43.54
CA ASN D 239 10.73 8.20 43.57
C ASN D 239 10.95 9.70 43.43
N ASP D 240 12.06 10.21 43.96
CA ASP D 240 12.29 11.66 43.90
C ASP D 240 13.07 12.20 42.72
N SER D 241 13.23 11.38 41.68
CA SER D 241 13.83 11.85 40.45
C SER D 241 12.71 12.73 39.89
N VAL D 242 13.07 13.80 39.20
CA VAL D 242 12.06 14.67 38.61
C VAL D 242 11.21 13.88 37.61
N THR D 243 11.86 13.03 36.82
CA THR D 243 11.17 12.23 35.80
C THR D 243 10.35 11.07 36.35
N LYS D 244 10.17 11.05 37.66
CA LYS D 244 9.36 10.04 38.30
C LYS D 244 8.25 10.78 39.07
N SER D 245 8.60 11.53 40.14
CA SER D 245 7.60 12.21 40.96
C SER D 245 6.72 13.20 40.21
N LYS D 246 7.29 13.96 39.29
CA LYS D 246 6.50 14.94 38.54
C LYS D 246 5.65 14.36 37.38
N PHE D 247 5.85 13.09 37.04
CA PHE D 247 5.15 12.46 35.92
C PHE D 247 4.32 11.27 36.34
N ASP D 248 4.98 10.24 36.84
CA ASP D 248 4.31 9.04 37.36
C ASP D 248 3.26 9.40 38.41
N ASN D 249 3.73 9.94 39.53
CA ASN D 249 2.82 10.30 40.61
C ASN D 249 1.65 11.19 40.20
N THR D 250 1.91 12.24 39.43
CA THR D 250 0.87 13.16 39.01
C THR D 250 0.10 12.72 37.75
N TYR D 251 0.74 12.78 36.59
CA TYR D 251 0.07 12.45 35.34
C TYR D 251 -0.34 10.99 35.20
N GLY D 252 0.38 10.08 35.85
CA GLY D 252 0.02 8.68 35.82
C GLY D 252 -1.34 8.52 36.47
N CYS D 253 -1.49 9.02 37.69
CA CYS D 253 -2.77 8.95 38.41
C CYS D 253 -3.93 9.68 37.72
N ARG D 254 -3.65 10.76 37.01
CA ARG D 254 -4.71 11.50 36.32
C ARG D 254 -5.53 10.57 35.43
N GLN D 255 -4.87 9.64 34.77
CA GLN D 255 -5.53 8.64 33.92
C GLN D 255 -5.92 7.37 34.71
N SER D 256 -4.95 6.90 35.46
CA SER D 256 -5.02 5.67 36.26
C SER D 256 -6.14 5.64 37.32
N LEU D 257 -6.35 6.74 38.04
CA LEU D 257 -7.45 6.82 39.01
C LEU D 257 -8.81 6.68 38.29
N LEU D 258 -9.01 7.47 37.23
CA LEU D 258 -10.23 7.42 36.46
C LEU D 258 -10.51 6.00 35.95
N HIS D 259 -9.48 5.31 35.50
CA HIS D 259 -9.65 3.96 34.98
C HIS D 259 -10.19 3.09 36.11
N GLY D 260 -9.55 3.19 37.29
CA GLY D 260 -9.98 2.44 38.47
C GLY D 260 -11.40 2.74 38.91
N LEU D 261 -11.75 4.02 38.96
CA LEU D 261 -13.11 4.39 39.34
C LEU D 261 -14.12 3.93 38.30
N PHE D 262 -13.83 4.14 37.02
CA PHE D 262 -14.77 3.71 36.01
C PHE D 262 -15.06 2.21 36.10
N ASN D 263 -14.04 1.41 36.43
CA ASN D 263 -14.23 -0.06 36.55
C ASN D 263 -14.93 -0.47 37.84
N GLY D 264 -14.57 0.13 38.97
CA GLY D 264 -15.18 -0.24 40.27
C GLY D 264 -16.47 0.45 40.67
N CYS D 265 -16.61 1.71 40.24
CA CYS D 265 -17.78 2.52 40.55
C CYS D 265 -18.63 2.66 39.31
N ILE D 266 -19.89 2.23 39.40
CA ILE D 266 -20.79 2.30 38.25
C ILE D 266 -21.34 3.70 37.98
N GLN D 267 -21.28 4.58 38.98
CA GLN D 267 -21.83 5.93 38.86
C GLN D 267 -21.06 6.91 38.00
N MET D 268 -21.77 7.96 37.59
CA MET D 268 -21.24 9.03 36.78
C MET D 268 -20.52 9.96 37.72
N LEU D 269 -19.34 10.40 37.31
CA LEU D 269 -18.58 11.31 38.14
C LEU D 269 -18.98 12.78 37.98
N ALA D 270 -19.50 13.15 36.82
CA ALA D 270 -19.85 14.55 36.58
C ALA D 270 -20.86 15.07 37.58
N GLY D 271 -20.57 16.27 38.13
CA GLY D 271 -21.45 16.93 39.08
C GLY D 271 -21.40 16.43 40.52
N LYS D 272 -20.71 15.32 40.74
CA LYS D 272 -20.60 14.76 42.08
C LYS D 272 -19.57 15.53 42.89
N LYS D 273 -19.75 15.55 44.22
CA LYS D 273 -18.78 16.18 45.11
C LYS D 273 -17.82 15.03 45.44
N ILE D 274 -16.58 15.16 45.03
CA ILE D 274 -15.61 14.11 45.25
C ILE D 274 -14.52 14.71 46.10
N VAL D 275 -14.31 14.11 47.26
CA VAL D 275 -13.28 14.58 48.20
C VAL D 275 -11.96 13.88 47.95
N VAL D 276 -10.93 14.64 47.65
CA VAL D 276 -9.59 14.11 47.47
C VAL D 276 -8.86 14.50 48.73
N LEU D 277 -8.52 13.51 49.57
CA LEU D 277 -7.82 13.76 50.80
C LEU D 277 -6.31 13.67 50.51
N GLY D 278 -5.65 14.82 50.54
CA GLY D 278 -4.22 14.90 50.25
C GLY D 278 -4.08 15.52 48.87
N TYR D 279 -3.34 16.63 48.78
CA TYR D 279 -3.15 17.36 47.53
C TYR D 279 -1.65 17.51 47.29
N GLY D 280 -0.97 16.36 47.34
CA GLY D 280 0.46 16.26 47.07
C GLY D 280 0.62 15.89 45.61
N GLU D 281 1.71 15.21 45.27
CA GLU D 281 2.01 14.84 43.89
C GLU D 281 0.84 14.04 43.28
N VAL D 282 0.37 13.05 44.04
CA VAL D 282 -0.74 12.17 43.62
C VAL D 282 -2.08 12.88 43.62
N GLY D 283 -2.38 13.58 44.70
CA GLY D 283 -3.64 14.30 44.83
C GLY D 283 -3.87 15.30 43.72
N LYS D 284 -2.81 16.00 43.34
CA LYS D 284 -2.90 16.97 42.27
C LYS D 284 -3.39 16.32 40.98
N GLY D 285 -2.82 15.17 40.66
CA GLY D 285 -3.20 14.43 39.45
C GLY D 285 -4.61 13.90 39.52
N CYS D 286 -4.98 13.33 40.67
CA CYS D 286 -6.33 12.82 40.88
C CYS D 286 -7.33 13.93 40.62
N ALA D 287 -7.08 15.09 41.22
CA ALA D 287 -7.96 16.24 41.05
C ALA D 287 -8.10 16.66 39.57
N GLN D 288 -6.99 16.68 38.84
CA GLN D 288 -7.05 17.08 37.43
C GLN D 288 -7.95 16.18 36.60
N GLY D 289 -7.83 14.87 36.83
CA GLY D 289 -8.62 13.90 36.10
C GLY D 289 -10.08 13.99 36.44
N LEU D 290 -10.37 14.07 37.72
CA LEU D 290 -11.75 14.19 38.20
C LEU D 290 -12.43 15.45 37.64
N SER D 291 -11.74 16.59 37.68
CA SER D 291 -12.26 17.82 37.09
C SER D 291 -12.48 17.64 35.60
N GLY D 292 -11.55 16.96 34.95
CA GLY D 292 -11.60 16.72 33.53
C GLY D 292 -12.87 16.07 33.04
N VAL D 293 -13.54 15.31 33.93
CA VAL D 293 -14.78 14.62 33.55
C VAL D 293 -16.00 15.17 34.31
N GLY D 294 -15.88 16.44 34.74
CA GLY D 294 -16.96 17.18 35.36
C GLY D 294 -17.24 17.09 36.82
N ALA D 295 -16.40 16.43 37.59
CA ALA D 295 -16.63 16.31 39.02
C ALA D 295 -16.34 17.63 39.71
N ARG D 296 -16.85 17.79 40.92
CA ARG D 296 -16.59 18.98 41.73
C ARG D 296 -15.70 18.49 42.85
N VAL D 297 -14.41 18.78 42.72
CA VAL D 297 -13.45 18.32 43.71
C VAL D 297 -13.41 19.20 44.96
N ILE D 298 -13.49 18.55 46.12
CA ILE D 298 -13.27 19.17 47.41
C ILE D 298 -11.92 18.57 47.90
N VAL D 299 -11.01 19.40 48.40
CA VAL D 299 -9.70 18.93 48.90
C VAL D 299 -9.56 19.03 50.41
N THR D 300 -8.84 18.08 50.99
CA THR D 300 -8.57 17.99 52.42
C THR D 300 -7.09 18.01 52.45
N GLU D 301 -6.50 18.75 53.36
CA GLU D 301 -5.06 18.86 53.41
C GLU D 301 -4.59 19.45 54.76
N ILE D 302 -3.39 19.05 55.18
CA ILE D 302 -2.77 19.52 56.45
C ILE D 302 -1.68 20.57 56.21
N ASP D 303 -1.20 20.63 54.97
CA ASP D 303 -0.11 21.52 54.60
C ASP D 303 -0.70 22.82 54.06
N PRO D 304 -0.41 23.95 54.73
CA PRO D 304 -0.96 25.20 54.26
C PRO D 304 -0.52 25.59 52.84
N ILE D 305 0.68 25.18 52.41
CA ILE D 305 1.15 25.50 51.07
C ILE D 305 0.36 24.70 50.05
N CYS D 306 0.18 23.41 50.31
CA CYS D 306 -0.57 22.56 49.38
C CYS D 306 -2.02 23.00 49.37
N ALA D 307 -2.54 23.43 50.51
CA ALA D 307 -3.92 23.87 50.59
C ALA D 307 -4.14 25.08 49.70
N LEU D 308 -3.22 26.04 49.74
CA LEU D 308 -3.30 27.22 48.88
C LEU D 308 -3.19 26.85 47.41
N GLN D 309 -2.39 25.83 47.08
CA GLN D 309 -2.26 25.41 45.67
C GLN D 309 -3.61 24.94 45.15
N ALA D 310 -4.32 24.19 45.97
CA ALA D 310 -5.64 23.69 45.61
C ALA D 310 -6.60 24.85 45.36
N SER D 311 -6.60 25.87 46.22
CA SER D 311 -7.48 27.05 46.01
C SER D 311 -7.24 27.72 44.68
N MET D 312 -5.97 27.89 44.33
CA MET D 312 -5.58 28.52 43.08
C MET D 312 -6.06 27.75 41.87
N GLU D 313 -6.34 26.46 42.03
CA GLU D 313 -6.86 25.65 40.92
C GLU D 313 -8.40 25.59 40.98
N GLY D 314 -9.01 26.44 41.81
CA GLY D 314 -10.48 26.52 41.92
C GLY D 314 -11.15 25.52 42.83
N TYR D 315 -10.38 24.79 43.64
CA TYR D 315 -10.98 23.80 44.51
C TYR D 315 -11.21 24.30 45.92
N GLN D 316 -12.32 23.87 46.48
CA GLN D 316 -12.68 24.16 47.85
C GLN D 316 -11.80 23.30 48.75
N VAL D 317 -11.32 23.87 49.84
CA VAL D 317 -10.49 23.12 50.80
C VAL D 317 -11.21 23.10 52.13
N SER D 318 -11.55 21.90 52.59
CA SER D 318 -12.32 21.70 53.82
C SER D 318 -11.79 20.58 54.67
N VAL D 319 -12.23 20.58 55.93
CA VAL D 319 -11.91 19.50 56.84
C VAL D 319 -12.99 18.44 56.56
N LEU D 320 -12.59 17.16 56.60
CA LEU D 320 -13.50 16.07 56.28
C LEU D 320 -14.82 16.12 57.07
N GLU D 321 -14.75 16.44 58.35
CA GLU D 321 -15.95 16.53 59.22
C GLU D 321 -17.09 17.41 58.66
N ASP D 322 -16.72 18.51 58.01
CA ASP D 322 -17.67 19.47 57.43
C ASP D 322 -18.27 19.06 56.09
N VAL D 323 -17.67 18.10 55.40
CA VAL D 323 -18.19 17.61 54.11
C VAL D 323 -18.54 16.11 54.04
N VAL D 324 -18.23 15.33 55.07
CA VAL D 324 -18.49 13.88 55.05
C VAL D 324 -19.95 13.45 54.81
N SER D 325 -20.92 14.19 55.32
CA SER D 325 -22.33 13.81 55.15
C SER D 325 -22.90 14.10 53.77
N GLU D 326 -22.32 15.07 53.06
CA GLU D 326 -22.83 15.51 51.76
C GLU D 326 -22.06 15.02 50.54
N ALA D 327 -20.77 14.75 50.70
CA ALA D 327 -19.97 14.28 49.57
C ALA D 327 -20.40 12.90 49.07
N ASP D 328 -20.16 12.65 47.80
CA ASP D 328 -20.55 11.42 47.12
C ASP D 328 -19.45 10.34 47.04
N ILE D 329 -18.22 10.75 46.78
CA ILE D 329 -17.09 9.84 46.63
C ILE D 329 -15.89 10.35 47.43
N PHE D 330 -15.15 9.43 48.05
CA PHE D 330 -13.96 9.77 48.85
C PHE D 330 -12.73 9.03 48.34
N ILE D 331 -11.66 9.78 48.05
CA ILE D 331 -10.40 9.23 47.50
C ILE D 331 -9.26 9.65 48.41
N THR D 332 -8.61 8.69 49.04
CA THR D 332 -7.49 8.99 49.94
C THR D 332 -6.17 8.93 49.21
N ALA D 333 -5.39 9.99 49.30
CA ALA D 333 -4.07 10.09 48.64
C ALA D 333 -3.05 10.78 49.55
N THR D 334 -3.01 10.37 50.81
CA THR D 334 -2.18 11.00 51.83
C THR D 334 -0.89 10.31 52.18
N GLY D 335 -0.86 9.00 52.03
CA GLY D 335 0.29 8.21 52.48
C GLY D 335 0.31 8.17 54.01
N ASN D 336 -0.85 8.49 54.62
CA ASN D 336 -0.99 8.54 56.05
C ASN D 336 -1.88 7.38 56.58
N LYS D 337 -2.34 7.49 57.83
CA LYS D 337 -3.10 6.47 58.52
C LYS D 337 -4.37 7.02 59.15
N ASP D 338 -5.45 6.24 59.07
CA ASP D 338 -6.73 6.59 59.69
C ASP D 338 -7.22 7.97 59.27
N VAL D 339 -7.27 8.16 57.96
CA VAL D 339 -7.77 9.39 57.35
C VAL D 339 -9.30 9.32 57.17
N ILE D 340 -9.81 8.10 56.94
CA ILE D 340 -11.24 7.78 56.86
C ILE D 340 -11.42 6.74 57.99
N THR D 341 -12.18 7.09 59.02
CA THR D 341 -12.45 6.25 60.19
C THR D 341 -13.85 5.65 60.07
N VAL D 342 -14.20 4.70 60.95
CA VAL D 342 -15.53 4.11 60.92
C VAL D 342 -16.53 5.20 61.31
N GLU D 343 -16.15 6.08 62.24
CA GLU D 343 -17.05 7.16 62.66
C GLU D 343 -17.34 8.10 61.50
N HIS D 344 -16.40 8.23 60.57
CA HIS D 344 -16.64 9.03 59.37
C HIS D 344 -17.62 8.29 58.44
N MET D 345 -17.35 7.01 58.18
CA MET D 345 -18.20 6.19 57.29
C MET D 345 -19.67 6.08 57.73
N ARG D 346 -19.93 6.18 59.03
CA ARG D 346 -21.30 6.08 59.53
C ARG D 346 -22.10 7.34 59.23
N LYS D 347 -21.42 8.47 59.10
CA LYS D 347 -22.05 9.74 58.78
C LYS D 347 -22.22 9.95 57.27
N MET D 348 -21.58 9.10 56.45
CA MET D 348 -21.71 9.18 54.98
C MET D 348 -23.11 8.84 54.50
N LYS D 349 -23.41 9.24 53.29
CA LYS D 349 -24.73 8.99 52.74
C LYS D 349 -24.84 7.69 51.98
N GLU D 350 -26.09 7.28 51.74
CA GLU D 350 -26.40 6.03 51.07
C GLU D 350 -25.58 5.83 49.79
N ASN D 351 -24.90 4.69 49.72
CA ASN D 351 -24.07 4.27 48.60
C ASN D 351 -22.95 5.22 48.23
N ALA D 352 -22.35 5.80 49.25
CA ALA D 352 -21.20 6.64 49.05
C ALA D 352 -20.05 5.69 48.73
N TYR D 353 -19.22 6.06 47.76
CA TYR D 353 -18.07 5.25 47.37
C TYR D 353 -16.80 5.72 48.07
N ILE D 354 -15.97 4.76 48.48
CA ILE D 354 -14.73 5.03 49.19
C ILE D 354 -13.60 4.26 48.50
N ALA D 355 -12.50 4.95 48.21
CA ALA D 355 -11.36 4.35 47.54
C ALA D 355 -10.06 4.96 47.99
N ASN D 356 -8.98 4.21 47.79
CA ASN D 356 -7.64 4.61 48.21
C ASN D 356 -6.65 4.48 47.07
N ILE D 357 -5.78 5.48 46.94
CA ILE D 357 -4.76 5.45 45.91
C ILE D 357 -3.35 5.62 46.51
N GLY D 358 -3.23 5.70 47.84
CA GLY D 358 -1.92 5.81 48.54
C GLY D 358 -1.42 4.38 48.61
N HIS D 359 -0.13 4.16 48.88
CA HIS D 359 0.38 2.75 48.81
C HIS D 359 -0.26 1.62 49.69
N PHE D 360 -0.58 1.86 50.96
CA PHE D 360 -1.15 0.79 51.81
C PHE D 360 -2.59 1.00 52.13
N ASP D 361 -3.21 -0.03 52.72
CA ASP D 361 -4.63 0.01 53.16
C ASP D 361 -4.93 0.64 54.56
N ASP D 362 -3.95 1.33 55.15
CA ASP D 362 -4.10 1.99 56.45
C ASP D 362 -4.90 3.28 56.38
N GLU D 363 -4.90 3.93 55.22
CA GLU D 363 -5.58 5.23 55.06
C GLU D 363 -7.04 5.17 55.43
N ILE D 364 -7.65 4.02 55.17
CA ILE D 364 -9.05 3.79 55.47
C ILE D 364 -9.05 2.68 56.52
N ASP D 365 -9.86 2.83 57.57
CA ASP D 365 -9.93 1.82 58.61
C ASP D 365 -10.79 0.65 58.13
N VAL D 366 -10.22 -0.15 57.25
CA VAL D 366 -10.91 -1.29 56.65
C VAL D 366 -11.13 -2.36 57.70
N TYR D 367 -10.13 -2.59 58.56
CA TYR D 367 -10.27 -3.61 59.62
C TYR D 367 -11.47 -3.28 60.52
N GLY D 368 -11.58 -2.01 60.90
CA GLY D 368 -12.67 -1.56 61.76
C GLY D 368 -14.03 -1.73 61.10
N LEU D 369 -14.08 -1.46 59.80
CA LEU D 369 -15.31 -1.60 59.06
C LEU D 369 -15.76 -3.07 58.94
N GLU D 370 -14.85 -3.97 58.57
CA GLU D 370 -15.20 -5.39 58.38
C GLU D 370 -15.58 -6.05 59.70
N ASN D 371 -14.98 -5.59 60.79
CA ASN D 371 -15.23 -6.14 62.12
C ASN D 371 -16.23 -5.34 62.97
N TYR D 372 -16.96 -4.43 62.34
CA TYR D 372 -17.95 -3.64 63.08
C TYR D 372 -19.06 -4.59 63.54
N PRO D 373 -19.54 -4.45 64.80
CA PRO D 373 -20.59 -5.35 65.34
C PRO D 373 -21.88 -5.39 64.51
N GLY D 374 -22.23 -6.60 64.06
CA GLY D 374 -23.44 -6.83 63.27
C GLY D 374 -23.51 -6.19 61.89
N ILE D 375 -22.36 -5.91 61.28
CA ILE D 375 -22.36 -5.30 59.97
C ILE D 375 -22.60 -6.37 58.92
N LYS D 376 -23.26 -5.99 57.83
CA LYS D 376 -23.48 -6.89 56.70
C LYS D 376 -22.67 -6.47 55.50
N VAL D 377 -22.01 -7.43 54.89
CA VAL D 377 -21.16 -7.18 53.72
C VAL D 377 -21.62 -8.05 52.56
N ILE D 378 -21.62 -7.48 51.35
CA ILE D 378 -22.00 -8.23 50.15
C ILE D 378 -21.05 -7.81 48.99
N GLU D 379 -20.68 -8.78 48.17
CA GLU D 379 -19.79 -8.55 47.05
C GLU D 379 -20.61 -8.02 45.87
N VAL D 380 -20.38 -6.75 45.51
CA VAL D 380 -21.07 -6.13 44.38
C VAL D 380 -20.54 -6.67 43.06
N LYS D 381 -19.23 -6.90 43.05
CA LYS D 381 -18.52 -7.44 41.89
C LYS D 381 -17.09 -7.79 42.28
N GLN D 382 -16.29 -8.13 41.29
CA GLN D 382 -14.90 -8.47 41.47
C GLN D 382 -14.17 -7.35 42.24
N ASN D 383 -13.84 -7.61 43.51
CA ASN D 383 -13.13 -6.64 44.37
C ASN D 383 -13.87 -5.32 44.68
N VAL D 384 -15.18 -5.39 44.90
CA VAL D 384 -15.99 -4.21 45.23
C VAL D 384 -17.00 -4.73 46.23
N HIS D 385 -17.01 -4.15 47.43
CA HIS D 385 -17.88 -4.62 48.50
C HIS D 385 -18.72 -3.52 49.09
N LYS D 386 -19.96 -3.87 49.36
CA LYS D 386 -20.93 -2.96 49.96
C LYS D 386 -21.14 -3.37 51.41
N PHE D 387 -20.87 -2.44 52.33
CA PHE D 387 -21.04 -2.66 53.77
C PHE D 387 -22.24 -1.88 54.28
N THR D 388 -23.13 -2.57 55.00
CA THR D 388 -24.36 -1.96 55.53
C THR D 388 -24.38 -1.98 57.07
N PHE D 389 -24.49 -0.79 57.71
CA PHE D 389 -24.51 -0.69 59.18
C PHE D 389 -25.89 -1.10 59.68
N PRO D 390 -25.94 -1.85 60.80
CA PRO D 390 -27.22 -2.36 61.31
C PRO D 390 -28.17 -1.32 61.95
N ASP D 391 -27.63 -0.27 62.55
CA ASP D 391 -28.48 0.72 63.24
C ASP D 391 -29.14 1.73 62.29
N THR D 392 -28.36 2.30 61.37
CA THR D 392 -28.88 3.30 60.43
C THR D 392 -29.42 2.69 59.14
N GLN D 393 -29.01 1.46 58.83
CA GLN D 393 -29.42 0.71 57.60
C GLN D 393 -28.76 1.29 56.35
N LYS D 394 -27.87 2.26 56.53
CA LYS D 394 -27.17 2.89 55.42
C LYS D 394 -25.95 2.08 55.00
N SER D 395 -25.55 2.25 53.75
CA SER D 395 -24.44 1.48 53.19
C SER D 395 -23.36 2.35 52.55
N VAL D 396 -22.15 1.80 52.48
CA VAL D 396 -21.00 2.44 51.82
C VAL D 396 -20.34 1.38 50.94
N ILE D 397 -19.87 1.78 49.76
CA ILE D 397 -19.24 0.85 48.84
C ILE D 397 -17.76 1.10 48.92
N LEU D 398 -17.00 0.06 49.21
CA LEU D 398 -15.53 0.15 49.31
C LEU D 398 -14.89 -0.54 48.09
N LEU D 399 -13.92 0.12 47.47
CA LEU D 399 -13.25 -0.44 46.31
C LEU D 399 -12.01 -1.22 46.74
N CYS D 400 -11.97 -2.48 46.29
CA CYS D 400 -10.88 -3.43 46.57
C CYS D 400 -10.22 -3.34 47.95
N LYS D 401 -11.06 -3.51 48.95
CA LYS D 401 -10.66 -3.52 50.35
C LYS D 401 -9.69 -2.44 50.75
N GLY D 402 -9.88 -1.23 50.25
CA GLY D 402 -9.03 -0.10 50.61
C GLY D 402 -7.61 -0.11 50.10
N ARG D 403 -7.32 -0.96 49.11
CA ARG D 403 -5.99 -1.02 48.50
C ARG D 403 -5.99 -0.26 47.20
N LEU D 404 -4.78 0.06 46.72
CA LEU D 404 -4.58 0.83 45.47
C LEU D 404 -5.65 0.60 44.41
N VAL D 405 -6.58 1.54 44.25
CA VAL D 405 -7.68 1.35 43.30
C VAL D 405 -7.22 1.38 41.85
N ASN D 406 -6.21 2.18 41.55
CA ASN D 406 -5.74 2.24 40.17
C ASN D 406 -5.14 0.91 39.67
N LEU D 407 -4.52 0.16 40.57
CA LEU D 407 -3.94 -1.15 40.28
C LEU D 407 -4.84 -2.33 40.66
N GLY D 408 -5.73 -2.13 41.62
CA GLY D 408 -6.67 -3.16 42.07
C GLY D 408 -7.88 -3.33 41.17
N CYS D 409 -8.51 -2.23 40.79
CA CYS D 409 -9.69 -2.24 39.91
C CYS D 409 -9.36 -1.99 38.44
N ALA D 410 -8.12 -1.59 38.15
CA ALA D 410 -7.68 -1.34 36.77
C ALA D 410 -6.23 -1.83 36.58
N THR D 411 -5.53 -1.32 35.58
CA THR D 411 -4.19 -1.79 35.24
C THR D 411 -3.04 -0.86 35.56
N GLY D 412 -3.28 0.09 36.46
CA GLY D 412 -2.25 1.04 36.85
C GLY D 412 -1.92 2.06 35.78
N HIS D 413 -0.79 2.73 35.94
CA HIS D 413 -0.37 3.74 35.00
C HIS D 413 -0.07 3.14 33.65
N PRO D 414 -0.18 3.94 32.61
CA PRO D 414 0.11 3.47 31.26
C PRO D 414 1.62 3.40 30.98
N PRO D 415 2.03 2.74 29.88
CA PRO D 415 3.44 2.53 29.54
C PRO D 415 4.34 3.74 29.48
N LEU D 416 3.92 4.82 28.84
CA LEU D 416 4.78 6.00 28.71
C LEU D 416 5.36 6.48 30.03
N VAL D 417 4.51 6.69 31.02
CA VAL D 417 5.04 7.21 32.32
C VAL D 417 5.79 6.16 33.09
N MET D 418 5.42 4.89 32.95
CA MET D 418 6.14 3.84 33.69
C MET D 418 7.52 3.63 33.10
N SER D 419 7.67 3.96 31.82
CA SER D 419 8.97 3.83 31.16
C SER D 419 9.92 4.85 31.75
N MET D 420 9.39 6.02 32.10
CA MET D 420 10.19 7.06 32.72
C MET D 420 10.59 6.63 34.12
N SER D 421 9.65 6.06 34.86
CA SER D 421 9.94 5.58 36.21
C SER D 421 10.90 4.41 36.16
N PHE D 422 10.70 3.51 35.20
CA PHE D 422 11.54 2.32 35.09
C PHE D 422 12.91 2.55 34.46
N THR D 423 13.06 3.59 33.65
CA THR D 423 14.37 3.93 33.10
C THR D 423 15.22 4.37 34.29
N ASN D 424 14.62 5.11 35.22
CA ASN D 424 15.32 5.50 36.47
C ASN D 424 15.73 4.27 37.28
N GLN D 425 14.83 3.29 37.35
CA GLN D 425 15.13 2.05 38.07
C GLN D 425 16.37 1.33 37.52
N VAL D 426 16.40 1.15 36.21
CA VAL D 426 17.52 0.45 35.58
C VAL D 426 18.81 1.20 35.84
N LEU D 427 18.78 2.53 35.69
CA LEU D 427 19.95 3.36 35.94
C LEU D 427 20.40 3.28 37.40
N ALA D 428 19.44 3.14 38.31
CA ALA D 428 19.75 3.00 39.74
C ALA D 428 20.40 1.63 40.00
N GLN D 429 19.84 0.58 39.39
CA GLN D 429 20.38 -0.77 39.55
C GLN D 429 21.80 -0.83 38.99
N MET D 430 22.05 -0.18 37.84
CA MET D 430 23.39 -0.14 37.26
C MET D 430 24.38 0.59 38.15
N ASP D 431 23.91 1.66 38.79
CA ASP D 431 24.73 2.46 39.69
C ASP D 431 25.15 1.64 40.91
N LEU D 432 24.17 1.01 41.57
CA LEU D 432 24.43 0.18 42.77
C LEU D 432 25.38 -0.97 42.48
N TRP D 433 25.19 -1.61 41.34
CA TRP D 433 26.02 -2.74 40.91
C TRP D 433 27.43 -2.32 40.57
N LYS D 434 27.56 -1.18 39.91
CA LYS D 434 28.87 -0.70 39.54
C LYS D 434 29.69 -0.22 40.77
N SER D 435 29.02 0.00 41.91
CA SER D 435 29.69 0.46 43.14
C SER D 435 29.97 -0.68 44.11
N ARG D 436 29.58 -1.92 43.78
CA ARG D 436 29.82 -3.10 44.62
C ARG D 436 31.04 -3.05 45.53
N GLU D 437 32.21 -2.83 44.91
CA GLU D 437 33.50 -2.84 45.58
C GLU D 437 33.62 -1.92 46.80
N LEU D 438 32.93 -0.77 46.74
CA LEU D 438 32.95 0.20 47.84
C LEU D 438 32.12 -0.23 49.06
N VAL D 439 31.26 -1.23 48.91
CA VAL D 439 30.41 -1.73 50.01
C VAL D 439 31.24 -2.74 50.79
N ASP D 440 31.97 -2.27 51.81
CA ASP D 440 32.82 -3.12 52.63
C ASP D 440 32.18 -3.32 54.01
N ARG D 441 31.70 -4.53 54.25
CA ARG D 441 31.03 -4.88 55.51
C ARG D 441 31.93 -5.32 56.66
N SER D 442 33.22 -5.50 56.39
CA SER D 442 34.18 -5.85 57.43
C SER D 442 34.43 -4.65 58.34
N LYS D 443 33.99 -3.48 57.90
CA LYS D 443 34.17 -2.25 58.65
C LYS D 443 32.81 -1.60 59.20
N ASN D 444 31.64 -2.24 59.13
CA ASN D 444 30.42 -1.61 59.71
C ASN D 444 30.24 -0.10 59.63
N THR D 445 29.86 0.31 58.44
CA THR D 445 29.61 1.69 58.15
C THR D 445 28.12 1.85 58.06
N ARG D 446 27.70 3.09 58.24
CA ARG D 446 26.29 3.41 58.10
C ARG D 446 25.97 3.43 56.60
N PHE D 447 24.80 2.97 56.18
CA PHE D 447 24.49 3.14 54.78
C PHE D 447 23.48 4.27 54.71
N PHE D 448 23.52 4.98 53.58
CA PHE D 448 22.64 6.10 53.35
C PHE D 448 21.77 5.93 52.08
N VAL D 449 20.83 6.86 51.92
CA VAL D 449 19.92 6.92 50.78
C VAL D 449 20.38 8.06 49.89
N LYS D 450 20.58 7.83 48.60
CA LYS D 450 20.98 8.90 47.69
C LYS D 450 20.03 8.91 46.51
N LYS D 451 20.14 9.93 45.67
CA LYS D 451 19.30 10.08 44.49
C LYS D 451 20.16 10.11 43.25
N LEU D 452 19.56 9.91 42.10
CA LEU D 452 20.28 9.96 40.83
C LEU D 452 20.54 11.42 40.50
N SER D 453 21.57 11.67 39.69
CA SER D 453 21.94 13.04 39.33
C SER D 453 20.94 13.67 38.39
N LYS D 454 20.98 14.99 38.30
CA LYS D 454 20.13 15.74 37.39
C LYS D 454 20.53 15.44 35.94
N GLU D 455 21.82 15.20 35.70
CA GLU D 455 22.29 14.82 34.36
C GLU D 455 21.48 13.62 33.86
N LEU D 456 21.36 12.59 34.70
CA LEU D 456 20.62 11.38 34.32
C LEU D 456 19.12 11.62 34.25
N ASP D 457 18.65 12.51 35.09
CA ASP D 457 17.22 12.83 35.16
C ASP D 457 16.80 13.46 33.82
N GLU D 458 17.63 14.37 33.29
CA GLU D 458 17.38 14.99 31.99
C GLU D 458 17.53 13.96 30.86
N TYR D 459 18.49 13.05 31.00
CA TYR D 459 18.72 11.98 30.02
C TYR D 459 17.43 11.15 29.86
N VAL D 460 16.82 10.75 30.98
CA VAL D 460 15.57 10.00 30.95
C VAL D 460 14.53 10.75 30.12
N ALA D 461 14.39 12.06 30.35
CA ALA D 461 13.44 12.87 29.58
C ALA D 461 13.78 12.90 28.08
N ARG D 462 15.05 13.07 27.73
CA ARG D 462 15.44 13.09 26.30
C ARG D 462 15.03 11.82 25.57
N LEU D 463 15.21 10.67 26.23
CA LEU D 463 14.87 9.40 25.63
C LEU D 463 13.39 9.24 25.23
N HIS D 464 12.51 10.04 25.84
CA HIS D 464 11.08 9.95 25.53
C HIS D 464 10.50 11.11 24.69
N LEU D 465 11.34 12.04 24.24
CA LEU D 465 10.82 13.15 23.45
C LEU D 465 10.20 12.73 22.12
N ASP D 466 10.82 11.80 21.41
CA ASP D 466 10.29 11.33 20.11
C ASP D 466 8.94 10.61 20.19
N VAL D 467 8.61 10.04 21.32
CA VAL D 467 7.32 9.37 21.51
C VAL D 467 6.19 10.36 21.17
N LEU D 468 6.30 11.59 21.66
CA LEU D 468 5.28 12.60 21.43
C LEU D 468 5.61 13.68 20.39
N GLY D 469 6.63 13.46 19.55
CA GLY D 469 7.02 14.42 18.54
C GLY D 469 7.48 15.76 19.05
N ILE D 470 8.08 15.79 20.23
CA ILE D 470 8.59 17.02 20.82
C ILE D 470 9.87 17.44 20.12
N LYS D 471 10.00 18.73 19.87
CA LYS D 471 11.19 19.27 19.21
C LYS D 471 11.89 20.24 20.15
N LEU D 472 13.06 19.85 20.66
CA LEU D 472 13.82 20.74 21.53
C LEU D 472 14.58 21.80 20.78
N THR D 473 14.64 22.96 21.42
CA THR D 473 15.39 24.06 20.94
C THR D 473 16.80 23.86 21.53
N LYS D 474 17.81 24.32 20.80
CA LYS D 474 19.16 24.18 21.27
C LYS D 474 19.73 25.59 21.53
N LEU D 475 20.35 25.78 22.68
CA LEU D 475 20.95 27.06 23.05
C LEU D 475 22.16 27.40 22.19
N THR D 476 22.37 28.68 21.93
CA THR D 476 23.53 29.14 21.18
C THR D 476 24.63 29.33 22.24
N GLU D 477 25.87 29.54 21.82
CA GLU D 477 26.96 29.74 22.78
C GLU D 477 26.66 30.90 23.67
N THR D 478 26.21 32.00 23.08
CA THR D 478 25.90 33.23 23.82
C THR D 478 24.78 33.06 24.84
N GLN D 479 23.73 32.37 24.42
CA GLN D 479 22.58 32.11 25.30
C GLN D 479 22.97 31.27 26.49
N ALA D 480 23.76 30.22 26.23
CA ALA D 480 24.21 29.33 27.29
C ALA D 480 25.03 30.09 28.31
N LYS D 481 25.88 30.97 27.83
CA LYS D 481 26.70 31.79 28.70
C LYS D 481 25.84 32.78 29.50
N TYR D 482 24.87 33.40 28.82
CA TYR D 482 24.01 34.41 29.45
C TYR D 482 23.26 33.85 30.65
N ILE D 483 22.66 32.68 30.50
CA ILE D 483 21.91 32.04 31.59
C ILE D 483 22.79 31.13 32.46
N ASN D 484 24.08 31.09 32.12
CA ASN D 484 25.08 30.35 32.87
C ASN D 484 24.81 28.83 33.04
N VAL D 485 24.76 28.14 31.90
CA VAL D 485 24.57 26.70 31.84
C VAL D 485 25.31 26.15 30.63
N SER D 486 25.54 24.86 30.62
CA SER D 486 26.19 24.21 29.51
C SER D 486 25.13 23.98 28.43
N ILE D 487 25.53 24.00 27.17
CA ILE D 487 24.58 23.73 26.07
C ILE D 487 23.87 22.37 26.25
N ASN D 488 24.60 21.40 26.80
CA ASN D 488 24.05 20.05 27.01
C ASN D 488 23.46 19.81 28.40
N GLY D 489 23.35 20.87 29.19
CA GLY D 489 22.79 20.78 30.52
C GLY D 489 23.78 20.30 31.56
N PRO D 490 23.34 20.15 32.81
CA PRO D 490 21.98 20.41 33.26
C PRO D 490 21.54 21.88 33.18
N TYR D 491 20.24 22.10 33.01
CA TYR D 491 19.68 23.44 32.80
C TYR D 491 19.14 24.15 34.02
N LYS D 492 18.94 23.43 35.13
CA LYS D 492 18.43 24.04 36.36
C LYS D 492 19.26 23.68 37.58
N SER D 493 19.09 24.50 38.62
CA SER D 493 19.77 24.31 39.90
C SER D 493 19.20 23.09 40.59
N GLU D 494 19.95 22.54 41.53
CA GLU D 494 19.50 21.36 42.29
C GLU D 494 18.23 21.60 43.09
N ASP D 495 18.00 22.83 43.51
CA ASP D 495 16.80 23.16 44.29
C ASP D 495 15.53 23.48 43.45
N TYR D 496 15.66 23.52 42.11
CA TYR D 496 14.55 23.87 41.22
C TYR D 496 13.40 22.89 41.34
N ARG D 497 12.18 23.41 41.40
CA ARG D 497 11.00 22.59 41.63
C ARG D 497 10.13 22.23 40.42
N TYR D 498 10.52 22.69 39.23
CA TYR D 498 9.78 22.36 38.01
C TYR D 498 8.27 22.67 38.12
N LYS E 5 -11.51 -64.40 -57.01
CA LYS E 5 -11.06 -64.90 -55.67
C LYS E 5 -12.05 -64.60 -54.55
N MET E 6 -12.59 -65.60 -53.87
CA MET E 6 -13.52 -65.34 -52.76
C MET E 6 -12.79 -65.21 -51.44
N GLU E 7 -11.58 -65.79 -51.34
CA GLU E 7 -10.77 -65.74 -50.11
C GLU E 7 -9.67 -64.71 -50.28
N SER E 8 -9.18 -64.21 -49.15
CA SER E 8 -8.15 -63.18 -49.13
C SER E 8 -6.74 -63.67 -49.45
N ARG E 9 -5.90 -62.72 -49.86
CA ARG E 9 -4.46 -62.94 -50.12
C ARG E 9 -3.68 -61.97 -49.22
N ILE E 10 -3.04 -62.50 -48.16
CA ILE E 10 -2.25 -61.70 -47.21
C ILE E 10 -0.96 -62.45 -46.87
N LYS E 11 -0.05 -61.82 -46.13
CA LYS E 11 1.25 -62.45 -45.80
C LYS E 11 1.14 -63.53 -44.74
N ASP E 12 0.52 -63.23 -43.61
CA ASP E 12 0.46 -64.17 -42.50
C ASP E 12 -0.74 -63.95 -41.56
N ILE E 13 -1.64 -64.93 -41.54
CA ILE E 13 -2.84 -64.89 -40.70
C ILE E 13 -2.55 -64.93 -39.20
N SER E 14 -1.42 -65.52 -38.79
CA SER E 14 -1.08 -65.63 -37.35
C SER E 14 -0.75 -64.27 -36.70
N LEU E 15 -0.47 -63.25 -37.52
CA LEU E 15 -0.18 -61.89 -37.01
C LEU E 15 -1.47 -61.18 -36.57
N ALA E 16 -2.62 -61.82 -36.79
CA ALA E 16 -3.93 -61.25 -36.47
C ALA E 16 -4.09 -60.80 -35.03
N GLU E 17 -3.52 -61.55 -34.09
CA GLU E 17 -3.65 -61.19 -32.68
C GLU E 17 -3.01 -59.84 -32.37
N PHE E 18 -1.80 -59.61 -32.88
CA PHE E 18 -1.12 -58.33 -32.68
C PHE E 18 -1.89 -57.16 -33.33
N GLY E 19 -2.56 -57.43 -34.45
CA GLY E 19 -3.35 -56.42 -35.14
C GLY E 19 -4.56 -55.96 -34.36
N LEU E 20 -5.26 -56.92 -33.73
CA LEU E 20 -6.43 -56.62 -32.92
C LEU E 20 -6.05 -55.81 -31.66
N GLN E 21 -4.83 -56.05 -31.13
CA GLN E 21 -4.34 -55.31 -29.96
C GLN E 21 -4.11 -53.86 -30.34
N ASP E 22 -3.39 -53.63 -31.45
CA ASP E 22 -3.14 -52.26 -31.92
C ASP E 22 -4.43 -51.56 -32.28
N MET E 23 -5.38 -52.29 -32.86
CA MET E 23 -6.69 -51.68 -33.19
C MET E 23 -7.36 -51.11 -31.95
N GLU E 24 -7.38 -51.89 -30.85
CA GLU E 24 -8.03 -51.42 -29.62
C GLU E 24 -7.33 -50.24 -29.00
N ILE E 25 -6.00 -50.22 -29.07
CA ILE E 25 -5.22 -49.10 -28.53
C ILE E 25 -5.46 -47.86 -29.39
N ALA E 26 -5.39 -48.05 -30.71
CA ALA E 26 -5.61 -46.97 -31.64
C ALA E 26 -6.98 -46.31 -31.43
N LYS E 27 -8.00 -47.11 -31.15
CA LYS E 27 -9.35 -46.56 -30.92
C LYS E 27 -9.47 -45.59 -29.76
N THR E 28 -8.54 -45.59 -28.82
CA THR E 28 -8.58 -44.64 -27.72
C THR E 28 -8.60 -43.22 -28.26
N ASP E 29 -7.81 -42.98 -29.31
CA ASP E 29 -7.71 -41.67 -29.97
C ASP E 29 -8.59 -41.48 -31.17
N MET E 30 -9.06 -42.56 -31.81
CA MET E 30 -9.90 -42.43 -33.01
C MET E 30 -11.38 -42.26 -32.63
N MET E 31 -11.68 -41.26 -31.82
N MET E 31 -11.66 -41.28 -31.77
CA MET E 31 -13.05 -41.06 -31.34
CA MET E 31 -13.03 -41.06 -31.28
C MET E 31 -14.10 -40.76 -32.36
C MET E 31 -14.09 -40.77 -32.34
N GLY E 32 -13.68 -40.26 -33.50
CA GLY E 32 -14.62 -39.96 -34.57
C GLY E 32 -15.24 -41.26 -35.08
N LEU E 33 -14.40 -42.26 -35.36
CA LEU E 33 -14.87 -43.55 -35.85
C LEU E 33 -15.64 -44.31 -34.77
N VAL E 34 -15.18 -44.20 -33.53
CA VAL E 34 -15.83 -44.88 -32.41
C VAL E 34 -17.25 -44.33 -32.24
N GLU E 35 -17.42 -43.03 -32.44
CA GLU E 35 -18.74 -42.40 -32.30
C GLU E 35 -19.66 -42.82 -33.44
N LEU E 36 -19.14 -42.88 -34.66
CA LEU E 36 -19.97 -43.31 -35.78
C LEU E 36 -20.43 -44.76 -35.58
N GLN E 37 -19.56 -45.62 -35.05
CA GLN E 37 -19.96 -47.00 -34.79
C GLN E 37 -21.06 -47.00 -33.76
N ARG E 38 -20.83 -46.32 -32.64
CA ARG E 38 -21.81 -46.30 -31.57
C ARG E 38 -23.18 -45.84 -32.08
N LYS E 39 -23.16 -44.77 -32.87
CA LYS E 39 -24.38 -44.15 -33.36
C LYS E 39 -25.13 -44.86 -34.46
N TYR E 40 -24.42 -45.39 -35.44
CA TYR E 40 -25.06 -46.04 -36.57
C TYR E 40 -24.98 -47.58 -36.62
N ARG E 41 -24.37 -48.25 -35.65
CA ARG E 41 -24.29 -49.73 -35.73
C ARG E 41 -25.64 -50.46 -35.76
N ASP E 42 -26.67 -49.86 -35.18
CA ASP E 42 -28.01 -50.49 -35.13
C ASP E 42 -28.84 -50.18 -36.37
N SER E 43 -28.82 -48.92 -36.83
CA SER E 43 -29.63 -48.52 -38.00
C SER E 43 -29.01 -48.96 -39.34
N LYS E 44 -27.73 -49.31 -39.36
CA LYS E 44 -27.05 -49.78 -40.57
C LYS E 44 -27.31 -48.92 -41.82
N PRO E 45 -26.92 -47.63 -41.80
CA PRO E 45 -27.16 -46.77 -42.97
C PRO E 45 -26.54 -47.24 -44.29
N LEU E 46 -25.52 -48.10 -44.24
CA LEU E 46 -24.86 -48.63 -45.44
C LEU E 46 -25.24 -50.09 -45.72
N LYS E 47 -26.37 -50.55 -45.20
CA LYS E 47 -26.75 -51.96 -45.41
C LYS E 47 -26.97 -52.26 -46.89
N GLY E 48 -26.35 -53.35 -47.35
CA GLY E 48 -26.45 -53.79 -48.73
C GLY E 48 -25.44 -53.18 -49.69
N ALA E 49 -24.64 -52.25 -49.21
CA ALA E 49 -23.66 -51.59 -50.06
C ALA E 49 -22.41 -52.45 -50.20
N ARG E 50 -21.86 -52.48 -51.42
CA ARG E 50 -20.62 -53.20 -51.72
C ARG E 50 -19.56 -52.14 -51.91
N ILE E 51 -18.56 -52.13 -51.01
CA ILE E 51 -17.51 -51.12 -51.04
C ILE E 51 -16.15 -51.72 -51.31
N THR E 52 -15.48 -51.18 -52.31
CA THR E 52 -14.12 -51.57 -52.66
C THR E 52 -13.23 -50.41 -52.24
N GLY E 53 -12.13 -50.71 -51.56
CA GLY E 53 -11.20 -49.68 -51.09
C GLY E 53 -9.79 -49.91 -51.58
N SER E 54 -9.15 -48.81 -52.02
CA SER E 54 -7.76 -48.80 -52.47
C SER E 54 -7.10 -47.75 -51.61
N LEU E 55 -6.66 -48.17 -50.41
CA LEU E 55 -6.05 -47.23 -49.46
C LEU E 55 -5.11 -47.96 -48.48
N HIS E 56 -3.93 -47.39 -48.26
CA HIS E 56 -2.87 -47.95 -47.37
C HIS E 56 -3.48 -48.77 -46.24
N LEU E 57 -3.23 -50.08 -46.23
CA LEU E 57 -3.82 -50.95 -45.22
C LEU E 57 -3.01 -50.96 -43.92
N THR E 58 -3.21 -49.92 -43.13
CA THR E 58 -2.56 -49.74 -41.85
C THR E 58 -3.55 -50.05 -40.74
N ILE E 59 -3.08 -50.03 -39.49
CA ILE E 59 -3.94 -50.23 -38.34
C ILE E 59 -5.07 -49.21 -38.35
N GLU E 60 -4.74 -47.96 -38.67
CA GLU E 60 -5.73 -46.88 -38.74
C GLU E 60 -6.81 -47.21 -39.78
N THR E 61 -6.39 -47.75 -40.92
CA THR E 61 -7.32 -48.13 -41.99
C THR E 61 -8.21 -49.28 -41.55
N SER E 62 -7.69 -50.17 -40.70
CA SER E 62 -8.48 -51.28 -40.21
C SER E 62 -9.69 -50.81 -39.44
N VAL E 63 -9.52 -49.70 -38.70
CA VAL E 63 -10.61 -49.13 -37.91
C VAL E 63 -11.63 -48.49 -38.86
N LEU E 64 -11.16 -47.93 -39.98
CA LEU E 64 -12.07 -47.39 -41.00
C LEU E 64 -12.91 -48.52 -41.58
N VAL E 65 -12.24 -49.58 -42.01
CA VAL E 65 -12.90 -50.76 -42.58
C VAL E 65 -13.88 -51.35 -41.57
N GLU E 66 -13.50 -51.40 -40.31
CA GLU E 66 -14.36 -51.93 -39.25
C GLU E 66 -15.61 -51.06 -39.12
N THR E 67 -15.42 -49.74 -39.21
CA THR E 67 -16.53 -48.80 -39.08
C THR E 67 -17.53 -49.00 -40.23
N LEU E 68 -17.01 -49.11 -41.46
CA LEU E 68 -17.87 -49.35 -42.63
C LEU E 68 -18.64 -50.66 -42.46
N TYR E 69 -17.98 -51.69 -41.92
CA TYR E 69 -18.61 -53.00 -41.70
C TYR E 69 -19.70 -52.90 -40.66
N GLU E 70 -19.41 -52.28 -39.51
CA GLU E 70 -20.41 -52.11 -38.45
C GLU E 70 -21.63 -51.33 -38.95
N LEU E 71 -21.45 -50.51 -39.99
CA LEU E 71 -22.58 -49.77 -40.56
C LEU E 71 -23.34 -50.55 -41.66
N GLY E 72 -23.00 -51.84 -41.84
CA GLY E 72 -23.72 -52.72 -42.77
C GLY E 72 -23.16 -53.03 -44.13
N ALA E 73 -22.01 -52.45 -44.47
CA ALA E 73 -21.44 -52.70 -45.79
C ALA E 73 -20.64 -54.00 -45.88
N GLU E 74 -20.56 -54.56 -47.10
CA GLU E 74 -19.69 -55.71 -47.42
C GLU E 74 -18.45 -55.02 -47.98
N ILE E 75 -17.27 -55.51 -47.62
CA ILE E 75 -16.04 -54.84 -48.02
C ILE E 75 -15.02 -55.73 -48.72
N ARG E 76 -14.35 -55.16 -49.72
CA ARG E 76 -13.21 -55.79 -50.43
C ARG E 76 -12.15 -54.71 -50.41
N TRP E 77 -10.90 -55.05 -50.07
CA TRP E 77 -9.89 -54.01 -49.90
C TRP E 77 -8.49 -54.37 -50.39
N CYS E 78 -7.76 -53.34 -50.81
CA CYS E 78 -6.39 -53.48 -51.26
C CYS E 78 -5.66 -52.22 -50.86
N SER E 79 -4.34 -52.27 -50.86
CA SER E 79 -3.53 -51.12 -50.47
C SER E 79 -3.30 -50.27 -51.70
N CYS E 80 -2.97 -48.99 -51.51
CA CYS E 80 -2.71 -48.07 -52.65
C CYS E 80 -1.21 -47.77 -52.85
N ASN E 81 -0.37 -48.63 -52.29
CA ASN E 81 1.08 -48.51 -52.39
C ASN E 81 1.72 -49.85 -52.01
N ILE E 82 2.71 -50.26 -52.78
CA ILE E 82 3.37 -51.55 -52.55
C ILE E 82 4.10 -51.73 -51.20
N TYR E 83 4.47 -50.63 -50.52
CA TYR E 83 5.21 -50.72 -49.26
C TYR E 83 4.42 -50.31 -48.01
N SER E 84 3.26 -49.69 -48.17
CA SER E 84 2.50 -49.18 -47.02
C SER E 84 1.72 -50.16 -46.14
N THR E 85 1.39 -51.34 -46.65
CA THR E 85 0.60 -52.31 -45.87
C THR E 85 1.30 -52.75 -44.60
N GLN E 86 0.54 -52.91 -43.52
CA GLN E 86 1.02 -53.43 -42.27
C GLN E 86 0.38 -54.81 -42.20
N ASP E 87 1.19 -55.84 -42.37
CA ASP E 87 0.70 -57.22 -42.40
C ASP E 87 -0.18 -57.64 -41.22
N HIS E 88 0.11 -57.14 -40.02
CA HIS E 88 -0.70 -57.50 -38.86
C HIS E 88 -2.10 -56.86 -38.94
N ALA E 89 -2.20 -55.69 -39.57
CA ALA E 89 -3.49 -55.00 -39.75
C ALA E 89 -4.37 -55.75 -40.74
N ALA E 90 -3.75 -56.20 -41.83
CA ALA E 90 -4.45 -57.00 -42.86
C ALA E 90 -4.94 -58.31 -42.27
N ALA E 91 -4.11 -58.96 -41.47
CA ALA E 91 -4.47 -60.22 -40.85
C ALA E 91 -5.67 -60.07 -39.90
N ALA E 92 -5.71 -58.97 -39.15
CA ALA E 92 -6.83 -58.70 -38.25
C ALA E 92 -8.17 -58.63 -38.98
N LEU E 93 -8.19 -58.01 -40.15
CA LEU E 93 -9.42 -57.89 -40.92
C LEU E 93 -9.91 -59.25 -41.42
N VAL E 94 -9.02 -60.09 -41.95
CA VAL E 94 -9.48 -61.40 -42.43
C VAL E 94 -9.82 -62.32 -41.27
N LYS E 95 -9.14 -62.17 -40.14
CA LYS E 95 -9.41 -63.02 -38.96
C LYS E 95 -10.85 -62.86 -38.48
N LYS E 96 -11.37 -61.64 -38.48
CA LYS E 96 -12.73 -61.36 -38.02
C LYS E 96 -13.77 -61.32 -39.13
N ASN E 97 -13.41 -61.68 -40.36
CA ASN E 97 -14.36 -61.63 -41.48
C ASN E 97 -15.04 -60.28 -41.71
N ILE E 98 -14.29 -59.21 -41.46
CA ILE E 98 -14.78 -57.86 -41.67
C ILE E 98 -14.74 -57.57 -43.19
N ALA E 99 -13.67 -58.00 -43.84
CA ALA E 99 -13.49 -57.78 -45.25
C ALA E 99 -12.66 -58.87 -45.95
N THR E 100 -12.63 -58.80 -47.27
CA THR E 100 -11.84 -59.69 -48.09
C THR E 100 -10.71 -58.79 -48.51
N VAL E 101 -9.49 -59.19 -48.17
CA VAL E 101 -8.31 -58.36 -48.37
C VAL E 101 -7.30 -58.93 -49.36
N PHE E 102 -6.71 -58.04 -50.16
CA PHE E 102 -5.67 -58.39 -51.13
C PHE E 102 -4.54 -57.40 -50.89
N ALA E 103 -3.70 -57.66 -49.89
CA ALA E 103 -2.63 -56.75 -49.55
C ALA E 103 -1.58 -57.33 -48.63
N TRP E 104 -0.33 -56.96 -48.91
CA TRP E 104 0.81 -57.36 -48.09
C TRP E 104 1.93 -56.33 -48.29
N LYS E 105 2.82 -56.22 -47.33
CA LYS E 105 3.93 -55.29 -47.43
C LYS E 105 4.94 -55.84 -48.44
N ASN E 106 5.51 -54.96 -49.26
CA ASN E 106 6.51 -55.32 -50.27
C ASN E 106 5.98 -56.14 -51.43
N GLU E 107 4.91 -55.63 -52.03
CA GLU E 107 4.30 -56.25 -53.18
C GLU E 107 5.17 -55.89 -54.38
N THR E 108 5.06 -56.68 -55.45
CA THR E 108 5.73 -56.34 -56.69
C THR E 108 4.70 -55.44 -57.39
N ILE E 109 5.16 -54.62 -58.33
CA ILE E 109 4.25 -53.73 -59.05
C ILE E 109 3.21 -54.58 -59.82
N GLU E 110 3.60 -55.77 -60.28
CA GLU E 110 2.70 -56.67 -60.97
C GLU E 110 1.55 -57.11 -60.06
N ASP E 111 1.90 -57.59 -58.87
CA ASP E 111 0.92 -58.03 -57.87
C ASP E 111 0.03 -56.90 -57.37
N TYR E 112 0.55 -55.68 -57.33
CA TYR E 112 -0.24 -54.51 -56.89
C TYR E 112 -1.50 -54.36 -57.74
N TRP E 113 -1.35 -54.41 -59.05
CA TRP E 113 -2.48 -54.27 -59.97
C TRP E 113 -3.41 -55.48 -60.01
N VAL E 114 -2.87 -56.67 -59.72
CA VAL E 114 -3.70 -57.89 -59.65
C VAL E 114 -4.57 -57.79 -58.39
N CYS E 115 -4.00 -57.28 -57.29
CA CYS E 115 -4.73 -57.09 -56.03
C CYS E 115 -5.85 -56.07 -56.19
N LEU E 116 -5.54 -54.95 -56.84
CA LEU E 116 -6.52 -53.91 -57.09
C LEU E 116 -7.67 -54.44 -57.95
N ASN E 117 -7.34 -55.21 -58.98
CA ASN E 117 -8.34 -55.78 -59.85
C ASN E 117 -9.21 -56.80 -59.11
N ASP E 118 -8.60 -57.57 -58.22
CA ASP E 118 -9.32 -58.56 -57.42
C ASP E 118 -10.30 -57.85 -56.50
N ALA E 119 -9.83 -56.78 -55.87
CA ALA E 119 -10.67 -56.00 -54.98
C ALA E 119 -11.88 -55.42 -55.70
N MET E 120 -11.69 -55.06 -56.98
CA MET E 120 -12.78 -54.50 -57.79
C MET E 120 -13.78 -55.60 -58.23
N THR E 121 -13.39 -56.88 -58.17
CA THR E 121 -14.27 -58.00 -58.59
C THR E 121 -15.19 -58.52 -57.50
N TRP E 122 -16.48 -58.53 -57.78
CA TRP E 122 -17.49 -59.04 -56.85
C TRP E 122 -18.33 -60.14 -57.50
N ARG E 123 -18.86 -61.04 -56.67
CA ARG E 123 -19.70 -62.12 -57.16
C ARG E 123 -21.18 -61.65 -57.08
N ASN E 124 -21.88 -61.75 -58.21
CA ASN E 124 -23.29 -61.28 -58.33
C ASN E 124 -24.19 -61.98 -57.31
N PRO E 125 -24.87 -61.19 -56.40
CA PRO E 125 -25.75 -61.82 -55.41
C PRO E 125 -26.98 -62.46 -56.04
N ILE E 131 -20.36 -62.02 -62.62
CA ILE E 131 -19.46 -61.02 -62.06
C ILE E 131 -20.12 -59.64 -62.12
N CYS E 132 -19.82 -58.81 -61.12
CA CYS E 132 -20.29 -57.43 -61.06
C CYS E 132 -19.22 -56.60 -60.33
N GLY E 133 -19.49 -55.31 -60.13
CA GLY E 133 -18.53 -54.43 -59.45
C GLY E 133 -19.04 -53.92 -58.13
N PRO E 134 -18.34 -52.93 -57.54
CA PRO E 134 -18.79 -52.35 -56.31
C PRO E 134 -19.82 -51.27 -56.53
N ASN E 135 -20.45 -50.86 -55.43
CA ASN E 135 -21.44 -49.80 -55.43
C ASN E 135 -20.74 -48.48 -55.13
N LEU E 136 -19.76 -48.55 -54.22
CA LEU E 136 -18.99 -47.40 -53.78
C LEU E 136 -17.50 -47.73 -53.77
N ILE E 137 -16.68 -46.68 -53.89
CA ILE E 137 -15.23 -46.83 -53.89
C ILE E 137 -14.59 -45.83 -52.93
N VAL E 138 -13.66 -46.31 -52.10
CA VAL E 138 -12.89 -45.46 -51.19
C VAL E 138 -11.53 -45.48 -51.86
N ASP E 139 -11.08 -44.33 -52.36
CA ASP E 139 -9.84 -44.27 -53.09
C ASP E 139 -8.84 -43.26 -52.50
N ASP E 140 -7.55 -43.56 -52.66
CA ASP E 140 -6.47 -42.73 -52.16
C ASP E 140 -5.37 -42.77 -53.21
N GLY E 141 -5.31 -41.72 -54.03
CA GLY E 141 -4.33 -41.63 -55.11
C GLY E 141 -4.97 -41.75 -56.49
N GLY E 142 -6.20 -42.26 -56.53
CA GLY E 142 -6.94 -42.37 -57.77
C GLY E 142 -6.73 -43.61 -58.63
N ASP E 143 -5.98 -44.60 -58.13
CA ASP E 143 -5.72 -45.86 -58.90
C ASP E 143 -6.98 -46.70 -59.16
N ALA E 144 -7.88 -46.81 -58.18
CA ALA E 144 -9.11 -47.56 -58.36
C ALA E 144 -9.99 -46.84 -59.38
N THR E 145 -10.00 -45.51 -59.32
CA THR E 145 -10.77 -44.69 -60.22
C THR E 145 -10.14 -44.78 -61.61
N LEU E 146 -8.82 -44.83 -61.68
CA LEU E 146 -8.11 -44.94 -62.95
C LEU E 146 -8.35 -46.26 -63.68
N ILE E 147 -8.20 -47.40 -62.99
CA ILE E 147 -8.44 -48.70 -63.62
C ILE E 147 -9.87 -48.82 -64.16
N LEU E 148 -10.82 -48.18 -63.51
CA LEU E 148 -12.22 -48.18 -63.96
C LEU E 148 -12.36 -47.42 -65.27
N HIS E 149 -11.87 -46.18 -65.30
CA HIS E 149 -11.96 -45.35 -66.50
C HIS E 149 -11.17 -45.85 -67.69
N GLU E 150 -9.99 -46.40 -67.43
CA GLU E 150 -9.12 -46.94 -68.48
C GLU E 150 -9.65 -48.26 -68.99
N GLY E 151 -10.39 -48.96 -68.13
CA GLY E 151 -11.01 -50.23 -68.48
C GLY E 151 -12.15 -49.96 -69.43
N VAL E 152 -12.93 -48.91 -69.17
CA VAL E 152 -14.03 -48.52 -70.04
C VAL E 152 -13.46 -48.09 -71.40
N LYS E 153 -12.39 -47.28 -71.40
CA LYS E 153 -11.75 -46.84 -72.66
C LYS E 153 -11.28 -48.02 -73.48
N ALA E 154 -10.63 -48.98 -72.81
CA ALA E 154 -10.13 -50.19 -73.44
C ALA E 154 -11.24 -51.02 -74.06
N GLU E 155 -12.41 -51.06 -73.43
CA GLU E 155 -13.56 -51.80 -73.98
C GLU E 155 -14.15 -51.09 -75.20
N ILE E 156 -14.17 -49.76 -75.19
CA ILE E 156 -14.67 -48.98 -76.34
C ILE E 156 -13.75 -49.24 -77.55
N GLU E 157 -12.44 -49.17 -77.32
CA GLU E 157 -11.43 -49.36 -78.36
C GLU E 157 -11.41 -50.82 -78.85
N TYR E 158 -11.81 -51.75 -77.97
CA TYR E 158 -11.85 -53.16 -78.34
C TYR E 158 -12.97 -53.40 -79.32
N GLU E 159 -14.18 -52.92 -79.02
CA GLU E 159 -15.34 -53.11 -79.92
C GLU E 159 -15.19 -52.40 -81.26
N LYS E 160 -14.59 -51.21 -81.24
CA LYS E 160 -14.39 -50.42 -82.46
C LYS E 160 -13.65 -51.18 -83.56
N TYR E 161 -12.47 -51.71 -83.24
CA TYR E 161 -11.65 -52.49 -84.20
C TYR E 161 -11.73 -54.02 -84.04
N ASN E 162 -12.49 -54.48 -83.04
CA ASN E 162 -12.68 -55.92 -82.74
C ASN E 162 -11.37 -56.71 -82.52
N LYS E 163 -10.44 -56.06 -81.84
CA LYS E 163 -9.14 -56.67 -81.49
C LYS E 163 -8.55 -55.95 -80.27
N ILE E 164 -7.55 -56.57 -79.66
CA ILE E 164 -6.89 -55.98 -78.51
C ILE E 164 -6.21 -54.69 -79.00
N PRO E 165 -6.53 -53.53 -78.36
CA PRO E 165 -5.92 -52.25 -78.75
C PRO E 165 -4.41 -52.29 -78.69
N GLU E 166 -3.75 -51.69 -79.66
CA GLU E 166 -2.28 -51.73 -79.72
C GLU E 166 -1.56 -50.96 -78.62
N TYR E 167 -2.22 -49.98 -78.00
CA TYR E 167 -1.56 -49.24 -76.90
C TYR E 167 -1.33 -50.12 -75.63
N LEU E 168 -2.10 -51.21 -75.51
CA LEU E 168 -2.00 -52.16 -74.36
C LEU E 168 -0.91 -53.20 -74.55
N GLU E 169 -0.56 -53.52 -75.79
CA GLU E 169 0.46 -54.53 -76.10
C GLU E 169 1.89 -53.95 -76.23
N THR E 170 2.02 -52.68 -76.62
CA THR E 170 3.33 -52.01 -76.76
C THR E 170 3.92 -51.78 -75.36
N GLU E 171 5.25 -51.75 -75.31
CA GLU E 171 5.99 -51.53 -74.09
C GLU E 171 6.55 -50.08 -74.09
N LEU E 172 6.15 -49.28 -75.09
CA LEU E 172 6.59 -47.90 -75.27
C LEU E 172 5.40 -46.94 -75.27
N ASP E 173 5.64 -45.66 -74.97
CA ASP E 173 4.57 -44.64 -74.95
C ASP E 173 4.49 -43.99 -76.33
N GLU E 174 3.74 -42.90 -76.46
CA GLU E 174 3.58 -42.22 -77.74
C GLU E 174 4.83 -41.53 -78.31
N ASN E 175 5.87 -41.38 -77.49
CA ASN E 175 7.13 -40.71 -77.91
C ASN E 175 8.38 -41.60 -77.96
N GLY E 176 8.21 -42.93 -77.85
CA GLY E 176 9.35 -43.86 -77.87
C GLY E 176 9.96 -44.23 -76.52
N LYS E 177 9.58 -43.49 -75.46
CA LYS E 177 10.04 -43.75 -74.07
C LYS E 177 9.36 -44.96 -73.42
N GLN E 178 10.06 -45.63 -72.51
CA GLN E 178 9.50 -46.78 -71.81
C GLN E 178 8.31 -46.38 -70.96
N LEU E 179 7.26 -47.18 -70.98
CA LEU E 179 6.09 -46.91 -70.15
C LEU E 179 6.49 -47.18 -68.71
N SER E 180 5.84 -46.51 -67.77
CA SER E 180 6.13 -46.73 -66.37
C SER E 180 5.69 -48.15 -66.02
N MET E 181 6.36 -48.78 -65.06
CA MET E 181 5.95 -50.12 -64.63
C MET E 181 4.49 -50.18 -64.22
N ASP E 182 3.99 -49.13 -63.57
CA ASP E 182 2.59 -49.11 -63.16
C ASP E 182 1.65 -49.16 -64.38
N LEU E 183 1.99 -48.46 -65.46
CA LEU E 183 1.17 -48.51 -66.68
C LEU E 183 1.23 -49.89 -67.36
N LYS E 184 2.42 -50.49 -67.44
CA LYS E 184 2.56 -51.80 -68.08
C LYS E 184 1.75 -52.86 -67.36
N CYS E 185 1.88 -52.89 -66.04
CA CYS E 185 1.18 -53.87 -65.19
C CYS E 185 -0.33 -53.68 -65.14
N MET E 186 -0.79 -52.44 -65.30
CA MET E 186 -2.22 -52.16 -65.33
C MET E 186 -2.76 -52.64 -66.67
N TYR E 187 -2.07 -52.25 -67.73
CA TYR E 187 -2.41 -52.63 -69.13
C TYR E 187 -2.45 -54.12 -69.28
N LYS E 188 -1.54 -54.79 -68.61
CA LYS E 188 -1.47 -56.24 -68.64
C LYS E 188 -2.75 -56.85 -68.02
N VAL E 189 -3.23 -56.22 -66.94
CA VAL E 189 -4.47 -56.66 -66.28
C VAL E 189 -5.69 -56.35 -67.15
N LEU E 190 -5.72 -55.17 -67.75
CA LEU E 190 -6.84 -54.79 -68.63
C LEU E 190 -6.93 -55.69 -69.84
N LYS E 191 -5.77 -56.13 -70.34
CA LYS E 191 -5.72 -57.02 -71.51
C LYS E 191 -6.29 -58.39 -71.14
N MET E 192 -5.90 -58.92 -69.98
CA MET E 192 -6.40 -60.23 -69.54
C MET E 192 -7.92 -60.18 -69.35
N GLU E 193 -8.44 -59.05 -68.87
CA GLU E 193 -9.89 -58.88 -68.65
C GLU E 193 -10.68 -58.70 -69.96
N LEU E 194 -10.04 -58.21 -71.02
CA LEU E 194 -10.72 -58.08 -72.31
C LEU E 194 -10.93 -59.47 -72.93
N LEU E 195 -10.02 -60.39 -72.63
CA LEU E 195 -10.10 -61.77 -73.12
C LEU E 195 -11.16 -62.56 -72.34
N LYS E 196 -11.37 -62.26 -71.06
CA LYS E 196 -12.40 -62.94 -70.28
C LYS E 196 -13.77 -62.39 -70.57
N ASN E 197 -13.89 -61.07 -70.51
CA ASN E 197 -15.17 -60.39 -70.71
C ASN E 197 -14.97 -58.93 -71.13
N PRO E 198 -15.24 -58.61 -72.41
CA PRO E 198 -15.09 -57.21 -72.86
C PRO E 198 -16.22 -56.22 -72.45
N PHE E 199 -17.17 -56.66 -71.59
CA PHE E 199 -18.26 -55.79 -71.07
C PHE E 199 -18.14 -55.65 -69.53
N ARG E 200 -17.04 -56.17 -68.95
CA ARG E 200 -16.82 -56.13 -67.49
C ARG E 200 -16.92 -54.75 -66.88
N TRP E 201 -16.07 -53.84 -67.34
CA TRP E 201 -16.00 -52.47 -66.80
C TRP E 201 -17.26 -51.62 -67.02
N ARG E 202 -17.79 -51.62 -68.24
CA ARG E 202 -19.03 -50.89 -68.51
C ARG E 202 -20.21 -51.49 -67.75
N GLY E 203 -20.12 -52.79 -67.44
CA GLY E 203 -21.15 -53.49 -66.66
C GLY E 203 -21.21 -52.97 -65.22
N MET E 204 -20.04 -52.61 -64.66
CA MET E 204 -19.95 -52.06 -63.31
C MET E 204 -20.59 -50.70 -63.16
N LEU E 205 -20.59 -49.91 -64.23
CA LEU E 205 -21.16 -48.58 -64.19
C LEU E 205 -22.63 -48.56 -63.78
N LYS E 206 -23.39 -49.59 -64.15
CA LYS E 206 -24.81 -49.60 -63.80
C LYS E 206 -25.03 -49.42 -62.29
N ASP E 207 -24.24 -50.11 -61.49
CA ASP E 207 -24.37 -50.06 -60.03
C ASP E 207 -23.41 -49.14 -59.27
N LEU E 208 -22.54 -48.40 -59.95
CA LEU E 208 -21.62 -47.46 -59.27
C LEU E 208 -22.29 -46.16 -58.88
N TYR E 209 -22.25 -45.85 -57.58
CA TYR E 209 -22.89 -44.64 -57.08
C TYR E 209 -21.91 -43.56 -56.64
N GLY E 210 -20.60 -43.84 -56.63
CA GLY E 210 -19.60 -42.84 -56.29
C GLY E 210 -18.24 -43.26 -55.70
N VAL E 211 -17.34 -42.27 -55.62
CA VAL E 211 -16.00 -42.46 -55.02
C VAL E 211 -15.64 -41.29 -54.09
N SER E 212 -14.96 -41.62 -52.99
CA SER E 212 -14.46 -40.67 -52.00
C SER E 212 -12.97 -40.64 -52.24
N GLU E 213 -12.40 -39.49 -52.60
CA GLU E 213 -10.96 -39.39 -52.84
C GLU E 213 -10.25 -38.75 -51.65
N GLU E 214 -9.25 -39.45 -51.13
CA GLU E 214 -8.49 -39.08 -49.93
C GLU E 214 -7.35 -38.05 -50.05
N THR E 215 -6.63 -38.03 -51.16
CA THR E 215 -5.45 -37.15 -51.25
C THR E 215 -5.41 -36.15 -52.42
N THR E 216 -4.59 -35.12 -52.24
CA THR E 216 -4.41 -34.04 -53.19
C THR E 216 -4.20 -34.49 -54.63
N THR E 217 -3.26 -35.41 -54.82
CA THR E 217 -2.97 -35.93 -56.15
C THR E 217 -4.15 -36.62 -56.83
N GLY E 218 -4.93 -37.38 -56.07
CA GLY E 218 -6.09 -38.07 -56.63
C GLY E 218 -7.20 -37.10 -57.03
N VAL E 219 -7.31 -36.01 -56.27
CA VAL E 219 -8.30 -34.96 -56.50
C VAL E 219 -7.96 -34.25 -57.80
N LEU E 220 -6.67 -34.06 -58.05
CA LEU E 220 -6.22 -33.41 -59.26
C LEU E 220 -6.68 -34.23 -60.45
N ARG E 221 -6.51 -35.55 -60.37
CA ARG E 221 -6.93 -36.46 -61.44
C ARG E 221 -8.44 -36.43 -61.63
N LEU E 222 -9.21 -36.26 -60.55
CA LEU E 222 -10.67 -36.16 -60.64
C LEU E 222 -11.12 -34.86 -61.30
N LYS E 223 -10.47 -33.76 -60.96
CA LYS E 223 -10.81 -32.45 -61.56
C LYS E 223 -10.50 -32.38 -63.04
N ILE E 224 -9.44 -33.06 -63.47
CA ILE E 224 -9.10 -33.11 -64.90
C ILE E 224 -10.21 -33.85 -65.65
N MET E 225 -10.66 -34.98 -65.10
CA MET E 225 -11.75 -35.75 -65.71
C MET E 225 -13.06 -34.96 -65.73
N GLU E 226 -13.29 -34.14 -64.71
CA GLU E 226 -14.53 -33.35 -64.60
C GLU E 226 -14.59 -32.30 -65.72
N SER E 227 -13.49 -31.59 -65.93
CA SER E 227 -13.39 -30.57 -66.97
C SER E 227 -13.62 -31.14 -68.35
N GLU E 228 -12.99 -32.27 -68.62
CA GLU E 228 -13.08 -32.91 -69.92
C GLU E 228 -14.42 -33.66 -70.13
N GLY E 229 -15.26 -33.75 -69.10
CA GLY E 229 -16.55 -34.47 -69.18
C GLY E 229 -16.40 -35.98 -69.24
N LYS E 230 -15.29 -36.49 -68.67
CA LYS E 230 -14.95 -37.91 -68.69
C LYS E 230 -15.16 -38.61 -67.36
N LEU E 231 -15.61 -37.89 -66.34
CA LEU E 231 -15.88 -38.50 -65.04
C LEU E 231 -17.17 -39.33 -65.11
N LEU E 232 -17.04 -40.64 -64.88
CA LEU E 232 -18.13 -41.61 -65.01
C LEU E 232 -18.94 -41.95 -63.75
N LEU E 233 -18.69 -41.25 -62.64
CA LEU E 233 -19.44 -41.49 -61.40
C LEU E 233 -19.30 -40.29 -60.47
N PRO E 234 -20.28 -40.11 -59.55
CA PRO E 234 -20.16 -38.97 -58.62
C PRO E 234 -18.91 -39.11 -57.76
N ALA E 235 -18.37 -37.98 -57.30
CA ALA E 235 -17.17 -38.02 -56.48
C ALA E 235 -17.22 -37.00 -55.38
N ILE E 236 -16.61 -37.35 -54.26
CA ILE E 236 -16.48 -36.47 -53.14
C ILE E 236 -15.00 -36.30 -52.84
N ASN E 237 -14.57 -35.03 -52.85
CA ASN E 237 -13.22 -34.64 -52.51
C ASN E 237 -13.15 -34.56 -50.99
N VAL E 238 -12.61 -35.60 -50.38
CA VAL E 238 -12.43 -35.68 -48.94
C VAL E 238 -11.20 -34.89 -48.50
N ASN E 239 -10.17 -34.87 -49.36
CA ASN E 239 -8.91 -34.18 -49.04
C ASN E 239 -9.07 -32.70 -48.69
N ASP E 240 -10.05 -32.02 -49.28
CA ASP E 240 -10.21 -30.59 -49.04
C ASP E 240 -11.15 -30.19 -47.92
N SER E 241 -11.53 -31.16 -47.07
CA SER E 241 -12.29 -30.84 -45.86
C SER E 241 -11.24 -30.15 -44.99
N VAL E 242 -11.64 -29.17 -44.21
CA VAL E 242 -10.69 -28.48 -43.34
C VAL E 242 -10.09 -29.48 -42.37
N THR E 243 -10.92 -30.38 -41.84
CA THR E 243 -10.46 -31.40 -40.88
C THR E 243 -9.62 -32.53 -41.48
N LYS E 244 -9.20 -32.36 -42.74
CA LYS E 244 -8.35 -33.33 -43.40
C LYS E 244 -7.11 -32.56 -43.85
N SER E 245 -7.22 -31.64 -44.81
CA SER E 245 -6.05 -30.91 -45.33
C SER E 245 -5.26 -30.13 -44.30
N LYS E 246 -5.93 -29.47 -43.37
CA LYS E 246 -5.23 -28.69 -42.33
C LYS E 246 -4.64 -29.51 -41.17
N PHE E 247 -4.99 -30.78 -41.07
CA PHE E 247 -4.52 -31.66 -39.99
C PHE E 247 -3.68 -32.84 -40.49
N ASP E 248 -4.29 -33.70 -41.29
CA ASP E 248 -3.61 -34.87 -41.86
C ASP E 248 -2.40 -34.42 -42.64
N ASN E 249 -2.63 -33.65 -43.71
CA ASN E 249 -1.52 -33.22 -44.55
C ASN E 249 -0.38 -32.52 -43.82
N THR E 250 -0.72 -31.61 -42.92
CA THR E 250 0.29 -30.83 -42.18
C THR E 250 0.81 -31.52 -40.92
N TYR E 251 -0.01 -31.59 -39.89
CA TYR E 251 0.40 -32.19 -38.61
C TYR E 251 0.70 -33.67 -38.67
N GLY E 252 0.04 -34.40 -39.56
CA GLY E 252 0.32 -35.81 -39.72
C GLY E 252 1.77 -35.98 -40.16
N CYS E 253 2.17 -35.28 -41.23
CA CYS E 253 3.54 -35.36 -41.75
C CYS E 253 4.60 -34.86 -40.76
N ARG E 254 4.26 -33.88 -39.94
CA ARG E 254 5.22 -33.36 -38.98
C ARG E 254 5.83 -34.48 -38.16
N GLN E 255 5.01 -35.47 -37.81
CA GLN E 255 5.46 -36.62 -37.01
C GLN E 255 5.90 -37.77 -37.92
N SER E 256 5.05 -38.04 -38.87
CA SER E 256 5.20 -39.13 -39.83
C SER E 256 6.50 -39.08 -40.68
N LEU E 257 6.90 -37.90 -41.14
CA LEU E 257 8.13 -37.76 -41.91
C LEU E 257 9.33 -38.11 -41.03
N LEU E 258 9.38 -37.52 -39.84
CA LEU E 258 10.46 -37.80 -38.88
C LEU E 258 10.57 -39.30 -38.57
N HIS E 259 9.43 -39.96 -38.41
CA HIS E 259 9.44 -41.38 -38.13
C HIS E 259 10.12 -42.10 -39.29
N GLY E 260 9.72 -41.75 -40.51
CA GLY E 260 10.28 -42.36 -41.71
C GLY E 260 11.76 -42.12 -41.84
N LEU E 261 12.20 -40.88 -41.61
CA LEU E 261 13.62 -40.56 -41.72
C LEU E 261 14.41 -41.24 -40.63
N PHE E 262 13.91 -41.21 -39.39
CA PHE E 262 14.63 -41.90 -38.32
C PHE E 262 14.85 -43.39 -38.61
N ASN E 263 13.87 -44.06 -39.22
CA ASN E 263 14.00 -45.47 -39.57
C ASN E 263 14.88 -45.74 -40.78
N GLY E 264 14.75 -44.94 -41.84
CA GLY E 264 15.54 -45.16 -43.08
C GLY E 264 16.93 -44.52 -43.14
N CYS E 265 17.08 -43.37 -42.47
CA CYS E 265 18.32 -42.60 -42.44
C CYS E 265 18.94 -42.73 -41.06
N ILE E 266 20.16 -43.25 -41.01
CA ILE E 266 20.87 -43.43 -39.73
C ILE E 266 21.43 -42.12 -39.17
N GLN E 267 21.60 -41.10 -39.99
CA GLN E 267 22.19 -39.84 -39.56
C GLN E 267 21.34 -38.93 -38.69
N MET E 268 22.04 -38.04 -37.99
CA MET E 268 21.45 -37.03 -37.12
C MET E 268 20.93 -35.91 -38.00
N LEU E 269 19.72 -35.45 -37.74
CA LEU E 269 19.14 -34.37 -38.51
C LEU E 269 19.59 -32.97 -38.05
N ALA E 270 19.89 -32.81 -36.76
CA ALA E 270 20.29 -31.51 -36.26
C ALA E 270 21.51 -30.93 -36.98
N GLY E 271 21.39 -29.65 -37.35
CA GLY E 271 22.44 -28.91 -38.02
C GLY E 271 22.60 -29.17 -39.51
N LYS E 272 21.93 -30.19 -40.03
CA LYS E 272 22.04 -30.52 -41.45
C LYS E 272 21.20 -29.53 -42.28
N LYS E 273 21.62 -29.31 -43.53
CA LYS E 273 20.87 -28.48 -44.45
C LYS E 273 19.90 -29.49 -45.11
N ILE E 274 18.60 -29.35 -44.86
CA ILE E 274 17.62 -30.26 -45.43
C ILE E 274 16.73 -29.46 -46.35
N VAL E 275 16.70 -29.84 -47.62
CA VAL E 275 15.88 -29.16 -48.60
C VAL E 275 14.49 -29.79 -48.69
N VAL E 276 13.45 -28.99 -48.44
CA VAL E 276 12.08 -29.45 -48.57
C VAL E 276 11.58 -28.80 -49.86
N LEU E 277 11.33 -29.61 -50.88
CA LEU E 277 10.88 -29.10 -52.17
C LEU E 277 9.37 -29.12 -52.17
N GLY E 278 8.77 -27.94 -52.10
CA GLY E 278 7.33 -27.79 -52.03
C GLY E 278 6.99 -27.39 -50.61
N TYR E 279 6.31 -26.26 -50.45
CA TYR E 279 5.93 -25.72 -49.14
C TYR E 279 4.42 -25.49 -49.13
N GLY E 280 3.69 -26.56 -49.44
CA GLY E 280 2.23 -26.57 -49.43
C GLY E 280 1.80 -27.13 -48.11
N GLU E 281 0.62 -27.74 -48.07
CA GLU E 281 0.10 -28.32 -46.83
C GLU E 281 1.11 -29.32 -46.20
N VAL E 282 1.64 -30.22 -47.02
CA VAL E 282 2.60 -31.23 -46.59
C VAL E 282 3.96 -30.64 -46.27
N GLY E 283 4.49 -29.83 -47.17
CA GLY E 283 5.80 -29.19 -46.96
C GLY E 283 5.88 -28.40 -45.67
N LYS E 284 4.81 -27.67 -45.35
CA LYS E 284 4.74 -26.88 -44.12
C LYS E 284 4.97 -27.77 -42.89
N GLY E 285 4.28 -28.90 -42.85
CA GLY E 285 4.42 -29.85 -41.75
C GLY E 285 5.80 -30.48 -41.69
N CYS E 286 6.33 -30.88 -42.84
CA CYS E 286 7.66 -31.47 -42.91
C CYS E 286 8.65 -30.50 -42.32
N ALA E 287 8.56 -29.25 -42.73
CA ALA E 287 9.48 -28.22 -42.23
C ALA E 287 9.37 -28.04 -40.72
N GLN E 288 8.16 -28.01 -40.18
CA GLN E 288 8.00 -27.87 -38.73
C GLN E 288 8.70 -28.96 -37.94
N GLY E 289 8.54 -30.20 -38.40
CA GLY E 289 9.13 -31.35 -37.73
C GLY E 289 10.65 -31.34 -37.80
N LEU E 290 11.17 -31.07 -38.98
CA LEU E 290 12.62 -30.99 -39.20
C LEU E 290 13.25 -29.89 -38.34
N SER E 291 12.63 -28.71 -38.29
CA SER E 291 13.11 -27.62 -37.42
C SER E 291 13.05 -28.03 -35.97
N GLY E 292 11.98 -28.73 -35.61
CA GLY E 292 11.78 -29.21 -34.25
C GLY E 292 12.91 -30.03 -33.69
N VAL E 293 13.64 -30.73 -34.57
CA VAL E 293 14.79 -31.54 -34.14
C VAL E 293 16.14 -30.96 -34.57
N GLY E 294 16.17 -29.64 -34.81
CA GLY E 294 17.40 -28.91 -35.09
C GLY E 294 17.92 -28.77 -36.49
N ALA E 295 17.18 -29.23 -37.47
CA ALA E 295 17.65 -29.14 -38.86
C ALA E 295 17.54 -27.71 -39.36
N ARG E 296 18.25 -27.42 -40.45
CA ARG E 296 18.21 -26.12 -41.07
C ARG E 296 17.51 -26.36 -42.36
N VAL E 297 16.23 -26.02 -42.40
CA VAL E 297 15.43 -26.22 -43.59
C VAL E 297 15.63 -25.15 -44.68
N ILE E 298 15.85 -25.63 -45.91
CA ILE E 298 15.93 -24.77 -47.10
C ILE E 298 14.67 -25.18 -47.88
N VAL E 299 13.92 -24.22 -48.40
CA VAL E 299 12.72 -24.50 -49.16
C VAL E 299 12.86 -24.15 -50.63
N THR E 300 12.21 -24.95 -51.47
CA THR E 300 12.17 -24.77 -52.92
C THR E 300 10.70 -24.63 -53.19
N GLU E 301 10.32 -23.71 -54.05
CA GLU E 301 8.90 -23.47 -54.32
C GLU E 301 8.69 -22.66 -55.61
N ILE E 302 7.55 -22.89 -56.27
CA ILE E 302 7.17 -22.20 -57.52
C ILE E 302 6.12 -21.12 -57.31
N ASP E 303 5.42 -21.21 -56.17
CA ASP E 303 4.34 -20.29 -55.82
C ASP E 303 4.90 -19.14 -54.98
N PRO E 304 4.78 -17.89 -55.48
CA PRO E 304 5.30 -16.76 -54.73
C PRO E 304 4.66 -16.57 -53.35
N ILE E 305 3.39 -16.95 -53.19
CA ILE E 305 2.71 -16.82 -51.89
C ILE E 305 3.28 -17.84 -50.91
N CYS E 306 3.41 -19.08 -51.35
CA CYS E 306 3.96 -20.12 -50.48
C CYS E 306 5.42 -19.82 -50.15
N ALA E 307 6.16 -19.26 -51.12
CA ALA E 307 7.56 -18.90 -50.90
C ALA E 307 7.68 -17.87 -49.78
N LEU E 308 6.81 -16.85 -49.82
CA LEU E 308 6.83 -15.84 -48.77
C LEU E 308 6.44 -16.40 -47.41
N GLN E 309 5.54 -17.37 -47.40
CA GLN E 309 5.16 -18.00 -46.12
C GLN E 309 6.37 -18.67 -45.47
N ALA E 310 7.18 -19.35 -46.30
CA ALA E 310 8.39 -20.01 -45.83
C ALA E 310 9.36 -18.98 -45.22
N SER E 311 9.57 -17.84 -45.90
CA SER E 311 10.44 -16.79 -45.35
C SER E 311 10.00 -16.31 -43.98
N MET E 312 8.70 -16.09 -43.82
CA MET E 312 8.15 -15.63 -42.56
C MET E 312 8.37 -16.62 -41.40
N GLU E 313 8.61 -17.89 -41.73
CA GLU E 313 8.90 -18.91 -40.71
C GLU E 313 10.41 -19.07 -40.52
N GLY E 314 11.20 -18.14 -41.07
CA GLY E 314 12.65 -18.17 -40.96
C GLY E 314 13.41 -19.09 -41.90
N TYR E 315 12.76 -19.60 -42.94
CA TYR E 315 13.44 -20.49 -43.86
C TYR E 315 13.94 -19.78 -45.11
N GLN E 316 15.12 -20.20 -45.54
CA GLN E 316 15.73 -19.73 -46.77
C GLN E 316 14.97 -20.36 -47.94
N VAL E 317 14.70 -19.58 -48.98
CA VAL E 317 14.01 -20.10 -50.16
C VAL E 317 14.96 -19.99 -51.35
N SER E 318 15.29 -21.14 -51.96
CA SER E 318 16.23 -21.21 -53.05
C SER E 318 15.80 -22.13 -54.15
N VAL E 319 16.48 -21.99 -55.27
CA VAL E 319 16.30 -22.84 -56.42
C VAL E 319 17.23 -24.02 -56.14
N LEU E 320 16.77 -25.24 -56.44
CA LEU E 320 17.56 -26.45 -56.19
C LEU E 320 19.01 -26.39 -56.73
N GLU E 321 19.19 -25.84 -57.93
CA GLU E 321 20.52 -25.74 -58.57
C GLU E 321 21.58 -25.06 -57.70
N ASP E 322 21.16 -24.06 -56.93
CA ASP E 322 22.05 -23.28 -56.07
C ASP E 322 22.40 -23.94 -54.73
N VAL E 323 21.66 -24.98 -54.38
CA VAL E 323 21.83 -25.69 -53.11
C VAL E 323 22.11 -27.20 -53.19
N VAL E 324 21.97 -27.79 -54.37
CA VAL E 324 22.15 -29.23 -54.55
C VAL E 324 23.53 -29.80 -54.16
N SER E 325 24.61 -29.08 -54.38
CA SER E 325 25.94 -29.58 -54.02
C SER E 325 26.28 -29.54 -52.54
N GLU E 326 25.66 -28.61 -51.80
CA GLU E 326 25.95 -28.44 -50.36
C GLU E 326 24.93 -29.08 -49.39
N ALA E 327 23.68 -29.24 -49.81
CA ALA E 327 22.68 -29.80 -48.91
C ALA E 327 22.94 -31.27 -48.59
N ASP E 328 22.48 -31.67 -47.42
CA ASP E 328 22.68 -33.03 -46.90
C ASP E 328 21.52 -34.02 -47.17
N ILE E 329 20.28 -33.54 -47.08
CA ILE E 329 19.08 -34.38 -47.26
C ILE E 329 18.08 -33.66 -48.14
N PHE E 330 17.40 -34.41 -49.00
CA PHE E 330 16.39 -33.84 -49.93
C PHE E 330 15.05 -34.56 -49.77
N ILE E 331 13.99 -33.78 -49.50
CA ILE E 331 12.62 -34.30 -49.29
C ILE E 331 11.68 -33.66 -50.30
N THR E 332 11.10 -34.46 -51.19
CA THR E 332 10.17 -33.92 -52.19
C THR E 332 8.74 -34.00 -51.69
N ALA E 333 8.03 -32.87 -51.76
CA ALA E 333 6.64 -32.77 -51.30
C ALA E 333 5.84 -31.86 -52.22
N THR E 334 6.02 -32.06 -53.52
CA THR E 334 5.39 -31.21 -54.55
C THR E 334 4.15 -31.74 -55.22
N GLY E 335 4.04 -33.06 -55.32
CA GLY E 335 2.93 -33.68 -56.05
C GLY E 335 3.19 -33.49 -57.54
N ASN E 336 4.44 -33.17 -57.89
CA ASN E 336 4.83 -32.89 -59.26
C ASN E 336 5.74 -34.01 -59.83
N LYS E 337 6.43 -33.74 -60.92
CA LYS E 337 7.23 -34.70 -61.65
C LYS E 337 8.62 -34.17 -61.97
N ASP E 338 9.62 -35.05 -61.86
CA ASP E 338 11.02 -34.70 -62.19
C ASP E 338 11.51 -33.46 -61.47
N VAL E 339 11.36 -33.48 -60.16
CA VAL E 339 11.77 -32.40 -59.28
C VAL E 339 13.25 -32.61 -58.88
N ILE E 340 13.64 -33.89 -58.77
CA ILE E 340 15.02 -34.32 -58.51
C ILE E 340 15.34 -35.19 -59.74
N THR E 341 16.28 -34.73 -60.57
CA THR E 341 16.70 -35.43 -61.79
C THR E 341 18.01 -36.17 -61.54
N VAL E 342 18.45 -37.01 -62.48
CA VAL E 342 19.73 -37.68 -62.34
C VAL E 342 20.85 -36.62 -62.38
N GLU E 343 20.70 -35.58 -63.20
CA GLU E 343 21.72 -34.53 -63.28
C GLU E 343 21.86 -33.82 -61.94
N HIS E 344 20.78 -33.75 -61.18
CA HIS E 344 20.85 -33.17 -59.85
C HIS E 344 21.61 -34.13 -58.93
N MET E 345 21.25 -35.41 -58.96
CA MET E 345 21.86 -36.41 -58.06
C MET E 345 23.37 -36.60 -58.26
N ARG E 346 23.86 -36.33 -59.45
CA ARG E 346 25.30 -36.45 -59.71
C ARG E 346 26.10 -35.33 -59.08
N LYS E 347 25.45 -34.19 -58.87
CA LYS E 347 26.10 -33.03 -58.24
C LYS E 347 26.03 -33.08 -56.71
N MET E 348 25.23 -33.99 -56.17
CA MET E 348 25.08 -34.13 -54.72
C MET E 348 26.34 -34.65 -54.08
N LYS E 349 26.45 -34.46 -52.78
CA LYS E 349 27.64 -34.90 -52.07
C LYS E 349 27.53 -36.32 -51.53
N GLU E 350 28.69 -36.85 -51.15
CA GLU E 350 28.81 -38.21 -50.67
C GLU E 350 27.76 -38.54 -49.60
N ASN E 351 27.04 -39.63 -49.84
CA ASN E 351 26.00 -40.15 -48.94
C ASN E 351 24.88 -39.17 -48.61
N ALA E 352 24.48 -38.41 -49.61
CA ALA E 352 23.37 -37.51 -49.46
C ALA E 352 22.14 -38.39 -49.50
N TYR E 353 21.18 -38.13 -48.61
CA TYR E 353 19.93 -38.88 -48.55
C TYR E 353 18.83 -38.21 -49.38
N ILE E 354 18.07 -39.02 -50.11
CA ILE E 354 16.96 -38.53 -50.93
C ILE E 354 15.70 -39.29 -50.57
N ALA E 355 14.60 -38.56 -50.35
CA ALA E 355 13.32 -39.19 -50.00
C ALA E 355 12.14 -38.41 -50.58
N ASN E 356 11.03 -39.10 -50.73
CA ASN E 356 9.79 -38.52 -51.25
C ASN E 356 8.60 -38.74 -50.30
N ILE E 357 7.78 -37.70 -50.13
CA ILE E 357 6.59 -37.78 -49.30
C ILE E 357 5.32 -37.37 -50.07
N GLY E 358 5.44 -37.04 -51.36
CA GLY E 358 4.29 -36.78 -52.24
C GLY E 358 3.70 -38.15 -52.63
N HIS E 359 2.47 -38.23 -53.13
CA HIS E 359 1.87 -39.58 -53.41
C HIS E 359 2.59 -40.59 -54.35
N PHE E 360 3.13 -40.18 -55.51
CA PHE E 360 3.78 -41.16 -56.42
C PHE E 360 5.29 -41.02 -56.46
N ASP E 361 5.95 -41.99 -57.11
CA ASP E 361 7.43 -42.01 -57.27
C ASP E 361 8.01 -41.19 -58.47
N ASP E 362 7.18 -40.34 -59.09
CA ASP E 362 7.60 -39.51 -60.24
C ASP E 362 8.44 -38.32 -59.82
N GLU E 363 8.29 -37.86 -58.58
CA GLU E 363 8.99 -36.66 -58.08
C GLU E 363 10.49 -36.77 -58.20
N ILE E 364 10.99 -37.98 -58.01
CA ILE E 364 12.40 -38.29 -58.13
C ILE E 364 12.53 -39.22 -59.35
N ASP E 365 13.50 -38.95 -60.23
CA ASP E 365 13.70 -39.80 -61.41
C ASP E 365 14.42 -41.11 -60.99
N VAL E 366 13.65 -41.97 -60.34
CA VAL E 366 14.15 -43.25 -59.86
C VAL E 366 14.49 -44.17 -61.03
N TYR E 367 13.65 -44.19 -62.06
CA TYR E 367 13.92 -45.03 -63.24
C TYR E 367 15.28 -44.67 -63.86
N GLY E 368 15.52 -43.37 -64.03
CA GLY E 368 16.77 -42.88 -64.59
C GLY E 368 17.98 -43.26 -63.76
N LEU E 369 17.83 -43.21 -62.44
CA LEU E 369 18.89 -43.57 -61.51
C LEU E 369 19.23 -45.06 -61.57
N GLU E 370 18.20 -45.93 -61.51
CA GLU E 370 18.42 -47.39 -61.55
C GLU E 370 19.00 -47.87 -62.86
N ASN E 371 18.62 -47.20 -63.95
CA ASN E 371 19.07 -47.54 -65.31
C ASN E 371 20.25 -46.72 -65.83
N TYR E 372 20.90 -45.95 -64.95
CA TYR E 372 22.06 -45.16 -65.36
C TYR E 372 23.19 -46.13 -65.79
N PRO E 373 23.89 -45.83 -66.91
CA PRO E 373 24.96 -46.72 -67.40
C PRO E 373 26.07 -47.00 -66.39
N GLY E 374 26.26 -48.29 -66.08
CA GLY E 374 27.30 -48.75 -65.17
C GLY E 374 27.16 -48.35 -63.71
N ILE E 375 25.94 -48.06 -63.26
CA ILE E 375 25.73 -47.65 -61.88
C ILE E 375 25.71 -48.89 -61.00
N LYS E 376 26.12 -48.70 -59.76
CA LYS E 376 26.19 -49.76 -58.79
C LYS E 376 25.16 -49.51 -57.72
N VAL E 377 24.37 -50.51 -57.39
CA VAL E 377 23.36 -50.38 -56.34
C VAL E 377 23.56 -51.46 -55.26
N ILE E 378 23.39 -51.08 -54.00
CA ILE E 378 23.52 -52.04 -52.88
C ILE E 378 22.41 -51.73 -51.85
N GLU E 379 21.86 -52.78 -51.25
CA GLU E 379 20.78 -52.67 -50.28
C GLU E 379 21.42 -52.38 -48.92
N VAL E 380 21.20 -51.19 -48.40
CA VAL E 380 21.72 -50.80 -47.09
C VAL E 380 20.91 -51.50 -45.99
N LYS E 381 19.61 -51.61 -46.20
CA LYS E 381 18.67 -52.27 -45.29
C LYS E 381 17.29 -52.43 -45.96
N GLN E 382 16.30 -52.87 -45.19
CA GLN E 382 14.92 -53.03 -45.73
C GLN E 382 14.47 -51.73 -46.38
N ASN E 383 14.36 -51.75 -47.70
CA ASN E 383 13.88 -50.62 -48.48
C ASN E 383 14.72 -49.34 -48.43
N VAL E 384 16.04 -49.50 -48.42
CA VAL E 384 16.96 -48.37 -48.43
C VAL E 384 18.10 -48.80 -49.34
N HIS E 385 18.33 -48.06 -50.42
CA HIS E 385 19.36 -48.41 -51.37
C HIS E 385 20.37 -47.30 -51.63
N LYS E 386 21.64 -47.70 -51.75
CA LYS E 386 22.74 -46.79 -51.99
C LYS E 386 23.19 -46.98 -53.42
N PHE E 387 23.12 -45.90 -54.20
CA PHE E 387 23.51 -45.91 -55.61
C PHE E 387 24.84 -45.18 -55.78
N THR E 388 25.80 -45.82 -56.44
CA THR E 388 27.13 -45.24 -56.68
C THR E 388 27.40 -45.02 -58.17
N PHE E 389 27.67 -43.78 -58.58
CA PHE E 389 27.98 -43.45 -59.97
C PHE E 389 29.41 -43.91 -60.30
N PRO E 390 29.62 -44.46 -61.51
CA PRO E 390 30.94 -44.98 -61.88
C PRO E 390 32.05 -43.95 -62.17
N ASP E 391 31.69 -42.77 -62.69
CA ASP E 391 32.69 -41.75 -63.04
C ASP E 391 33.24 -40.96 -61.84
N THR E 392 32.35 -40.46 -60.98
CA THR E 392 32.75 -39.70 -59.80
C THR E 392 33.03 -40.56 -58.57
N GLN E 393 32.52 -41.80 -58.57
CA GLN E 393 32.61 -42.75 -57.44
C GLN E 393 31.80 -42.29 -56.20
N LYS E 394 30.99 -41.24 -56.37
CA LYS E 394 30.16 -40.73 -55.28
C LYS E 394 28.84 -41.48 -55.22
N SER E 395 28.25 -41.49 -54.04
CA SER E 395 27.00 -42.22 -53.80
C SER E 395 25.87 -41.36 -53.22
N VAL E 396 24.64 -41.82 -53.43
CA VAL E 396 23.44 -41.20 -52.88
C VAL E 396 22.57 -42.33 -52.31
N ILE E 397 21.94 -42.08 -51.17
CA ILE E 397 21.09 -43.08 -50.52
C ILE E 397 19.64 -42.70 -50.81
N LEU E 398 18.87 -43.63 -51.37
CA LEU E 398 17.47 -43.40 -51.71
C LEU E 398 16.60 -44.20 -50.76
N LEU E 399 15.56 -43.56 -50.22
CA LEU E 399 14.66 -44.24 -49.28
C LEU E 399 13.47 -44.83 -50.02
N CYS E 400 13.27 -46.13 -49.81
CA CYS E 400 12.22 -46.94 -50.43
C CYS E 400 11.83 -46.57 -51.86
N LYS E 401 12.83 -46.62 -52.73
CA LYS E 401 12.70 -46.41 -54.16
C LYS E 401 11.87 -45.19 -54.54
N GLY E 402 12.05 -44.10 -53.81
CA GLY E 402 11.32 -42.86 -54.10
C GLY E 402 9.82 -42.85 -53.84
N ARG E 403 9.31 -43.82 -53.09
CA ARG E 403 7.88 -43.87 -52.73
C ARG E 403 7.69 -43.30 -51.34
N LEU E 404 6.45 -42.93 -51.01
CA LEU E 404 6.07 -42.39 -49.69
C LEU E 404 6.94 -42.89 -48.52
N VAL E 405 7.87 -42.07 -48.04
CA VAL E 405 8.79 -42.50 -46.98
C VAL E 405 8.08 -42.66 -45.65
N ASN E 406 7.07 -41.84 -45.39
CA ASN E 406 6.38 -41.96 -44.10
C ASN E 406 5.64 -43.29 -43.93
N LEU E 407 5.14 -43.84 -45.05
CA LEU E 407 4.43 -45.12 -45.08
C LEU E 407 5.33 -46.30 -45.48
N GLY E 408 6.40 -46.02 -46.22
CA GLY E 408 7.33 -47.05 -46.69
C GLY E 408 8.35 -47.47 -45.66
N CYS E 409 8.97 -46.50 -45.00
CA CYS E 409 9.97 -46.76 -43.96
C CYS E 409 9.41 -46.71 -42.55
N ALA E 410 8.16 -46.25 -42.41
CA ALA E 410 7.49 -46.17 -41.10
C ALA E 410 6.01 -46.56 -41.24
N THR E 411 5.18 -46.19 -40.27
CA THR E 411 3.77 -46.60 -40.27
C THR E 411 2.76 -45.52 -40.63
N GLY E 412 3.20 -44.47 -41.30
CA GLY E 412 2.32 -43.38 -41.67
C GLY E 412 1.88 -42.49 -40.51
N HIS E 413 0.85 -41.69 -40.76
CA HIS E 413 0.30 -40.83 -39.72
C HIS E 413 -0.27 -41.63 -38.56
N PRO E 414 -0.28 -41.03 -37.37
CA PRO E 414 -0.82 -41.69 -36.20
C PRO E 414 -2.37 -41.68 -36.18
N PRO E 415 -2.99 -42.48 -35.28
CA PRO E 415 -4.43 -42.62 -35.22
C PRO E 415 -5.28 -41.36 -35.10
N LEU E 416 -4.93 -40.45 -34.21
CA LEU E 416 -5.73 -39.22 -34.02
C LEU E 416 -6.05 -38.49 -35.31
N VAL E 417 -5.04 -38.26 -36.12
CA VAL E 417 -5.26 -37.47 -37.29
C VAL E 417 -5.92 -38.28 -38.40
N MET E 418 -5.70 -39.59 -38.42
CA MET E 418 -6.33 -40.45 -39.44
C MET E 418 -7.78 -40.62 -39.14
N SER E 419 -8.14 -40.51 -37.86
CA SER E 419 -9.54 -40.61 -37.45
C SER E 419 -10.31 -39.42 -38.01
N MET E 420 -9.67 -38.27 -38.06
CA MET E 420 -10.29 -37.08 -38.61
C MET E 420 -10.46 -37.24 -40.12
N SER E 421 -9.44 -37.78 -40.77
CA SER E 421 -9.53 -38.00 -42.21
C SER E 421 -10.56 -39.07 -42.52
N PHE E 422 -10.57 -40.15 -41.73
CA PHE E 422 -11.49 -41.26 -41.96
C PHE E 422 -12.93 -41.02 -41.53
N THR E 423 -13.15 -40.09 -40.59
CA THR E 423 -14.52 -39.74 -40.20
C THR E 423 -15.14 -39.05 -41.40
N ASN E 424 -14.34 -38.24 -42.10
CA ASN E 424 -14.80 -37.59 -43.35
C ASN E 424 -15.12 -38.62 -44.41
N GLN E 425 -14.29 -39.65 -44.51
CA GLN E 425 -14.52 -40.75 -45.48
C GLN E 425 -15.86 -41.45 -45.26
N VAL E 426 -16.12 -41.86 -44.01
CA VAL E 426 -17.38 -42.52 -43.70
C VAL E 426 -18.57 -41.62 -44.05
N LEU E 427 -18.48 -40.34 -43.68
CA LEU E 427 -19.55 -39.38 -43.94
C LEU E 427 -19.76 -39.21 -45.44
N ALA E 428 -18.66 -39.27 -46.19
CA ALA E 428 -18.72 -39.16 -47.66
C ALA E 428 -19.40 -40.41 -48.26
N GLN E 429 -19.02 -41.58 -47.76
CA GLN E 429 -19.61 -42.83 -48.22
C GLN E 429 -21.10 -42.85 -47.93
N MET E 430 -21.49 -42.35 -46.75
CA MET E 430 -22.90 -42.32 -46.38
C MET E 430 -23.69 -41.37 -47.27
N ASP E 431 -23.06 -40.27 -47.64
CA ASP E 431 -23.67 -39.26 -48.50
C ASP E 431 -23.91 -39.85 -49.89
N LEU E 432 -22.87 -40.43 -50.48
CA LEU E 432 -22.97 -41.04 -51.82
C LEU E 432 -24.03 -42.14 -51.89
N TRP E 433 -24.08 -42.98 -50.86
CA TRP E 433 -25.02 -44.10 -50.76
C TRP E 433 -26.45 -43.61 -50.58
N LYS E 434 -26.62 -42.59 -49.76
CA LYS E 434 -27.94 -42.05 -49.52
C LYS E 434 -28.50 -41.32 -50.76
N SER E 435 -27.63 -40.96 -51.73
CA SER E 435 -28.06 -40.26 -52.96
C SER E 435 -28.24 -41.21 -54.15
N ARG E 436 -27.98 -42.51 -53.97
CA ARG E 436 -28.16 -43.51 -55.03
C ARG E 436 -29.20 -43.21 -56.08
N GLU E 437 -30.44 -42.99 -55.61
CA GLU E 437 -31.61 -42.78 -56.46
C GLU E 437 -31.47 -41.68 -57.50
N LEU E 438 -30.74 -40.62 -57.16
CA LEU E 438 -30.52 -39.51 -58.07
C LEU E 438 -29.52 -39.83 -59.21
N VAL E 439 -28.75 -40.89 -59.09
CA VAL E 439 -27.77 -41.28 -60.11
C VAL E 439 -28.51 -42.11 -61.17
N ASP E 440 -29.07 -41.44 -62.16
CA ASP E 440 -29.81 -42.12 -63.23
C ASP E 440 -28.97 -42.12 -64.52
N ARG E 441 -28.49 -43.30 -64.90
CA ARG E 441 -27.65 -43.46 -66.08
C ARG E 441 -28.39 -43.64 -67.40
N SER E 442 -29.71 -43.78 -67.34
CA SER E 442 -30.52 -43.93 -68.56
C SER E 442 -30.59 -42.56 -69.27
N LYS E 443 -30.21 -41.51 -68.54
CA LYS E 443 -30.21 -40.13 -69.05
C LYS E 443 -28.90 -39.31 -68.79
N ASN E 444 -28.32 -39.47 -67.59
CA ASN E 444 -27.06 -38.82 -67.11
C ASN E 444 -25.82 -39.70 -66.87
N THR E 445 -24.90 -39.76 -67.85
CA THR E 445 -23.67 -40.55 -67.76
C THR E 445 -22.47 -39.72 -67.24
N ARG E 446 -22.67 -38.39 -67.05
CA ARG E 446 -21.63 -37.38 -66.59
C ARG E 446 -21.88 -36.70 -65.24
N PHE E 447 -20.78 -36.62 -64.48
CA PHE E 447 -20.79 -36.27 -63.05
C PHE E 447 -19.77 -35.23 -62.57
N PHE E 448 -19.95 -34.74 -61.35
CA PHE E 448 -19.08 -33.71 -60.79
C PHE E 448 -18.46 -34.13 -59.46
N VAL E 449 -17.51 -33.32 -58.99
CA VAL E 449 -16.82 -33.52 -57.72
C VAL E 449 -17.38 -32.50 -56.74
N LYS E 450 -17.83 -32.94 -55.57
CA LYS E 450 -18.32 -31.99 -54.55
C LYS E 450 -17.54 -32.24 -53.25
N LYS E 451 -17.70 -31.34 -52.30
CA LYS E 451 -17.07 -31.45 -50.98
C LYS E 451 -18.14 -31.56 -49.91
N LEU E 452 -17.74 -31.98 -48.72
CA LEU E 452 -18.66 -32.07 -47.60
C LEU E 452 -18.91 -30.67 -47.09
N SER E 453 -20.04 -30.48 -46.41
CA SER E 453 -20.40 -29.17 -45.90
C SER E 453 -19.55 -28.78 -44.71
N LYS E 454 -19.54 -27.49 -44.40
CA LYS E 454 -18.82 -26.97 -43.26
C LYS E 454 -19.48 -27.47 -41.97
N GLU E 455 -20.81 -27.65 -41.98
CA GLU E 455 -21.52 -28.18 -40.81
C GLU E 455 -20.88 -29.50 -40.40
N LEU E 456 -20.69 -30.40 -41.36
CA LEU E 456 -20.06 -31.70 -41.09
C LEU E 456 -18.58 -31.58 -40.74
N ASP E 457 -17.92 -30.59 -41.30
CA ASP E 457 -16.49 -30.41 -41.11
C ASP E 457 -16.27 -30.04 -39.65
N GLU E 458 -17.12 -29.16 -39.12
CA GLU E 458 -17.08 -28.78 -37.70
C GLU E 458 -17.47 -29.96 -36.80
N TYR E 459 -18.43 -30.77 -37.27
CA TYR E 459 -18.88 -31.94 -36.53
C TYR E 459 -17.69 -32.87 -36.31
N VAL E 460 -16.91 -33.12 -37.36
CA VAL E 460 -15.74 -33.99 -37.25
C VAL E 460 -14.82 -33.48 -36.14
N ALA E 461 -14.60 -32.16 -36.11
CA ALA E 461 -13.73 -31.56 -35.09
C ALA E 461 -14.32 -31.75 -33.69
N ARG E 462 -15.62 -31.53 -33.52
CA ARG E 462 -16.27 -31.72 -32.20
C ARG E 462 -16.04 -33.12 -31.64
N LEU E 463 -16.17 -34.12 -32.50
CA LEU E 463 -16.00 -35.51 -32.08
C LEU E 463 -14.60 -35.84 -31.50
N HIS E 464 -13.59 -35.04 -31.81
CA HIS E 464 -12.24 -35.29 -31.31
C HIS E 464 -11.75 -34.33 -30.20
N LEU E 465 -12.61 -33.43 -29.72
CA LEU E 465 -12.17 -32.50 -28.69
C LEU E 465 -11.82 -33.17 -27.38
N ASP E 466 -12.61 -34.15 -26.94
CA ASP E 466 -12.34 -34.87 -25.67
C ASP E 466 -11.04 -35.68 -25.64
N VAL E 467 -10.56 -36.11 -26.80
CA VAL E 467 -9.29 -36.81 -26.87
C VAL E 467 -8.19 -35.99 -26.21
N LEU E 468 -8.15 -34.67 -26.49
CA LEU E 468 -7.12 -33.79 -25.93
C LEU E 468 -7.57 -32.87 -24.78
N GLY E 469 -8.73 -33.12 -24.21
CA GLY E 469 -9.24 -32.32 -23.10
C GLY E 469 -9.53 -30.86 -23.44
N ILE E 470 -9.92 -30.61 -24.68
CA ILE E 470 -10.25 -29.28 -25.13
C ILE E 470 -11.61 -28.86 -24.59
N LYS E 471 -11.73 -27.62 -24.17
CA LYS E 471 -12.97 -27.10 -23.62
C LYS E 471 -13.43 -25.94 -24.47
N LEU E 472 -14.50 -26.12 -25.22
CA LEU E 472 -15.05 -25.04 -26.03
C LEU E 472 -15.86 -24.04 -25.25
N THR E 473 -15.76 -22.80 -25.68
CA THR E 473 -16.53 -21.72 -25.15
C THR E 473 -17.82 -21.69 -25.98
N LYS E 474 -18.91 -21.25 -25.36
CA LYS E 474 -20.21 -21.15 -26.01
C LYS E 474 -20.60 -19.72 -26.12
N LEU E 475 -21.05 -19.33 -27.31
CA LEU E 475 -21.50 -17.97 -27.55
C LEU E 475 -22.81 -17.68 -26.84
N THR E 476 -22.99 -16.45 -26.41
CA THR E 476 -24.24 -16.00 -25.81
C THR E 476 -25.12 -15.57 -26.98
N GLU E 477 -26.41 -15.36 -26.74
CA GLU E 477 -27.32 -14.90 -27.82
C GLU E 477 -26.79 -13.63 -28.46
N THR E 478 -26.42 -12.66 -27.62
CA THR E 478 -25.91 -11.37 -28.09
C THR E 478 -24.63 -11.49 -28.92
N GLN E 479 -23.70 -12.32 -28.46
CA GLN E 479 -22.44 -12.52 -29.16
C GLN E 479 -22.65 -13.14 -30.52
N ALA E 480 -23.53 -14.15 -30.56
CA ALA E 480 -23.84 -14.83 -31.82
C ALA E 480 -24.42 -13.85 -32.83
N LYS E 481 -25.29 -12.97 -32.34
CA LYS E 481 -25.90 -11.98 -33.20
C LYS E 481 -24.86 -10.96 -33.66
N TYR E 482 -23.99 -10.53 -32.76
CA TYR E 482 -22.98 -9.51 -33.05
C TYR E 482 -22.06 -9.94 -34.19
N ILE E 483 -21.56 -11.17 -34.14
CA ILE E 483 -20.67 -11.69 -35.19
C ILE E 483 -21.45 -12.40 -36.32
N ASN E 484 -22.77 -12.39 -36.20
CA ASN E 484 -23.67 -12.90 -37.23
C ASN E 484 -23.46 -14.38 -37.60
N VAL E 485 -23.66 -15.24 -36.60
CA VAL E 485 -23.56 -16.70 -36.76
C VAL E 485 -24.52 -17.34 -35.77
N SER E 486 -24.82 -18.60 -36.02
CA SER E 486 -25.69 -19.36 -35.15
C SER E 486 -24.85 -19.84 -33.97
N ILE E 487 -25.48 -20.01 -32.80
CA ILE E 487 -24.74 -20.50 -31.63
C ILE E 487 -24.09 -21.86 -31.91
N ASN E 488 -24.77 -22.68 -32.72
CA ASN E 488 -24.27 -24.02 -33.06
C ASN E 488 -23.47 -24.09 -34.36
N GLY E 489 -23.17 -22.93 -34.94
CA GLY E 489 -22.36 -22.86 -36.16
C GLY E 489 -23.19 -23.05 -37.42
N PRO E 490 -22.55 -23.03 -38.59
CA PRO E 490 -21.10 -22.86 -38.74
C PRO E 490 -20.60 -21.47 -38.34
N TYR E 491 -19.34 -21.39 -37.91
CA TYR E 491 -18.76 -20.15 -37.40
C TYR E 491 -17.97 -19.30 -38.41
N LYS E 492 -17.64 -19.85 -39.57
CA LYS E 492 -16.89 -19.10 -40.58
C LYS E 492 -17.52 -19.17 -41.96
N SER E 493 -17.13 -18.22 -42.80
CA SER E 493 -17.56 -18.15 -44.18
C SER E 493 -16.95 -19.28 -44.99
N GLU E 494 -17.55 -19.62 -46.13
CA GLU E 494 -17.05 -20.70 -46.98
C GLU E 494 -15.65 -20.45 -47.51
N ASP E 495 -15.27 -19.19 -47.67
CA ASP E 495 -13.93 -18.83 -48.18
C ASP E 495 -12.83 -18.74 -47.11
N TYR E 496 -13.19 -18.90 -45.84
CA TYR E 496 -12.22 -18.80 -44.71
C TYR E 496 -11.14 -19.85 -44.82
N ARG E 497 -9.89 -19.43 -44.62
CA ARG E 497 -8.72 -20.29 -44.78
C ARG E 497 -8.10 -20.92 -43.52
N TYR E 498 -8.64 -20.61 -42.35
CA TYR E 498 -8.13 -21.20 -41.09
C TYR E 498 -6.63 -21.00 -40.91
N MET F 6 -10.24 22.60 -45.17
CA MET F 6 -9.46 23.24 -46.28
C MET F 6 -7.94 23.06 -46.01
N GLU F 7 -7.56 23.40 -44.78
CA GLU F 7 -6.19 23.29 -44.27
C GLU F 7 -6.26 22.18 -43.25
N SER F 8 -5.14 21.51 -43.03
CA SER F 8 -5.06 20.36 -42.14
C SER F 8 -5.07 20.69 -40.65
N ARG F 9 -5.43 19.69 -39.84
CA ARG F 9 -5.39 19.74 -38.38
C ARG F 9 -4.51 18.60 -37.87
N ILE F 10 -3.31 18.93 -37.40
CA ILE F 10 -2.34 17.95 -36.88
C ILE F 10 -1.68 18.50 -35.62
N LYS F 11 -0.89 17.68 -34.94
CA LYS F 11 -0.27 18.12 -33.68
C LYS F 11 0.90 19.09 -33.87
N ASP F 12 1.88 18.73 -34.70
CA ASP F 12 3.08 19.55 -34.87
C ASP F 12 3.76 19.40 -36.24
N ILE F 13 3.74 20.47 -37.01
CA ILE F 13 4.33 20.50 -38.36
C ILE F 13 5.87 20.33 -38.36
N SER F 14 6.54 20.74 -37.28
CA SER F 14 8.01 20.64 -37.21
C SER F 14 8.52 19.19 -37.15
N LEU F 15 7.63 18.23 -36.83
CA LEU F 15 8.02 16.81 -36.79
C LEU F 15 8.11 16.22 -38.20
N ALA F 16 7.80 17.03 -39.21
CA ALA F 16 7.80 16.59 -40.61
C ALA F 16 9.11 16.01 -41.08
N GLU F 17 10.22 16.57 -40.62
CA GLU F 17 11.52 16.09 -41.08
C GLU F 17 11.76 14.64 -40.65
N PHE F 18 11.45 14.31 -39.39
CA PHE F 18 11.61 12.94 -38.89
C PHE F 18 10.69 11.96 -39.64
N GLY F 19 9.52 12.43 -40.05
CA GLY F 19 8.57 11.61 -40.80
C GLY F 19 9.06 11.23 -42.18
N LEU F 20 9.66 12.18 -42.89
CA LEU F 20 10.20 11.93 -44.22
C LEU F 20 11.40 10.97 -44.16
N GLN F 21 12.15 10.99 -43.06
CA GLN F 21 13.30 10.09 -42.87
C GLN F 21 12.80 8.67 -42.73
N ASP F 22 11.82 8.47 -41.84
CA ASP F 22 11.23 7.14 -41.62
C ASP F 22 10.55 6.65 -42.90
N MET F 23 9.93 7.55 -43.66
CA MET F 23 9.29 7.15 -44.91
C MET F 23 10.30 6.54 -45.86
N GLU F 24 11.45 7.19 -46.01
CA GLU F 24 12.49 6.68 -46.93
C GLU F 24 13.06 5.35 -46.48
N ILE F 25 13.22 5.18 -45.18
CA ILE F 25 13.76 3.93 -44.63
C ILE F 25 12.72 2.83 -44.82
N ALA F 26 11.47 3.15 -44.51
CA ALA F 26 10.38 2.21 -44.64
C ALA F 26 10.27 1.70 -46.08
N LYS F 27 10.50 2.58 -47.05
CA LYS F 27 10.39 2.20 -48.48
C LYS F 27 11.37 1.12 -48.92
N THR F 28 12.46 0.92 -48.20
CA THR F 28 13.41 -0.14 -48.53
C THR F 28 12.68 -1.49 -48.59
N ASP F 29 11.78 -1.71 -47.63
CA ASP F 29 10.98 -2.95 -47.54
C ASP F 29 9.61 -2.90 -48.19
N MET F 30 9.05 -1.71 -48.40
CA MET F 30 7.71 -1.60 -49.03
C MET F 30 7.80 -1.62 -50.57
N MET F 31 8.47 -2.64 -51.10
N MET F 31 8.46 -2.65 -51.10
CA MET F 31 8.68 -2.75 -52.54
CA MET F 31 8.66 -2.74 -52.55
C MET F 31 7.43 -2.79 -53.41
C MET F 31 7.42 -2.79 -53.41
N GLY F 32 6.29 -3.22 -52.84
CA GLY F 32 5.04 -3.29 -53.58
C GLY F 32 4.60 -1.89 -53.95
N LEU F 33 4.60 -0.98 -52.98
CA LEU F 33 4.20 0.40 -53.22
C LEU F 33 5.21 1.15 -54.08
N VAL F 34 6.50 0.88 -53.87
CA VAL F 34 7.55 1.50 -54.68
C VAL F 34 7.41 1.11 -56.15
N GLU F 35 7.05 -0.15 -56.42
CA GLU F 35 6.85 -0.61 -57.79
C GLU F 35 5.62 0.04 -58.42
N LEU F 36 4.54 0.19 -57.67
CA LEU F 36 3.34 0.82 -58.22
C LEU F 36 3.63 2.27 -58.58
N GLN F 37 4.39 2.96 -57.74
CA GLN F 37 4.74 4.35 -58.04
C GLN F 37 5.56 4.38 -59.31
N ARG F 38 6.63 3.60 -59.34
CA ARG F 38 7.49 3.57 -60.52
C ARG F 38 6.67 3.33 -61.81
N LYS F 39 5.80 2.31 -61.77
CA LYS F 39 5.02 1.90 -62.92
C LYS F 39 3.90 2.82 -63.37
N TYR F 40 3.15 3.37 -62.43
CA TYR F 40 2.00 4.20 -62.77
C TYR F 40 2.14 5.71 -62.54
N ARG F 41 3.30 6.19 -62.09
CA ARG F 41 3.41 7.64 -61.83
C ARG F 41 3.24 8.52 -63.06
N ASP F 42 3.54 7.98 -64.25
CA ASP F 42 3.41 8.75 -65.51
C ASP F 42 2.01 8.70 -66.12
N SER F 43 1.41 7.50 -66.15
CA SER F 43 0.06 7.33 -66.72
C SER F 43 -1.07 7.84 -65.82
N LYS F 44 -0.82 8.02 -64.53
CA LYS F 44 -1.82 8.54 -63.59
C LYS F 44 -3.20 7.85 -63.69
N PRO F 45 -3.27 6.53 -63.45
CA PRO F 45 -4.55 5.82 -63.54
C PRO F 45 -5.66 6.35 -62.64
N LEU F 46 -5.31 7.07 -61.57
CA LEU F 46 -6.31 7.63 -60.63
C LEU F 46 -6.47 9.16 -60.80
N LYS F 47 -6.10 9.71 -61.95
CA LYS F 47 -6.20 11.15 -62.14
C LYS F 47 -7.64 11.62 -62.04
N GLY F 48 -7.85 12.68 -61.25
CA GLY F 48 -9.17 13.26 -61.04
C GLY F 48 -9.99 12.64 -59.94
N ALA F 49 -9.50 11.58 -59.33
CA ALA F 49 -10.23 10.90 -58.26
C ALA F 49 -10.03 11.59 -56.93
N ARG F 50 -11.10 11.68 -56.17
CA ARG F 50 -11.09 12.27 -54.83
C ARG F 50 -11.21 11.11 -53.87
N ILE F 51 -10.16 10.87 -53.08
CA ILE F 51 -10.12 9.76 -52.15
C ILE F 51 -10.07 10.23 -50.69
N THR F 52 -11.01 9.71 -49.89
CA THR F 52 -11.05 9.99 -48.45
C THR F 52 -10.64 8.68 -47.79
N GLY F 53 -9.74 8.77 -46.82
CA GLY F 53 -9.25 7.60 -46.11
C GLY F 53 -9.43 7.69 -44.61
N SER F 54 -9.89 6.59 -44.01
CA SER F 54 -10.09 6.47 -42.55
C SER F 54 -9.26 5.26 -42.17
N LEU F 55 -7.98 5.50 -41.91
CA LEU F 55 -7.06 4.40 -41.61
C LEU F 55 -5.85 4.90 -40.81
N HIS F 56 -5.49 4.17 -39.76
CA HIS F 56 -4.35 4.49 -38.85
C HIS F 56 -3.25 5.25 -39.57
N LEU F 57 -3.04 6.50 -39.19
CA LEU F 57 -2.05 7.32 -39.88
C LEU F 57 -0.64 7.11 -39.33
N THR F 58 -0.04 6.02 -39.79
CA THR F 58 1.31 5.62 -39.41
C THR F 58 2.26 5.94 -40.58
N ILE F 59 3.56 5.70 -40.35
CA ILE F 59 4.56 5.91 -41.41
C ILE F 59 4.21 5.04 -42.61
N GLU F 60 3.81 3.81 -42.35
CA GLU F 60 3.42 2.87 -43.40
C GLU F 60 2.26 3.43 -44.23
N THR F 61 1.28 4.02 -43.54
CA THR F 61 0.12 4.62 -44.21
C THR F 61 0.54 5.84 -45.04
N SER F 62 1.55 6.59 -44.60
CA SER F 62 2.05 7.72 -45.36
C SER F 62 2.54 7.31 -46.74
N VAL F 63 3.14 6.13 -46.83
CA VAL F 63 3.64 5.61 -48.10
C VAL F 63 2.46 5.21 -48.99
N LEU F 64 1.38 4.73 -48.38
CA LEU F 64 0.14 4.38 -49.12
C LEU F 64 -0.43 5.67 -49.71
N VAL F 65 -0.61 6.67 -48.86
CA VAL F 65 -1.10 7.97 -49.29
C VAL F 65 -0.23 8.58 -50.38
N GLU F 66 1.10 8.45 -50.24
CA GLU F 66 2.03 8.98 -51.23
C GLU F 66 1.83 8.25 -52.55
N THR F 67 1.62 6.93 -52.49
CA THR F 67 1.41 6.11 -53.69
C THR F 67 0.13 6.55 -54.42
N LEU F 68 -0.97 6.72 -53.68
CA LEU F 68 -2.22 7.19 -54.27
C LEU F 68 -2.03 8.58 -54.92
N TYR F 69 -1.28 9.46 -54.26
CA TYR F 69 -1.00 10.80 -54.79
C TYR F 69 -0.18 10.73 -56.08
N GLU F 70 0.90 9.94 -56.09
CA GLU F 70 1.74 9.80 -57.29
C GLU F 70 0.95 9.24 -58.45
N LEU F 71 -0.14 8.52 -58.16
CA LEU F 71 -1.00 8.00 -59.24
C LEU F 71 -2.10 8.97 -59.69
N GLY F 72 -2.05 10.22 -59.20
CA GLY F 72 -2.97 11.27 -59.62
C GLY F 72 -4.17 11.63 -58.76
N ALA F 73 -4.36 10.97 -57.63
CA ALA F 73 -5.52 11.27 -56.79
C ALA F 73 -5.30 12.45 -55.85
N GLU F 74 -6.41 13.11 -55.50
CA GLU F 74 -6.41 14.18 -54.50
C GLU F 74 -6.81 13.41 -53.25
N ILE F 75 -6.17 13.69 -52.12
CA ILE F 75 -6.43 12.94 -50.90
C ILE F 75 -6.82 13.78 -49.67
N ARG F 76 -7.74 13.24 -48.89
CA ARG F 76 -8.15 13.79 -47.58
C ARG F 76 -8.08 12.60 -46.65
N TRP F 77 -7.45 12.74 -45.49
CA TRP F 77 -7.27 11.57 -44.63
C TRP F 77 -7.46 11.82 -43.14
N CYS F 78 -7.89 10.77 -42.45
CA CYS F 78 -8.06 10.78 -41.00
C CYS F 78 -7.70 9.40 -40.49
N SER F 79 -7.44 9.30 -39.20
CA SER F 79 -7.08 8.02 -38.60
C SER F 79 -8.37 7.28 -38.23
N CYS F 80 -8.29 5.95 -38.09
CA CYS F 80 -9.47 5.13 -37.70
C CYS F 80 -9.43 4.68 -36.23
N ASN F 81 -8.61 5.36 -35.41
CA ASN F 81 -8.47 5.07 -33.99
C ASN F 81 -7.83 6.29 -33.30
N ILE F 82 -8.36 6.67 -32.15
CA ILE F 82 -7.86 7.82 -31.41
C ILE F 82 -6.39 7.74 -30.93
N TYR F 83 -5.81 6.54 -30.82
CA TYR F 83 -4.43 6.41 -30.33
C TYR F 83 -3.39 5.99 -31.38
N SER F 84 -3.83 5.56 -32.56
CA SER F 84 -2.91 5.01 -33.55
C SER F 84 -2.06 5.96 -34.37
N THR F 85 -2.50 7.20 -34.51
CA THR F 85 -1.73 8.17 -35.31
C THR F 85 -0.30 8.38 -34.81
N GLN F 86 0.62 8.53 -35.76
CA GLN F 86 2.02 8.87 -35.46
C GLN F 86 2.14 10.30 -35.98
N ASP F 87 2.25 11.25 -35.05
CA ASP F 87 2.30 12.67 -35.38
C ASP F 87 3.36 13.05 -36.43
N HIS F 88 4.51 12.39 -36.42
CA HIS F 88 5.56 12.73 -37.41
C HIS F 88 5.16 12.29 -38.83
N ALA F 89 4.39 11.21 -38.92
CA ALA F 89 3.88 10.70 -40.20
C ALA F 89 2.86 11.68 -40.79
N ALA F 90 1.98 12.19 -39.92
CA ALA F 90 0.94 13.14 -40.33
C ALA F 90 1.58 14.44 -40.80
N ALA F 91 2.58 14.89 -40.07
CA ALA F 91 3.29 16.10 -40.42
C ALA F 91 3.97 15.99 -41.78
N ALA F 92 4.52 14.82 -42.09
CA ALA F 92 5.20 14.61 -43.37
C ALA F 92 4.26 14.78 -44.55
N LEU F 93 3.03 14.30 -44.42
CA LEU F 93 2.04 14.42 -45.48
C LEU F 93 1.66 15.87 -45.72
N VAL F 94 1.42 16.65 -44.67
CA VAL F 94 1.00 18.05 -44.89
C VAL F 94 2.19 18.88 -45.34
N LYS F 95 3.40 18.53 -44.91
CA LYS F 95 4.60 19.27 -45.31
C LYS F 95 4.80 19.24 -46.82
N LYS F 96 4.54 18.10 -47.45
CA LYS F 96 4.73 17.97 -48.90
C LYS F 96 3.46 18.17 -49.71
N ASN F 97 2.37 18.61 -49.10
CA ASN F 97 1.08 18.79 -49.82
C ASN F 97 0.56 17.55 -50.56
N ILE F 98 0.82 16.37 -50.01
CA ILE F 98 0.35 15.12 -50.59
C ILE F 98 -1.16 14.99 -50.29
N ALA F 99 -1.54 15.35 -49.07
CA ALA F 99 -2.91 15.26 -48.63
C ALA F 99 -3.30 16.31 -47.59
N THR F 100 -4.58 16.37 -47.31
CA THR F 100 -5.15 17.24 -46.28
C THR F 100 -5.48 16.25 -45.18
N VAL F 101 -4.88 16.46 -44.02
CA VAL F 101 -4.98 15.54 -42.92
C VAL F 101 -5.69 16.08 -41.70
N PHE F 102 -6.46 15.20 -41.06
CA PHE F 102 -7.17 15.52 -39.83
C PHE F 102 -6.88 14.36 -38.88
N ALA F 103 -5.72 14.42 -38.23
CA ALA F 103 -5.31 13.36 -37.31
C ALA F 103 -4.15 13.70 -36.40
N TRP F 104 -4.24 13.21 -35.17
CA TRP F 104 -3.20 13.38 -34.17
C TRP F 104 -3.34 12.26 -33.14
N LYS F 105 -2.25 11.95 -32.44
CA LYS F 105 -2.27 10.88 -31.44
C LYS F 105 -3.01 11.41 -30.21
N ASN F 106 -3.81 10.55 -29.59
CA ASN F 106 -4.58 10.89 -28.38
C ASN F 106 -5.70 11.89 -28.62
N GLU F 107 -6.53 11.58 -29.60
CA GLU F 107 -7.70 12.39 -29.92
C GLU F 107 -8.76 12.05 -28.89
N THR F 108 -9.74 12.95 -28.71
CA THR F 108 -10.87 12.69 -27.84
C THR F 108 -11.84 12.01 -28.79
N ILE F 109 -12.78 11.25 -28.25
CA ILE F 109 -13.76 10.57 -29.09
C ILE F 109 -14.56 11.61 -29.88
N GLU F 110 -14.78 12.78 -29.29
CA GLU F 110 -15.52 13.86 -29.95
C GLU F 110 -14.77 14.32 -31.19
N ASP F 111 -13.49 14.61 -31.03
CA ASP F 111 -12.63 15.07 -32.13
C ASP F 111 -12.44 14.02 -33.22
N TYR F 112 -12.47 12.74 -32.84
CA TYR F 112 -12.33 11.64 -33.80
C TYR F 112 -13.41 11.75 -34.90
N TRP F 113 -14.66 11.92 -34.48
CA TRP F 113 -15.77 12.01 -35.42
C TRP F 113 -15.81 13.34 -36.20
N VAL F 114 -15.28 14.41 -35.61
CA VAL F 114 -15.19 15.70 -36.31
C VAL F 114 -14.13 15.59 -37.43
N CYS F 115 -13.02 14.91 -37.12
CA CYS F 115 -11.95 14.67 -38.10
C CYS F 115 -12.45 13.80 -39.27
N LEU F 116 -13.18 12.73 -38.95
CA LEU F 116 -13.73 11.84 -39.97
C LEU F 116 -14.70 12.59 -40.87
N ASN F 117 -15.56 13.41 -40.27
CA ASN F 117 -16.50 14.21 -41.03
C ASN F 117 -15.80 15.25 -41.92
N ASP F 118 -14.73 15.85 -41.39
CA ASP F 118 -13.95 16.82 -42.17
C ASP F 118 -13.31 16.14 -43.37
N ALA F 119 -12.76 14.96 -43.14
CA ALA F 119 -12.14 14.19 -44.21
C ALA F 119 -13.14 13.85 -45.31
N MET F 120 -14.39 13.63 -44.93
CA MET F 120 -15.44 13.30 -45.89
C MET F 120 -15.90 14.54 -46.68
N THR F 121 -15.60 15.74 -46.19
CA THR F 121 -16.03 17.00 -46.85
C THR F 121 -15.05 17.49 -47.90
N TRP F 122 -15.56 17.71 -49.12
CA TRP F 122 -14.76 18.22 -50.24
C TRP F 122 -15.38 19.49 -50.85
N ARG F 123 -14.53 20.38 -51.38
CA ARG F 123 -15.02 21.59 -52.07
C ARG F 123 -15.27 21.22 -53.55
N ASN F 124 -16.48 21.51 -54.03
CA ASN F 124 -16.89 21.23 -55.42
C ASN F 124 -15.93 21.91 -56.43
N PRO F 125 -15.24 21.12 -57.30
CA PRO F 125 -14.30 21.74 -58.27
C PRO F 125 -14.93 22.73 -59.29
N ASN F 126 -16.21 22.53 -59.62
CA ASN F 126 -16.94 23.40 -60.56
C ASN F 126 -17.29 24.75 -59.93
N ASP F 127 -17.95 24.69 -58.79
CA ASP F 127 -18.39 25.84 -58.02
C ASP F 127 -17.72 25.76 -56.64
N LYS F 128 -16.54 26.39 -56.48
CA LYS F 128 -15.76 26.35 -55.20
C LYS F 128 -16.60 26.61 -53.89
N ASP F 129 -17.74 27.28 -54.03
CA ASP F 129 -18.66 27.65 -52.93
C ASP F 129 -19.38 26.42 -52.31
N LYS F 130 -19.87 25.53 -53.17
CA LYS F 130 -20.62 24.35 -52.74
C LYS F 130 -19.78 23.15 -52.22
N ILE F 131 -20.50 22.19 -51.61
CA ILE F 131 -19.91 20.99 -50.99
C ILE F 131 -20.27 19.70 -51.75
N CYS F 132 -19.36 18.74 -51.72
CA CYS F 132 -19.56 17.42 -52.33
C CYS F 132 -18.77 16.40 -51.51
N GLY F 133 -18.79 15.14 -51.93
CA GLY F 133 -18.09 14.08 -51.20
C GLY F 133 -16.95 13.47 -52.00
N PRO F 134 -16.40 12.36 -51.52
CA PRO F 134 -15.36 11.71 -52.24
C PRO F 134 -15.90 10.80 -53.33
N ASN F 135 -15.01 10.36 -54.21
CA ASN F 135 -15.31 9.42 -55.27
C ASN F 135 -15.06 8.00 -54.76
N LEU F 136 -14.01 7.87 -53.94
CA LEU F 136 -13.59 6.59 -53.40
C LEU F 136 -13.27 6.73 -51.93
N ILE F 137 -13.39 5.62 -51.21
CA ILE F 137 -13.09 5.57 -49.78
C ILE F 137 -12.15 4.41 -49.42
N VAL F 138 -11.12 4.68 -48.63
CA VAL F 138 -10.20 3.66 -48.14
C VAL F 138 -10.59 3.57 -46.70
N ASP F 139 -11.11 2.44 -46.28
CA ASP F 139 -11.63 2.31 -44.92
C ASP F 139 -11.02 1.14 -44.17
N ASP F 140 -10.92 1.30 -42.86
CA ASP F 140 -10.35 0.29 -41.97
C ASP F 140 -11.16 0.31 -40.69
N GLY F 141 -12.10 -0.62 -40.59
CA GLY F 141 -12.97 -0.73 -39.44
C GLY F 141 -14.41 -0.40 -39.79
N GLY F 142 -14.61 0.25 -40.94
CA GLY F 142 -15.95 0.59 -41.41
C GLY F 142 -16.58 1.89 -40.91
N ASP F 143 -15.84 2.73 -40.18
CA ASP F 143 -16.39 4.00 -39.66
C ASP F 143 -16.75 5.02 -40.75
N ALA F 144 -15.94 5.11 -41.80
CA ALA F 144 -16.24 6.03 -42.90
C ALA F 144 -17.47 5.55 -43.64
N THR F 145 -17.56 4.24 -43.82
CA THR F 145 -18.72 3.62 -44.45
C THR F 145 -19.96 3.79 -43.55
N LEU F 146 -19.76 3.74 -42.22
CA LEU F 146 -20.88 3.87 -41.28
C LEU F 146 -21.46 5.28 -41.26
N ILE F 147 -20.60 6.29 -41.18
CA ILE F 147 -21.10 7.67 -41.12
C ILE F 147 -21.88 8.01 -42.38
N LEU F 148 -21.50 7.42 -43.52
CA LEU F 148 -22.19 7.65 -44.78
C LEU F 148 -23.58 7.06 -44.74
N HIS F 149 -23.68 5.80 -44.36
CA HIS F 149 -24.98 5.10 -44.30
C HIS F 149 -25.95 5.62 -43.25
N GLU F 150 -25.41 5.99 -42.10
CA GLU F 150 -26.20 6.56 -40.99
C GLU F 150 -26.61 8.00 -41.30
N GLY F 151 -25.80 8.67 -42.12
CA GLY F 151 -26.08 10.03 -42.54
C GLY F 151 -27.26 10.02 -43.50
N VAL F 152 -27.29 9.04 -44.40
CA VAL F 152 -28.39 8.89 -45.36
C VAL F 152 -29.66 8.57 -44.57
N LYS F 153 -29.58 7.64 -43.61
CA LYS F 153 -30.73 7.30 -42.78
C LYS F 153 -31.31 8.51 -42.06
N ALA F 154 -30.41 9.31 -41.49
CA ALA F 154 -30.77 10.52 -40.74
C ALA F 154 -31.46 11.55 -41.62
N GLU F 155 -31.03 11.65 -42.88
CA GLU F 155 -31.67 12.58 -43.82
C GLU F 155 -33.07 12.09 -44.25
N ILE F 156 -33.24 10.77 -44.42
CA ILE F 156 -34.54 10.18 -44.75
C ILE F 156 -35.54 10.50 -43.60
N GLU F 157 -35.09 10.26 -42.36
CA GLU F 157 -35.93 10.45 -41.17
C GLU F 157 -36.19 11.94 -40.91
N TYR F 158 -35.29 12.80 -41.39
CA TYR F 158 -35.43 14.24 -41.21
C TYR F 158 -36.56 14.74 -42.10
N GLU F 159 -36.52 14.40 -43.39
CA GLU F 159 -37.60 14.81 -44.32
C GLU F 159 -38.98 14.24 -43.99
N LYS F 160 -39.02 13.00 -43.52
CA LYS F 160 -40.28 12.34 -43.18
C LYS F 160 -41.13 13.13 -42.16
N TYR F 161 -40.48 13.52 -41.08
CA TYR F 161 -41.05 14.18 -39.92
C TYR F 161 -40.78 15.71 -39.89
N ASN F 162 -39.90 16.16 -40.77
N ASN F 162 -39.89 16.16 -40.76
CA ASN F 162 -39.49 17.56 -40.91
CA ASN F 162 -39.51 17.57 -40.90
C ASN F 162 -38.93 18.15 -39.61
C ASN F 162 -38.93 18.14 -39.60
N LYS F 163 -38.13 17.33 -38.93
CA LYS F 163 -37.53 17.69 -37.66
C LYS F 163 -36.35 16.81 -37.37
N ILE F 164 -35.51 17.23 -36.41
CA ILE F 164 -34.34 16.44 -36.04
C ILE F 164 -34.87 15.14 -35.42
N PRO F 165 -34.46 13.97 -35.96
CA PRO F 165 -34.93 12.68 -35.41
C PRO F 165 -34.59 12.53 -33.95
N GLU F 166 -35.52 11.99 -33.17
CA GLU F 166 -35.32 11.85 -31.73
C GLU F 166 -34.22 10.87 -31.32
N TYR F 167 -33.85 9.91 -32.17
CA TYR F 167 -32.77 8.96 -31.81
C TYR F 167 -31.39 9.65 -31.74
N LEU F 168 -31.25 10.80 -32.42
CA LEU F 168 -29.99 11.57 -32.43
C LEU F 168 -29.82 12.50 -31.23
N GLU F 169 -30.93 12.91 -30.62
CA GLU F 169 -30.89 13.83 -29.47
C GLU F 169 -30.83 13.12 -28.12
N THR F 170 -31.29 11.89 -28.05
CA THR F 170 -31.30 11.16 -26.78
C THR F 170 -29.92 10.64 -26.49
N GLU F 171 -29.66 10.42 -25.21
CA GLU F 171 -28.38 9.96 -24.74
C GLU F 171 -28.49 8.47 -24.33
N LEU F 172 -29.65 7.87 -24.60
CA LEU F 172 -29.95 6.48 -24.27
C LEU F 172 -30.31 5.68 -25.52
N ASP F 173 -30.15 4.36 -25.46
CA ASP F 173 -30.48 3.48 -26.60
C ASP F 173 -31.94 3.04 -26.47
N GLU F 174 -32.36 2.07 -27.28
CA GLU F 174 -33.75 1.60 -27.27
C GLU F 174 -34.18 0.84 -26.00
N ASN F 175 -33.22 0.44 -25.16
CA ASN F 175 -33.50 -0.31 -23.93
C ASN F 175 -33.19 0.43 -22.61
N GLY F 176 -32.91 1.73 -22.66
CA GLY F 176 -32.60 2.52 -21.46
C GLY F 176 -31.12 2.63 -21.10
N LYS F 177 -30.27 1.81 -21.74
CA LYS F 177 -28.80 1.84 -21.52
C LYS F 177 -28.11 3.03 -22.20
N GLN F 178 -27.03 3.51 -21.61
CA GLN F 178 -26.26 4.60 -22.20
C GLN F 178 -25.69 4.22 -23.57
N LEU F 179 -25.79 5.14 -24.52
CA LEU F 179 -25.22 4.92 -25.84
C LEU F 179 -23.70 4.96 -25.70
N SER F 180 -22.99 4.24 -26.57
CA SER F 180 -21.55 4.27 -26.52
C SER F 180 -21.08 5.69 -26.90
N MET F 181 -19.95 6.12 -26.35
CA MET F 181 -19.39 7.43 -26.72
C MET F 181 -19.25 7.61 -28.24
N ASP F 182 -18.82 6.57 -28.94
CA ASP F 182 -18.69 6.67 -30.39
C ASP F 182 -20.04 6.99 -31.05
N LEU F 183 -21.13 6.42 -30.55
CA LEU F 183 -22.46 6.69 -31.15
C LEU F 183 -22.92 8.10 -30.82
N LYS F 184 -22.70 8.56 -29.60
CA LYS F 184 -23.12 9.91 -29.21
C LYS F 184 -22.42 10.97 -30.04
N CYS F 185 -21.10 10.82 -30.17
CA CYS F 185 -20.28 11.77 -30.90
C CYS F 185 -20.52 11.78 -32.39
N MET F 186 -20.95 10.63 -32.94
CA MET F 186 -21.24 10.53 -34.36
C MET F 186 -22.57 11.22 -34.61
N TYR F 187 -23.55 10.86 -33.76
CA TYR F 187 -24.90 11.44 -33.80
C TYR F 187 -24.83 12.95 -33.66
N LYS F 188 -23.92 13.43 -32.83
CA LYS F 188 -23.74 14.85 -32.60
C LYS F 188 -23.28 15.53 -33.91
N VAL F 189 -22.40 14.85 -34.64
CA VAL F 189 -21.92 15.35 -35.93
C VAL F 189 -23.04 15.29 -37.00
N LEU F 190 -23.80 14.21 -37.04
CA LEU F 190 -24.90 14.06 -38.00
C LEU F 190 -25.96 15.11 -37.77
N LYS F 191 -26.19 15.45 -36.50
CA LYS F 191 -27.17 16.47 -36.14
C LYS F 191 -26.73 17.86 -36.63
N MET F 192 -25.47 18.21 -36.41
CA MET F 192 -24.95 19.48 -36.87
C MET F 192 -25.02 19.60 -38.41
N GLU F 193 -24.80 18.49 -39.12
CA GLU F 193 -24.88 18.48 -40.58
C GLU F 193 -26.30 18.55 -41.12
N LEU F 194 -27.29 18.12 -40.34
CA LEU F 194 -28.69 18.23 -40.77
C LEU F 194 -29.13 19.69 -40.73
N LEU F 195 -28.53 20.46 -39.82
CA LEU F 195 -28.84 21.87 -39.68
C LEU F 195 -28.17 22.70 -40.78
N LYS F 196 -27.00 22.27 -41.25
CA LYS F 196 -26.31 22.97 -42.34
C LYS F 196 -26.91 22.62 -43.68
N ASN F 197 -27.04 21.33 -43.95
CA ASN F 197 -27.58 20.83 -45.21
C ASN F 197 -28.17 19.43 -45.08
N PRO F 198 -29.52 19.30 -45.13
CA PRO F 198 -30.13 17.94 -45.03
C PRO F 198 -30.06 17.05 -46.31
N PHE F 199 -29.37 17.51 -47.36
CA PHE F 199 -29.18 16.73 -48.62
C PHE F 199 -27.68 16.40 -48.80
N ARG F 200 -26.84 16.72 -47.80
CA ARG F 200 -25.39 16.46 -47.85
C ARG F 200 -24.99 15.02 -48.20
N TRP F 201 -25.41 14.07 -47.36
CA TRP F 201 -25.04 12.66 -47.52
C TRP F 201 -25.59 12.01 -48.80
N ARG F 202 -26.86 12.24 -49.10
CA ARG F 202 -27.45 11.66 -50.32
C ARG F 202 -26.84 12.31 -51.55
N GLY F 203 -26.33 13.54 -51.39
CA GLY F 203 -25.68 14.26 -52.49
C GLY F 203 -24.37 13.59 -52.87
N MET F 204 -23.69 13.02 -51.87
CA MET F 204 -22.41 12.31 -52.08
C MET F 204 -22.55 11.03 -52.87
N LEU F 205 -23.71 10.39 -52.77
CA LEU F 205 -23.95 9.13 -53.46
C LEU F 205 -23.81 9.24 -54.97
N LYS F 206 -24.22 10.37 -55.56
CA LYS F 206 -24.10 10.54 -57.00
C LYS F 206 -22.69 10.22 -57.52
N ASP F 207 -21.68 10.73 -56.83
CA ASP F 207 -20.28 10.53 -57.23
C ASP F 207 -19.49 9.41 -56.53
N LEU F 208 -20.10 8.65 -55.61
CA LEU F 208 -19.38 7.54 -54.94
C LEU F 208 -19.28 6.30 -55.80
N TYR F 209 -18.07 5.84 -56.03
CA TYR F 209 -17.84 4.67 -56.87
C TYR F 209 -17.38 3.43 -56.11
N GLY F 210 -17.10 3.56 -54.80
CA GLY F 210 -16.69 2.39 -53.99
C GLY F 210 -15.83 2.59 -52.74
N VAL F 211 -15.70 1.49 -51.97
CA VAL F 211 -14.87 1.44 -50.77
C VAL F 211 -14.01 0.19 -50.74
N SER F 212 -12.79 0.33 -50.23
CA SER F 212 -11.87 -0.77 -50.02
C SER F 212 -11.84 -0.95 -48.52
N GLU F 213 -12.23 -2.13 -48.02
CA GLU F 213 -12.21 -2.38 -46.56
C GLU F 213 -11.00 -3.24 -46.17
N GLU F 214 -10.24 -2.73 -45.21
CA GLU F 214 -8.98 -3.32 -44.75
C GLU F 214 -9.02 -4.45 -43.73
N THR F 215 -9.98 -4.45 -42.81
CA THR F 215 -9.96 -5.45 -41.72
C THR F 215 -11.22 -6.30 -41.55
N THR F 216 -11.04 -7.43 -40.87
CA THR F 216 -12.07 -8.44 -40.63
C THR F 216 -13.36 -7.86 -40.11
N THR F 217 -13.26 -7.04 -39.08
CA THR F 217 -14.43 -6.42 -38.48
C THR F 217 -15.23 -5.52 -39.43
N GLY F 218 -14.53 -4.75 -40.27
CA GLY F 218 -15.19 -3.87 -41.23
C GLY F 218 -15.89 -4.64 -42.34
N VAL F 219 -15.31 -5.79 -42.71
CA VAL F 219 -15.87 -6.67 -43.72
C VAL F 219 -17.16 -7.28 -43.19
N LEU F 220 -17.18 -7.62 -41.91
CA LEU F 220 -18.38 -8.17 -41.30
C LEU F 220 -19.53 -7.16 -41.42
N ARG F 221 -19.23 -5.88 -41.17
CA ARG F 221 -20.24 -4.83 -41.26
C ARG F 221 -20.71 -4.63 -42.70
N LEU F 222 -19.80 -4.82 -43.66
CA LEU F 222 -20.18 -4.74 -45.07
C LEU F 222 -21.09 -5.91 -45.49
N LYS F 223 -20.80 -7.12 -45.01
CA LYS F 223 -21.59 -8.30 -45.37
C LYS F 223 -22.99 -8.25 -44.78
N ILE F 224 -23.12 -7.64 -43.61
CA ILE F 224 -24.44 -7.47 -42.97
C ILE F 224 -25.29 -6.51 -43.83
N MET F 225 -24.69 -5.42 -44.29
CA MET F 225 -25.39 -4.47 -45.16
C MET F 225 -25.75 -5.08 -46.52
N GLU F 226 -24.88 -5.95 -47.05
CA GLU F 226 -25.13 -6.62 -48.33
C GLU F 226 -26.37 -7.53 -48.24
N SER F 227 -26.46 -8.32 -47.17
CA SER F 227 -27.61 -9.23 -46.96
C SER F 227 -28.92 -8.50 -46.85
N GLU F 228 -28.92 -7.44 -46.05
CA GLU F 228 -30.12 -6.62 -45.84
C GLU F 228 -30.47 -5.71 -47.03
N GLY F 229 -29.60 -5.64 -48.05
CA GLY F 229 -29.84 -4.78 -49.23
C GLY F 229 -29.69 -3.31 -48.93
N LYS F 230 -28.88 -2.99 -47.93
CA LYS F 230 -28.63 -1.61 -47.48
C LYS F 230 -27.27 -1.02 -47.92
N LEU F 231 -26.46 -1.80 -48.65
CA LEU F 231 -25.14 -1.33 -49.08
C LEU F 231 -25.35 -0.36 -50.24
N LEU F 232 -24.92 0.88 -50.03
CA LEU F 232 -25.11 1.99 -50.98
C LEU F 232 -23.98 2.28 -51.98
N LEU F 233 -22.94 1.45 -52.01
CA LEU F 233 -21.83 1.63 -52.98
C LEU F 233 -21.07 0.31 -53.13
N PRO F 234 -20.37 0.13 -54.28
CA PRO F 234 -19.58 -1.10 -54.46
C PRO F 234 -18.50 -1.20 -53.41
N ALA F 235 -18.09 -2.42 -53.08
CA ALA F 235 -17.08 -2.61 -52.06
C ALA F 235 -16.14 -3.74 -52.41
N ILE F 236 -14.89 -3.59 -51.97
CA ILE F 236 -13.86 -4.58 -52.19
C ILE F 236 -13.31 -4.95 -50.83
N ASN F 237 -13.39 -6.25 -50.54
CA ASN F 237 -12.89 -6.83 -49.32
C ASN F 237 -11.40 -7.08 -49.55
N VAL F 238 -10.59 -6.18 -49.03
CA VAL F 238 -9.14 -6.28 -49.13
C VAL F 238 -8.60 -7.26 -48.09
N ASN F 239 -9.24 -7.30 -46.92
CA ASN F 239 -8.81 -8.18 -45.83
C ASN F 239 -8.68 -9.65 -46.20
N ASP F 240 -9.51 -10.15 -47.11
CA ASP F 240 -9.47 -11.57 -47.46
C ASP F 240 -8.60 -11.96 -48.63
N SER F 241 -7.74 -11.05 -49.07
CA SER F 241 -6.75 -11.41 -50.07
C SER F 241 -5.78 -12.30 -49.29
N VAL F 242 -5.23 -13.30 -49.93
CA VAL F 242 -4.28 -14.18 -49.25
C VAL F 242 -3.08 -13.37 -48.73
N THR F 243 -2.61 -12.43 -49.55
CA THR F 243 -1.45 -11.59 -49.19
C THR F 243 -1.75 -10.52 -48.13
N LYS F 244 -2.94 -10.59 -47.52
CA LYS F 244 -3.31 -9.68 -46.47
C LYS F 244 -3.62 -10.55 -45.23
N SER F 245 -4.70 -11.33 -45.25
CA SER F 245 -5.08 -12.16 -44.09
C SER F 245 -4.03 -13.13 -43.61
N LYS F 246 -3.31 -13.78 -44.51
CA LYS F 246 -2.28 -14.76 -44.10
C LYS F 246 -0.94 -14.15 -43.65
N PHE F 247 -0.76 -12.85 -43.87
CA PHE F 247 0.49 -12.18 -43.52
C PHE F 247 0.31 -11.06 -42.50
N ASP F 248 -0.47 -10.05 -42.85
CA ASP F 248 -0.75 -8.92 -41.96
C ASP F 248 -1.36 -9.42 -40.67
N ASN F 249 -2.53 -10.03 -40.77
CA ASN F 249 -3.21 -10.51 -39.58
C ASN F 249 -2.38 -11.41 -38.68
N THR F 250 -1.69 -12.37 -39.29
CA THR F 250 -0.89 -13.33 -38.52
C THR F 250 0.52 -12.86 -38.17
N TYR F 251 1.39 -12.79 -39.18
CA TYR F 251 2.79 -12.40 -38.96
C TYR F 251 2.98 -10.96 -38.50
N GLY F 252 2.08 -10.05 -38.90
CA GLY F 252 2.14 -8.68 -38.44
C GLY F 252 1.98 -8.66 -36.92
N CYS F 253 0.92 -9.27 -36.41
CA CYS F 253 0.67 -9.32 -34.96
C CYS F 253 1.74 -10.07 -34.16
N ARG F 254 2.34 -11.10 -34.75
CA ARG F 254 3.41 -11.81 -34.05
C ARG F 254 4.48 -10.87 -33.49
N GLN F 255 4.83 -9.84 -34.27
CA GLN F 255 5.80 -8.83 -33.84
C GLN F 255 5.13 -7.66 -33.13
N SER F 256 4.07 -7.19 -33.75
CA SER F 256 3.30 -6.03 -33.31
C SER F 256 2.69 -6.14 -31.90
N LEU F 257 2.18 -7.31 -31.54
CA LEU F 257 1.61 -7.51 -30.20
C LEU F 257 2.73 -7.41 -29.16
N LEU F 258 3.82 -8.14 -29.38
CA LEU F 258 4.97 -8.09 -28.51
C LEU F 258 5.48 -6.65 -28.30
N HIS F 259 5.52 -5.86 -29.37
CA HIS F 259 5.99 -4.49 -29.26
C HIS F 259 5.06 -3.73 -28.31
N GLY F 260 3.75 -3.91 -28.50
CA GLY F 260 2.76 -3.25 -27.67
C GLY F 260 2.85 -3.66 -26.21
N LEU F 261 2.96 -4.96 -25.96
CA LEU F 261 3.10 -5.44 -24.60
C LEU F 261 4.39 -4.97 -23.98
N PHE F 262 5.50 -5.04 -24.70
CA PHE F 262 6.76 -4.61 -24.13
C PHE F 262 6.71 -3.14 -23.69
N ASN F 263 6.04 -2.30 -24.49
CA ASN F 263 5.89 -0.89 -24.15
C ASN F 263 4.90 -0.59 -23.02
N GLY F 264 3.74 -1.28 -23.00
CA GLY F 264 2.71 -1.01 -21.96
C GLY F 264 2.80 -1.82 -20.68
N CYS F 265 3.32 -3.04 -20.79
CA CYS F 265 3.47 -3.96 -19.65
C CYS F 265 4.93 -4.06 -19.29
N ILE F 266 5.25 -3.72 -18.05
CA ILE F 266 6.65 -3.75 -17.60
C ILE F 266 7.17 -5.16 -17.30
N GLN F 267 6.26 -6.11 -17.13
CA GLN F 267 6.63 -7.47 -16.72
C GLN F 267 7.21 -8.33 -17.81
N MET F 268 7.92 -9.37 -17.35
CA MET F 268 8.52 -10.38 -18.20
C MET F 268 7.45 -11.33 -18.64
N LEU F 269 7.45 -11.69 -19.92
CA LEU F 269 6.45 -12.60 -20.45
C LEU F 269 6.80 -14.07 -20.25
N ALA F 270 8.08 -14.40 -20.20
CA ALA F 270 8.50 -15.80 -20.03
C ALA F 270 7.94 -16.44 -18.76
N GLY F 271 7.43 -17.65 -18.93
CA GLY F 271 6.83 -18.43 -17.86
C GLY F 271 5.43 -18.02 -17.39
N LYS F 272 4.94 -16.87 -17.83
CA LYS F 272 3.61 -16.42 -17.46
C LYS F 272 2.53 -17.19 -18.23
N LYS F 273 1.35 -17.34 -17.62
CA LYS F 273 0.22 -17.95 -18.28
C LYS F 273 -0.47 -16.77 -18.97
N ILE F 274 -0.48 -16.79 -20.30
CA ILE F 274 -1.10 -15.72 -21.07
C ILE F 274 -2.24 -16.31 -21.85
N VAL F 275 -3.44 -15.79 -21.61
CA VAL F 275 -4.65 -16.28 -22.29
C VAL F 275 -4.89 -15.48 -23.55
N VAL F 276 -4.92 -16.16 -24.68
CA VAL F 276 -5.23 -15.52 -25.95
C VAL F 276 -6.67 -15.96 -26.26
N LEU F 277 -7.61 -15.02 -26.22
CA LEU F 277 -9.00 -15.32 -26.48
C LEU F 277 -9.26 -15.11 -27.96
N GLY F 278 -9.47 -16.22 -28.66
CA GLY F 278 -9.67 -16.20 -30.11
C GLY F 278 -8.38 -16.70 -30.76
N TYR F 279 -8.49 -17.75 -31.58
CA TYR F 279 -7.34 -18.37 -32.23
C TYR F 279 -7.63 -18.41 -33.73
N GLY F 280 -7.94 -17.23 -34.26
CA GLY F 280 -8.18 -17.03 -35.68
C GLY F 280 -6.89 -16.55 -36.29
N GLU F 281 -6.98 -15.80 -37.38
CA GLU F 281 -5.79 -15.31 -38.08
C GLU F 281 -4.87 -14.53 -37.12
N VAL F 282 -5.47 -13.62 -36.35
CA VAL F 282 -4.74 -12.79 -35.39
C VAL F 282 -4.25 -13.58 -34.20
N GLY F 283 -5.12 -14.39 -33.62
CA GLY F 283 -4.79 -15.17 -32.43
C GLY F 283 -3.62 -16.09 -32.67
N LYS F 284 -3.58 -16.70 -33.85
CA LYS F 284 -2.50 -17.60 -34.21
C LYS F 284 -1.15 -16.87 -34.10
N GLY F 285 -1.09 -15.66 -34.67
CA GLY F 285 0.13 -14.88 -34.65
C GLY F 285 0.52 -14.42 -33.26
N CYS F 286 -0.47 -13.96 -32.50
CA CYS F 286 -0.23 -13.55 -31.13
C CYS F 286 0.40 -14.70 -30.36
N ALA F 287 -0.17 -15.89 -30.49
CA ALA F 287 0.34 -17.07 -29.81
C ALA F 287 1.80 -17.39 -30.22
N GLN F 288 2.11 -17.29 -31.50
CA GLN F 288 3.48 -17.58 -31.95
C GLN F 288 4.50 -16.68 -31.30
N GLY F 289 4.18 -15.39 -31.24
CA GLY F 289 5.08 -14.41 -30.66
C GLY F 289 5.29 -14.63 -29.19
N LEU F 290 4.19 -14.83 -28.47
CA LEU F 290 4.22 -15.04 -27.04
C LEU F 290 5.02 -16.28 -26.71
N SER F 291 4.81 -17.38 -27.45
CA SER F 291 5.60 -18.61 -27.25
C SER F 291 7.07 -18.34 -27.53
N GLY F 292 7.32 -17.55 -28.57
CA GLY F 292 8.68 -17.19 -28.98
C GLY F 292 9.53 -16.59 -27.89
N VAL F 293 8.90 -15.92 -26.92
CA VAL F 293 9.61 -15.30 -25.81
C VAL F 293 9.35 -15.99 -24.46
N GLY F 294 8.99 -17.28 -24.53
CA GLY F 294 8.82 -18.12 -23.35
C GLY F 294 7.52 -18.17 -22.59
N ALA F 295 6.47 -17.52 -23.09
CA ALA F 295 5.20 -17.52 -22.37
C ALA F 295 4.51 -18.87 -22.52
N ARG F 296 3.55 -19.14 -21.63
CA ARG F 296 2.76 -20.36 -21.71
C ARG F 296 1.39 -19.90 -22.14
N VAL F 297 1.09 -20.07 -23.42
CA VAL F 297 -0.18 -19.64 -23.95
C VAL F 297 -1.34 -20.60 -23.66
N ILE F 298 -2.45 -20.04 -23.18
CA ILE F 298 -3.70 -20.77 -22.97
C ILE F 298 -4.64 -20.14 -24.01
N VAL F 299 -5.38 -20.94 -24.74
CA VAL F 299 -6.31 -20.42 -25.76
C VAL F 299 -7.77 -20.64 -25.38
N THR F 300 -8.61 -19.68 -25.77
CA THR F 300 -10.05 -19.69 -25.55
C THR F 300 -10.57 -19.62 -26.95
N GLU F 301 -11.61 -20.40 -27.25
CA GLU F 301 -12.13 -20.44 -28.59
C GLU F 301 -13.53 -21.09 -28.64
N ILE F 302 -14.35 -20.66 -29.59
CA ILE F 302 -15.72 -21.17 -29.79
C ILE F 302 -15.83 -22.11 -30.96
N ASP F 303 -14.84 -22.03 -31.85
CA ASP F 303 -14.81 -22.83 -33.07
C ASP F 303 -14.05 -24.12 -32.81
N PRO F 304 -14.73 -25.27 -32.95
CA PRO F 304 -14.03 -26.53 -32.72
C PRO F 304 -12.82 -26.79 -33.64
N ILE F 305 -12.85 -26.27 -34.87
CA ILE F 305 -11.73 -26.45 -35.80
C ILE F 305 -10.54 -25.63 -35.33
N CYS F 306 -10.77 -24.36 -35.00
CA CYS F 306 -9.70 -23.51 -34.49
C CYS F 306 -9.17 -24.03 -33.17
N ALA F 307 -10.05 -24.57 -32.32
CA ALA F 307 -9.63 -25.12 -31.03
C ALA F 307 -8.64 -26.27 -31.22
N LEU F 308 -8.96 -27.16 -32.16
CA LEU F 308 -8.07 -28.28 -32.49
C LEU F 308 -6.74 -27.81 -33.07
N GLN F 309 -6.75 -26.74 -33.84
CA GLN F 309 -5.50 -26.19 -34.38
C GLN F 309 -4.58 -25.76 -33.24
N ALA F 310 -5.15 -25.12 -32.23
CA ALA F 310 -4.39 -24.68 -31.08
C ALA F 310 -3.75 -25.88 -30.37
N SER F 311 -4.52 -26.97 -30.17
CA SER F 311 -3.97 -28.17 -29.51
C SER F 311 -2.78 -28.74 -30.22
N MET F 312 -2.87 -28.80 -31.55
CA MET F 312 -1.79 -29.31 -32.39
C MET F 312 -0.52 -28.48 -32.28
N GLU F 313 -0.63 -27.22 -31.87
CA GLU F 313 0.54 -26.37 -31.67
C GLU F 313 1.01 -26.43 -30.20
N GLY F 314 0.49 -27.37 -29.41
CA GLY F 314 0.87 -27.54 -28.01
C GLY F 314 0.21 -26.63 -27.00
N TYR F 315 -0.85 -25.93 -27.39
CA TYR F 315 -1.51 -25.03 -26.44
C TYR F 315 -2.74 -25.65 -25.79
N GLN F 316 -2.90 -25.34 -24.52
CA GLN F 316 -4.05 -25.75 -23.76
C GLN F 316 -5.24 -24.91 -24.20
N VAL F 317 -6.41 -25.53 -24.33
CA VAL F 317 -7.61 -24.80 -24.73
C VAL F 317 -8.62 -24.92 -23.59
N SER F 318 -8.99 -23.77 -23.02
CA SER F 318 -9.90 -23.70 -21.89
C SER F 318 -10.94 -22.61 -22.01
N VAL F 319 -11.95 -22.72 -21.17
CA VAL F 319 -12.98 -21.69 -21.06
C VAL F 319 -12.39 -20.70 -20.07
N LEU F 320 -12.62 -19.42 -20.32
CA LEU F 320 -12.09 -18.35 -19.47
C LEU F 320 -12.38 -18.54 -17.98
N GLU F 321 -13.59 -18.95 -17.64
CA GLU F 321 -13.99 -19.18 -16.23
C GLU F 321 -13.04 -20.08 -15.44
N ASP F 322 -12.48 -21.11 -16.09
CA ASP F 322 -11.58 -22.07 -15.46
C ASP F 322 -10.15 -21.60 -15.30
N VAL F 323 -9.80 -20.50 -15.95
CA VAL F 323 -8.43 -19.98 -15.95
C VAL F 323 -8.28 -18.52 -15.49
N VAL F 324 -9.38 -17.81 -15.37
CA VAL F 324 -9.34 -16.38 -15.03
C VAL F 324 -8.64 -16.02 -13.70
N SER F 325 -8.76 -16.87 -12.69
CA SER F 325 -8.13 -16.57 -11.39
C SER F 325 -6.62 -16.80 -11.33
N GLU F 326 -6.11 -17.70 -12.18
CA GLU F 326 -4.69 -18.05 -12.19
C GLU F 326 -3.84 -17.42 -13.29
N ALA F 327 -4.44 -17.08 -14.42
CA ALA F 327 -3.68 -16.47 -15.52
C ALA F 327 -3.14 -15.08 -15.17
N ASP F 328 -2.02 -14.73 -15.80
CA ASP F 328 -1.33 -13.47 -15.57
C ASP F 328 -1.67 -12.33 -16.53
N ILE F 329 -1.83 -12.65 -17.81
CA ILE F 329 -2.12 -11.66 -18.85
C ILE F 329 -3.25 -12.16 -19.75
N PHE F 330 -4.12 -11.24 -20.18
CA PHE F 330 -5.25 -11.57 -21.04
C PHE F 330 -5.23 -10.73 -22.31
N ILE F 331 -5.25 -11.39 -23.46
CA ILE F 331 -5.22 -10.73 -24.78
C ILE F 331 -6.46 -11.13 -25.59
N THR F 332 -7.33 -10.18 -25.91
CA THR F 332 -8.55 -10.48 -26.68
C THR F 332 -8.32 -10.28 -28.16
N ALA F 333 -8.64 -11.30 -28.95
CA ALA F 333 -8.44 -11.27 -30.42
C ALA F 333 -9.60 -11.97 -31.12
N THR F 334 -10.82 -11.66 -30.69
CA THR F 334 -12.03 -12.31 -31.19
C THR F 334 -12.84 -11.57 -32.21
N GLY F 335 -12.77 -10.24 -32.19
CA GLY F 335 -13.62 -9.42 -33.04
C GLY F 335 -15.07 -9.48 -32.53
N ASN F 336 -15.23 -9.90 -31.27
CA ASN F 336 -16.53 -10.09 -30.67
C ASN F 336 -16.77 -9.03 -29.56
N LYS F 337 -17.76 -9.28 -28.71
CA LYS F 337 -18.21 -8.36 -27.68
C LYS F 337 -18.35 -9.03 -26.32
N ASP F 338 -17.98 -8.29 -25.27
CA ASP F 338 -18.08 -8.78 -23.89
C ASP F 338 -17.46 -10.15 -23.68
N VAL F 339 -16.19 -10.25 -24.06
CA VAL F 339 -15.39 -11.45 -23.93
C VAL F 339 -14.71 -11.46 -22.54
N ILE F 340 -14.36 -10.26 -22.05
CA ILE F 340 -13.82 -10.03 -20.72
C ILE F 340 -14.86 -9.09 -20.07
N THR F 341 -15.56 -9.58 -19.05
CA THR F 341 -16.61 -8.82 -18.34
C THR F 341 -16.05 -8.28 -17.02
N VAL F 342 -16.79 -7.43 -16.33
CA VAL F 342 -16.34 -6.92 -15.03
C VAL F 342 -16.31 -8.09 -14.06
N GLU F 343 -17.24 -9.03 -14.18
CA GLU F 343 -17.25 -10.19 -13.26
C GLU F 343 -16.05 -11.05 -13.45
N HIS F 344 -15.51 -11.07 -14.67
CA HIS F 344 -14.27 -11.77 -14.91
C HIS F 344 -13.10 -11.02 -14.25
N MET F 345 -13.00 -9.71 -14.48
CA MET F 345 -11.93 -8.90 -13.92
C MET F 345 -11.85 -8.90 -12.40
N ARG F 346 -12.97 -9.10 -11.72
CA ARG F 346 -12.96 -9.11 -10.26
C ARG F 346 -12.34 -10.39 -9.70
N LYS F 347 -12.38 -11.45 -10.49
CA LYS F 347 -11.81 -12.74 -10.10
C LYS F 347 -10.31 -12.84 -10.45
N MET F 348 -9.82 -11.90 -11.25
CA MET F 348 -8.41 -11.89 -11.63
C MET F 348 -7.50 -11.60 -10.46
N LYS F 349 -6.22 -11.92 -10.62
CA LYS F 349 -5.28 -11.71 -9.55
C LYS F 349 -4.59 -10.36 -9.60
N GLU F 350 -3.98 -10.00 -8.47
CA GLU F 350 -3.29 -8.73 -8.31
C GLU F 350 -2.38 -8.38 -9.49
N ASN F 351 -2.60 -7.19 -10.04
CA ASN F 351 -1.85 -6.65 -11.17
C ASN F 351 -1.83 -7.52 -12.44
N ALA F 352 -2.97 -8.13 -12.73
CA ALA F 352 -3.14 -8.89 -13.93
C ALA F 352 -3.29 -7.86 -15.03
N TYR F 353 -2.65 -8.11 -16.16
CA TYR F 353 -2.70 -7.20 -17.31
C TYR F 353 -3.77 -7.63 -18.30
N ILE F 354 -4.47 -6.66 -18.87
CA ILE F 354 -5.55 -6.91 -19.82
C ILE F 354 -5.33 -6.04 -21.04
N ALA F 355 -5.41 -6.64 -22.22
CA ALA F 355 -5.20 -5.91 -23.47
C ALA F 355 -6.04 -6.48 -24.59
N ASN F 356 -6.27 -5.65 -25.60
CA ASN F 356 -7.09 -6.00 -26.75
C ASN F 356 -6.36 -5.73 -28.06
N ILE F 357 -6.48 -6.67 -29.00
CA ILE F 357 -5.86 -6.51 -30.33
C ILE F 357 -6.90 -6.64 -31.45
N GLY F 358 -8.19 -6.81 -31.11
CA GLY F 358 -9.28 -6.88 -32.10
C GLY F 358 -9.59 -5.44 -32.44
N HIS F 359 -10.31 -5.15 -33.52
CA HIS F 359 -10.49 -3.73 -33.92
C HIS F 359 -11.14 -2.71 -32.93
N PHE F 360 -12.23 -3.07 -32.23
CA PHE F 360 -12.88 -2.09 -31.33
C PHE F 360 -12.68 -2.41 -29.88
N ASP F 361 -13.08 -1.47 -29.01
CA ASP F 361 -12.98 -1.62 -27.54
C ASP F 361 -14.16 -2.38 -26.84
N ASP F 362 -15.01 -3.07 -27.62
CA ASP F 362 -16.16 -3.81 -27.08
C ASP F 362 -15.76 -5.14 -26.48
N GLU F 363 -14.64 -5.70 -26.92
CA GLU F 363 -14.19 -7.01 -26.44
C GLU F 363 -14.03 -7.06 -24.94
N ILE F 364 -13.61 -5.94 -24.36
CA ILE F 364 -13.43 -5.81 -22.91
C ILE F 364 -14.48 -4.79 -22.47
N ASP F 365 -15.18 -5.08 -21.37
CA ASP F 365 -16.20 -4.16 -20.88
C ASP F 365 -15.50 -3.01 -20.14
N VAL F 366 -14.89 -2.12 -20.93
CA VAL F 366 -14.18 -0.97 -20.38
C VAL F 366 -15.16 0.01 -19.74
N TYR F 367 -16.31 0.25 -20.37
CA TYR F 367 -17.31 1.17 -19.79
C TYR F 367 -17.74 0.71 -18.40
N GLY F 368 -18.04 -0.58 -18.27
CA GLY F 368 -18.41 -1.17 -16.99
C GLY F 368 -17.34 -1.04 -15.92
N LEU F 369 -16.07 -1.19 -16.33
CA LEU F 369 -14.95 -1.08 -15.42
C LEU F 369 -14.77 0.36 -14.93
N GLU F 370 -14.78 1.34 -15.83
CA GLU F 370 -14.57 2.76 -15.46
C GLU F 370 -15.70 3.30 -14.60
N ASN F 371 -16.90 2.80 -14.84
CA ASN F 371 -18.11 3.22 -14.11
C ASN F 371 -18.51 2.32 -12.95
N TYR F 372 -17.64 1.39 -12.55
CA TYR F 372 -17.94 0.51 -11.43
C TYR F 372 -18.04 1.37 -10.16
N PRO F 373 -19.06 1.12 -9.31
CA PRO F 373 -19.24 1.91 -8.08
C PRO F 373 -18.04 1.94 -7.15
N GLY F 374 -17.54 3.14 -6.88
CA GLY F 374 -16.40 3.36 -5.99
C GLY F 374 -15.06 2.81 -6.42
N ILE F 375 -14.86 2.62 -7.72
CA ILE F 375 -13.60 2.14 -8.22
C ILE F 375 -12.59 3.28 -8.24
N LYS F 376 -11.32 2.94 -8.02
CA LYS F 376 -10.20 3.86 -8.02
C LYS F 376 -9.35 3.61 -9.28
N VAL F 377 -9.08 4.66 -10.07
CA VAL F 377 -8.26 4.54 -11.28
C VAL F 377 -7.04 5.47 -11.19
N ILE F 378 -5.87 4.99 -11.63
CA ILE F 378 -4.64 5.80 -11.61
C ILE F 378 -3.86 5.52 -12.92
N GLU F 379 -3.23 6.57 -13.45
CA GLU F 379 -2.50 6.48 -14.70
C GLU F 379 -1.10 5.98 -14.36
N VAL F 380 -0.77 4.77 -14.81
CA VAL F 380 0.55 4.19 -14.58
C VAL F 380 1.58 4.86 -15.50
N LYS F 381 1.15 5.17 -16.72
CA LYS F 381 1.96 5.84 -17.73
C LYS F 381 1.07 6.25 -18.92
N GLN F 382 1.71 6.73 -19.96
CA GLN F 382 1.04 7.13 -21.18
C GLN F 382 0.14 5.98 -21.71
N ASN F 383 -1.18 6.15 -21.58
CA ASN F 383 -2.18 5.16 -22.03
C ASN F 383 -2.14 3.78 -21.33
N VAL F 384 -1.91 3.77 -20.03
CA VAL F 384 -1.89 2.54 -19.24
C VAL F 384 -2.52 2.91 -17.91
N HIS F 385 -3.62 2.26 -17.56
CA HIS F 385 -4.34 2.57 -16.32
C HIS F 385 -4.56 1.39 -15.42
N LYS F 386 -4.37 1.63 -14.13
CA LYS F 386 -4.56 0.62 -13.10
C LYS F 386 -5.87 0.90 -12.38
N PHE F 387 -6.78 -0.08 -12.40
CA PHE F 387 -8.09 0.03 -11.76
C PHE F 387 -8.12 -0.85 -10.51
N THR F 388 -8.53 -0.27 -9.37
CA THR F 388 -8.59 -0.98 -8.09
C THR F 388 -10.02 -1.08 -7.57
N PHE F 389 -10.53 -2.30 -7.38
CA PHE F 389 -11.89 -2.51 -6.84
C PHE F 389 -11.91 -2.21 -5.33
N PRO F 390 -12.98 -1.54 -4.85
CA PRO F 390 -13.05 -1.16 -3.42
C PRO F 390 -13.30 -2.29 -2.39
N ASP F 391 -14.02 -3.33 -2.77
CA ASP F 391 -14.30 -4.43 -1.84
C ASP F 391 -13.11 -5.42 -1.63
N THR F 392 -12.50 -5.88 -2.71
CA THR F 392 -11.38 -6.82 -2.63
C THR F 392 -10.02 -6.15 -2.49
N GLN F 393 -9.97 -4.86 -2.84
CA GLN F 393 -8.71 -4.06 -2.85
C GLN F 393 -7.69 -4.53 -3.92
N LYS F 394 -8.12 -5.44 -4.79
CA LYS F 394 -7.26 -5.96 -5.87
C LYS F 394 -7.33 -5.05 -7.10
N SER F 395 -6.30 -5.11 -7.93
CA SER F 395 -6.20 -4.25 -9.09
C SER F 395 -5.92 -5.00 -10.36
N VAL F 396 -6.29 -4.38 -11.49
CA VAL F 396 -6.00 -4.89 -12.83
C VAL F 396 -5.45 -3.73 -13.66
N ILE F 397 -4.47 -4.01 -14.50
CA ILE F 397 -3.88 -2.99 -15.35
C ILE F 397 -4.46 -3.15 -16.76
N LEU F 398 -5.05 -2.09 -17.30
CA LEU F 398 -5.63 -2.10 -18.64
C LEU F 398 -4.76 -1.29 -19.59
N LEU F 399 -4.47 -1.84 -20.78
CA LEU F 399 -3.62 -1.16 -21.75
C LEU F 399 -4.48 -0.35 -22.72
N CYS F 400 -4.15 0.93 -22.82
CA CYS F 400 -4.83 1.94 -23.65
C CYS F 400 -6.35 1.78 -23.80
N LYS F 401 -7.01 1.80 -22.65
CA LYS F 401 -8.47 1.74 -22.55
C LYS F 401 -9.13 0.69 -23.40
N GLY F 402 -8.52 -0.49 -23.49
CA GLY F 402 -9.09 -1.58 -24.26
C GLY F 402 -9.10 -1.44 -25.77
N ARG F 403 -8.32 -0.51 -26.30
CA ARG F 403 -8.21 -0.32 -27.75
C ARG F 403 -6.95 -0.99 -28.27
N LEU F 404 -6.91 -1.23 -29.58
CA LEU F 404 -5.76 -1.87 -30.24
C LEU F 404 -4.41 -1.62 -29.56
N VAL F 405 -3.91 -2.59 -28.77
CA VAL F 405 -2.59 -2.31 -28.12
C VAL F 405 -1.43 -2.24 -29.07
N ASN F 406 -1.44 -2.98 -30.17
CA ASN F 406 -0.30 -2.93 -31.07
C ASN F 406 -0.11 -1.53 -31.69
N LEU F 407 -1.21 -0.82 -31.90
CA LEU F 407 -1.19 0.56 -32.45
C LEU F 407 -1.29 1.65 -31.38
N GLY F 408 -1.88 1.32 -30.24
CA GLY F 408 -2.04 2.27 -29.13
C GLY F 408 -0.79 2.44 -28.29
N CYS F 409 -0.15 1.32 -27.90
CA CYS F 409 1.08 1.33 -27.08
C CYS F 409 2.35 1.22 -27.92
N ALA F 410 2.23 0.89 -29.20
CA ALA F 410 3.38 0.77 -30.10
C ALA F 410 3.03 1.37 -31.49
N THR F 411 3.76 0.99 -32.52
CA THR F 411 3.58 1.57 -33.86
C THR F 411 2.94 0.68 -34.90
N GLY F 412 2.24 -0.36 -34.45
CA GLY F 412 1.57 -1.28 -35.35
C GLY F 412 2.50 -2.20 -36.09
N HIS F 413 2.00 -2.81 -37.15
CA HIS F 413 2.79 -3.72 -37.95
C HIS F 413 3.91 -3.00 -38.64
N PRO F 414 4.98 -3.72 -38.95
CA PRO F 414 6.11 -3.13 -39.63
C PRO F 414 5.85 -2.93 -41.13
N PRO F 415 6.73 -2.17 -41.83
CA PRO F 415 6.54 -1.87 -43.25
C PRO F 415 6.35 -3.03 -44.23
N LEU F 416 7.16 -4.08 -44.14
CA LEU F 416 7.06 -5.18 -45.09
C LEU F 416 5.67 -5.72 -45.25
N VAL F 417 5.03 -6.03 -44.13
CA VAL F 417 3.73 -6.65 -44.19
C VAL F 417 2.61 -5.64 -44.53
N MET F 418 2.78 -4.37 -44.15
CA MET F 418 1.79 -3.35 -44.50
C MET F 418 1.87 -3.03 -45.98
N SER F 419 3.03 -3.26 -46.58
CA SER F 419 3.21 -3.00 -48.02
C SER F 419 2.38 -4.00 -48.78
N MET F 420 2.28 -5.22 -48.24
CA MET F 420 1.50 -6.26 -48.88
C MET F 420 0.02 -5.91 -48.75
N SER F 421 -0.38 -5.44 -47.57
CA SER F 421 -1.77 -5.06 -47.36
C SER F 421 -2.12 -3.84 -48.20
N PHE F 422 -1.20 -2.87 -48.27
CA PHE F 422 -1.47 -1.64 -48.99
C PHE F 422 -1.33 -1.75 -50.50
N THR F 423 -0.57 -2.73 -50.99
CA THR F 423 -0.46 -2.93 -52.43
C THR F 423 -1.84 -3.42 -52.87
N ASN F 424 -2.47 -4.26 -52.05
CA ASN F 424 -3.84 -4.70 -52.33
C ASN F 424 -4.81 -3.52 -52.33
N GLN F 425 -4.64 -2.61 -51.39
CA GLN F 425 -5.49 -1.41 -51.33
C GLN F 425 -5.43 -0.58 -52.61
N VAL F 426 -4.23 -0.30 -53.08
CA VAL F 426 -4.05 0.51 -54.28
C VAL F 426 -4.71 -0.20 -55.46
N LEU F 427 -4.49 -1.49 -55.57
CA LEU F 427 -5.07 -2.28 -56.66
C LEU F 427 -6.59 -2.27 -56.60
N ALA F 428 -7.12 -2.26 -55.37
CA ALA F 428 -8.57 -2.22 -55.16
C ALA F 428 -9.12 -0.85 -55.58
N GLN F 429 -8.42 0.21 -55.19
CA GLN F 429 -8.81 1.56 -55.54
C GLN F 429 -8.79 1.73 -57.05
N MET F 430 -7.76 1.19 -57.72
CA MET F 430 -7.66 1.28 -59.19
C MET F 430 -8.80 0.52 -59.87
N ASP F 431 -9.20 -0.60 -59.28
CA ASP F 431 -10.27 -1.42 -59.81
C ASP F 431 -11.61 -0.69 -59.72
N LEU F 432 -11.93 -0.17 -58.54
CA LEU F 432 -13.18 0.59 -58.31
C LEU F 432 -13.30 1.81 -59.21
N TRP F 433 -12.19 2.54 -59.35
CA TRP F 433 -12.12 3.73 -60.20
C TRP F 433 -12.27 3.40 -61.68
N LYS F 434 -11.63 2.33 -62.12
CA LYS F 434 -11.70 1.95 -63.51
C LYS F 434 -13.10 1.42 -63.89
N SER F 435 -13.94 1.07 -62.92
CA SER F 435 -15.30 0.56 -63.15
C SER F 435 -16.37 1.63 -63.00
N ARG F 436 -15.99 2.86 -62.65
CA ARG F 436 -16.94 3.99 -62.51
C ARG F 436 -18.20 3.93 -63.36
N GLU F 437 -18.00 3.82 -64.67
CA GLU F 437 -19.09 3.83 -65.67
C GLU F 437 -20.21 2.82 -65.43
N LEU F 438 -19.86 1.65 -64.89
CA LEU F 438 -20.85 0.60 -64.60
C LEU F 438 -21.73 0.89 -63.37
N VAL F 439 -21.34 1.86 -62.54
CA VAL F 439 -22.11 2.23 -61.35
C VAL F 439 -23.20 3.21 -61.78
N ASP F 440 -24.37 2.69 -62.13
CA ASP F 440 -25.48 3.53 -62.60
C ASP F 440 -26.55 3.59 -61.52
N ARG F 441 -26.69 4.77 -60.91
CA ARG F 441 -27.65 4.99 -59.83
C ARG F 441 -29.06 5.39 -60.26
N SER F 442 -29.27 5.60 -61.56
CA SER F 442 -30.60 5.92 -62.10
C SER F 442 -31.46 4.64 -62.11
N LYS F 443 -30.81 3.45 -62.18
CA LYS F 443 -31.54 2.15 -61.97
C LYS F 443 -31.45 2.02 -60.46
N ASN F 444 -32.04 0.98 -59.86
CA ASN F 444 -31.99 0.78 -58.36
C ASN F 444 -31.50 -0.65 -58.06
N THR F 445 -30.20 -0.79 -58.21
CA THR F 445 -29.54 -2.06 -58.06
C THR F 445 -28.87 -2.23 -56.71
N ARG F 446 -28.68 -3.47 -56.36
CA ARG F 446 -27.98 -3.80 -55.12
C ARG F 446 -26.50 -3.65 -55.33
N PHE F 447 -25.74 -3.21 -54.34
CA PHE F 447 -24.31 -3.25 -54.53
C PHE F 447 -23.83 -4.42 -53.70
N PHE F 448 -22.76 -5.05 -54.17
CA PHE F 448 -22.18 -6.21 -53.51
C PHE F 448 -20.70 -5.98 -53.12
N VAL F 449 -20.17 -6.93 -52.36
CA VAL F 449 -18.79 -6.96 -51.90
C VAL F 449 -18.05 -8.01 -52.71
N LYS F 450 -16.91 -7.65 -53.31
CA LYS F 450 -16.15 -8.63 -54.09
C LYS F 450 -14.72 -8.61 -53.60
N LYS F 451 -13.92 -9.55 -54.07
CA LYS F 451 -12.50 -9.66 -53.70
C LYS F 451 -11.64 -9.54 -54.94
N LEU F 452 -10.35 -9.28 -54.75
CA LEU F 452 -9.40 -9.21 -55.85
C LEU F 452 -9.11 -10.62 -56.33
N SER F 453 -8.66 -10.74 -57.57
CA SER F 453 -8.39 -12.05 -58.17
C SER F 453 -7.12 -12.66 -57.61
N LYS F 454 -6.98 -13.95 -57.81
CA LYS F 454 -5.81 -14.69 -57.36
C LYS F 454 -4.60 -14.26 -58.19
N GLU F 455 -4.83 -13.90 -59.46
CA GLU F 455 -3.75 -13.41 -60.32
C GLU F 455 -3.07 -12.22 -59.64
N LEU F 456 -3.87 -11.26 -59.16
CA LEU F 456 -3.33 -10.08 -58.48
C LEU F 456 -2.75 -10.40 -57.12
N ASP F 457 -3.33 -11.39 -56.45
CA ASP F 457 -2.89 -11.78 -55.13
C ASP F 457 -1.45 -12.33 -55.24
N GLU F 458 -1.19 -13.16 -56.26
CA GLU F 458 0.16 -13.68 -56.51
C GLU F 458 1.12 -12.58 -56.94
N TYR F 459 0.59 -11.61 -57.72
CA TYR F 459 1.39 -10.47 -58.18
C TYR F 459 1.93 -9.71 -56.98
N VAL F 460 1.07 -9.46 -55.98
CA VAL F 460 1.49 -8.75 -54.76
C VAL F 460 2.66 -9.49 -54.13
N ALA F 461 2.56 -10.82 -54.05
CA ALA F 461 3.65 -11.63 -53.46
C ALA F 461 4.94 -11.53 -54.28
N ARG F 462 4.85 -11.58 -55.60
CA ARG F 462 6.06 -11.45 -56.46
C ARG F 462 6.81 -10.18 -56.21
N LEU F 463 6.07 -9.09 -56.04
CA LEU F 463 6.69 -7.78 -55.83
C LEU F 463 7.54 -7.67 -54.57
N HIS F 464 7.32 -8.56 -53.60
CA HIS F 464 8.08 -8.53 -52.35
C HIS F 464 9.12 -9.65 -52.19
N LEU F 465 9.30 -10.50 -53.20
CA LEU F 465 10.28 -11.57 -53.07
C LEU F 465 11.72 -11.07 -52.91
N ASP F 466 12.13 -10.04 -53.65
CA ASP F 466 13.52 -9.51 -53.55
C ASP F 466 13.88 -8.87 -52.21
N VAL F 467 12.89 -8.42 -51.47
CA VAL F 467 13.13 -7.86 -50.15
C VAL F 467 13.86 -8.87 -49.28
N LEU F 468 13.44 -10.13 -49.32
CA LEU F 468 14.05 -11.18 -48.50
C LEU F 468 14.97 -12.16 -49.25
N GLY F 469 15.39 -11.80 -50.47
CA GLY F 469 16.27 -12.66 -51.25
C GLY F 469 15.71 -14.03 -51.64
N ILE F 470 14.39 -14.10 -51.82
CA ILE F 470 13.73 -15.33 -52.20
C ILE F 470 13.98 -15.62 -53.67
N LYS F 471 14.23 -16.89 -53.99
CA LYS F 471 14.49 -17.31 -55.35
C LYS F 471 13.42 -18.31 -55.79
N LEU F 472 12.53 -17.90 -56.69
CA LEU F 472 11.50 -18.80 -57.17
C LEU F 472 11.99 -19.75 -58.22
N THR F 473 11.42 -20.94 -58.17
CA THR F 473 11.68 -21.97 -59.13
C THR F 473 10.64 -21.74 -60.23
N LYS F 474 11.00 -22.08 -61.46
CA LYS F 474 10.09 -21.92 -62.57
C LYS F 474 9.73 -23.32 -63.13
N LEU F 475 8.45 -23.53 -63.37
CA LEU F 475 7.96 -24.80 -63.90
C LEU F 475 8.38 -25.00 -65.34
N THR F 476 8.63 -26.25 -65.73
CA THR F 476 8.94 -26.58 -67.12
C THR F 476 7.58 -26.78 -67.81
N GLU F 477 7.56 -26.85 -69.13
CA GLU F 477 6.29 -27.06 -69.85
C GLU F 477 5.61 -28.32 -69.37
N THR F 478 6.38 -29.40 -69.25
CA THR F 478 5.85 -30.69 -68.81
C THR F 478 5.27 -30.66 -67.40
N GLN F 479 6.00 -30.02 -66.49
CA GLN F 479 5.55 -29.90 -65.10
C GLN F 479 4.26 -29.13 -64.99
N ALA F 480 4.18 -28.02 -65.72
CA ALA F 480 2.98 -27.18 -65.72
C ALA F 480 1.77 -27.97 -66.22
N LYS F 481 1.97 -28.75 -67.26
CA LYS F 481 0.92 -29.58 -67.80
C LYS F 481 0.52 -30.69 -66.82
N TYR F 482 1.51 -31.33 -66.19
CA TYR F 482 1.28 -32.43 -65.25
C TYR F 482 0.37 -32.01 -64.09
N ILE F 483 0.67 -30.87 -63.47
CA ILE F 483 -0.15 -30.36 -62.34
C ILE F 483 -1.30 -29.47 -62.80
N ASN F 484 -1.42 -29.32 -64.12
CA ASN F 484 -2.51 -28.57 -64.73
C ASN F 484 -2.64 -27.10 -64.29
N VAL F 485 -1.59 -26.33 -64.56
CA VAL F 485 -1.55 -24.89 -64.28
C VAL F 485 -0.70 -24.22 -65.35
N SER F 486 -0.85 -22.92 -65.47
CA SER F 486 -0.05 -22.15 -66.39
C SER F 486 1.32 -21.89 -65.74
N ILE F 487 2.37 -21.77 -66.53
CA ILE F 487 3.71 -21.49 -66.00
C ILE F 487 3.70 -20.22 -65.15
N ASN F 488 2.90 -19.24 -65.58
CA ASN F 488 2.80 -17.95 -64.87
C ASN F 488 1.70 -17.85 -63.83
N GLY F 489 1.03 -18.97 -63.55
CA GLY F 489 -0.02 -19.02 -62.56
C GLY F 489 -1.35 -18.57 -63.10
N PRO F 490 -2.38 -18.52 -62.26
CA PRO F 490 -2.32 -18.91 -60.85
C PRO F 490 -2.03 -20.39 -60.59
N TYR F 491 -1.39 -20.67 -59.46
CA TYR F 491 -0.95 -22.03 -59.11
C TYR F 491 -1.90 -22.86 -58.24
N LYS F 492 -2.91 -22.23 -57.63
CA LYS F 492 -3.86 -22.94 -56.78
C LYS F 492 -5.32 -22.64 -57.12
N SER F 493 -6.20 -23.53 -56.68
CA SER F 493 -7.64 -23.40 -56.85
C SER F 493 -8.16 -22.28 -55.97
N GLU F 494 -9.33 -21.74 -56.31
CA GLU F 494 -9.93 -20.65 -55.54
C GLU F 494 -10.23 -21.01 -54.10
N ASP F 495 -10.50 -22.29 -53.83
CA ASP F 495 -10.82 -22.76 -52.48
C ASP F 495 -9.57 -23.10 -51.61
N TYR F 496 -8.37 -23.05 -52.19
CA TYR F 496 -7.12 -23.40 -51.49
C TYR F 496 -6.89 -22.48 -50.29
N ARG F 497 -6.54 -23.08 -49.15
CA ARG F 497 -6.37 -22.36 -47.91
C ARG F 497 -4.95 -21.96 -47.48
N TYR F 498 -3.96 -22.29 -48.28
CA TYR F 498 -2.56 -21.92 -47.96
C TYR F 498 -2.17 -22.32 -46.51
N LYS G 5 28.76 17.63 -3.72
CA LYS G 5 27.28 17.85 -3.85
C LYS G 5 26.49 17.04 -2.84
N MET G 6 25.77 17.71 -1.94
CA MET G 6 24.94 16.98 -0.98
C MET G 6 23.50 16.70 -1.54
N GLU G 7 23.05 17.45 -2.58
CA GLU G 7 21.73 17.24 -3.21
C GLU G 7 21.91 16.54 -4.56
N SER G 8 20.85 15.88 -5.03
CA SER G 8 20.89 15.12 -6.27
C SER G 8 20.83 15.95 -7.54
N ARG G 9 21.30 15.36 -8.64
CA ARG G 9 21.21 15.92 -10.01
C ARG G 9 20.43 14.94 -10.90
N ILE G 10 19.19 15.29 -11.22
CA ILE G 10 18.30 14.45 -12.07
C ILE G 10 17.56 15.33 -13.08
N LYS G 11 16.84 14.73 -14.03
CA LYS G 11 16.12 15.52 -15.07
C LYS G 11 14.88 16.22 -14.55
N ASP G 12 13.99 15.49 -13.90
CA ASP G 12 12.73 16.07 -13.46
C ASP G 12 12.10 15.36 -12.24
N ILE G 13 12.03 16.08 -11.14
CA ILE G 13 11.45 15.58 -9.89
C ILE G 13 9.95 15.28 -9.97
N SER G 14 9.22 15.97 -10.84
CA SER G 14 7.75 15.75 -10.97
C SER G 14 7.39 14.37 -11.56
N LEU G 15 8.35 13.68 -12.19
CA LEU G 15 8.13 12.34 -12.73
C LEU G 15 8.12 11.27 -11.61
N ALA G 16 8.40 11.68 -10.37
CA ALA G 16 8.44 10.78 -9.21
C ALA G 16 7.21 9.94 -9.00
N GLU G 17 6.03 10.52 -9.22
CA GLU G 17 4.75 9.84 -9.03
C GLU G 17 4.65 8.58 -9.94
N PHE G 18 5.01 8.74 -11.22
CA PHE G 18 5.00 7.62 -12.17
C PHE G 18 6.03 6.54 -11.80
N GLY G 19 7.14 6.96 -11.22
CA GLY G 19 8.19 6.02 -10.81
C GLY G 19 7.77 5.12 -9.68
N LEU G 20 7.09 5.69 -8.70
CA LEU G 20 6.60 4.94 -7.54
C LEU G 20 5.52 3.94 -7.94
N GLN G 21 4.73 4.29 -8.97
CA GLN G 21 3.71 3.39 -9.49
C GLN G 21 4.35 2.18 -10.12
N ASP G 22 5.30 2.41 -11.03
CA ASP G 22 6.03 1.32 -11.68
C ASP G 22 6.80 0.47 -10.65
N MET G 23 7.36 1.09 -9.62
CA MET G 23 8.05 0.35 -8.58
C MET G 23 7.11 -0.66 -7.92
N GLU G 24 5.90 -0.24 -7.55
CA GLU G 24 4.95 -1.14 -6.89
C GLU G 24 4.51 -2.28 -7.79
N ILE G 25 4.31 -1.99 -9.08
CA ILE G 25 3.91 -3.01 -10.04
C ILE G 25 5.07 -4.00 -10.23
N ALA G 26 6.27 -3.46 -10.40
CA ALA G 26 7.46 -4.28 -10.60
C ALA G 26 7.66 -5.24 -9.44
N LYS G 27 7.41 -4.80 -8.22
CA LYS G 27 7.57 -5.65 -7.04
C LYS G 27 6.72 -6.91 -7.02
N THR G 28 5.63 -6.95 -7.79
CA THR G 28 4.79 -8.14 -7.85
C THR G 28 5.66 -9.34 -8.27
N ASP G 29 6.55 -9.12 -9.24
CA ASP G 29 7.45 -10.15 -9.74
C ASP G 29 8.83 -10.19 -9.08
N MET G 30 9.27 -9.10 -8.44
CA MET G 30 10.59 -9.09 -7.80
C MET G 30 10.54 -9.67 -6.39
N MET G 31 10.00 -10.88 -6.26
CA MET G 31 9.83 -11.51 -4.95
C MET G 31 11.10 -11.73 -4.14
N GLY G 32 12.25 -11.81 -4.81
CA GLY G 32 13.53 -11.99 -4.11
C GLY G 32 13.86 -10.78 -3.26
N LEU G 33 13.75 -9.59 -3.86
CA LEU G 33 14.00 -8.36 -3.13
C LEU G 33 12.94 -8.09 -2.07
N VAL G 34 11.69 -8.38 -2.39
CA VAL G 34 10.59 -8.20 -1.43
C VAL G 34 10.82 -9.07 -0.19
N GLU G 35 11.34 -10.29 -0.38
CA GLU G 35 11.59 -11.18 0.74
C GLU G 35 12.74 -10.68 1.58
N LEU G 36 13.79 -10.18 0.95
CA LEU G 36 14.92 -9.66 1.71
C LEU G 36 14.49 -8.46 2.54
N GLN G 37 13.61 -7.61 1.99
CA GLN G 37 13.12 -6.46 2.76
C GLN G 37 12.33 -6.95 3.96
N ARG G 38 11.38 -7.83 3.71
CA ARG G 38 10.54 -8.36 4.78
C ARG G 38 11.41 -8.96 5.91
N LYS G 39 12.37 -9.80 5.53
CA LYS G 39 13.23 -10.48 6.46
C LYS G 39 14.25 -9.66 7.23
N TYR G 40 14.93 -8.74 6.55
CA TYR G 40 16.00 -7.97 7.18
C TYR G 40 15.69 -6.49 7.51
N ARG G 41 14.48 -6.02 7.24
CA ARG G 41 14.12 -4.63 7.51
C ARG G 41 14.26 -4.19 8.98
N ASP G 42 14.08 -5.13 9.90
CA ASP G 42 14.18 -4.85 11.34
C ASP G 42 15.59 -4.96 11.90
N SER G 43 16.30 -6.03 11.53
CA SER G 43 17.66 -6.24 12.03
C SER G 43 18.72 -5.33 11.38
N LYS G 44 18.42 -4.73 10.23
CA LYS G 44 19.33 -3.81 9.55
C LYS G 44 20.79 -4.35 9.42
N PRO G 45 21.01 -5.46 8.71
CA PRO G 45 22.36 -6.03 8.57
C PRO G 45 23.39 -5.10 7.93
N LEU G 46 22.95 -4.11 7.16
CA LEU G 46 23.84 -3.13 6.52
C LEU G 46 23.84 -1.75 7.23
N LYS G 47 23.44 -1.69 8.50
CA LYS G 47 23.38 -0.40 9.18
C LYS G 47 24.78 0.24 9.28
N GLY G 48 24.85 1.51 8.93
CA GLY G 48 26.09 2.27 8.96
C GLY G 48 26.95 2.17 7.71
N ALA G 49 26.56 1.34 6.76
CA ALA G 49 27.34 1.16 5.55
C ALA G 49 27.04 2.27 4.55
N ARG G 50 28.08 2.74 3.88
CA ARG G 50 27.98 3.76 2.84
C ARG G 50 28.21 3.03 1.53
N ILE G 51 27.17 2.97 0.70
CA ILE G 51 27.24 2.27 -0.56
C ILE G 51 27.10 3.21 -1.76
N THR G 52 28.06 3.12 -2.67
CA THR G 52 28.04 3.88 -3.92
C THR G 52 27.74 2.85 -5.00
N GLY G 53 26.78 3.16 -5.87
CA GLY G 53 26.44 2.27 -6.98
C GLY G 53 26.60 2.91 -8.35
N SER G 54 27.17 2.15 -9.29
CA SER G 54 27.33 2.57 -10.69
C SER G 54 26.63 1.49 -11.49
N LEU G 55 25.31 1.66 -11.68
CA LEU G 55 24.50 0.66 -12.35
C LEU G 55 23.22 1.27 -12.94
N HIS G 56 22.91 0.90 -14.19
CA HIS G 56 21.75 1.41 -14.94
C HIS G 56 20.60 1.77 -14.03
N LEU G 57 20.22 3.05 -13.97
CA LEU G 57 19.17 3.47 -13.03
C LEU G 57 17.78 3.32 -13.63
N THR G 58 17.31 2.08 -13.60
CA THR G 58 16.00 1.70 -14.12
C THR G 58 15.05 1.48 -12.94
N ILE G 59 13.77 1.24 -13.25
CA ILE G 59 12.79 0.94 -12.21
C ILE G 59 13.27 -0.26 -11.39
N GLU G 60 13.79 -1.28 -12.07
CA GLU G 60 14.29 -2.47 -11.41
C GLU G 60 15.41 -2.13 -10.42
N THR G 61 16.30 -1.23 -10.84
CA THR G 61 17.40 -0.79 -9.99
C THR G 61 16.87 0.01 -8.78
N SER G 62 15.77 0.72 -8.95
CA SER G 62 15.18 1.47 -7.84
C SER G 62 14.77 0.55 -6.70
N VAL G 63 14.27 -0.64 -7.05
CA VAL G 63 13.87 -1.63 -6.06
C VAL G 63 15.12 -2.19 -5.36
N LEU G 64 16.25 -2.29 -6.09
CA LEU G 64 17.50 -2.75 -5.49
C LEU G 64 17.95 -1.72 -4.47
N VAL G 65 17.98 -0.47 -4.90
CA VAL G 65 18.38 0.65 -4.03
C VAL G 65 17.46 0.73 -2.80
N GLU G 66 16.17 0.51 -3.01
CA GLU G 66 15.21 0.56 -1.91
C GLU G 66 15.51 -0.57 -0.93
N THR G 67 15.84 -1.75 -1.45
CA THR G 67 16.16 -2.90 -0.61
C THR G 67 17.41 -2.60 0.25
N LEU G 68 18.45 -2.06 -0.36
CA LEU G 68 19.67 -1.71 0.38
C LEU G 68 19.36 -0.68 1.46
N TYR G 69 18.48 0.26 1.15
CA TYR G 69 18.10 1.30 2.12
C TYR G 69 17.32 0.70 3.28
N GLU G 70 16.32 -0.15 2.99
CA GLU G 70 15.54 -0.79 4.05
C GLU G 70 16.41 -1.65 4.94
N LEU G 71 17.58 -2.08 4.43
CA LEU G 71 18.50 -2.88 5.25
C LEU G 71 19.51 -2.01 6.04
N GLY G 72 19.32 -0.67 6.00
CA GLY G 72 20.12 0.26 6.81
C GLY G 72 21.24 1.04 6.17
N ALA G 73 21.49 0.83 4.91
CA ALA G 73 22.60 1.54 4.25
C ALA G 73 22.23 2.95 3.79
N GLU G 74 23.24 3.81 3.69
CA GLU G 74 23.11 5.14 3.12
C GLU G 74 23.56 4.92 1.70
N ILE G 75 22.87 5.50 0.72
CA ILE G 75 23.18 5.26 -0.68
C ILE G 75 23.46 6.52 -1.53
N ARG G 76 24.43 6.41 -2.43
CA ARG G 76 24.76 7.43 -3.44
C ARG G 76 24.79 6.63 -4.73
N TRP G 77 24.14 7.11 -5.79
CA TRP G 77 24.05 6.30 -7.01
C TRP G 77 24.18 7.08 -8.32
N CYS G 78 24.71 6.38 -9.32
CA CYS G 78 24.84 6.92 -10.67
C CYS G 78 24.62 5.79 -11.65
N SER G 79 24.35 6.12 -12.89
CA SER G 79 24.10 5.11 -13.90
C SER G 79 25.44 4.68 -14.50
N CYS G 80 25.49 3.49 -15.09
CA CYS G 80 26.74 2.99 -15.72
C CYS G 80 26.72 3.09 -17.26
N ASN G 81 25.80 3.89 -17.79
CA ASN G 81 25.67 4.11 -19.22
C ASN G 81 24.89 5.43 -19.45
N ILE G 82 25.37 6.24 -20.40
CA ILE G 82 24.74 7.53 -20.69
C ILE G 82 23.29 7.49 -21.18
N TYR G 83 22.83 6.37 -21.74
CA TYR G 83 21.45 6.25 -22.25
C TYR G 83 20.49 5.37 -21.44
N SER G 84 20.99 4.59 -20.48
CA SER G 84 20.15 3.64 -19.74
C SER G 84 19.23 4.15 -18.63
N THR G 85 19.52 5.31 -18.06
CA THR G 85 18.68 5.85 -16.98
C THR G 85 17.23 6.09 -17.40
N GLN G 86 16.32 5.80 -16.48
CA GLN G 86 14.90 6.04 -16.66
C GLN G 86 14.63 7.18 -15.68
N ASP G 87 14.37 8.37 -16.23
CA ASP G 87 14.20 9.58 -15.41
C ASP G 87 13.13 9.46 -14.31
N HIS G 88 12.05 8.74 -14.57
CA HIS G 88 10.99 8.57 -13.55
C HIS G 88 11.47 7.69 -12.37
N ALA G 89 12.35 6.74 -12.66
CA ALA G 89 12.94 5.89 -11.64
C ALA G 89 13.87 6.69 -10.73
N ALA G 90 14.69 7.53 -11.33
CA ALA G 90 15.62 8.39 -10.59
C ALA G 90 14.86 9.36 -9.70
N ALA G 91 13.80 9.94 -10.24
CA ALA G 91 12.98 10.87 -9.50
C ALA G 91 12.35 10.22 -8.28
N ALA G 92 11.92 8.98 -8.42
CA ALA G 92 11.30 8.25 -7.30
C ALA G 92 12.24 8.10 -6.12
N LEU G 93 13.51 7.80 -6.41
CA LEU G 93 14.50 7.65 -5.36
C LEU G 93 14.74 8.96 -4.60
N VAL G 94 14.89 10.08 -5.32
CA VAL G 94 15.15 11.34 -4.60
C VAL G 94 13.89 11.83 -3.90
N LYS G 95 12.71 11.56 -4.47
CA LYS G 95 11.45 11.96 -3.84
C LYS G 95 11.29 11.37 -2.44
N LYS G 96 11.64 10.10 -2.26
CA LYS G 96 11.52 9.44 -0.96
C LYS G 96 12.79 9.47 -0.10
N ASN G 97 13.84 10.21 -0.51
CA ASN G 97 15.10 10.27 0.26
C ASN G 97 15.74 8.92 0.53
N ILE G 98 15.61 8.01 -0.41
CA ILE G 98 16.22 6.70 -0.30
C ILE G 98 17.72 6.86 -0.58
N ALA G 99 18.04 7.69 -1.57
CA ALA G 99 19.40 7.88 -2.00
C ALA G 99 19.65 9.25 -2.61
N THR G 100 20.93 9.55 -2.80
CA THR G 100 21.38 10.76 -3.47
C THR G 100 21.77 10.25 -4.86
N VAL G 101 21.10 10.79 -5.86
CA VAL G 101 21.29 10.34 -7.23
C VAL G 101 21.93 11.35 -8.18
N PHE G 102 22.80 10.85 -9.06
CA PHE G 102 23.44 11.65 -10.10
C PHE G 102 23.24 10.88 -11.41
N ALA G 103 22.07 11.06 -12.02
CA ALA G 103 21.75 10.36 -13.23
C ALA G 103 20.53 10.87 -13.99
N TRP G 104 20.65 10.87 -15.31
CA TRP G 104 19.58 11.27 -16.20
C TRP G 104 19.81 10.60 -17.55
N LYS G 105 18.75 10.42 -18.33
CA LYS G 105 18.87 9.78 -19.64
C LYS G 105 19.52 10.78 -20.59
N ASN G 106 20.38 10.30 -21.48
CA ASN G 106 21.09 11.13 -22.46
C ASN G 106 22.11 12.10 -21.86
N GLU G 107 22.99 11.54 -21.03
CA GLU G 107 24.08 12.30 -20.45
C GLU G 107 25.14 12.45 -21.52
N THR G 108 26.02 13.44 -21.33
CA THR G 108 27.15 13.61 -22.24
C THR G 108 28.21 12.75 -21.58
N ILE G 109 29.20 12.31 -22.35
CA ILE G 109 30.27 11.49 -21.77
C ILE G 109 30.99 12.28 -20.67
N GLU G 110 31.07 13.59 -20.81
CA GLU G 110 31.71 14.43 -19.80
C GLU G 110 30.95 14.35 -18.47
N ASP G 111 29.63 14.54 -18.55
CA ASP G 111 28.75 14.50 -17.37
C ASP G 111 28.69 13.12 -16.72
N TYR G 112 28.86 12.07 -17.53
CA TYR G 112 28.85 10.71 -17.01
C TYR G 112 29.92 10.53 -15.94
N TRP G 113 31.14 10.96 -16.25
CA TRP G 113 32.25 10.83 -15.32
C TRP G 113 32.16 11.80 -14.11
N VAL G 114 31.51 12.94 -14.30
CA VAL G 114 31.32 13.88 -13.19
C VAL G 114 30.31 13.27 -12.20
N CYS G 115 29.26 12.62 -12.75
CA CYS G 115 28.23 11.95 -11.94
C CYS G 115 28.84 10.78 -11.14
N LEU G 116 29.64 9.95 -11.81
CA LEU G 116 30.31 8.85 -11.15
C LEU G 116 31.22 9.36 -10.03
N ASN G 117 31.95 10.44 -10.28
CA ASN G 117 32.84 10.99 -9.28
C ASN G 117 32.07 11.55 -8.10
N ASP G 118 30.94 12.19 -8.40
CA ASP G 118 30.07 12.74 -7.35
C ASP G 118 29.53 11.61 -6.47
N ALA G 119 29.08 10.53 -7.11
CA ALA G 119 28.58 9.35 -6.40
C ALA G 119 29.64 8.75 -5.48
N MET G 120 30.90 8.79 -5.90
CA MET G 120 32.01 8.28 -5.09
C MET G 120 32.36 9.23 -3.92
N THR G 121 31.94 10.49 -3.97
CA THR G 121 32.24 11.47 -2.91
C THR G 121 31.25 11.48 -1.74
N TRP G 122 31.75 11.27 -0.53
CA TRP G 122 30.93 11.29 0.67
C TRP G 122 31.44 12.32 1.67
N ARG G 123 30.54 12.80 2.52
CA ARG G 123 30.89 13.79 3.50
C ARG G 123 31.20 13.03 4.80
N ASN G 124 32.38 13.28 5.36
CA ASN G 124 32.87 12.61 6.59
C ASN G 124 31.86 12.80 7.75
N PRO G 125 31.30 11.69 8.30
CA PRO G 125 30.32 11.83 9.39
C PRO G 125 30.86 12.49 10.69
N ASN G 126 32.16 12.36 10.94
CA ASN G 126 32.82 12.95 12.13
C ASN G 126 33.00 14.48 11.99
N ASP G 127 33.70 14.87 10.91
CA ASP G 127 33.95 16.30 10.55
C ASP G 127 33.24 16.61 9.23
N LYS G 128 32.01 17.12 9.27
CA LYS G 128 31.23 17.43 8.03
C LYS G 128 31.99 18.21 6.92
N ASP G 129 33.07 18.90 7.29
CA ASP G 129 33.92 19.69 6.39
C ASP G 129 34.75 18.83 5.42
N LYS G 130 35.34 17.75 5.94
CA LYS G 130 36.19 16.84 5.16
C LYS G 130 35.45 15.81 4.25
N ILE G 131 36.24 15.18 3.37
CA ILE G 131 35.78 14.20 2.38
C ILE G 131 36.28 12.77 2.68
N CYS G 132 35.49 11.77 2.29
CA CYS G 132 35.84 10.36 2.43
C CYS G 132 35.13 9.60 1.28
N GLY G 133 35.30 8.28 1.23
CA GLY G 133 34.68 7.47 0.18
C GLY G 133 33.64 6.51 0.70
N PRO G 134 33.20 5.59 -0.14
CA PRO G 134 32.23 4.60 0.30
C PRO G 134 32.89 3.43 1.00
N ASN G 135 32.06 2.61 1.63
CA ASN G 135 32.49 1.40 2.31
C ASN G 135 32.36 0.23 1.34
N LEU G 136 31.30 0.27 0.53
CA LEU G 136 31.02 -0.77 -0.44
C LEU G 136 30.65 -0.16 -1.79
N ILE G 137 30.87 -0.93 -2.86
CA ILE G 137 30.55 -0.49 -4.21
C ILE G 137 29.74 -1.55 -4.96
N VAL G 138 28.65 -1.12 -5.62
CA VAL G 138 27.84 -2.00 -6.47
C VAL G 138 28.22 -1.52 -7.85
N ASP G 139 28.86 -2.37 -8.64
CA ASP G 139 29.35 -1.97 -9.94
C ASP G 139 28.83 -2.86 -11.06
N ASP G 140 28.67 -2.26 -12.24
CA ASP G 140 28.21 -2.94 -13.43
C ASP G 140 28.99 -2.40 -14.61
N GLY G 141 30.02 -3.15 -15.02
CA GLY G 141 30.88 -2.74 -16.12
C GLY G 141 32.30 -2.40 -15.65
N GLY G 142 32.44 -2.15 -14.34
CA GLY G 142 33.76 -1.87 -13.77
C GLY G 142 34.25 -0.43 -13.76
N ASP G 143 33.41 0.53 -14.17
CA ASP G 143 33.79 1.96 -14.19
C ASP G 143 34.06 2.56 -12.81
N ALA G 144 33.27 2.20 -11.81
CA ALA G 144 33.50 2.69 -10.44
C ALA G 144 34.80 2.11 -9.90
N THR G 145 35.03 0.84 -10.19
CA THR G 145 36.26 0.16 -9.80
C THR G 145 37.45 0.76 -10.57
N LEU G 146 37.26 1.13 -11.83
CA LEU G 146 38.33 1.72 -12.65
C LEU G 146 38.76 3.11 -12.15
N ILE G 147 37.79 4.00 -11.89
CA ILE G 147 38.14 5.35 -11.44
C ILE G 147 38.90 5.31 -10.13
N LEU G 148 38.59 4.32 -9.29
CA LEU G 148 39.28 4.15 -8.01
C LEU G 148 40.75 3.77 -8.23
N HIS G 149 40.97 2.73 -9.04
CA HIS G 149 42.33 2.24 -9.31
C HIS G 149 43.22 3.21 -10.09
N GLU G 150 42.62 3.90 -11.06
CA GLU G 150 43.33 4.89 -11.87
C GLU G 150 43.59 6.17 -11.07
N GLY G 151 42.73 6.44 -10.09
CA GLY G 151 42.88 7.58 -9.20
C GLY G 151 44.06 7.35 -8.30
N VAL G 152 44.20 6.13 -7.78
CA VAL G 152 45.33 5.76 -6.94
C VAL G 152 46.63 5.85 -7.77
N LYS G 153 46.61 5.34 -9.02
CA LYS G 153 47.79 5.42 -9.89
C LYS G 153 48.22 6.86 -10.14
N ALA G 154 47.24 7.71 -10.42
CA ALA G 154 47.47 9.13 -10.67
C ALA G 154 48.07 9.85 -9.46
N GLU G 155 47.67 9.45 -8.26
CA GLU G 155 48.22 10.04 -7.05
C GLU G 155 49.68 9.59 -6.82
N ILE G 156 49.99 8.34 -7.16
CA ILE G 156 51.36 7.82 -7.00
C ILE G 156 52.28 8.60 -7.95
N GLU G 157 51.84 8.74 -9.19
CA GLU G 157 52.60 9.45 -10.23
C GLU G 157 52.71 10.96 -9.94
N TYR G 158 51.73 11.50 -9.21
CA TYR G 158 51.74 12.90 -8.83
C TYR G 158 52.84 13.15 -7.81
N GLU G 159 52.89 12.35 -6.74
CA GLU G 159 53.92 12.52 -5.70
C GLU G 159 55.33 12.27 -6.18
N LYS G 160 55.49 11.31 -7.07
CA LYS G 160 56.80 10.95 -7.60
C LYS G 160 57.53 12.14 -8.23
N TYR G 161 56.88 12.81 -9.16
CA TYR G 161 57.47 13.99 -9.85
C TYR G 161 56.95 15.35 -9.34
N ASN G 162 56.06 15.33 -8.33
CA ASN G 162 55.43 16.56 -7.77
C ASN G 162 54.75 17.52 -8.80
N LYS G 163 54.06 16.92 -9.77
CA LYS G 163 53.36 17.67 -10.83
C LYS G 163 52.26 16.79 -11.44
N ILE G 164 51.33 17.43 -12.14
CA ILE G 164 50.28 16.70 -12.84
C ILE G 164 50.94 15.77 -13.89
N PRO G 165 50.70 14.44 -13.80
CA PRO G 165 51.26 13.51 -14.78
C PRO G 165 50.91 13.88 -16.22
N GLU G 166 51.87 13.78 -17.12
CA GLU G 166 51.63 14.11 -18.52
C GLU G 166 50.61 13.23 -19.26
N TYR G 167 50.37 11.98 -18.82
CA TYR G 167 49.41 11.12 -19.52
C TYR G 167 47.95 11.62 -19.36
N LEU G 168 47.71 12.43 -18.31
CA LEU G 168 46.38 13.00 -18.03
C LEU G 168 46.08 14.28 -18.82
N GLU G 169 47.12 15.01 -19.22
CA GLU G 169 46.97 16.27 -19.97
C GLU G 169 46.91 16.10 -21.48
N THR G 170 47.53 15.06 -22.01
CA THR G 170 47.43 14.86 -23.47
C THR G 170 46.12 14.38 -23.89
N GLU G 171 45.85 14.64 -25.17
CA GLU G 171 44.66 14.12 -25.81
C GLU G 171 44.98 12.90 -26.69
N LEU G 172 46.23 12.42 -26.65
CA LEU G 172 46.68 11.28 -27.45
C LEU G 172 47.16 10.14 -26.57
N ASP G 173 47.18 8.92 -27.11
CA ASP G 173 47.64 7.74 -26.35
C ASP G 173 49.14 7.57 -26.60
N GLU G 174 49.71 6.45 -26.16
CA GLU G 174 51.14 6.19 -26.31
C GLU G 174 51.64 6.02 -27.76
N ASN G 175 50.73 5.86 -28.73
CA ASN G 175 51.08 5.63 -30.15
C ASN G 175 50.65 6.74 -31.11
N GLY G 176 50.20 7.88 -30.59
CA GLY G 176 49.75 9.00 -31.44
C GLY G 176 48.24 9.05 -31.76
N LYS G 177 47.52 7.97 -31.46
CA LYS G 177 46.06 7.88 -31.70
C LYS G 177 45.26 8.63 -30.66
N GLN G 178 44.08 9.12 -31.06
CA GLN G 178 43.19 9.82 -30.13
C GLN G 178 42.72 8.91 -29.00
N LEU G 179 42.70 9.44 -27.78
CA LEU G 179 42.20 8.68 -26.64
C LEU G 179 40.68 8.59 -26.79
N SER G 180 40.09 7.55 -26.23
CA SER G 180 38.64 7.42 -26.28
C SER G 180 38.03 8.53 -25.44
N MET G 181 36.84 9.01 -25.81
CA MET G 181 36.15 10.02 -25.01
C MET G 181 36.03 9.64 -23.55
N ASP G 182 35.76 8.37 -23.26
CA ASP G 182 35.64 7.93 -21.87
C ASP G 182 36.95 8.12 -21.10
N LEU G 183 38.10 7.85 -21.73
CA LEU G 183 39.38 8.08 -21.08
C LEU G 183 39.68 9.57 -20.88
N LYS G 184 39.36 10.40 -21.86
CA LYS G 184 39.64 11.84 -21.74
C LYS G 184 38.85 12.45 -20.61
N CYS G 185 37.56 12.11 -20.56
CA CYS G 185 36.65 12.65 -19.55
C CYS G 185 36.91 12.15 -18.14
N MET G 186 37.47 10.95 -18.03
CA MET G 186 37.82 10.39 -16.73
C MET G 186 39.09 11.09 -16.24
N TYR G 187 40.08 11.17 -17.14
CA TYR G 187 41.36 11.85 -16.88
C TYR G 187 41.14 13.28 -16.47
N LYS G 188 40.17 13.93 -17.12
CA LYS G 188 39.84 15.30 -16.83
C LYS G 188 39.34 15.42 -15.37
N VAL G 189 38.57 14.43 -14.92
CA VAL G 189 38.06 14.40 -13.56
C VAL G 189 39.18 14.10 -12.57
N LEU G 190 40.06 13.17 -12.93
CA LEU G 190 41.18 12.81 -12.06
C LEU G 190 42.14 13.98 -11.89
N LYS G 191 42.32 14.75 -12.95
CA LYS G 191 43.17 15.93 -12.90
C LYS G 191 42.59 16.98 -11.95
N MET G 192 41.29 17.24 -12.06
CA MET G 192 40.68 18.19 -11.16
C MET G 192 40.84 17.79 -9.70
N GLU G 193 40.68 16.49 -9.43
CA GLU G 193 40.79 15.98 -8.07
C GLU G 193 42.21 16.00 -7.51
N LEU G 194 43.22 15.99 -8.39
CA LEU G 194 44.62 16.08 -7.93
C LEU G 194 44.90 17.50 -7.47
N LEU G 195 44.21 18.48 -8.06
CA LEU G 195 44.36 19.88 -7.68
C LEU G 195 43.64 20.18 -6.36
N LYS G 196 42.53 19.51 -6.08
CA LYS G 196 41.81 19.71 -4.81
C LYS G 196 42.51 18.97 -3.67
N ASN G 197 42.82 17.71 -3.91
CA ASN G 197 43.40 16.85 -2.87
C ASN G 197 44.09 15.64 -3.48
N PRO G 198 45.44 15.62 -3.47
CA PRO G 198 46.18 14.46 -4.03
C PRO G 198 46.22 13.19 -3.16
N PHE G 199 45.49 13.17 -2.03
N PHE G 199 45.47 13.18 -2.05
CA PHE G 199 45.40 11.98 -1.15
CA PHE G 199 45.41 12.03 -1.16
C PHE G 199 43.95 11.45 -1.12
C PHE G 199 43.97 11.48 -1.09
N ARG G 200 43.08 12.01 -1.94
CA ARG G 200 41.65 11.61 -2.00
C ARG G 200 41.40 10.12 -2.19
N TRP G 201 41.94 9.56 -3.28
CA TRP G 201 41.70 8.15 -3.64
C TRP G 201 42.34 7.16 -2.68
N ARG G 202 43.57 7.39 -2.30
CA ARG G 202 44.25 6.51 -1.34
C ARG G 202 43.60 6.61 0.05
N GLY G 203 43.00 7.76 0.34
CA GLY G 203 42.27 7.97 1.59
C GLY G 203 41.03 7.10 1.67
N MET G 204 40.37 6.85 0.54
CA MET G 204 39.18 5.99 0.48
C MET G 204 39.48 4.53 0.78
N LEU G 205 40.71 4.10 0.48
CA LEU G 205 41.07 2.70 0.67
C LEU G 205 40.95 2.26 2.11
N LYS G 206 41.22 3.15 3.06
CA LYS G 206 41.14 2.78 4.47
C LYS G 206 39.78 2.16 4.82
N ASP G 207 38.70 2.77 4.33
CA ASP G 207 37.34 2.29 4.61
C ASP G 207 36.66 1.41 3.54
N LEU G 208 37.32 1.09 2.44
CA LEU G 208 36.71 0.22 1.40
C LEU G 208 36.78 -1.26 1.77
N TYR G 209 35.61 -1.90 1.82
CA TYR G 209 35.52 -3.30 2.19
C TYR G 209 35.17 -4.24 1.02
N GLY G 210 34.84 -3.69 -0.17
CA GLY G 210 34.55 -4.52 -1.35
C GLY G 210 33.66 -4.01 -2.45
N VAL G 211 33.62 -4.77 -3.56
CA VAL G 211 32.78 -4.50 -4.72
C VAL G 211 32.06 -5.76 -5.19
N SER G 212 30.80 -5.59 -5.62
CA SER G 212 29.99 -6.62 -6.24
C SER G 212 29.96 -6.26 -7.72
N GLU G 213 30.43 -7.14 -8.60
CA GLU G 213 30.41 -6.85 -10.04
C GLU G 213 29.29 -7.62 -10.75
N GLU G 214 28.41 -6.87 -11.44
CA GLU G 214 27.22 -7.41 -12.17
C GLU G 214 27.42 -8.12 -13.49
N THR G 215 28.36 -7.67 -14.34
CA THR G 215 28.44 -8.22 -15.70
C THR G 215 29.77 -8.82 -16.14
N THR G 216 29.68 -9.66 -17.18
CA THR G 216 30.80 -10.41 -17.73
C THR G 216 32.03 -9.54 -18.00
N THR G 217 31.84 -8.44 -18.71
CA THR G 217 32.94 -7.53 -19.01
C THR G 217 33.65 -6.94 -17.79
N GLY G 218 32.89 -6.58 -16.76
CA GLY G 218 33.47 -6.06 -15.53
C GLY G 218 34.27 -7.10 -14.76
N VAL G 219 33.81 -8.36 -14.83
CA VAL G 219 34.48 -9.47 -14.17
C VAL G 219 35.82 -9.72 -14.84
N LEU G 220 35.84 -9.60 -16.16
CA LEU G 220 37.08 -9.76 -16.90
C LEU G 220 38.12 -8.75 -16.42
N ARG G 221 37.69 -7.50 -16.24
CA ARG G 221 38.60 -6.47 -15.75
C ARG G 221 39.07 -6.76 -14.33
N LEU G 222 38.22 -7.37 -13.51
CA LEU G 222 38.60 -7.72 -12.13
C LEU G 222 39.61 -8.84 -12.12
N LYS G 223 39.42 -9.84 -12.97
CA LYS G 223 40.35 -10.98 -13.05
C LYS G 223 41.74 -10.58 -13.56
N ILE G 224 41.79 -9.60 -14.46
CA ILE G 224 43.07 -9.09 -14.97
C ILE G 224 43.83 -8.41 -13.80
N MET G 225 43.13 -7.60 -13.01
CA MET G 225 43.75 -6.95 -11.85
C MET G 225 44.20 -7.95 -10.79
N GLU G 226 43.45 -9.03 -10.62
CA GLU G 226 43.76 -10.09 -9.65
C GLU G 226 45.09 -10.77 -10.01
N SER G 227 45.24 -11.13 -11.29
CA SER G 227 46.46 -11.79 -11.79
C SER G 227 47.70 -10.95 -11.61
N GLU G 228 47.58 -9.67 -11.98
CA GLU G 228 48.67 -8.74 -11.88
C GLU G 228 48.95 -8.27 -10.44
N GLY G 229 48.10 -8.62 -9.47
CA GLY G 229 48.27 -8.22 -8.07
C GLY G 229 47.94 -6.75 -7.82
N LYS G 230 47.07 -6.19 -8.65
CA LYS G 230 46.66 -4.80 -8.57
C LYS G 230 45.29 -4.53 -8.00
N LEU G 231 44.58 -5.58 -7.62
CA LEU G 231 43.24 -5.42 -7.09
C LEU G 231 43.37 -4.89 -5.67
N LEU G 232 42.81 -3.69 -5.45
CA LEU G 232 42.90 -2.97 -4.17
C LEU G 232 41.76 -3.16 -3.15
N LEU G 233 40.82 -4.06 -3.42
CA LEU G 233 39.72 -4.35 -2.47
C LEU G 233 39.09 -5.71 -2.79
N PRO G 234 38.41 -6.33 -1.81
CA PRO G 234 37.79 -7.64 -2.08
C PRO G 234 36.70 -7.48 -3.12
N ALA G 235 36.43 -8.55 -3.84
CA ALA G 235 35.41 -8.48 -4.90
C ALA G 235 34.61 -9.76 -4.97
N ILE G 236 33.33 -9.59 -5.31
CA ILE G 236 32.44 -10.71 -5.53
C ILE G 236 31.92 -10.63 -6.96
N ASN G 237 32.12 -11.72 -7.68
CA ASN G 237 31.65 -11.89 -9.04
C ASN G 237 30.20 -12.37 -8.95
N VAL G 238 29.28 -11.43 -9.13
CA VAL G 238 27.85 -11.73 -9.11
C VAL G 238 27.39 -12.33 -10.42
N ASN G 239 28.03 -11.90 -11.52
CA ASN G 239 27.65 -12.37 -12.86
C ASN G 239 27.68 -13.87 -13.06
N ASP G 240 28.59 -14.56 -12.37
CA ASP G 240 28.70 -16.01 -12.56
C ASP G 240 27.89 -16.89 -11.62
N SER G 241 26.92 -16.28 -10.90
CA SER G 241 26.02 -17.07 -10.10
C SER G 241 25.13 -17.72 -11.16
N VAL G 242 24.69 -18.95 -10.94
CA VAL G 242 23.82 -19.61 -11.90
C VAL G 242 22.55 -18.78 -12.10
N THR G 243 22.00 -18.25 -11.02
CA THR G 243 20.77 -17.48 -11.08
C THR G 243 20.93 -16.07 -11.66
N LYS G 244 22.10 -15.80 -12.24
CA LYS G 244 22.34 -14.53 -12.90
C LYS G 244 22.72 -14.85 -14.35
N SER G 245 23.89 -15.47 -14.60
CA SER G 245 24.32 -15.79 -15.98
C SER G 245 23.35 -16.65 -16.80
N LYS G 246 22.73 -17.66 -16.20
CA LYS G 246 21.79 -18.50 -16.96
C LYS G 246 20.39 -17.91 -17.20
N PHE G 247 20.07 -16.80 -16.53
CA PHE G 247 18.73 -16.19 -16.62
C PHE G 247 18.78 -14.78 -17.16
N ASP G 248 19.43 -13.88 -16.44
CA ASP G 248 19.61 -12.50 -16.86
C ASP G 248 20.25 -12.44 -18.26
N ASN G 249 21.48 -12.94 -18.36
CA ASN G 249 22.19 -12.88 -19.64
C ASN G 249 21.44 -13.49 -20.82
N THR G 250 20.83 -14.64 -20.60
CA THR G 250 20.13 -15.36 -21.67
C THR G 250 18.69 -14.92 -21.85
N TYR G 251 17.83 -15.32 -20.92
CA TYR G 251 16.40 -15.01 -21.01
C TYR G 251 16.06 -13.54 -20.92
N GLY G 252 16.85 -12.76 -20.19
CA GLY G 252 16.64 -11.33 -20.14
C GLY G 252 16.76 -10.74 -21.55
N CYS G 253 17.88 -11.03 -22.24
CA CYS G 253 18.09 -10.52 -23.60
C CYS G 253 17.09 -11.03 -24.62
N ARG G 254 16.58 -12.24 -24.45
CA ARG G 254 15.60 -12.79 -25.38
C ARG G 254 14.42 -11.83 -25.57
N GLN G 255 14.00 -11.18 -24.49
CA GLN G 255 12.92 -10.19 -24.55
C GLN G 255 13.45 -8.77 -24.78
N SER G 256 14.47 -8.44 -24.01
CA SER G 256 15.11 -7.13 -23.99
C SER G 256 15.71 -6.68 -25.34
N LEU G 257 16.34 -7.58 -26.09
CA LEU G 257 16.87 -7.24 -27.40
C LEU G 257 15.73 -6.88 -28.36
N LEU G 258 14.71 -7.73 -28.40
CA LEU G 258 13.55 -7.49 -29.26
C LEU G 258 12.90 -6.14 -28.95
N HIS G 259 12.81 -5.81 -27.67
CA HIS G 259 12.20 -4.54 -27.28
C HIS G 259 13.02 -3.42 -27.90
N GLY G 260 14.34 -3.52 -27.75
CA GLY G 260 15.26 -2.50 -28.28
C GLY G 260 15.18 -2.37 -29.78
N LEU G 261 15.18 -3.50 -30.49
CA LEU G 261 15.08 -3.46 -31.93
C LEU G 261 13.73 -2.93 -32.37
N PHE G 262 12.65 -3.35 -31.72
CA PHE G 262 11.34 -2.88 -32.14
C PHE G 262 11.25 -1.37 -32.01
N ASN G 263 11.85 -0.80 -30.98
CA ASN G 263 11.85 0.67 -30.79
C ASN G 263 12.79 1.44 -31.71
N GLY G 264 14.01 0.95 -31.92
CA GLY G 264 14.99 1.63 -32.78
C GLY G 264 14.96 1.33 -34.28
N CYS G 265 14.55 0.10 -34.62
CA CYS G 265 14.46 -0.35 -36.01
C CYS G 265 12.99 -0.46 -36.41
N ILE G 266 12.60 0.28 -37.44
CA ILE G 266 11.19 0.24 -37.89
C ILE G 266 10.83 -1.00 -38.70
N GLN G 267 11.84 -1.72 -39.20
CA GLN G 267 11.61 -2.88 -40.06
C GLN G 267 11.15 -4.13 -39.38
N MET G 268 10.56 -5.02 -40.20
CA MET G 268 10.05 -6.31 -39.77
C MET G 268 11.23 -7.24 -39.67
N LEU G 269 11.30 -8.01 -38.60
CA LEU G 269 12.40 -8.94 -38.42
C LEU G 269 12.16 -10.26 -39.15
N ALA G 270 10.92 -10.65 -39.37
CA ALA G 270 10.65 -11.95 -40.00
C ALA G 270 11.25 -12.04 -41.38
N GLY G 271 11.90 -13.17 -41.64
CA GLY G 271 12.54 -13.46 -42.92
C GLY G 271 13.87 -12.79 -43.21
N LYS G 272 14.27 -11.85 -42.36
CA LYS G 272 15.53 -11.16 -42.54
C LYS G 272 16.68 -12.04 -42.09
N LYS G 273 17.85 -11.82 -42.68
CA LYS G 273 19.06 -12.53 -42.26
C LYS G 273 19.63 -11.62 -41.18
N ILE G 274 19.66 -12.10 -39.94
CA ILE G 274 20.19 -11.30 -38.83
C ILE G 274 21.43 -12.01 -38.29
N VAL G 275 22.56 -11.32 -38.34
CA VAL G 275 23.82 -11.89 -37.85
C VAL G 275 24.02 -11.59 -36.37
N VAL G 276 24.14 -12.63 -35.56
CA VAL G 276 24.42 -12.45 -34.14
C VAL G 276 25.88 -12.84 -33.98
N LEU G 277 26.72 -11.87 -33.66
CA LEU G 277 28.15 -12.10 -33.50
C LEU G 277 28.42 -12.41 -32.05
N GLY G 278 28.74 -13.66 -31.78
CA GLY G 278 28.96 -14.15 -30.42
C GLY G 278 27.75 -14.98 -30.04
N TYR G 279 27.97 -16.23 -29.67
CA TYR G 279 26.92 -17.15 -29.27
C TYR G 279 27.26 -17.71 -27.86
N GLY G 280 27.48 -16.77 -26.94
CA GLY G 280 27.71 -17.07 -25.54
C GLY G 280 26.39 -16.96 -24.81
N GLU G 281 26.43 -16.65 -23.52
CA GLU G 281 25.21 -16.55 -22.71
C GLU G 281 24.18 -15.56 -23.34
N VAL G 282 24.67 -14.38 -23.71
CA VAL G 282 23.85 -13.33 -24.34
C VAL G 282 23.42 -13.68 -25.77
N GLY G 283 24.37 -14.12 -26.58
CA GLY G 283 24.08 -14.49 -27.97
C GLY G 283 23.02 -15.56 -28.10
N LYS G 284 23.07 -16.56 -27.22
CA LYS G 284 22.07 -17.64 -27.21
C LYS G 284 20.67 -17.06 -27.05
N GLY G 285 20.50 -16.15 -26.10
CA GLY G 285 19.20 -15.52 -25.85
C GLY G 285 18.74 -14.64 -26.99
N CYS G 286 19.66 -13.84 -27.54
CA CYS G 286 19.35 -12.98 -28.68
C CYS G 286 18.82 -13.85 -29.82
N ALA G 287 19.52 -14.95 -30.10
CA ALA G 287 19.11 -15.85 -31.17
C ALA G 287 17.71 -16.44 -30.93
N GLN G 288 17.41 -16.86 -29.71
CA GLN G 288 16.10 -17.41 -29.41
C GLN G 288 14.97 -16.44 -29.71
N GLY G 289 15.16 -15.18 -29.31
CA GLY G 289 14.14 -14.15 -29.50
C GLY G 289 13.93 -13.82 -30.95
N LEU G 290 15.04 -13.64 -31.67
CA LEU G 290 14.99 -13.35 -33.08
C LEU G 290 14.28 -14.48 -33.85
N SER G 291 14.58 -15.74 -33.53
CA SER G 291 13.95 -16.88 -34.20
C SER G 291 12.49 -16.89 -33.87
N GLY G 292 12.19 -16.57 -32.62
CA GLY G 292 10.81 -16.51 -32.15
C GLY G 292 9.87 -15.63 -32.97
N VAL G 293 10.41 -14.61 -33.62
CA VAL G 293 9.62 -13.69 -34.43
C VAL G 293 9.91 -13.83 -35.93
N GLY G 294 10.40 -15.00 -36.33
CA GLY G 294 10.63 -15.33 -37.73
C GLY G 294 11.91 -14.97 -38.44
N ALA G 295 12.89 -14.43 -37.73
CA ALA G 295 14.15 -14.08 -38.38
C ALA G 295 14.97 -15.32 -38.70
N ARG G 296 15.94 -15.16 -39.59
CA ARG G 296 16.85 -16.25 -39.95
C ARG G 296 18.18 -15.84 -39.38
N VAL G 297 18.53 -16.43 -38.24
CA VAL G 297 19.76 -16.09 -37.55
C VAL G 297 21.00 -16.76 -38.13
N ILE G 298 22.03 -15.95 -38.36
CA ILE G 298 23.34 -16.42 -38.83
C ILE G 298 24.23 -16.12 -37.62
N VAL G 299 25.06 -17.07 -37.20
CA VAL G 299 25.95 -16.86 -36.05
C VAL G 299 27.42 -16.77 -36.46
N THR G 300 28.17 -15.95 -35.72
CA THR G 300 29.62 -15.72 -35.93
C THR G 300 30.16 -16.09 -34.60
N GLU G 301 31.26 -16.83 -34.58
CA GLU G 301 31.81 -17.28 -33.32
C GLU G 301 33.28 -17.75 -33.49
N ILE G 302 34.06 -17.62 -32.42
CA ILE G 302 35.48 -18.04 -32.39
C ILE G 302 35.71 -19.34 -31.63
N ASP G 303 34.73 -19.70 -30.79
CA ASP G 303 34.80 -20.87 -29.95
C ASP G 303 34.16 -22.05 -30.67
N PRO G 304 34.92 -23.12 -30.94
CA PRO G 304 34.36 -24.26 -31.64
C PRO G 304 33.20 -24.94 -30.90
N ILE G 305 33.22 -24.91 -29.56
CA ILE G 305 32.14 -25.52 -28.77
C ILE G 305 30.86 -24.70 -28.93
N CYS G 306 30.98 -23.38 -28.79
CA CYS G 306 29.81 -22.52 -28.97
C CYS G 306 29.30 -22.58 -30.40
N ALA G 307 30.20 -22.69 -31.37
CA ALA G 307 29.81 -22.77 -32.78
C ALA G 307 28.95 -24.01 -33.03
N LEU G 308 29.36 -25.14 -32.46
CA LEU G 308 28.59 -26.38 -32.59
C LEU G 308 27.24 -26.28 -31.91
N GLN G 309 27.17 -25.55 -30.79
CA GLN G 309 25.89 -25.37 -30.11
C GLN G 309 24.90 -24.66 -31.02
N ALA G 310 25.39 -23.63 -31.72
CA ALA G 310 24.57 -22.88 -32.66
C ALA G 310 24.03 -23.79 -33.76
N SER G 311 24.88 -24.66 -34.32
CA SER G 311 24.43 -25.59 -35.38
C SER G 311 23.32 -26.47 -34.93
N MET G 312 23.45 -26.99 -33.71
CA MET G 312 22.45 -27.88 -33.13
C MET G 312 21.09 -27.21 -32.96
N GLU G 313 21.08 -25.88 -32.90
CA GLU G 313 19.83 -25.14 -32.80
C GLU G 313 19.33 -24.70 -34.18
N GLY G 314 19.94 -25.24 -35.24
CA GLY G 314 19.54 -24.94 -36.61
C GLY G 314 20.10 -23.67 -37.23
N TYR G 315 21.11 -23.07 -36.61
CA TYR G 315 21.66 -21.83 -37.15
C TYR G 315 22.92 -22.05 -37.96
N GLN G 316 23.04 -21.26 -39.01
CA GLN G 316 24.20 -21.27 -39.88
C GLN G 316 25.29 -20.54 -39.15
N VAL G 317 26.51 -21.06 -39.22
CA VAL G 317 27.66 -20.42 -38.57
C VAL G 317 28.64 -20.02 -39.66
N SER G 318 28.88 -18.71 -39.77
CA SER G 318 29.75 -18.15 -40.79
C SER G 318 30.70 -17.08 -40.26
N VAL G 319 31.68 -16.76 -41.09
CA VAL G 319 32.62 -15.70 -40.84
C VAL G 319 31.92 -14.46 -41.40
N LEU G 320 32.02 -13.34 -40.69
CA LEU G 320 31.35 -12.10 -41.11
C LEU G 320 31.62 -11.70 -42.57
N GLU G 321 32.85 -11.85 -43.03
CA GLU G 321 33.24 -11.50 -44.41
C GLU G 321 32.36 -12.14 -45.48
N ASP G 322 31.95 -13.38 -45.25
CA ASP G 322 31.13 -14.14 -46.20
C ASP G 322 29.65 -13.78 -46.21
N VAL G 323 29.21 -13.03 -45.21
CA VAL G 323 27.80 -12.69 -45.02
C VAL G 323 27.49 -11.19 -44.93
N VAL G 324 28.51 -10.37 -44.76
CA VAL G 324 28.32 -8.94 -44.58
C VAL G 324 27.56 -8.19 -45.72
N SER G 325 27.74 -8.59 -46.97
CA SER G 325 27.05 -7.92 -48.08
C SER G 325 25.58 -8.27 -48.23
N GLU G 326 25.18 -9.45 -47.77
CA GLU G 326 23.79 -9.94 -47.91
C GLU G 326 22.92 -9.82 -46.66
N ALA G 327 23.51 -9.83 -45.48
CA ALA G 327 22.71 -9.75 -44.25
C ALA G 327 22.03 -8.40 -44.09
N ASP G 328 20.91 -8.40 -43.38
CA ASP G 328 20.08 -7.23 -43.17
C ASP G 328 20.33 -6.49 -41.85
N ILE G 329 20.56 -7.23 -40.76
CA ILE G 329 20.77 -6.65 -39.44
C ILE G 329 21.96 -7.31 -38.76
N PHE G 330 22.74 -6.54 -38.01
CA PHE G 330 23.93 -7.03 -37.31
C PHE G 330 23.86 -6.70 -35.82
N ILE G 331 23.96 -7.72 -34.97
CA ILE G 331 23.89 -7.59 -33.50
C ILE G 331 25.18 -8.14 -32.88
N THR G 332 25.96 -7.28 -32.24
CA THR G 332 27.21 -7.72 -31.62
C THR G 332 26.98 -8.10 -30.16
N ALA G 333 27.40 -9.30 -29.78
CA ALA G 333 27.25 -9.80 -28.42
C ALA G 333 28.50 -10.60 -28.00
N THR G 334 29.67 -10.03 -28.26
CA THR G 334 30.96 -10.68 -28.00
C THR G 334 31.71 -10.27 -26.76
N GLY G 335 31.53 -9.02 -26.33
CA GLY G 335 32.29 -8.48 -25.19
C GLY G 335 33.73 -8.22 -25.68
N ASN G 336 33.90 -8.17 -27.00
CA ASN G 336 35.19 -7.98 -27.62
C ASN G 336 35.31 -6.59 -28.28
N LYS G 337 36.30 -6.42 -29.15
CA LYS G 337 36.63 -5.13 -29.75
C LYS G 337 36.81 -5.24 -31.26
N ASP G 338 36.35 -4.23 -31.98
CA ASP G 338 36.47 -4.17 -33.44
C ASP G 338 35.96 -5.43 -34.15
N VAL G 339 34.71 -5.77 -33.84
CA VAL G 339 34.04 -6.94 -34.41
C VAL G 339 33.35 -6.54 -35.71
N ILE G 340 32.87 -5.28 -35.74
CA ILE G 340 32.28 -4.65 -36.93
C ILE G 340 33.21 -3.43 -37.19
N THR G 341 33.93 -3.45 -38.30
CA THR G 341 34.87 -2.39 -38.68
C THR G 341 34.23 -1.49 -39.72
N VAL G 342 34.88 -0.36 -40.04
CA VAL G 342 34.33 0.54 -41.08
C VAL G 342 34.42 -0.19 -42.43
N GLU G 343 35.45 -1.03 -42.63
CA GLU G 343 35.57 -1.76 -43.90
C GLU G 343 34.43 -2.74 -44.05
N HIS G 344 33.91 -3.25 -42.93
CA HIS G 344 32.74 -4.13 -42.97
C HIS G 344 31.51 -3.32 -43.33
N MET G 345 31.29 -2.19 -42.64
CA MET G 345 30.12 -1.33 -42.89
C MET G 345 30.00 -0.79 -44.33
N ARG G 346 31.13 -0.62 -45.03
CA ARG G 346 31.09 -0.11 -46.40
C ARG G 346 30.60 -1.16 -47.40
N LYS G 347 30.78 -2.44 -47.05
CA LYS G 347 30.31 -3.55 -47.87
C LYS G 347 28.84 -3.91 -47.59
N MET G 348 28.26 -3.36 -46.52
CA MET G 348 26.86 -3.64 -46.17
C MET G 348 25.91 -3.03 -47.17
N LYS G 349 24.68 -3.50 -47.15
CA LYS G 349 23.68 -3.03 -48.10
C LYS G 349 22.88 -1.87 -47.56
N GLU G 350 22.18 -1.21 -48.48
CA GLU G 350 21.38 -0.03 -48.19
C GLU G 350 20.48 -0.23 -46.98
N ASN G 351 20.58 0.71 -46.04
CA ASN G 351 19.82 0.73 -44.80
C ASN G 351 19.92 -0.52 -43.92
N ALA G 352 21.13 -1.06 -43.84
CA ALA G 352 21.39 -2.20 -43.01
C ALA G 352 21.46 -1.62 -41.61
N TYR G 353 20.87 -2.33 -40.64
CA TYR G 353 20.86 -1.90 -39.24
C TYR G 353 21.99 -2.56 -38.46
N ILE G 354 22.64 -1.77 -37.61
CA ILE G 354 23.76 -2.24 -36.78
C ILE G 354 23.47 -1.90 -35.32
N ALA G 355 23.63 -2.87 -34.42
CA ALA G 355 23.36 -2.66 -33.00
C ALA G 355 24.28 -3.50 -32.15
N ASN G 356 24.44 -3.08 -30.91
CA ASN G 356 25.32 -3.73 -29.95
C ASN G 356 24.59 -4.02 -28.65
N ILE G 357 24.82 -5.22 -28.11
CA ILE G 357 24.23 -5.61 -26.84
C ILE G 357 25.30 -6.05 -25.82
N GLY G 358 26.59 -5.97 -26.17
CA GLY G 358 27.71 -6.25 -25.24
C GLY G 358 27.88 -4.99 -24.39
N HIS G 359 28.57 -5.04 -23.26
CA HIS G 359 28.61 -3.83 -22.38
C HIS G 359 29.15 -2.46 -22.94
N PHE G 360 30.24 -2.44 -23.70
CA PHE G 360 30.77 -1.14 -24.18
C PHE G 360 30.58 -0.94 -25.65
N ASP G 361 30.86 0.29 -26.11
CA ASP G 361 30.76 0.67 -27.53
C ASP G 361 32.00 0.33 -28.44
N ASP G 362 32.93 -0.49 -27.96
CA ASP G 362 34.13 -0.90 -28.71
C ASP G 362 33.85 -1.95 -29.76
N GLU G 363 32.81 -2.76 -29.56
CA GLU G 363 32.48 -3.84 -30.50
C GLU G 363 32.30 -3.37 -31.92
N ILE G 364 31.78 -2.15 -32.07
CA ILE G 364 31.54 -1.55 -33.37
C ILE G 364 32.45 -0.35 -33.42
N ASP G 365 33.15 -0.15 -34.53
CA ASP G 365 34.06 1.00 -34.65
C ASP G 365 33.26 2.27 -34.93
N VAL G 366 32.58 2.74 -33.89
CA VAL G 366 31.75 3.92 -33.99
C VAL G 366 32.60 5.16 -34.23
N TYR G 367 33.75 5.25 -33.56
CA TYR G 367 34.64 6.42 -33.73
C TYR G 367 35.05 6.54 -35.20
N GLY G 368 35.46 5.41 -35.79
CA GLY G 368 35.88 5.37 -37.17
C GLY G 368 34.77 5.77 -38.13
N LEU G 369 33.54 5.36 -37.80
CA LEU G 369 32.38 5.67 -38.64
C LEU G 369 32.04 7.17 -38.59
N GLU G 370 31.98 7.75 -37.39
CA GLU G 370 31.64 9.18 -37.25
C GLU G 370 32.68 10.09 -37.83
N ASN G 371 33.95 9.65 -37.78
CA ASN G 371 35.08 10.43 -38.30
C ASN G 371 35.54 10.06 -39.69
N TYR G 372 34.76 9.26 -40.41
CA TYR G 372 35.11 8.86 -41.77
C TYR G 372 35.11 10.12 -42.65
N PRO G 373 36.13 10.28 -43.53
CA PRO G 373 36.20 11.48 -44.38
C PRO G 373 34.97 11.73 -45.26
N GLY G 374 34.34 12.89 -45.06
CA GLY G 374 33.18 13.33 -45.83
C GLY G 374 31.90 12.54 -45.63
N ILE G 375 31.76 11.89 -44.48
CA ILE G 375 30.58 11.10 -44.22
C ILE G 375 29.47 12.03 -43.78
N LYS G 376 28.23 11.65 -44.09
CA LYS G 376 27.07 12.43 -43.70
C LYS G 376 26.25 11.65 -42.71
N VAL G 377 25.88 12.33 -41.63
CA VAL G 377 25.10 11.71 -40.57
C VAL G 377 23.81 12.48 -40.32
N ILE G 378 22.76 11.75 -40.00
CA ILE G 378 21.48 12.36 -39.73
C ILE G 378 20.74 11.58 -38.67
N GLU G 379 20.05 12.31 -37.81
CA GLU G 379 19.27 11.71 -36.75
C GLU G 379 17.90 11.23 -37.29
N VAL G 380 17.70 9.91 -37.31
CA VAL G 380 16.45 9.33 -37.77
C VAL G 380 15.38 9.52 -36.69
N LYS G 381 15.82 9.41 -35.45
CA LYS G 381 14.95 9.59 -34.28
C LYS G 381 15.81 9.62 -33.01
N GLN G 382 15.14 9.64 -31.88
CA GLN G 382 15.78 9.62 -30.59
C GLN G 382 16.82 8.45 -30.50
N ASN G 383 18.10 8.79 -30.55
CA ASN G 383 19.21 7.81 -30.45
C ASN G 383 19.30 6.79 -31.60
N VAL G 384 19.04 7.22 -32.82
CA VAL G 384 19.13 6.35 -33.99
C VAL G 384 19.69 7.24 -35.09
N HIS G 385 20.85 6.89 -35.62
CA HIS G 385 21.51 7.70 -36.64
C HIS G 385 21.82 6.92 -37.91
N LYS G 386 21.62 7.60 -39.03
CA LYS G 386 21.87 7.05 -40.35
C LYS G 386 23.12 7.69 -40.89
N PHE G 387 24.12 6.87 -41.22
CA PHE G 387 25.40 7.33 -41.76
C PHE G 387 25.49 6.98 -43.24
N THR G 388 25.81 7.96 -44.07
CA THR G 388 25.90 7.77 -45.54
C THR G 388 27.32 8.01 -46.04
N PHE G 389 27.92 6.99 -46.67
CA PHE G 389 29.29 7.13 -47.22
C PHE G 389 29.25 7.95 -48.51
N PRO G 390 30.24 8.81 -48.72
CA PRO G 390 30.23 9.70 -49.90
C PRO G 390 30.53 9.04 -51.27
N ASP G 391 31.34 7.99 -51.29
CA ASP G 391 31.72 7.35 -52.56
C ASP G 391 30.64 6.43 -53.13
N THR G 392 30.08 5.56 -52.30
CA THR G 392 29.06 4.61 -52.73
C THR G 392 27.65 5.16 -52.61
N GLN G 393 27.47 6.21 -51.81
CA GLN G 393 26.17 6.84 -51.51
C GLN G 393 25.24 5.91 -50.69
N LYS G 394 25.77 4.79 -50.22
CA LYS G 394 25.00 3.84 -49.42
C LYS G 394 25.02 4.25 -47.96
N SER G 395 23.98 3.83 -47.23
CA SER G 395 23.84 4.17 -45.81
C SER G 395 23.67 2.96 -44.89
N VAL G 396 24.00 3.17 -43.61
CA VAL G 396 23.83 2.18 -42.56
C VAL G 396 23.19 2.90 -41.37
N ILE G 397 22.26 2.24 -40.69
CA ILE G 397 21.58 2.82 -39.54
C ILE G 397 22.20 2.22 -38.28
N LEU G 398 22.68 3.08 -37.38
CA LEU G 398 23.30 2.64 -36.14
C LEU G 398 22.36 2.96 -34.98
N LEU G 399 22.16 1.99 -34.09
CA LEU G 399 21.27 2.20 -32.93
C LEU G 399 22.06 2.68 -31.73
N CYS G 400 21.60 3.81 -31.19
CA CYS G 400 22.21 4.52 -30.04
C CYS G 400 23.73 4.46 -29.94
N LYS G 401 24.38 4.98 -30.98
CA LYS G 401 25.83 5.11 -31.07
C LYS G 401 26.62 3.88 -30.63
N GLY G 402 26.13 2.70 -30.99
CA GLY G 402 26.82 1.46 -30.66
C GLY G 402 26.86 1.07 -29.19
N ARG G 403 26.03 1.69 -28.37
CA ARG G 403 25.91 1.32 -26.96
C ARG G 403 24.71 0.37 -26.73
N LEU G 404 24.70 -0.31 -25.59
CA LEU G 404 23.63 -1.27 -25.21
C LEU G 404 22.24 -0.94 -25.76
N VAL G 405 21.80 -1.64 -26.80
CA VAL G 405 20.52 -1.32 -27.45
C VAL G 405 19.34 -1.66 -26.57
N ASN G 406 19.46 -2.73 -25.79
CA ASN G 406 18.33 -3.11 -24.92
C ASN G 406 18.01 -2.06 -23.86
N LEU G 407 19.03 -1.34 -23.39
CA LEU G 407 18.88 -0.28 -22.39
C LEU G 407 18.86 1.12 -23.00
N GLY G 408 19.44 1.28 -24.18
CA GLY G 408 19.49 2.57 -24.87
C GLY G 408 18.22 2.93 -25.62
N CYS G 409 17.70 1.96 -26.38
CA CYS G 409 16.46 2.15 -27.15
C CYS G 409 15.23 1.62 -26.44
N ALA G 410 15.42 0.88 -25.34
CA ALA G 410 14.30 0.33 -24.56
C ALA G 410 14.61 0.40 -23.07
N THR G 411 13.93 -0.39 -22.25
CA THR G 411 14.07 -0.31 -20.79
C THR G 411 14.84 -1.45 -20.13
N GLY G 412 15.60 -2.20 -20.91
CA GLY G 412 16.40 -3.28 -20.36
C GLY G 412 15.57 -4.49 -20.01
N HIS G 413 16.17 -5.39 -19.23
CA HIS G 413 15.49 -6.61 -18.83
C HIS G 413 14.31 -6.30 -17.94
N PRO G 414 13.32 -7.19 -17.93
CA PRO G 414 12.14 -7.01 -17.10
C PRO G 414 12.41 -7.34 -15.64
N PRO G 415 11.48 -6.98 -14.74
CA PRO G 415 11.67 -7.17 -13.30
C PRO G 415 12.00 -8.57 -12.79
N LEU G 416 11.32 -9.59 -13.27
CA LEU G 416 11.54 -10.94 -12.77
C LEU G 416 12.99 -11.37 -12.80
N VAL G 417 13.62 -11.18 -13.93
CA VAL G 417 14.98 -11.65 -14.07
C VAL G 417 15.98 -10.71 -13.37
N MET G 418 15.67 -9.42 -13.28
CA MET G 418 16.57 -8.48 -12.58
C MET G 418 16.49 -8.72 -11.08
N SER G 419 15.36 -9.26 -10.61
CA SER G 419 15.20 -9.55 -9.20
C SER G 419 16.15 -10.68 -8.82
N MET G 420 16.34 -11.62 -9.74
CA MET G 420 17.25 -12.72 -9.50
C MET G 420 18.68 -12.19 -9.48
N SER G 421 19.02 -11.31 -10.42
CA SER G 421 20.35 -10.72 -10.45
C SER G 421 20.59 -9.86 -9.22
N PHE G 422 19.59 -9.08 -8.83
CA PHE G 422 19.73 -8.16 -7.71
C PHE G 422 19.64 -8.81 -6.34
N THR G 423 19.01 -9.97 -6.26
CA THR G 423 18.95 -10.69 -4.98
C THR G 423 20.38 -11.16 -4.71
N ASN G 424 21.09 -11.58 -5.76
CA ASN G 424 22.50 -11.95 -5.63
C ASN G 424 23.33 -10.73 -5.19
N GLN G 425 23.05 -9.57 -5.77
CA GLN G 425 23.77 -8.34 -5.38
C GLN G 425 23.65 -8.02 -3.89
N VAL G 426 22.43 -8.04 -3.37
CA VAL G 426 22.21 -7.74 -1.96
C VAL G 426 22.96 -8.75 -1.10
N LEU G 427 22.87 -10.03 -1.46
CA LEU G 427 23.56 -11.09 -0.70
C LEU G 427 25.07 -10.90 -0.74
N ALA G 428 25.58 -10.40 -1.88
CA ALA G 428 27.02 -10.11 -2.03
C ALA G 428 27.43 -8.92 -1.15
N GLN G 429 26.65 -7.85 -1.20
CA GLN G 429 26.88 -6.70 -0.34
C GLN G 429 26.86 -7.08 1.15
N MET G 430 25.90 -7.92 1.57
CA MET G 430 25.83 -8.36 2.96
C MET G 430 27.05 -9.18 3.35
N ASP G 431 27.55 -9.98 2.40
CA ASP G 431 28.71 -10.82 2.63
C ASP G 431 29.97 -9.96 2.85
N LEU G 432 30.20 -9.04 1.92
CA LEU G 432 31.35 -8.13 2.01
C LEU G 432 31.36 -7.29 3.29
N TRP G 433 30.19 -6.79 3.66
CA TRP G 433 30.01 -5.97 4.86
C TRP G 433 30.23 -6.78 6.13
N LYS G 434 29.71 -8.00 6.15
CA LYS G 434 29.86 -8.86 7.30
C LYS G 434 31.33 -9.33 7.50
N SER G 435 32.17 -9.20 6.47
CA SER G 435 33.59 -9.60 6.54
C SER G 435 34.54 -8.44 6.80
N ARG G 436 34.01 -7.22 6.90
CA ARG G 436 34.83 -6.01 7.20
C ARG G 436 36.11 -6.21 7.99
N GLU G 437 35.97 -6.79 9.19
CA GLU G 437 37.07 -7.02 10.13
C GLU G 437 38.29 -7.76 9.56
N LEU G 438 38.04 -8.69 8.63
CA LEU G 438 39.12 -9.47 8.01
C LEU G 438 39.94 -8.68 6.97
N VAL G 439 39.43 -7.54 6.52
CA VAL G 439 40.13 -6.68 5.55
C VAL G 439 41.12 -5.81 6.32
N ASP G 440 42.36 -6.28 6.47
CA ASP G 440 43.39 -5.57 7.23
C ASP G 440 44.42 -4.99 6.26
N ARG G 441 44.41 -3.67 6.12
CA ARG G 441 45.31 -2.96 5.21
C ARG G 441 46.69 -2.59 5.75
N SER G 442 46.90 -2.82 7.06
CA SER G 442 48.20 -2.56 7.67
C SER G 442 49.20 -3.60 7.20
N LYS G 443 48.68 -4.70 6.65
CA LYS G 443 49.52 -5.77 6.13
C LYS G 443 49.55 -5.69 4.63
N ASN G 444 50.57 -6.23 3.92
CA ASN G 444 50.69 -6.06 2.45
C ASN G 444 49.86 -7.20 1.81
N THR G 445 48.57 -7.01 2.05
CA THR G 445 47.53 -7.93 1.68
C THR G 445 47.05 -7.75 0.22
N ARG G 446 46.95 -8.88 -0.48
CA ARG G 446 46.51 -8.97 -1.88
C ARG G 446 45.00 -9.36 -1.88
N PHE G 447 44.17 -8.77 -2.74
CA PHE G 447 42.74 -9.15 -2.69
C PHE G 447 42.36 -10.00 -3.89
N PHE G 448 41.33 -10.82 -3.69
CA PHE G 448 40.86 -11.76 -4.70
C PHE G 448 39.39 -11.58 -5.02
N VAL G 449 38.96 -12.28 -6.09
CA VAL G 449 37.57 -12.29 -6.55
C VAL G 449 36.97 -13.63 -6.17
N LYS G 450 35.82 -13.65 -5.52
CA LYS G 450 35.18 -14.92 -5.16
C LYS G 450 33.73 -14.86 -5.65
N LYS G 451 33.05 -16.00 -5.57
CA LYS G 451 31.65 -16.12 -5.98
C LYS G 451 30.80 -16.55 -4.79
N LEU G 452 29.49 -16.40 -4.92
CA LEU G 452 28.56 -16.80 -3.87
C LEU G 452 28.41 -18.32 -3.94
N SER G 453 28.02 -18.94 -2.84
CA SER G 453 27.89 -20.40 -2.77
C SER G 453 26.67 -20.91 -3.55
N LYS G 454 26.65 -22.24 -3.84
CA LYS G 454 25.45 -22.83 -4.52
C LYS G 454 24.30 -22.75 -3.58
N GLU G 455 24.53 -22.94 -2.28
CA GLU G 455 23.45 -22.90 -1.32
C GLU G 455 22.65 -21.62 -1.53
N LEU G 456 23.34 -20.48 -1.63
CA LEU G 456 22.66 -19.19 -1.84
C LEU G 456 22.09 -19.05 -3.24
N ASP G 457 22.76 -19.66 -4.20
CA ASP G 457 22.33 -19.61 -5.57
C ASP G 457 20.94 -20.32 -5.69
N GLU G 458 20.78 -21.46 -5.02
CA GLU G 458 19.49 -22.20 -5.01
C GLU G 458 18.45 -21.43 -4.22
N TYR G 459 18.90 -20.75 -3.17
CA TYR G 459 18.01 -19.94 -2.34
C TYR G 459 17.37 -18.86 -3.20
N VAL G 460 18.17 -18.18 -4.02
CA VAL G 460 17.65 -17.14 -4.89
C VAL G 460 16.54 -17.71 -5.78
N ALA G 461 16.76 -18.92 -6.32
CA ALA G 461 15.76 -19.56 -7.18
C ALA G 461 14.48 -19.89 -6.42
N ARG G 462 14.60 -20.40 -5.18
CA ARG G 462 13.41 -20.72 -4.37
C ARG G 462 12.53 -19.51 -4.15
N LEU G 463 13.15 -18.36 -3.92
CA LEU G 463 12.41 -17.14 -3.64
C LEU G 463 11.52 -16.69 -4.80
N HIS G 464 11.79 -17.17 -6.00
CA HIS G 464 11.00 -16.77 -7.17
C HIS G 464 10.06 -17.84 -7.75
N LEU G 465 9.95 -18.98 -7.10
CA LEU G 465 9.11 -20.05 -7.64
C LEU G 465 7.64 -19.68 -7.65
N ASP G 466 7.15 -19.05 -6.59
CA ASP G 466 5.71 -18.66 -6.52
C ASP G 466 5.27 -17.63 -7.55
N VAL G 467 6.20 -16.84 -8.06
CA VAL G 467 5.87 -15.86 -9.08
C VAL G 467 5.22 -16.58 -10.26
N LEU G 468 5.77 -17.73 -10.66
CA LEU G 468 5.25 -18.48 -11.82
C LEU G 468 4.46 -19.74 -11.49
N GLY G 469 4.04 -19.89 -10.23
CA GLY G 469 3.25 -21.04 -9.84
C GLY G 469 3.96 -22.38 -9.96
N ILE G 470 5.27 -22.38 -9.82
CA ILE G 470 6.06 -23.60 -9.89
C ILE G 470 5.85 -24.42 -8.62
N LYS G 471 5.73 -25.72 -8.77
CA LYS G 471 5.57 -26.62 -7.64
C LYS G 471 6.74 -27.59 -7.59
N LEU G 472 7.62 -27.43 -6.60
CA LEU G 472 8.74 -28.36 -6.45
C LEU G 472 8.37 -29.67 -5.83
N THR G 473 9.04 -30.71 -6.32
CA THR G 473 8.90 -32.04 -5.81
C THR G 473 9.93 -32.13 -4.70
N LYS G 474 9.62 -32.93 -3.68
CA LYS G 474 10.55 -33.08 -2.58
C LYS G 474 11.05 -34.53 -2.55
N LEU G 475 12.37 -34.69 -2.41
CA LEU G 475 12.98 -36.01 -2.36
C LEU G 475 12.61 -36.76 -1.10
N THR G 476 12.48 -38.07 -1.20
CA THR G 476 12.23 -38.92 -0.03
C THR G 476 13.63 -39.22 0.56
N GLU G 477 13.67 -39.75 1.78
CA GLU G 477 14.97 -40.10 2.39
C GLU G 477 15.77 -41.03 1.48
N THR G 478 15.11 -42.07 0.97
CA THR G 478 15.75 -43.05 0.09
C THR G 478 16.29 -42.46 -1.19
N GLN G 479 15.51 -41.60 -1.82
CA GLN G 479 15.91 -40.93 -3.07
C GLN G 479 17.12 -40.05 -2.85
N ALA G 480 17.11 -39.28 -1.77
CA ALA G 480 18.21 -38.38 -1.44
C ALA G 480 19.50 -39.18 -1.25
N LYS G 481 19.39 -40.32 -0.57
CA LYS G 481 20.53 -41.19 -0.34
C LYS G 481 21.02 -41.80 -1.66
N TYR G 482 20.08 -42.27 -2.48
CA TYR G 482 20.41 -42.90 -3.77
C TYR G 482 21.25 -41.99 -4.68
N ILE G 483 20.83 -40.72 -4.85
CA ILE G 483 21.57 -39.77 -5.68
C ILE G 483 22.64 -38.99 -4.90
N ASN G 484 22.76 -39.32 -3.61
CA ASN G 484 23.79 -38.75 -2.74
C ASN G 484 23.77 -37.21 -2.60
N VAL G 485 22.67 -36.71 -2.06
CA VAL G 485 22.48 -35.27 -1.82
C VAL G 485 21.59 -35.14 -0.60
N SER G 486 21.60 -33.95 -0.01
CA SER G 486 20.72 -33.64 1.10
C SER G 486 19.33 -33.31 0.55
N ILE G 487 18.28 -33.60 1.31
CA ILE G 487 16.92 -33.29 0.89
C ILE G 487 16.77 -31.80 0.58
N ASN G 488 17.46 -30.96 1.34
CA ASN G 488 17.43 -29.51 1.16
C ASN G 488 18.51 -28.93 0.26
N GLY G 489 19.27 -29.79 -0.41
CA GLY G 489 20.31 -29.36 -1.32
C GLY G 489 21.62 -29.02 -0.62
N PRO G 490 22.62 -28.57 -1.38
CA PRO G 490 22.55 -28.39 -2.83
C PRO G 490 22.40 -29.71 -3.61
N TYR G 491 21.75 -29.62 -4.77
CA TYR G 491 21.46 -30.79 -5.61
C TYR G 491 22.47 -31.16 -6.69
N LYS G 492 23.39 -30.25 -7.03
CA LYS G 492 24.40 -30.53 -8.06
C LYS G 492 25.84 -30.23 -7.59
N SER G 493 26.79 -30.81 -8.31
CA SER G 493 28.21 -30.60 -8.06
C SER G 493 28.59 -29.19 -8.47
N GLU G 494 29.72 -28.70 -7.94
CA GLU G 494 30.20 -27.36 -8.27
C GLU G 494 30.50 -27.15 -9.75
N ASP G 495 30.87 -28.22 -10.45
CA ASP G 495 31.21 -28.13 -11.86
C ASP G 495 30.00 -28.26 -12.82
N TYR G 496 28.82 -28.55 -12.29
CA TYR G 496 27.60 -28.72 -13.09
C TYR G 496 27.26 -27.47 -13.89
N ARG G 497 26.93 -27.65 -15.16
CA ARG G 497 26.68 -26.54 -16.08
C ARG G 497 25.21 -26.14 -16.36
N TYR G 498 24.26 -26.87 -15.78
CA TYR G 498 22.83 -26.53 -15.95
C TYR G 498 22.45 -26.42 -17.44
N GLU H 7 36.19 -68.00 -28.72
CA GLU H 7 35.40 -67.29 -29.77
C GLU H 7 34.18 -66.49 -29.16
N SER H 8 33.63 -65.65 -30.01
CA SER H 8 32.53 -64.76 -29.66
C SER H 8 31.17 -65.45 -29.55
N ARG H 9 30.24 -64.80 -28.85
CA ARG H 9 28.84 -65.24 -28.70
C ARG H 9 27.95 -64.09 -29.20
N ILE H 10 27.37 -64.27 -30.39
CA ILE H 10 26.48 -63.28 -31.00
C ILE H 10 25.27 -63.97 -31.61
N LYS H 11 24.30 -63.20 -32.10
CA LYS H 11 23.10 -63.81 -32.65
C LYS H 11 23.29 -64.42 -34.03
N ASP H 12 23.82 -63.66 -34.97
CA ASP H 12 23.94 -64.13 -36.35
C ASP H 12 25.09 -63.47 -37.13
N ILE H 13 26.08 -64.29 -37.48
CA ILE H 13 27.26 -63.84 -38.23
C ILE H 13 26.94 -63.35 -39.66
N SER H 14 25.89 -63.89 -40.28
CA SER H 14 25.52 -63.49 -41.65
C SER H 14 25.04 -62.02 -41.77
N LEU H 15 24.69 -61.39 -40.63
CA LEU H 15 24.26 -59.98 -40.64
C LEU H 15 25.45 -59.04 -40.75
N ALA H 16 26.67 -59.60 -40.77
CA ALA H 16 27.91 -58.82 -40.84
C ALA H 16 28.00 -57.87 -42.01
N GLU H 17 27.50 -58.28 -43.17
CA GLU H 17 27.58 -57.43 -44.34
C GLU H 17 26.81 -56.12 -44.15
N PHE H 18 25.60 -56.20 -43.61
CA PHE H 18 24.79 -55.01 -43.36
C PHE H 18 25.44 -54.09 -42.33
N GLY H 19 26.15 -54.69 -41.38
CA GLY H 19 26.85 -53.93 -40.34
C GLY H 19 27.98 -53.09 -40.88
N LEU H 20 28.75 -53.68 -41.80
CA LEU H 20 29.87 -52.98 -42.43
C LEU H 20 29.39 -51.84 -43.32
N GLN H 21 28.21 -51.98 -43.92
CA GLN H 21 27.63 -50.94 -44.75
C GLN H 21 27.26 -49.75 -43.88
N ASP H 22 26.54 -50.00 -42.78
CA ASP H 22 26.13 -48.94 -41.86
C ASP H 22 27.36 -48.28 -41.24
N MET H 23 28.40 -49.06 -40.96
CA MET H 23 29.63 -48.49 -40.40
C MET H 23 30.22 -47.45 -41.34
N GLU H 24 30.32 -47.77 -42.64
CA GLU H 24 30.88 -46.83 -43.61
C GLU H 24 30.05 -45.58 -43.77
N ILE H 25 28.73 -45.73 -43.73
CA ILE H 25 27.84 -44.58 -43.85
C ILE H 25 27.95 -43.71 -42.60
N ALA H 26 27.93 -44.36 -41.43
CA ALA H 26 28.05 -43.67 -40.16
C ALA H 26 29.34 -42.84 -40.10
N LYS H 27 30.44 -43.38 -40.64
CA LYS H 27 31.71 -42.67 -40.63
C LYS H 27 31.73 -41.32 -41.35
N THR H 28 30.80 -41.08 -42.26
CA THR H 28 30.72 -39.78 -42.95
C THR H 28 30.60 -38.67 -41.91
N ASP H 29 29.80 -38.91 -40.86
CA ASP H 29 29.58 -37.94 -39.79
C ASP H 29 30.47 -38.11 -38.56
N MET H 30 31.06 -39.30 -38.36
CA MET H 30 31.90 -39.52 -37.17
C MET H 30 33.34 -39.08 -37.44
N MET H 31 33.50 -37.83 -37.90
CA MET H 31 34.82 -37.32 -38.24
C MET H 31 35.87 -37.34 -37.13
N GLY H 32 35.44 -37.33 -35.88
CA GLY H 32 36.36 -37.35 -34.75
C GLY H 32 37.11 -38.65 -34.72
N LEU H 33 36.37 -39.75 -34.85
CA LEU H 33 36.98 -41.07 -34.84
C LEU H 33 37.80 -41.32 -36.10
N VAL H 34 37.31 -40.84 -37.24
CA VAL H 34 38.02 -40.99 -38.51
C VAL H 34 39.37 -40.28 -38.45
N GLU H 35 39.41 -39.12 -37.80
CA GLU H 35 40.66 -38.37 -37.66
C GLU H 35 41.63 -39.09 -36.74
N LEU H 36 41.14 -39.64 -35.64
CA LEU H 36 42.03 -40.35 -34.72
C LEU H 36 42.63 -41.56 -35.42
N GLN H 37 41.84 -42.27 -36.22
CA GLN H 37 42.37 -43.42 -36.95
C GLN H 37 43.46 -42.95 -37.92
N ARG H 38 43.13 -41.96 -38.74
CA ARG H 38 44.09 -41.44 -39.70
C ARG H 38 45.42 -41.05 -39.02
N LYS H 39 45.32 -40.31 -37.93
CA LYS H 39 46.47 -39.79 -37.21
C LYS H 39 47.31 -40.78 -36.41
N TYR H 40 46.67 -41.71 -35.72
CA TYR H 40 47.39 -42.65 -34.86
C TYR H 40 47.50 -44.10 -35.36
N ARG H 41 46.95 -44.42 -36.54
CA ARG H 41 46.98 -45.78 -37.06
C ARG H 41 48.39 -46.37 -37.25
N ASP H 42 49.36 -45.50 -37.52
CA ASP H 42 50.75 -45.93 -37.73
C ASP H 42 51.57 -46.03 -36.44
N SER H 43 51.46 -45.02 -35.58
CA SER H 43 52.22 -45.00 -34.32
C SER H 43 51.68 -45.96 -33.25
N LYS H 44 50.42 -46.40 -33.36
CA LYS H 44 49.82 -47.35 -32.42
C LYS H 44 50.01 -46.98 -30.94
N PRO H 45 49.51 -45.82 -30.50
CA PRO H 45 49.68 -45.40 -29.09
C PRO H 45 49.14 -46.37 -28.04
N LEU H 46 48.20 -47.24 -28.43
CA LEU H 46 47.61 -48.25 -27.51
C LEU H 46 48.15 -49.67 -27.76
N LYS H 47 49.31 -49.81 -28.40
CA LYS H 47 49.82 -51.15 -28.70
C LYS H 47 50.09 -51.93 -27.42
N GLY H 48 49.61 -53.18 -27.39
CA GLY H 48 49.79 -54.07 -26.25
C GLY H 48 48.75 -53.95 -25.16
N ALA H 49 47.83 -53.00 -25.29
CA ALA H 49 46.81 -52.80 -24.29
C ALA H 49 45.65 -53.76 -24.49
N ARG H 50 45.14 -54.29 -23.38
CA ARG H 50 43.99 -55.17 -23.38
C ARG H 50 42.83 -54.34 -22.85
N ILE H 51 41.84 -54.09 -23.70
CA ILE H 51 40.68 -53.28 -23.33
C ILE H 51 39.38 -54.09 -23.32
N THR H 52 38.66 -54.02 -22.19
CA THR H 52 37.36 -54.65 -22.05
C THR H 52 36.35 -53.51 -22.02
N GLY H 53 35.28 -53.64 -22.80
CA GLY H 53 34.25 -52.63 -22.87
C GLY H 53 32.87 -53.15 -22.52
N SER H 54 32.15 -52.36 -21.72
CA SER H 54 30.76 -52.66 -21.34
C SER H 54 29.97 -51.44 -21.80
N LEU H 55 29.54 -51.46 -23.06
CA LEU H 55 28.84 -50.30 -23.63
C LEU H 55 27.96 -50.71 -24.82
N HIS H 56 26.72 -50.22 -24.84
CA HIS H 56 25.71 -50.51 -25.90
C HIS H 56 26.37 -50.80 -27.23
N LEU H 57 26.24 -52.05 -27.71
CA LEU H 57 26.89 -52.41 -28.96
C LEU H 57 26.07 -52.04 -30.19
N THR H 58 26.16 -50.78 -30.57
CA THR H 58 25.47 -50.21 -31.70
C THR H 58 26.47 -49.99 -32.83
N ILE H 59 25.97 -49.56 -33.98
CA ILE H 59 26.83 -49.25 -35.13
C ILE H 59 27.86 -48.20 -34.73
N GLU H 60 27.40 -47.19 -34.00
CA GLU H 60 28.29 -46.12 -33.51
C GLU H 60 29.42 -46.69 -32.63
N THR H 61 29.08 -47.63 -31.75
CA THR H 61 30.05 -48.28 -30.89
C THR H 61 31.04 -49.12 -31.69
N SER H 62 30.60 -49.68 -32.83
CA SER H 62 31.50 -50.47 -33.67
C SER H 62 32.63 -49.63 -34.21
N VAL H 63 32.35 -48.36 -34.49
CA VAL H 63 33.35 -47.43 -34.99
C VAL H 63 34.33 -47.07 -33.85
N LEU H 64 33.84 -47.01 -32.62
CA LEU H 64 34.69 -46.77 -31.46
C LEU H 64 35.66 -47.95 -31.30
N VAL H 65 35.09 -49.16 -31.30
CA VAL H 65 35.89 -50.39 -31.18
C VAL H 65 36.90 -50.48 -32.31
N GLU H 66 36.49 -50.12 -33.53
CA GLU H 66 37.39 -50.14 -34.67
C GLU H 66 38.54 -49.15 -34.46
N THR H 67 38.23 -47.97 -33.92
CA THR H 67 39.24 -46.95 -33.67
C THR H 67 40.26 -47.45 -32.64
N LEU H 68 39.79 -48.06 -31.55
CA LEU H 68 40.69 -48.61 -30.52
C LEU H 68 41.57 -49.70 -31.12
N TYR H 69 41.01 -50.53 -31.99
CA TYR H 69 41.76 -51.58 -32.67
C TYR H 69 42.83 -51.00 -33.61
N GLU H 70 42.45 -50.03 -34.45
CA GLU H 70 43.42 -49.40 -35.37
C GLU H 70 44.56 -48.73 -34.60
N LEU H 71 44.33 -48.38 -33.33
CA LEU H 71 45.39 -47.78 -32.52
C LEU H 71 46.25 -48.82 -31.77
N GLY H 72 46.06 -50.11 -32.09
CA GLY H 72 46.86 -51.20 -31.51
C GLY H 72 46.34 -52.03 -30.35
N ALA H 73 45.15 -51.74 -29.85
CA ALA H 73 44.62 -52.50 -28.71
C ALA H 73 43.94 -53.81 -29.12
N GLU H 74 43.96 -54.77 -28.18
CA GLU H 74 43.23 -56.03 -28.31
C GLU H 74 41.93 -55.72 -27.57
N ILE H 75 40.79 -56.14 -28.12
CA ILE H 75 39.50 -55.79 -27.52
C ILE H 75 38.58 -56.99 -27.22
N ARG H 76 37.86 -56.88 -26.10
CA ARG H 76 36.83 -57.84 -25.69
C ARG H 76 35.67 -56.94 -25.33
N TRP H 77 34.48 -57.22 -25.84
CA TRP H 77 33.35 -56.32 -25.61
C TRP H 77 32.01 -56.97 -25.31
N CYS H 78 31.19 -56.25 -24.54
CA CYS H 78 29.84 -56.69 -24.18
C CYS H 78 28.98 -55.44 -24.12
N SER H 79 27.67 -55.62 -24.18
CA SER H 79 26.75 -54.50 -24.14
C SER H 79 26.45 -54.17 -22.68
N CYS H 80 25.98 -52.96 -22.41
CA CYS H 80 25.66 -52.54 -21.02
C CYS H 80 24.15 -52.49 -20.75
N ASN H 81 23.37 -53.17 -21.60
CA ASN H 81 21.93 -53.23 -21.49
C ASN H 81 21.43 -54.42 -22.34
N ILE H 82 20.48 -55.18 -21.80
CA ILE H 82 19.95 -56.35 -22.48
C ILE H 82 19.22 -56.11 -23.80
N TYR H 83 18.71 -54.88 -24.04
CA TYR H 83 17.98 -54.57 -25.28
C TYR H 83 18.71 -53.66 -26.29
N SER H 84 19.82 -53.03 -25.89
CA SER H 84 20.49 -52.06 -26.76
C SER H 84 21.35 -52.58 -27.92
N THR H 85 21.82 -53.81 -27.85
CA THR H 85 22.68 -54.34 -28.92
C THR H 85 21.99 -54.37 -30.29
N GLN H 86 22.75 -54.05 -31.33
CA GLN H 86 22.29 -54.14 -32.70
C GLN H 86 23.08 -55.33 -33.25
N ASP H 87 22.37 -56.45 -33.47
CA ASP H 87 23.00 -57.69 -33.94
C ASP H 87 23.90 -57.56 -35.18
N HIS H 88 23.53 -56.69 -36.13
CA HIS H 88 24.37 -56.52 -37.33
C HIS H 88 25.70 -55.82 -36.99
N ALA H 89 25.69 -54.96 -35.97
CA ALA H 89 26.89 -54.25 -35.53
C ALA H 89 27.86 -55.22 -34.87
N ALA H 90 27.31 -56.12 -34.05
CA ALA H 90 28.10 -57.13 -33.36
C ALA H 90 28.73 -58.09 -34.35
N ALA H 91 27.93 -58.48 -35.34
CA ALA H 91 28.42 -59.39 -36.37
C ALA H 91 29.58 -58.78 -37.16
N ALA H 92 29.51 -57.48 -37.44
CA ALA H 92 30.58 -56.80 -38.19
C ALA H 92 31.92 -56.86 -37.47
N LEU H 93 31.89 -56.69 -36.16
CA LEU H 93 33.11 -56.75 -35.37
C LEU H 93 33.76 -58.14 -35.39
N VAL H 94 32.95 -59.20 -35.21
CA VAL H 94 33.56 -60.55 -35.21
C VAL H 94 33.96 -60.96 -36.63
N LYS H 95 33.23 -60.48 -37.65
CA LYS H 95 33.58 -60.81 -39.03
C LYS H 95 34.98 -60.34 -39.40
N LYS H 96 35.38 -59.17 -38.93
CA LYS H 96 36.71 -58.62 -39.22
C LYS H 96 37.77 -58.87 -38.18
N ASN H 97 37.47 -59.68 -37.17
CA ASN H 97 38.42 -59.95 -36.09
C ASN H 97 38.96 -58.70 -35.37
N ILE H 98 38.10 -57.69 -35.25
CA ILE H 98 38.46 -56.48 -34.55
C ILE H 98 38.43 -56.75 -33.04
N ALA H 99 37.42 -57.51 -32.62
CA ALA H 99 37.23 -57.82 -31.22
C ALA H 99 36.53 -59.16 -30.98
N THR H 100 36.52 -59.56 -29.72
CA THR H 100 35.83 -60.76 -29.28
C THR H 100 34.61 -60.19 -28.59
N VAL H 101 33.44 -60.55 -29.08
CA VAL H 101 32.18 -59.98 -28.60
C VAL H 101 31.26 -60.97 -27.90
N PHE H 102 30.60 -60.49 -26.85
CA PHE H 102 29.62 -61.26 -26.10
C PHE H 102 28.39 -60.36 -25.97
N ALA H 103 27.58 -60.34 -27.03
CA ALA H 103 26.40 -59.49 -27.04
C ALA H 103 25.39 -59.80 -28.13
N TRP H 104 24.12 -59.67 -27.77
CA TRP H 104 23.01 -59.86 -28.69
C TRP H 104 21.80 -59.10 -28.15
N LYS H 105 20.87 -58.75 -29.03
CA LYS H 105 19.68 -58.02 -28.62
C LYS H 105 18.74 -58.99 -27.90
N ASN H 106 18.10 -58.52 -26.83
CA ASN H 106 17.16 -59.33 -26.03
C ASN H 106 17.82 -60.45 -25.24
N GLU H 107 18.85 -60.09 -24.47
CA GLU H 107 19.53 -61.02 -23.60
C GLU H 107 18.65 -61.21 -22.38
N THR H 108 18.86 -62.32 -21.67
CA THR H 108 18.19 -62.53 -20.38
C THR H 108 19.11 -61.84 -19.37
N ILE H 109 18.59 -61.46 -18.22
CA ILE H 109 19.43 -60.81 -17.22
C ILE H 109 20.56 -61.76 -16.79
N GLU H 110 20.30 -63.07 -16.78
CA GLU H 110 21.31 -64.06 -16.43
C GLU H 110 22.49 -64.01 -17.42
N ASP H 111 22.16 -64.06 -18.71
CA ASP H 111 23.16 -64.02 -19.79
C ASP H 111 23.93 -62.69 -19.84
N TYR H 112 23.29 -61.59 -19.46
CA TYR H 112 23.93 -60.29 -19.44
C TYR H 112 25.19 -60.33 -18.55
N TRP H 113 25.07 -60.88 -17.35
CA TRP H 113 26.19 -60.96 -16.41
C TRP H 113 27.24 -62.01 -16.79
N VAL H 114 26.82 -63.04 -17.51
CA VAL H 114 27.77 -64.06 -17.99
C VAL H 114 28.61 -63.43 -19.11
N CYS H 115 27.97 -62.63 -19.96
CA CYS H 115 28.66 -61.94 -21.06
C CYS H 115 29.67 -60.94 -20.52
N LEU H 116 29.27 -60.17 -19.51
CA LEU H 116 30.15 -59.18 -18.89
C LEU H 116 31.36 -59.86 -18.27
N ASN H 117 31.12 -60.99 -17.59
CA ASN H 117 32.19 -61.75 -16.95
C ASN H 117 33.14 -62.32 -18.00
N ASP H 118 32.58 -62.80 -19.12
CA ASP H 118 33.39 -63.34 -20.22
C ASP H 118 34.27 -62.24 -20.79
N ALA H 119 33.68 -61.06 -21.00
CA ALA H 119 34.42 -59.92 -21.54
C ALA H 119 35.58 -59.52 -20.63
N MET H 120 35.38 -59.64 -19.33
CA MET H 120 36.42 -59.34 -18.34
C MET H 120 37.54 -60.43 -18.31
N THR H 121 37.28 -61.63 -18.82
CA THR H 121 38.26 -62.74 -18.81
C THR H 121 39.23 -62.73 -20.01
N TRP H 122 40.53 -62.72 -19.73
CA TRP H 122 41.59 -62.74 -20.75
C TRP H 122 42.52 -63.92 -20.52
N ARG H 123 43.16 -64.37 -21.60
CA ARG H 123 44.03 -65.54 -21.58
C ARG H 123 45.51 -65.12 -21.64
N ASN H 124 46.37 -65.94 -21.03
CA ASN H 124 47.83 -65.70 -21.02
C ASN H 124 48.47 -66.77 -20.12
N LYS H 130 46.88 -69.86 -17.96
CA LYS H 130 46.32 -69.13 -16.86
C LYS H 130 45.41 -67.97 -17.32
N ILE H 131 44.75 -67.35 -16.34
CA ILE H 131 43.79 -66.28 -16.53
C ILE H 131 44.31 -64.93 -15.97
N CYS H 132 43.90 -63.84 -16.62
CA CYS H 132 44.24 -62.49 -16.18
C CYS H 132 43.08 -61.57 -16.59
N GLY H 133 43.20 -60.27 -16.30
CA GLY H 133 42.16 -59.31 -16.64
C GLY H 133 42.60 -58.30 -17.67
N PRO H 134 41.79 -57.25 -17.87
CA PRO H 134 42.15 -56.22 -18.81
C PRO H 134 43.09 -55.19 -18.20
N ASN H 135 43.66 -54.36 -19.06
CA ASN H 135 44.53 -53.26 -18.67
C ASN H 135 43.69 -52.00 -18.49
N LEU H 136 42.71 -51.84 -19.38
CA LEU H 136 41.81 -50.69 -19.38
C LEU H 136 40.36 -51.14 -19.53
N ILE H 137 39.45 -50.31 -19.06
CA ILE H 137 38.01 -50.58 -19.15
C ILE H 137 37.25 -49.38 -19.70
N VAL H 138 36.36 -49.62 -20.66
CA VAL H 138 35.48 -48.58 -21.23
C VAL H 138 34.15 -48.96 -20.65
N ASP H 139 33.60 -48.11 -19.80
CA ASP H 139 32.38 -48.45 -19.11
C ASP H 139 31.28 -47.42 -19.32
N ASP H 140 30.03 -47.88 -19.31
CA ASP H 140 28.84 -47.05 -19.48
C ASP H 140 27.77 -47.55 -18.54
N GLY H 141 27.63 -46.90 -17.40
CA GLY H 141 26.67 -47.29 -16.38
C GLY H 141 27.34 -47.82 -15.12
N GLY H 142 28.63 -48.17 -15.24
CA GLY H 142 29.39 -48.68 -14.09
C GLY H 142 29.32 -50.16 -13.75
N ASP H 143 28.65 -50.98 -14.58
CA ASP H 143 28.55 -52.44 -14.33
C ASP H 143 29.90 -53.20 -14.37
N ALA H 144 30.77 -52.85 -15.32
CA ALA H 144 32.09 -53.48 -15.39
C ALA H 144 32.91 -53.10 -14.16
N THR H 145 32.78 -51.84 -13.75
CA THR H 145 33.48 -51.33 -12.57
C THR H 145 32.89 -51.99 -11.31
N LEU H 146 31.58 -52.22 -11.32
CA LEU H 146 30.91 -52.83 -10.17
C LEU H 146 31.31 -54.29 -9.97
N ILE H 147 31.28 -55.09 -11.03
CA ILE H 147 31.64 -56.51 -10.89
C ILE H 147 33.07 -56.67 -10.38
N LEU H 148 33.95 -55.75 -10.75
CA LEU H 148 35.34 -55.79 -10.30
C LEU H 148 35.42 -55.54 -8.81
N HIS H 149 34.79 -54.47 -8.34
CA HIS H 149 34.83 -54.08 -6.92
C HIS H 149 34.12 -55.05 -6.00
N GLU H 150 33.00 -55.58 -6.46
CA GLU H 150 32.21 -56.55 -5.71
C GLU H 150 32.89 -57.91 -5.71
N GLY H 151 33.68 -58.17 -6.76
CA GLY H 151 34.43 -59.40 -6.87
C GLY H 151 35.56 -59.40 -5.85
N VAL H 152 36.21 -58.25 -5.69
CA VAL H 152 37.29 -58.09 -4.72
C VAL H 152 36.71 -58.24 -3.31
N LYS H 153 35.57 -57.59 -3.04
CA LYS H 153 34.91 -57.69 -1.73
C LYS H 153 34.59 -59.13 -1.40
N ALA H 154 34.04 -59.85 -2.38
CA ALA H 154 33.67 -61.25 -2.24
C ALA H 154 34.87 -62.13 -1.92
N GLU H 155 36.02 -61.82 -2.49
CA GLU H 155 37.23 -62.60 -2.24
C GLU H 155 37.78 -62.32 -0.83
N ILE H 156 37.67 -61.08 -0.35
CA ILE H 156 38.10 -60.71 1.01
C ILE H 156 37.25 -61.47 2.02
N GLU H 157 35.94 -61.43 1.81
CA GLU H 157 34.98 -62.11 2.69
C GLU H 157 35.12 -63.65 2.62
N TYR H 158 35.60 -64.16 1.49
CA TYR H 158 35.78 -65.59 1.31
C TYR H 158 36.95 -66.06 2.15
N GLU H 159 38.09 -65.39 2.06
CA GLU H 159 39.27 -65.77 2.85
C GLU H 159 39.09 -65.61 4.35
N LYS H 160 38.37 -64.56 4.76
CA LYS H 160 38.12 -64.27 6.18
C LYS H 160 37.48 -65.46 6.92
N TYR H 161 36.35 -65.96 6.40
CA TYR H 161 35.64 -67.10 7.01
C TYR H 161 35.86 -68.46 6.30
N ASN H 162 36.64 -68.45 5.22
CA ASN H 162 36.96 -69.65 4.43
C ASN H 162 35.74 -70.43 3.91
N LYS H 163 34.72 -69.68 3.49
CA LYS H 163 33.49 -70.26 2.92
C LYS H 163 32.81 -69.21 2.03
N ILE H 164 31.87 -69.67 1.22
CA ILE H 164 31.12 -68.76 0.35
C ILE H 164 30.33 -67.81 1.25
N PRO H 165 30.52 -66.49 1.09
CA PRO H 165 29.79 -65.50 1.91
C PRO H 165 28.28 -65.65 1.80
N GLU H 166 27.59 -65.51 2.92
CA GLU H 166 26.13 -65.71 2.94
C GLU H 166 25.33 -64.67 2.17
N TYR H 167 25.87 -63.48 1.94
CA TYR H 167 25.12 -62.46 1.17
C TYR H 167 24.96 -62.85 -0.32
N LEU H 168 25.83 -63.73 -0.81
CA LEU H 168 25.80 -64.21 -2.21
C LEU H 168 24.81 -65.36 -2.44
N GLU H 169 24.51 -66.12 -1.39
CA GLU H 169 23.60 -67.28 -1.48
C GLU H 169 22.13 -66.94 -1.19
N THR H 170 21.88 -65.91 -0.38
CA THR H 170 20.53 -65.46 -0.02
C THR H 170 19.87 -64.79 -1.26
N GLU H 171 18.55 -64.88 -1.31
CA GLU H 171 17.77 -64.31 -2.39
C GLU H 171 17.07 -63.03 -1.89
N LEU H 172 17.42 -62.61 -0.68
CA LEU H 172 16.84 -61.43 -0.02
C LEU H 172 17.93 -60.43 0.35
N ASP H 173 17.57 -59.16 0.50
CA ASP H 173 18.52 -58.10 0.89
C ASP H 173 18.55 -57.99 2.42
N GLU H 174 19.19 -56.94 2.94
CA GLU H 174 19.33 -56.77 4.40
C GLU H 174 18.03 -56.44 5.15
N ASN H 175 16.96 -56.11 4.42
CA ASN H 175 15.66 -55.74 5.01
C ASN H 175 14.50 -56.72 4.72
N GLY H 176 14.79 -57.89 4.13
CA GLY H 176 13.76 -58.90 3.82
C GLY H 176 13.17 -58.81 2.41
N LYS H 177 13.45 -57.71 1.69
CA LYS H 177 12.98 -57.51 0.31
C LYS H 177 13.77 -58.34 -0.72
N GLN H 178 13.11 -58.70 -1.81
CA GLN H 178 13.77 -59.46 -2.87
C GLN H 178 14.90 -58.65 -3.51
N LEU H 179 16.03 -59.31 -3.75
CA LEU H 179 17.15 -58.66 -4.42
C LEU H 179 16.75 -58.43 -5.86
N SER H 180 17.30 -57.40 -6.49
CA SER H 180 17.01 -57.13 -7.88
C SER H 180 17.58 -58.27 -8.71
N MET H 181 16.96 -58.58 -9.86
CA MET H 181 17.50 -59.63 -10.74
C MET H 181 18.95 -59.39 -11.11
N ASP H 182 19.32 -58.14 -11.33
CA ASP H 182 20.70 -57.82 -11.67
C ASP H 182 21.67 -58.22 -10.54
N LEU H 183 21.27 -58.00 -9.29
CA LEU H 183 22.12 -58.40 -8.16
C LEU H 183 22.21 -59.92 -8.00
N LYS H 184 21.09 -60.63 -8.16
CA LYS H 184 21.09 -62.09 -8.03
C LYS H 184 21.99 -62.74 -9.07
N CYS H 185 21.83 -62.30 -10.32
CA CYS H 185 22.60 -62.83 -11.45
C CYS H 185 24.09 -62.49 -11.41
N MET H 186 24.43 -61.35 -10.80
CA MET H 186 25.84 -60.95 -10.66
C MET H 186 26.45 -61.82 -9.56
N TYR H 187 25.75 -61.91 -8.43
CA TYR H 187 26.14 -62.72 -7.27
C TYR H 187 26.33 -64.18 -7.67
N LYS H 188 25.47 -64.66 -8.56
CA LYS H 188 25.55 -66.01 -9.05
C LYS H 188 26.85 -66.21 -9.82
N VAL H 189 27.26 -65.20 -10.60
CA VAL H 189 28.52 -65.24 -11.36
C VAL H 189 29.74 -65.15 -10.41
N LEU H 190 29.67 -64.26 -9.42
CA LEU H 190 30.75 -64.12 -8.43
C LEU H 190 30.96 -65.39 -7.63
N LYS H 191 29.85 -66.08 -7.33
CA LYS H 191 29.90 -67.33 -6.58
C LYS H 191 30.60 -68.43 -7.40
N MET H 192 30.25 -68.55 -8.68
CA MET H 192 30.88 -69.58 -9.55
C MET H 192 32.38 -69.29 -9.67
N GLU H 193 32.77 -68.01 -9.71
CA GLU H 193 34.19 -67.62 -9.81
C GLU H 193 34.99 -67.84 -8.54
N LEU H 194 34.32 -67.83 -7.37
CA LEU H 194 35.01 -68.10 -6.10
C LEU H 194 35.36 -69.60 -6.02
N LEU H 195 34.54 -70.43 -6.64
CA LEU H 195 34.77 -71.88 -6.68
C LEU H 195 35.90 -72.23 -7.67
N LYS H 196 36.05 -71.46 -8.75
CA LYS H 196 37.13 -71.72 -9.72
C LYS H 196 38.45 -71.18 -9.22
N ASN H 197 38.44 -69.91 -8.80
CA ASN H 197 39.64 -69.24 -8.34
C ASN H 197 39.32 -68.05 -7.43
N PRO H 198 39.57 -68.18 -6.11
CA PRO H 198 39.29 -67.06 -5.19
C PRO H 198 40.30 -65.89 -5.20
N PHE H 199 41.27 -65.91 -6.13
CA PHE H 199 42.25 -64.80 -6.29
C PHE H 199 42.09 -64.12 -7.68
N ARG H 200 41.05 -64.52 -8.44
CA ARG H 200 40.80 -63.97 -9.77
C ARG H 200 40.75 -62.45 -9.86
N TRP H 201 39.82 -61.85 -9.12
CA TRP H 201 39.59 -60.39 -9.14
C TRP H 201 40.77 -59.56 -8.61
N ARG H 202 41.34 -59.96 -7.47
CA ARG H 202 42.49 -59.25 -6.92
C ARG H 202 43.71 -59.42 -7.83
N GLY H 203 43.75 -60.51 -8.59
CA GLY H 203 44.83 -60.77 -9.54
C GLY H 203 44.80 -59.77 -10.68
N MET H 204 43.59 -59.36 -11.10
CA MET H 204 43.41 -58.36 -12.18
C MET H 204 43.92 -56.98 -11.81
N LEU H 205 43.87 -56.64 -10.53
CA LEU H 205 44.31 -55.33 -10.06
C LEU H 205 45.76 -55.00 -10.41
N LYS H 206 46.63 -56.01 -10.40
CA LYS H 206 48.04 -55.77 -10.72
C LYS H 206 48.20 -55.03 -12.07
N ASP H 207 47.45 -55.47 -13.08
CA ASP H 207 47.56 -54.88 -14.42
C ASP H 207 46.50 -53.84 -14.81
N LEU H 208 45.57 -53.49 -13.92
CA LEU H 208 44.54 -52.47 -14.24
C LEU H 208 45.08 -51.05 -14.12
N TYR H 209 44.99 -50.29 -15.22
CA TYR H 209 45.47 -48.92 -15.24
C TYR H 209 44.38 -47.85 -15.28
N GLY H 210 43.12 -48.25 -15.41
CA GLY H 210 42.00 -47.29 -15.39
C GLY H 210 40.69 -47.59 -16.13
N VAL H 211 39.70 -46.72 -15.89
CA VAL H 211 38.37 -46.81 -16.52
C VAL H 211 37.91 -45.44 -17.00
N SER H 212 37.23 -45.44 -18.15
CA SER H 212 36.61 -44.27 -18.73
C SER H 212 35.13 -44.48 -18.52
N GLU H 213 34.45 -43.59 -17.81
CA GLU H 213 33.00 -43.73 -17.57
C GLU H 213 32.22 -42.77 -18.47
N GLU H 214 31.27 -43.34 -19.21
CA GLU H 214 30.46 -42.64 -20.22
C GLU H 214 29.22 -41.86 -19.77
N THR H 215 28.49 -42.32 -18.76
CA THR H 215 27.25 -41.65 -18.36
C THR H 215 27.13 -41.15 -16.90
N THR H 216 26.20 -40.22 -16.71
CA THR H 216 25.95 -39.56 -15.44
C THR H 216 25.81 -40.52 -14.27
N THR H 217 24.99 -41.55 -14.45
CA THR H 217 24.76 -42.55 -13.40
C THR H 217 26.01 -43.31 -12.98
N GLY H 218 26.85 -43.67 -13.94
CA GLY H 218 28.09 -44.37 -13.65
C GLY H 218 29.10 -43.50 -12.92
N VAL H 219 29.08 -42.20 -13.23
CA VAL H 219 29.98 -41.22 -12.60
C VAL H 219 29.58 -41.06 -11.15
N LEU H 220 28.27 -41.09 -10.89
CA LEU H 220 27.78 -40.99 -9.52
C LEU H 220 28.34 -42.15 -8.69
N ARG H 221 28.32 -43.35 -9.26
CA ARG H 221 28.83 -44.53 -8.57
C ARG H 221 30.34 -44.43 -8.35
N LEU H 222 31.06 -43.79 -9.28
CA LEU H 222 32.51 -43.60 -9.13
C LEU H 222 32.83 -42.60 -8.02
N LYS H 223 32.05 -41.52 -7.94
CA LYS H 223 32.26 -40.49 -6.92
C LYS H 223 31.97 -41.00 -5.51
N ILE H 224 31.01 -41.91 -5.39
CA ILE H 224 30.67 -42.52 -4.09
C ILE H 224 31.87 -43.38 -3.63
N MET H 225 32.45 -44.17 -4.54
CA MET H 225 33.63 -44.98 -4.21
C MET H 225 34.86 -44.12 -3.88
N GLU H 226 34.98 -42.98 -4.55
CA GLU H 226 36.10 -42.07 -4.31
C GLU H 226 36.04 -41.51 -2.88
N SER H 227 34.85 -41.07 -2.46
CA SER H 227 34.66 -40.50 -1.11
C SER H 227 34.95 -41.50 -0.02
N GLU H 228 34.43 -42.70 -0.19
CA GLU H 228 34.65 -43.78 0.77
C GLU H 228 36.06 -44.40 0.72
N GLY H 229 36.89 -44.02 -0.24
CA GLY H 229 38.26 -44.54 -0.38
C GLY H 229 38.28 -45.98 -0.86
N LYS H 230 37.24 -46.38 -1.61
CA LYS H 230 37.09 -47.73 -2.13
C LYS H 230 37.38 -47.87 -3.63
N LEU H 231 37.72 -46.78 -4.31
CA LEU H 231 38.02 -46.84 -5.75
C LEU H 231 39.38 -47.50 -5.94
N LEU H 232 39.37 -48.63 -6.65
CA LEU H 232 40.56 -49.48 -6.85
C LEU H 232 41.37 -49.25 -8.15
N LEU H 233 41.04 -48.23 -8.92
CA LEU H 233 41.79 -47.91 -10.14
C LEU H 233 41.52 -46.47 -10.58
N PRO H 234 42.45 -45.86 -11.34
CA PRO H 234 42.20 -44.49 -11.79
C PRO H 234 40.96 -44.43 -12.68
N ALA H 235 40.31 -43.28 -12.72
CA ALA H 235 39.11 -43.14 -13.53
C ALA H 235 39.03 -41.78 -14.19
N ILE H 236 38.43 -41.77 -15.37
CA ILE H 236 38.21 -40.55 -16.12
C ILE H 236 36.71 -40.43 -16.38
N ASN H 237 36.17 -39.30 -15.95
CA ASN H 237 34.76 -38.97 -16.11
C ASN H 237 34.64 -38.35 -17.51
N VAL H 238 34.20 -39.16 -18.46
CA VAL H 238 34.02 -38.72 -19.83
C VAL H 238 32.71 -37.95 -19.97
N ASN H 239 31.69 -38.36 -19.20
CA ASN H 239 30.37 -37.73 -19.26
C ASN H 239 30.37 -36.22 -19.06
N ASP H 240 31.28 -35.71 -18.23
CA ASP H 240 31.29 -34.27 -17.95
C ASP H 240 32.16 -33.39 -18.83
N SER H 241 32.64 -33.96 -19.95
CA SER H 241 33.33 -33.15 -20.95
C SER H 241 32.20 -32.31 -21.55
N VAL H 242 32.50 -31.07 -21.93
CA VAL H 242 31.46 -30.21 -22.52
C VAL H 242 30.95 -30.85 -23.79
N THR H 243 31.85 -31.39 -24.60
CA THR H 243 31.49 -32.06 -25.86
C THR H 243 30.77 -33.42 -25.71
N LYS H 244 30.39 -33.77 -24.48
CA LYS H 244 29.65 -34.98 -24.23
C LYS H 244 28.33 -34.55 -23.57
N SER H 245 28.37 -34.05 -22.33
CA SER H 245 27.14 -33.66 -21.60
C SER H 245 26.25 -32.63 -22.31
N LYS H 246 26.84 -31.61 -22.93
CA LYS H 246 26.03 -30.59 -23.62
C LYS H 246 25.51 -30.98 -25.00
N PHE H 247 25.98 -32.10 -25.55
CA PHE H 247 25.58 -32.57 -26.89
C PHE H 247 24.87 -33.93 -26.87
N ASP H 248 25.59 -34.97 -26.47
CA ASP H 248 25.03 -36.32 -26.35
C ASP H 248 23.79 -36.31 -25.46
N ASN H 249 23.95 -35.94 -24.21
CA ASN H 249 22.82 -35.96 -23.27
C ASN H 249 21.61 -35.17 -23.71
N THR H 250 21.85 -33.96 -24.22
CA THR H 250 20.77 -33.09 -24.63
C THR H 250 20.28 -33.31 -26.05
N TYR H 251 21.10 -32.91 -27.03
CA TYR H 251 20.72 -33.05 -28.45
C TYR H 251 20.56 -34.49 -28.95
N GLY H 252 21.30 -35.43 -28.36
CA GLY H 252 21.17 -36.82 -28.72
C GLY H 252 19.76 -37.28 -28.39
N CYS H 253 19.34 -37.09 -27.14
CA CYS H 253 17.97 -37.46 -26.72
C CYS H 253 16.84 -36.73 -27.47
N ARG H 254 17.07 -35.49 -27.90
CA ARG H 254 16.03 -34.75 -28.61
C ARG H 254 15.52 -35.55 -29.81
N GLN H 255 16.44 -36.25 -30.49
CA GLN H 255 16.09 -37.08 -31.64
C GLN H 255 15.78 -38.52 -31.22
N SER H 256 16.67 -39.04 -30.42
CA SER H 256 16.65 -40.40 -29.91
C SER H 256 15.38 -40.78 -29.13
N LEU H 257 14.86 -39.88 -28.31
CA LEU H 257 13.64 -40.18 -27.54
C LEU H 257 12.46 -40.31 -28.51
N LEU H 258 12.34 -39.35 -29.42
CA LEU H 258 11.28 -39.36 -30.40
C LEU H 258 11.30 -40.65 -31.22
N HIS H 259 12.50 -41.08 -31.61
CA HIS H 259 12.62 -42.28 -32.39
C HIS H 259 12.04 -43.46 -31.57
N GLY H 260 12.46 -43.57 -30.30
CA GLY H 260 11.98 -44.61 -29.41
C GLY H 260 10.46 -44.57 -29.21
N LEU H 261 9.90 -43.39 -28.97
CA LEU H 261 8.45 -43.26 -28.80
C LEU H 261 7.72 -43.58 -30.08
N PHE H 262 8.17 -43.04 -31.23
CA PHE H 262 7.51 -43.36 -32.47
C PHE H 262 7.45 -44.87 -32.74
N ASN H 263 8.51 -45.61 -32.39
CA ASN H 263 8.54 -47.06 -32.59
C ASN H 263 7.71 -47.86 -31.57
N GLY H 264 7.77 -47.50 -30.30
CA GLY H 264 7.02 -48.21 -29.25
C GLY H 264 5.58 -47.78 -28.98
N CYS H 265 5.30 -46.49 -29.19
CA CYS H 265 3.99 -45.88 -28.96
C CYS H 265 3.36 -45.55 -30.29
N ILE H 266 2.20 -46.13 -30.55
CA ILE H 266 1.52 -45.87 -31.84
C ILE H 266 0.80 -44.53 -31.90
N GLN H 267 0.55 -43.91 -30.76
CA GLN H 267 -0.20 -42.65 -30.71
C GLN H 267 0.53 -41.43 -31.17
N MET H 268 -0.27 -40.41 -31.50
CA MET H 268 0.21 -39.11 -31.94
C MET H 268 0.62 -38.33 -30.71
N LEU H 269 1.78 -37.67 -30.78
CA LEU H 269 2.25 -36.91 -29.65
C LEU H 269 1.66 -35.50 -29.58
N ALA H 270 1.30 -34.94 -30.73
CA ALA H 270 0.77 -33.57 -30.74
C ALA H 270 -0.48 -33.41 -29.88
N GLY H 271 -0.47 -32.36 -29.06
CA GLY H 271 -1.57 -32.03 -28.19
C GLY H 271 -1.68 -32.83 -26.90
N LYS H 272 -0.92 -33.91 -26.78
CA LYS H 272 -0.93 -34.72 -25.57
C LYS H 272 -0.16 -34.04 -24.44
N LYS H 273 -0.56 -34.34 -23.21
CA LYS H 273 0.13 -33.81 -22.04
C LYS H 273 1.18 -34.88 -21.78
N ILE H 274 2.45 -34.53 -21.96
CA ILE H 274 3.53 -35.47 -21.72
C ILE H 274 4.35 -34.97 -20.54
N VAL H 275 4.43 -35.78 -19.50
CA VAL H 275 5.20 -35.42 -18.31
C VAL H 275 6.65 -35.90 -18.43
N VAL H 276 7.59 -34.96 -18.35
CA VAL H 276 9.01 -35.29 -18.36
C VAL H 276 9.45 -35.09 -16.91
N LEU H 277 9.81 -36.19 -16.26
CA LEU H 277 10.24 -36.15 -14.87
C LEU H 277 11.76 -36.02 -14.88
N GLY H 278 12.23 -34.83 -14.50
CA GLY H 278 13.65 -34.51 -14.47
C GLY H 278 13.92 -33.59 -15.63
N TYR H 279 14.48 -32.42 -15.34
CA TYR H 279 14.77 -31.42 -16.37
C TYR H 279 16.26 -31.03 -16.28
N GLY H 280 17.09 -32.06 -16.35
CA GLY H 280 18.54 -31.93 -16.34
C GLY H 280 19.00 -31.93 -17.78
N GLU H 281 20.23 -32.37 -18.03
CA GLU H 281 20.78 -32.41 -19.37
C GLU H 281 19.87 -33.19 -20.34
N VAL H 282 19.44 -34.39 -19.91
CA VAL H 282 18.58 -35.28 -20.71
C VAL H 282 17.16 -34.76 -20.82
N GLY H 283 16.58 -34.38 -19.70
CA GLY H 283 15.22 -33.84 -19.68
C GLY H 283 15.03 -32.65 -20.59
N LYS H 284 16.01 -31.75 -20.60
CA LYS H 284 15.97 -30.56 -21.46
C LYS H 284 15.81 -30.96 -22.92
N GLY H 285 16.60 -31.93 -23.36
CA GLY H 285 16.53 -32.43 -24.74
C GLY H 285 15.22 -33.12 -25.06
N CYS H 286 14.75 -33.95 -24.13
CA CYS H 286 13.51 -34.66 -24.31
C CYS H 286 12.39 -33.65 -24.52
N ALA H 287 12.37 -32.62 -23.68
CA ALA H 287 11.35 -31.58 -23.78
C ALA H 287 11.40 -30.85 -25.12
N GLN H 288 12.60 -30.50 -25.60
CA GLN H 288 12.71 -29.84 -26.90
C GLN H 288 12.10 -30.64 -28.04
N GLY H 289 12.39 -31.94 -28.06
CA GLY H 289 11.90 -32.82 -29.12
C GLY H 289 10.40 -32.98 -29.08
N LEU H 290 9.89 -33.23 -27.89
CA LEU H 290 8.45 -33.37 -27.68
C LEU H 290 7.69 -32.10 -28.11
N SER H 291 8.19 -30.93 -27.72
CA SER H 291 7.59 -29.66 -28.12
C SER H 291 7.64 -29.51 -29.62
N GLY H 292 8.76 -29.94 -30.20
CA GLY H 292 8.98 -29.85 -31.63
C GLY H 292 7.91 -30.51 -32.47
N VAL H 293 7.26 -31.53 -31.92
CA VAL H 293 6.21 -32.26 -32.65
C VAL H 293 4.82 -32.01 -32.05
N GLY H 294 4.65 -30.86 -31.39
CA GLY H 294 3.37 -30.42 -30.86
C GLY H 294 2.87 -30.87 -29.50
N ALA H 295 3.68 -31.57 -28.74
CA ALA H 295 3.24 -32.04 -27.41
C ALA H 295 3.21 -30.89 -26.41
N ARG H 296 2.48 -31.08 -25.32
CA ARG H 296 2.41 -30.09 -24.26
C ARG H 296 3.16 -30.71 -23.11
N VAL H 297 4.39 -30.25 -22.90
CA VAL H 297 5.25 -30.81 -21.88
C VAL H 297 4.97 -30.25 -20.51
N ILE H 298 4.81 -31.15 -19.54
CA ILE H 298 4.67 -30.81 -18.13
C ILE H 298 5.99 -31.35 -17.52
N VAL H 299 6.66 -30.54 -16.68
CA VAL H 299 7.91 -30.95 -16.04
C VAL H 299 7.76 -31.17 -14.55
N THR H 300 8.51 -32.15 -14.05
CA THR H 300 8.54 -32.52 -12.64
C THR H 300 9.99 -32.31 -12.31
N GLU H 301 10.29 -31.71 -11.16
CA GLU H 301 11.67 -31.47 -10.80
C GLU H 301 11.82 -31.16 -9.31
N ILE H 302 12.97 -31.50 -8.75
CA ILE H 302 13.30 -31.26 -7.32
C ILE H 302 14.24 -30.07 -7.10
N ASP H 303 14.94 -29.71 -8.17
CA ASP H 303 15.91 -28.62 -8.15
C ASP H 303 15.24 -27.30 -8.53
N PRO H 304 15.24 -26.32 -7.63
CA PRO H 304 14.59 -25.04 -7.94
C PRO H 304 15.18 -24.30 -9.13
N ILE H 305 16.48 -24.48 -9.39
CA ILE H 305 17.12 -23.82 -10.52
C ILE H 305 16.64 -24.47 -11.82
N CYS H 306 16.64 -25.80 -11.86
CA CYS H 306 16.18 -26.50 -13.06
C CYS H 306 14.70 -26.25 -13.29
N ALA H 307 13.92 -26.17 -12.20
CA ALA H 307 12.48 -25.89 -12.31
C ALA H 307 12.24 -24.53 -12.97
N LEU H 308 13.00 -23.51 -12.57
CA LEU H 308 12.89 -22.19 -13.18
C LEU H 308 13.31 -22.19 -14.65
N GLN H 309 14.29 -23.01 -15.00
CA GLN H 309 14.72 -23.10 -16.40
C GLN H 309 13.57 -23.60 -17.25
N ALA H 310 12.85 -24.60 -16.74
CA ALA H 310 11.69 -25.17 -17.44
C ALA H 310 10.61 -24.08 -17.65
N SER H 311 10.32 -23.29 -16.62
CA SER H 311 9.33 -22.19 -16.78
C SER H 311 9.68 -21.22 -17.87
N MET H 312 10.96 -20.84 -17.94
CA MET H 312 11.45 -19.91 -18.93
C MET H 312 11.30 -20.42 -20.35
N GLU H 313 11.19 -21.74 -20.51
CA GLU H 313 10.98 -22.35 -21.84
C GLU H 313 9.48 -22.59 -22.09
N GLY H 314 8.62 -22.02 -21.26
CA GLY H 314 7.16 -22.14 -21.40
C GLY H 314 6.52 -23.40 -20.87
N TYR H 315 7.24 -24.18 -20.06
CA TYR H 315 6.67 -25.42 -19.54
C TYR H 315 6.12 -25.26 -18.13
N GLN H 316 5.00 -25.92 -17.91
CA GLN H 316 4.37 -26.00 -16.61
C GLN H 316 5.20 -26.94 -15.73
N VAL H 317 5.40 -26.57 -14.47
CA VAL H 317 6.17 -27.40 -13.54
C VAL H 317 5.23 -27.82 -12.41
N SER H 318 5.02 -29.13 -12.30
CA SER H 318 4.11 -29.70 -11.31
C SER H 318 4.65 -30.91 -10.60
N VAL H 319 3.98 -31.26 -9.51
CA VAL H 319 4.29 -32.44 -8.74
C VAL H 319 3.49 -33.53 -9.44
N LEU H 320 4.07 -34.72 -9.59
CA LEU H 320 3.40 -35.84 -10.29
C LEU H 320 1.98 -36.14 -9.79
N GLU H 321 1.78 -36.09 -8.48
CA GLU H 321 0.46 -36.35 -7.88
C GLU H 321 -0.68 -35.51 -8.48
N ASP H 322 -0.39 -34.26 -8.82
CA ASP H 322 -1.39 -33.31 -9.34
C ASP H 322 -1.69 -33.49 -10.83
N VAL H 323 -0.83 -34.19 -11.56
CA VAL H 323 -1.02 -34.42 -13.00
C VAL H 323 -1.12 -35.89 -13.44
N VAL H 324 -0.89 -36.84 -12.55
CA VAL H 324 -0.92 -38.27 -12.92
C VAL H 324 -2.22 -38.80 -13.52
N SER H 325 -3.37 -38.31 -13.07
CA SER H 325 -4.65 -38.81 -13.60
C SER H 325 -5.00 -38.27 -14.98
N GLU H 326 -4.48 -37.11 -15.34
CA GLU H 326 -4.82 -36.44 -16.60
C GLU H 326 -3.78 -36.56 -17.70
N ALA H 327 -2.52 -36.73 -17.35
CA ALA H 327 -1.47 -36.81 -18.38
C ALA H 327 -1.60 -38.08 -19.20
N ASP H 328 -1.11 -38.00 -20.43
CA ASP H 328 -1.19 -39.08 -21.41
C ASP H 328 0.06 -39.98 -21.51
N ILE H 329 1.24 -39.38 -21.42
CA ILE H 329 2.51 -40.10 -21.51
C ILE H 329 3.47 -39.64 -20.42
N PHE H 330 4.25 -40.57 -19.88
CA PHE H 330 5.20 -40.28 -18.79
C PHE H 330 6.61 -40.75 -19.18
N ILE H 331 7.58 -39.82 -19.12
CA ILE H 331 8.97 -40.08 -19.47
C ILE H 331 9.85 -39.76 -18.29
N THR H 332 10.51 -40.78 -17.72
CA THR H 332 11.42 -40.55 -16.58
C THR H 332 12.86 -40.29 -17.05
N ALA H 333 13.45 -39.20 -16.57
CA ALA H 333 14.82 -38.81 -16.94
C ALA H 333 15.53 -38.20 -15.72
N THR H 334 15.40 -38.86 -14.58
CA THR H 334 15.95 -38.39 -13.32
C THR H 334 17.27 -39.01 -12.86
N GLY H 335 17.53 -40.25 -13.27
CA GLY H 335 18.69 -40.98 -12.78
C GLY H 335 18.44 -41.36 -11.32
N ASN H 336 17.16 -41.33 -10.91
CA ASN H 336 16.78 -41.62 -9.53
C ASN H 336 16.02 -42.94 -9.43
N LYS H 337 15.32 -43.15 -8.31
CA LYS H 337 14.63 -44.39 -8.01
C LYS H 337 13.21 -44.15 -7.53
N ASP H 338 12.30 -45.03 -7.96
CA ASP H 338 10.88 -44.97 -7.56
C ASP H 338 10.24 -43.60 -7.79
N VAL H 339 10.37 -43.13 -9.02
CA VAL H 339 9.83 -41.86 -9.46
C VAL H 339 8.39 -42.06 -9.95
N ILE H 340 8.14 -43.24 -10.53
CA ILE H 340 6.80 -43.69 -10.95
C ILE H 340 6.58 -44.98 -10.11
N THR H 341 5.61 -44.95 -9.18
CA THR H 341 5.29 -46.08 -8.29
C THR H 341 4.06 -46.80 -8.81
N VAL H 342 3.72 -47.96 -8.23
CA VAL H 342 2.51 -48.69 -8.66
C VAL H 342 1.29 -47.87 -8.24
N GLU H 343 1.36 -47.18 -7.09
CA GLU H 343 0.24 -46.33 -6.66
C GLU H 343 0.01 -45.20 -7.66
N HIS H 344 1.06 -44.74 -8.33
CA HIS H 344 0.91 -43.71 -9.38
C HIS H 344 0.23 -44.34 -10.59
N MET H 345 0.74 -45.49 -11.04
CA MET H 345 0.20 -46.17 -12.24
C MET H 345 -1.30 -46.56 -12.14
N ARG H 346 -1.79 -46.81 -10.92
CA ARG H 346 -3.20 -47.17 -10.73
C ARG H 346 -4.12 -45.98 -10.92
N LYS H 347 -3.59 -44.78 -10.69
CA LYS H 347 -4.36 -43.54 -10.87
C LYS H 347 -4.31 -43.04 -12.34
N MET H 348 -3.44 -43.61 -13.16
CA MET H 348 -3.32 -43.20 -14.56
C MET H 348 -4.54 -43.58 -15.36
N LYS H 349 -4.68 -42.95 -16.52
CA LYS H 349 -5.83 -43.22 -17.35
C LYS H 349 -5.60 -44.31 -18.36
N GLU H 350 -6.71 -44.80 -18.91
CA GLU H 350 -6.70 -45.90 -19.87
C GLU H 350 -5.66 -45.70 -20.97
N ASN H 351 -4.83 -46.73 -21.13
CA ASN H 351 -3.77 -46.76 -22.14
C ASN H 351 -2.74 -45.63 -22.08
N ALA H 352 -2.40 -45.25 -20.87
CA ALA H 352 -1.39 -44.23 -20.66
C ALA H 352 -0.07 -44.94 -20.93
N TYR H 353 0.85 -44.26 -21.64
CA TYR H 353 2.16 -44.82 -21.95
C TYR H 353 3.22 -44.37 -20.93
N ILE H 354 4.09 -45.29 -20.56
CA ILE H 354 5.13 -45.04 -19.57
C ILE H 354 6.46 -45.49 -20.15
N ALA H 355 7.47 -44.63 -20.08
CA ALA H 355 8.79 -44.95 -20.60
C ALA H 355 9.88 -44.31 -19.77
N ASN H 356 11.09 -44.87 -19.88
CA ASN H 356 12.25 -44.41 -19.15
C ASN H 356 13.43 -44.16 -20.08
N ILE H 357 14.14 -43.06 -19.83
CA ILE H 357 15.31 -42.72 -20.61
C ILE H 357 16.56 -42.52 -19.72
N GLY H 358 16.43 -42.72 -18.40
CA GLY H 358 17.58 -42.65 -17.46
C GLY H 358 18.28 -43.99 -17.57
N HIS H 359 19.51 -44.12 -17.09
CA HIS H 359 20.25 -45.40 -17.34
C HIS H 359 19.66 -46.76 -16.86
N PHE H 360 19.10 -46.84 -15.64
CA PHE H 360 18.58 -48.15 -15.16
C PHE H 360 17.08 -48.19 -15.09
N ASP H 361 16.54 -49.38 -14.85
CA ASP H 361 15.07 -49.61 -14.72
C ASP H 361 14.46 -49.33 -13.32
N ASP H 362 15.20 -48.70 -12.42
CA ASP H 362 14.71 -48.38 -11.07
C ASP H 362 13.75 -47.21 -11.04
N GLU H 363 13.84 -46.32 -12.02
CA GLU H 363 13.00 -45.10 -12.06
C GLU H 363 11.53 -45.41 -12.02
N ILE H 364 11.15 -46.53 -12.63
CA ILE H 364 9.79 -46.99 -12.66
C ILE H 364 9.78 -48.28 -11.87
N ASP H 365 8.79 -48.46 -10.99
CA ASP H 365 8.71 -49.69 -10.20
C ASP H 365 8.13 -50.81 -11.07
N VAL H 366 8.97 -51.28 -11.99
CA VAL H 366 8.58 -52.37 -12.89
C VAL H 366 8.36 -53.68 -12.13
N TYR H 367 9.23 -53.99 -11.16
CA TYR H 367 9.09 -55.22 -10.37
C TYR H 367 7.72 -55.25 -9.68
N GLY H 368 7.35 -54.14 -9.06
CA GLY H 368 6.06 -54.01 -8.38
C GLY H 368 4.88 -54.18 -9.31
N LEU H 369 5.01 -53.66 -10.54
CA LEU H 369 3.95 -53.76 -11.54
C LEU H 369 3.78 -55.20 -12.02
N GLU H 370 4.88 -55.87 -12.37
CA GLU H 370 4.80 -57.26 -12.89
C GLU H 370 4.31 -58.24 -11.84
N ASN H 371 4.66 -57.98 -10.58
CA ASN H 371 4.27 -58.83 -9.46
C ASN H 371 3.02 -58.39 -8.70
N TYR H 372 2.27 -57.43 -9.25
CA TYR H 372 1.05 -56.96 -8.59
C TYR H 372 0.05 -58.13 -8.56
N PRO H 373 -0.64 -58.34 -7.41
CA PRO H 373 -1.60 -59.45 -7.31
C PRO H 373 -2.71 -59.48 -8.36
N GLY H 374 -2.77 -60.57 -9.12
CA GLY H 374 -3.79 -60.77 -10.16
C GLY H 374 -3.74 -59.85 -11.36
N ILE H 375 -2.56 -59.29 -11.66
CA ILE H 375 -2.44 -58.40 -12.79
C ILE H 375 -2.31 -59.21 -14.06
N LYS H 376 -2.84 -58.67 -15.15
CA LYS H 376 -2.75 -59.31 -16.46
C LYS H 376 -1.83 -58.54 -17.37
N VAL H 377 -0.92 -59.26 -18.01
CA VAL H 377 0.06 -58.65 -18.91
C VAL H 377 -0.04 -59.27 -20.28
N ILE H 378 0.16 -58.45 -21.31
CA ILE H 378 0.13 -58.92 -22.68
C ILE H 378 1.13 -58.16 -23.52
N GLU H 379 1.73 -58.87 -24.48
CA GLU H 379 2.73 -58.29 -25.35
C GLU H 379 2.04 -57.61 -26.52
N VAL H 380 2.12 -56.29 -26.57
CA VAL H 380 1.53 -55.51 -27.66
C VAL H 380 2.37 -55.67 -28.92
N LYS H 381 3.70 -55.72 -28.73
CA LYS H 381 4.67 -55.91 -29.81
C LYS H 381 6.06 -56.15 -29.22
N GLN H 382 7.08 -56.17 -30.08
CA GLN H 382 8.47 -56.38 -29.60
C GLN H 382 8.83 -55.37 -28.54
N ASN H 383 8.97 -55.87 -27.31
CA ASN H 383 9.36 -55.04 -26.16
C ASN H 383 8.38 -53.93 -25.77
N VAL H 384 7.08 -54.21 -25.85
CA VAL H 384 6.05 -53.25 -25.44
C VAL H 384 4.97 -54.10 -24.78
N HIS H 385 4.68 -53.82 -23.53
CA HIS H 385 3.71 -54.60 -22.77
C HIS H 385 2.62 -53.76 -22.15
N LYS H 386 1.40 -54.29 -22.21
CA LYS H 386 0.22 -53.67 -21.66
C LYS H 386 -0.17 -54.41 -20.37
N PHE H 387 -0.21 -53.68 -19.25
CA PHE H 387 -0.56 -54.26 -17.95
C PHE H 387 -1.94 -53.78 -17.55
N THR H 388 -2.80 -54.71 -17.15
CA THR H 388 -4.18 -54.39 -16.77
C THR H 388 -4.44 -54.76 -15.30
N PHE H 389 -4.82 -53.79 -14.48
CA PHE H 389 -5.14 -54.04 -13.07
C PHE H 389 -6.51 -54.73 -12.95
N PRO H 390 -6.63 -55.69 -12.04
CA PRO H 390 -7.88 -56.45 -11.90
C PRO H 390 -9.08 -55.71 -11.26
N ASP H 391 -8.84 -54.79 -10.35
CA ASP H 391 -9.94 -54.08 -9.69
C ASP H 391 -10.59 -52.96 -10.53
N THR H 392 -9.78 -52.11 -11.14
CA THR H 392 -10.28 -51.01 -11.95
C THR H 392 -10.49 -51.38 -13.42
N GLN H 393 -9.88 -52.50 -13.84
CA GLN H 393 -9.89 -52.96 -15.24
C GLN H 393 -9.15 -52.00 -16.22
N LYS H 394 -8.45 -51.00 -15.68
CA LYS H 394 -7.71 -50.05 -16.49
C LYS H 394 -6.32 -50.58 -16.82
N SER H 395 -5.76 -50.12 -17.93
CA SER H 395 -4.43 -50.56 -18.38
C SER H 395 -3.42 -49.43 -18.60
N VAL H 396 -2.15 -49.81 -18.56
CA VAL H 396 -1.02 -48.90 -18.82
C VAL H 396 -0.06 -49.64 -19.75
N ILE H 397 0.50 -48.94 -20.73
CA ILE H 397 1.45 -49.54 -21.66
C ILE H 397 2.86 -49.14 -21.23
N LEU H 398 3.71 -50.13 -21.02
CA LEU H 398 5.10 -49.88 -20.59
C LEU H 398 6.03 -50.19 -21.77
N LEU H 399 6.98 -49.30 -22.05
CA LEU H 399 7.93 -49.51 -23.13
C LEU H 399 9.20 -50.20 -22.62
N CYS H 400 9.54 -51.30 -23.30
CA CYS H 400 10.68 -52.18 -23.00
C CYS H 400 11.05 -52.32 -21.52
N LYS H 401 10.07 -52.80 -20.75
CA LYS H 401 10.23 -53.09 -19.33
C LYS H 401 10.94 -52.02 -18.52
N GLY H 402 10.62 -50.77 -18.80
CA GLY H 402 11.23 -49.65 -18.08
C GLY H 402 12.72 -49.38 -18.28
N ARG H 403 13.30 -49.96 -19.33
CA ARG H 403 14.71 -49.74 -19.66
C ARG H 403 14.83 -48.70 -20.76
N LEU H 404 16.02 -48.13 -20.93
CA LEU H 404 16.31 -47.08 -21.93
C LEU H 404 15.48 -47.21 -23.20
N VAL H 405 14.45 -46.37 -23.34
CA VAL H 405 13.56 -46.46 -24.53
C VAL H 405 14.26 -46.06 -25.82
N ASN H 406 15.16 -45.11 -25.74
CA ASN H 406 15.84 -44.69 -26.97
C ASN H 406 16.72 -45.80 -27.59
N LEU H 407 17.29 -46.66 -26.74
CA LEU H 407 18.12 -47.79 -27.17
C LEU H 407 17.36 -49.13 -27.22
N GLY H 408 16.29 -49.23 -26.44
CA GLY H 408 15.47 -50.45 -26.40
C GLY H 408 14.48 -50.57 -27.54
N CYS H 409 13.73 -49.48 -27.80
CA CYS H 409 12.74 -49.44 -28.88
C CYS H 409 13.28 -48.82 -30.17
N ALA H 410 14.46 -48.19 -30.12
CA ALA H 410 15.09 -47.62 -31.30
C ALA H 410 16.61 -47.90 -31.29
N THR H 411 17.40 -47.13 -32.05
CA THR H 411 18.84 -47.36 -32.18
C THR H 411 19.75 -46.38 -31.44
N GLY H 412 19.21 -45.69 -30.45
CA GLY H 412 19.99 -44.73 -29.68
C GLY H 412 20.32 -43.46 -30.44
N HIS H 413 21.28 -42.71 -29.92
CA HIS H 413 21.70 -41.48 -30.55
C HIS H 413 22.32 -41.74 -31.91
N PRO H 414 22.23 -40.76 -32.80
CA PRO H 414 22.83 -40.87 -34.12
C PRO H 414 24.36 -40.71 -34.10
N PRO H 415 25.04 -41.07 -35.20
CA PRO H 415 26.50 -41.03 -35.28
C PRO H 415 27.22 -39.74 -34.91
N LEU H 416 26.76 -38.60 -35.43
CA LEU H 416 27.44 -37.33 -35.15
C LEU H 416 27.71 -37.07 -33.69
N VAL H 417 26.69 -37.20 -32.86
CA VAL H 417 26.86 -36.89 -31.47
C VAL H 417 27.61 -37.99 -30.72
N MET H 418 27.50 -39.25 -31.16
CA MET H 418 28.25 -40.35 -30.50
C MET H 418 29.72 -40.26 -30.84
N SER H 419 30.03 -39.66 -31.98
CA SER H 419 31.42 -39.47 -32.38
C SER H 419 32.08 -38.50 -31.41
N MET H 420 31.34 -37.50 -30.98
CA MET H 420 31.84 -36.53 -30.02
C MET H 420 32.07 -37.22 -28.67
N SER H 421 31.10 -38.05 -28.26
CA SER H 421 31.24 -38.76 -26.99
C SER H 421 32.37 -39.77 -27.07
N PHE H 422 32.47 -40.47 -28.20
CA PHE H 422 33.51 -41.49 -28.36
C PHE H 422 34.92 -40.96 -28.65
N THR H 423 35.02 -39.75 -29.19
CA THR H 423 36.35 -39.16 -29.41
C THR H 423 36.91 -38.89 -28.01
N ASN H 424 36.05 -38.45 -27.08
CA ASN H 424 36.48 -38.25 -25.69
C ASN H 424 36.91 -39.57 -25.07
N GLN H 425 36.19 -40.65 -25.37
CA GLN H 425 36.54 -41.98 -24.86
C GLN H 425 37.93 -42.41 -25.28
N VAL H 426 38.22 -42.31 -26.57
CA VAL H 426 39.54 -42.70 -27.08
C VAL H 426 40.64 -41.87 -26.42
N LEU H 427 40.43 -40.56 -26.33
CA LEU H 427 41.39 -39.66 -25.69
C LEU H 427 41.59 -40.01 -24.21
N ALA H 428 40.52 -40.44 -23.54
CA ALA H 428 40.59 -40.87 -22.14
C ALA H 428 41.40 -42.17 -22.02
N GLN H 429 41.12 -43.13 -22.90
CA GLN H 429 41.86 -44.40 -22.92
C GLN H 429 43.35 -44.17 -23.19
N MET H 430 43.67 -43.26 -24.12
CA MET H 430 45.07 -42.94 -24.41
C MET H 430 45.76 -42.30 -23.22
N ASP H 431 45.02 -41.47 -22.48
CA ASP H 431 45.55 -40.78 -21.30
C ASP H 431 45.88 -41.80 -20.21
N LEU H 432 44.91 -42.65 -19.87
CA LEU H 432 45.09 -43.69 -18.85
C LEU H 432 46.25 -44.64 -19.15
N TRP H 433 46.35 -45.04 -20.42
CA TRP H 433 47.41 -45.93 -20.88
C TRP H 433 48.78 -45.28 -20.85
N LYS H 434 48.84 -44.01 -21.24
CA LYS H 434 50.10 -43.30 -21.26
C LYS H 434 50.58 -43.00 -19.84
N SER H 435 49.72 -43.12 -18.82
CA SER H 435 50.09 -42.89 -17.41
C SER H 435 50.39 -44.15 -16.63
N ARG H 436 50.27 -45.32 -17.27
CA ARG H 436 50.57 -46.63 -16.64
C ARG H 436 51.59 -46.63 -15.51
N GLU H 437 52.78 -46.14 -15.84
CA GLU H 437 53.94 -46.13 -14.93
C GLU H 437 53.70 -45.48 -13.58
N LEU H 438 52.86 -44.45 -13.54
CA LEU H 438 52.54 -43.74 -12.31
C LEU H 438 51.59 -44.54 -11.37
N VAL H 439 50.93 -45.57 -11.88
CA VAL H 439 50.01 -46.40 -11.09
C VAL H 439 50.84 -47.46 -10.36
N ASP H 440 51.30 -47.13 -9.15
CA ASP H 440 52.13 -48.04 -8.37
C ASP H 440 51.30 -48.60 -7.21
N ARG H 441 50.99 -49.89 -7.29
CA ARG H 441 50.16 -50.58 -6.28
C ARG H 441 50.88 -51.11 -5.06
N SER H 442 52.22 -51.08 -5.09
CA SER H 442 53.00 -51.50 -3.93
C SER H 442 52.86 -50.46 -2.80
N LYS H 443 52.34 -49.28 -3.14
CA LYS H 443 52.17 -48.16 -2.21
C LYS H 443 50.84 -47.35 -2.26
N ASN H 444 50.46 -47.00 -3.48
CA ASN H 444 49.36 -46.09 -3.76
C ASN H 444 48.00 -46.80 -3.91
N THR H 445 47.31 -46.95 -2.77
CA THR H 445 46.02 -47.63 -2.70
C THR H 445 44.78 -46.71 -2.91
N ARG H 446 44.99 -45.37 -2.99
CA ARG H 446 43.92 -44.34 -3.14
C ARG H 446 43.82 -43.74 -4.59
N PHE H 447 42.75 -44.05 -5.34
CA PHE H 447 42.65 -43.49 -6.70
C PHE H 447 41.51 -42.48 -6.78
N PHE H 448 41.62 -41.57 -7.73
CA PHE H 448 40.63 -40.52 -7.91
C PHE H 448 40.03 -40.48 -9.32
N VAL H 449 38.99 -39.66 -9.48
CA VAL H 449 38.29 -39.46 -10.73
C VAL H 449 38.70 -38.10 -11.28
N LYS H 450 39.14 -38.02 -12.53
CA LYS H 450 39.50 -36.73 -13.10
C LYS H 450 38.78 -36.57 -14.43
N LYS H 451 38.87 -35.39 -15.01
CA LYS H 451 38.24 -35.08 -16.30
C LYS H 451 39.30 -34.69 -17.32
N LEU H 452 38.93 -34.68 -18.58
CA LEU H 452 39.84 -34.29 -19.65
C LEU H 452 39.92 -32.77 -19.63
N SER H 453 41.02 -32.25 -20.14
CA SER H 453 41.23 -30.80 -20.16
C SER H 453 40.31 -30.10 -21.15
N LYS H 454 40.16 -28.80 -20.98
CA LYS H 454 39.37 -27.98 -21.87
C LYS H 454 40.06 -27.90 -23.25
N GLU H 455 41.40 -27.93 -23.27
CA GLU H 455 42.14 -27.94 -24.54
C GLU H 455 41.63 -29.09 -25.42
N LEU H 456 41.54 -30.29 -24.84
CA LEU H 456 41.06 -31.47 -25.58
C LEU H 456 39.57 -31.41 -25.89
N ASP H 457 38.82 -30.79 -24.99
CA ASP H 457 37.39 -30.65 -25.15
C ASP H 457 37.11 -29.79 -26.42
N GLU H 458 37.86 -28.70 -26.57
CA GLU H 458 37.73 -27.84 -27.76
C GLU H 458 38.22 -28.56 -29.00
N TYR H 459 39.27 -29.37 -28.85
CA TYR H 459 39.83 -30.15 -29.95
C TYR H 459 38.74 -31.07 -30.52
N VAL H 460 38.02 -31.77 -29.65
CA VAL H 460 36.92 -32.64 -30.09
C VAL H 460 35.93 -31.87 -30.95
N ALA H 461 35.56 -30.66 -30.52
CA ALA H 461 34.63 -29.82 -31.26
C ALA H 461 35.21 -29.42 -32.63
N ARG H 462 36.48 -29.02 -32.68
CA ARG H 462 37.10 -28.65 -33.97
C ARG H 462 37.01 -29.78 -34.99
N LEU H 463 37.25 -31.01 -34.55
CA LEU H 463 37.22 -32.16 -35.44
C LEU H 463 35.88 -32.40 -36.13
N HIS H 464 34.79 -31.85 -35.58
CA HIS H 464 33.46 -32.05 -36.16
C HIS H 464 32.87 -30.83 -36.86
N LEU H 465 33.61 -29.74 -36.96
CA LEU H 465 33.07 -28.53 -37.61
C LEU H 465 32.75 -28.73 -39.08
N ASP H 466 33.63 -29.42 -39.82
CA ASP H 466 33.40 -29.64 -41.27
C ASP H 466 32.19 -30.50 -41.62
N VAL H 467 31.76 -31.34 -40.68
CA VAL H 467 30.57 -32.16 -40.89
C VAL H 467 29.38 -31.28 -41.25
N LEU H 468 29.24 -30.16 -40.53
CA LEU H 468 28.11 -29.26 -40.76
C LEU H 468 28.43 -27.96 -41.49
N GLY H 469 29.61 -27.88 -42.10
CA GLY H 469 30.01 -26.68 -42.83
C GLY H 469 30.15 -25.41 -41.98
N ILE H 470 30.52 -25.58 -40.72
CA ILE H 470 30.73 -24.47 -39.81
C ILE H 470 32.05 -23.74 -40.15
N LYS H 471 32.02 -22.43 -40.12
CA LYS H 471 33.19 -21.63 -40.42
C LYS H 471 33.56 -20.81 -39.17
N LEU H 472 34.68 -21.13 -38.55
CA LEU H 472 35.12 -20.38 -37.37
C LEU H 472 35.81 -19.10 -37.73
N THR H 473 35.59 -18.12 -36.86
CA THR H 473 36.22 -16.85 -36.97
C THR H 473 37.52 -17.01 -36.17
N LYS H 474 38.55 -16.29 -36.59
CA LYS H 474 39.81 -16.37 -35.90
C LYS H 474 40.11 -15.00 -35.28
N LEU H 475 40.50 -15.00 -34.02
CA LEU H 475 40.83 -13.76 -33.31
C LEU H 475 42.10 -13.10 -33.84
N THR H 476 42.15 -11.78 -33.80
CA THR H 476 43.33 -11.04 -34.21
C THR H 476 44.19 -10.94 -32.96
N GLU H 477 45.45 -10.51 -33.09
CA GLU H 477 46.31 -10.39 -31.90
C GLU H 477 45.68 -9.49 -30.86
N THR H 478 45.20 -8.33 -31.32
CA THR H 478 44.58 -7.35 -30.43
C THR H 478 43.33 -7.88 -29.71
N GLN H 479 42.48 -8.58 -30.44
CA GLN H 479 41.26 -9.16 -29.86
C GLN H 479 41.56 -10.19 -28.81
N ALA H 480 42.52 -11.07 -29.10
CA ALA H 480 42.94 -12.11 -28.17
C ALA H 480 43.46 -11.47 -26.87
N LYS H 481 44.24 -10.42 -27.00
CA LYS H 481 44.77 -9.70 -25.85
C LYS H 481 43.65 -9.02 -25.06
N TYR H 482 42.74 -8.37 -25.78
CA TYR H 482 41.62 -7.65 -25.17
C TYR H 482 40.77 -8.55 -24.25
N ILE H 483 40.40 -9.74 -24.73
CA ILE H 483 39.58 -10.69 -23.95
C ILE H 483 40.44 -11.65 -23.13
N ASN H 484 41.76 -11.47 -23.23
CA ASN H 484 42.73 -12.23 -22.43
C ASN H 484 42.68 -13.76 -22.62
N VAL H 485 42.94 -14.18 -23.85
CA VAL H 485 42.96 -15.60 -24.21
C VAL H 485 43.96 -15.76 -25.34
N SER H 486 44.38 -16.99 -25.56
CA SER H 486 45.30 -17.32 -26.65
C SER H 486 44.48 -17.44 -27.92
N ILE H 487 45.08 -17.11 -29.06
CA ILE H 487 44.38 -17.21 -30.34
C ILE H 487 43.87 -18.64 -30.57
N ASN H 488 44.64 -19.63 -30.09
CA ASN H 488 44.28 -21.04 -30.23
C ASN H 488 43.52 -21.65 -29.06
N GLY H 489 43.12 -20.82 -28.11
CA GLY H 489 42.34 -21.26 -26.97
C GLY H 489 43.21 -21.82 -25.87
N PRO H 490 42.60 -22.29 -24.78
CA PRO H 490 41.15 -22.30 -24.57
C PRO H 490 40.51 -20.91 -24.45
N TYR H 491 39.24 -20.81 -24.83
CA TYR H 491 38.53 -19.53 -24.87
C TYR H 491 37.70 -19.18 -23.65
N LYS H 492 37.44 -20.14 -22.77
CA LYS H 492 36.63 -19.90 -21.57
C LYS H 492 37.30 -20.40 -20.29
N SER H 493 36.82 -19.87 -19.17
CA SER H 493 37.28 -20.27 -17.84
C SER H 493 36.81 -21.67 -17.52
N GLU H 494 37.45 -22.33 -16.57
CA GLU H 494 37.07 -23.70 -16.17
C GLU H 494 35.64 -23.79 -15.61
N ASP H 495 35.18 -22.72 -14.98
CA ASP H 495 33.82 -22.69 -14.42
C ASP H 495 32.69 -22.34 -15.43
N TYR H 496 33.04 -21.97 -16.66
CA TYR H 496 32.06 -21.56 -17.68
C TYR H 496 31.08 -22.69 -17.98
N ARG H 497 29.80 -22.34 -18.05
CA ARG H 497 28.72 -23.31 -18.23
C ARG H 497 28.14 -23.52 -19.64
N TYR H 498 28.64 -22.76 -20.61
CA TYR H 498 28.17 -22.89 -21.99
C TYR H 498 26.62 -22.79 -22.11
O5' ADN I . -26.46 3.28 20.13
C5' ADN I . -26.08 4.57 20.64
C4' ADN I . -26.91 4.82 21.89
O4' ADN I . -26.45 3.97 22.93
C3' ADN I . -26.81 6.22 22.47
O3' ADN I . -27.70 7.14 21.83
C2' ADN I . -27.08 6.01 23.95
O2' ADN I . -28.34 6.59 24.38
C1' ADN I . -27.01 4.48 24.13
N9 ADN I . -26.25 4.10 25.36
C8 ADN I . -25.07 4.57 25.81
N7 ADN I . -24.75 4.00 26.99
C5 ADN I . -25.72 3.15 27.30
C6 ADN I . -26.02 2.21 28.40
N6 ADN I . -25.17 2.07 29.44
N1 ADN I . -27.17 1.50 28.33
C2 ADN I . -28.02 1.62 27.30
N3 ADN I . -27.80 2.46 26.27
C4 ADN I . -26.70 3.22 26.22
PA NAD J . -24.44 15.05 15.06
O1A NAD J . -25.18 15.23 13.77
O2A NAD J . -24.73 15.94 16.24
O5B NAD J . -22.88 15.20 14.70
C5B NAD J . -22.23 14.42 13.71
C4B NAD J . -21.10 15.30 13.18
O4B NAD J . -20.30 14.64 12.21
C3B NAD J . -21.68 16.51 12.48
O3B NAD J . -21.12 17.73 13.00
C2B NAD J . -21.28 16.35 11.03
O2B NAD J . -21.06 17.61 10.40
C1B NAD J . -20.02 15.54 11.15
N9A NAD J . -19.65 14.76 9.95
C8A NAD J . -20.46 14.04 9.15
N7A NAD J . -19.74 13.45 8.16
C5A NAD J . -18.45 13.80 8.31
C6A NAD J . -17.18 13.52 7.61
N6A NAD J . -17.14 12.74 6.51
N1A NAD J . -16.05 14.07 8.12
C2A NAD J . -16.07 14.85 9.21
N3A NAD J . -17.20 15.14 9.88
C4A NAD J . -18.40 14.65 9.49
O3 NAD J . -24.60 13.50 15.51
PN NAD J . -24.37 13.00 17.04
O1N NAD J . -25.65 13.20 17.84
O2N NAD J . -23.05 13.58 17.49
O5D NAD J . -24.22 11.41 16.87
C5D NAD J . -23.16 10.89 16.07
C4D NAD J . -23.24 9.37 16.01
O4D NAD J . -23.07 8.85 17.32
C3D NAD J . -24.58 8.87 15.55
O3D NAD J . -24.36 7.71 14.77
C2D NAD J . -25.33 8.50 16.81
O2D NAD J . -26.26 7.45 16.55
C1D NAD J . -24.19 8.05 17.69
N1N NAD J . -24.31 8.18 19.15
C2N NAD J . -23.59 7.29 19.85
C3N NAD J . -23.55 7.31 21.25
C7N NAD J . -22.75 6.28 22.00
O7N NAD J . -23.10 5.95 23.11
N7N NAD J . -21.67 5.74 21.46
C4N NAD J . -24.30 8.28 21.90
C5N NAD J . -25.05 9.18 21.16
C6N NAD J . -25.03 9.13 19.77
CL CL K . -32.95 -22.82 20.19
CL CL L . -48.67 10.97 42.78
CL CL M . 2.55 18.38 15.45
S SO4 N . -38.34 -22.65 24.27
O1 SO4 N . -37.81 -22.10 23.00
O2 SO4 N . -38.78 -24.05 24.05
O3 SO4 N . -39.50 -21.85 24.69
O4 SO4 N . -37.30 -22.61 25.31
O5' ADN O . -25.83 44.85 24.66
C5' ADN O . -25.38 43.51 24.43
C4' ADN O . -24.87 43.42 23.00
O4' ADN O . -23.66 44.18 22.85
C3' ADN O . -24.56 41.99 22.58
O3' ADN O . -25.63 41.42 21.82
C2' ADN O . -23.26 42.10 21.80
O2' ADN O . -23.39 41.63 20.45
C1' ADN O . -22.91 43.59 21.80
N9 ADN O . -21.43 43.79 21.87
C8 ADN O . -20.52 43.14 22.64
N7 ADN O . -19.27 43.60 22.39
C5 ADN O . -19.36 44.56 21.46
C6 ADN O . -18.42 45.46 20.76
N6 ADN O . -17.09 45.44 20.99
N1 ADN O . -18.95 46.31 19.87
C2 ADN O . -20.27 46.36 19.61
N3 ADN O . -21.17 45.58 20.22
C4 ADN O . -20.79 44.67 21.13
PA NAD P . -30.53 33.50 28.07
O1A NAD P . -32.03 33.39 28.24
O2A NAD P . -29.84 32.53 27.12
O5B NAD P . -29.90 33.40 29.53
C5B NAD P . -30.51 33.98 30.68
C4B NAD P . -30.60 32.93 31.78
O4B NAD P . -30.97 33.55 33.02
C3B NAD P . -31.67 31.91 31.51
O3B NAD P . -31.10 30.60 31.51
C2B NAD P . -32.68 32.07 32.63
O2B NAD P . -33.27 30.85 33.07
C1B NAD P . -31.87 32.71 33.73
N9A NAD P . -32.62 33.51 34.72
C8A NAD P . -33.66 34.35 34.51
N7A NAD P . -34.07 34.92 35.68
C5A NAD P . -33.27 34.46 36.66
C6A NAD P . -33.16 34.64 38.12
N6A NAD P . -34.00 35.47 38.79
N1A NAD P . -32.19 33.96 38.77
C2A NAD P . -31.35 33.12 38.12
N3A NAD P . -31.41 32.92 36.79
C4A NAD P . -32.33 33.54 36.03
O3 NAD P . -30.10 34.96 27.56
PN NAD P . -28.58 35.28 27.11
O1N NAD P . -28.44 35.18 25.60
O2N NAD P . -27.66 34.46 27.97
O5D NAD P . -28.43 36.83 27.53
C5D NAD P . -28.76 37.30 28.83
C4D NAD P . -28.61 38.82 28.85
O4D NAD P . -27.30 39.17 28.39
C3D NAD P . -29.58 39.52 27.92
O3D NAD P . -30.07 40.72 28.52
C2D NAD P . -28.77 39.87 26.70
O2D NAD P . -29.24 41.07 26.07
C1D NAD P . -27.40 40.08 27.30
N1N NAD P . -26.23 39.87 26.44
C2N NAD P . -25.17 40.65 26.74
C3N NAD P . -23.97 40.56 26.05
C7N NAD P . -22.81 41.46 26.42
O7N NAD P . -21.99 41.77 25.56
N7N NAD P . -22.70 41.90 27.67
C4N NAD P . -23.87 39.65 25.00
C5N NAD P . -24.97 38.87 24.69
C6N NAD P . -26.16 38.98 25.43
CL CL Q . -17.82 27.10 51.08
CL CL R . -20.09 66.42 24.45
CL CL S . -33.77 47.67 58.76
S SO4 T . -25.83 71.46 13.40
O1 SO4 T . -27.13 71.65 12.69
O2 SO4 T . -24.72 71.99 12.57
O3 SO4 T . -25.62 70.02 13.62
O4 SO4 T . -25.87 72.17 14.69
O5' ADN U . 10.07 42.03 37.52
C5' ADN U . 9.36 40.79 37.66
C4' ADN U . 8.79 40.78 39.06
O4' ADN U . 7.80 41.80 39.20
C3' ADN U . 8.08 39.48 39.41
O3' ADN U . 9.02 38.46 39.83
C2' ADN U . 7.10 39.91 40.48
O2' ADN U . 7.57 39.50 41.79
C1' ADN U . 6.98 41.44 40.30
N9 ADN U . 5.56 41.89 40.16
C8 ADN U . 4.57 41.36 39.41
N7 ADN U . 3.41 42.07 39.59
C5 ADN U . 3.67 43.05 40.46
C6 ADN U . 2.91 44.16 41.10
N6 ADN U . 1.60 44.38 40.84
N1 ADN U . 3.58 44.97 41.96
C2 ADN U . 4.88 44.79 42.23
N3 ADN U . 5.61 43.81 41.69
C4 ADN U . 5.07 42.93 40.82
PA NAD V . 12.47 29.59 34.91
O1A NAD V . 13.92 29.19 34.93
O2A NAD V . 11.48 28.92 35.82
O5B NAD V . 11.93 29.39 33.40
C5B NAD V . 12.63 29.88 32.25
C4B NAD V . 12.40 28.86 31.15
O4B NAD V . 12.93 29.30 29.89
C3B NAD V . 13.11 27.55 31.46
O3B NAD V . 12.23 26.42 31.37
C2B NAD V . 14.19 27.44 30.41
O2B NAD V . 14.51 26.09 30.09
C1B NAD V . 13.54 28.18 29.26
N9A NAD V . 14.44 28.70 28.24
C8A NAD V . 15.62 29.31 28.41
N7A NAD V . 16.13 29.68 27.21
C5A NAD V . 15.25 29.33 26.27
C6A NAD V . 15.16 29.43 24.80
N6A NAD V . 16.15 30.02 24.09
N1A NAD V . 14.06 28.92 24.21
C2A NAD V . 13.08 28.34 24.93
N3A NAD V . 13.10 28.23 26.27
C4A NAD V . 14.15 28.69 26.96
O3 NAD V . 12.38 31.17 35.11
PN NAD V . 10.95 31.81 35.49
O1N NAD V . 10.79 31.78 36.99
O2N NAD V . 9.88 31.18 34.60
O5D NAD V . 11.17 33.35 35.06
C5D NAD V . 11.36 33.71 33.70
C4D NAD V . 11.54 35.22 33.62
O4D NAD V . 10.36 35.89 34.07
C3D NAD V . 12.67 35.75 34.50
O3D NAD V . 13.42 36.70 33.73
C2D NAD V . 11.99 36.38 35.71
O2D NAD V . 12.74 37.49 36.24
C1D NAD V . 10.67 36.84 35.10
N1N NAD V . 9.47 36.93 35.95
C2N NAD V . 8.56 37.82 35.55
C3N NAD V . 7.36 38.00 36.22
C7N NAD V . 6.35 39.01 35.75
O7N NAD V . 5.56 39.52 36.54
N7N NAD V . 6.32 39.38 34.46
C4N NAD V . 7.10 37.20 37.34
C5N NAD V . 8.06 36.29 37.74
C6N NAD V . 9.24 36.14 37.03
CL CL W . -2.18 24.08 11.98
CL CL X . 15.15 17.58 54.89
S SO4 Y . 15.34 68.67 46.66
O1 SO4 Y . 16.59 68.80 45.87
O2 SO4 Y . 14.33 69.66 46.21
O3 SO4 Y . 14.79 67.32 46.45
O4 SO4 Y . 15.60 68.89 48.10
O5' ADN Z . 2.59 1.38 44.71
C5' ADN Z . 2.52 2.67 44.07
C4' ADN Z . 3.49 2.62 42.91
O4' ADN Z . 2.92 1.85 41.86
C3' ADN Z . 3.85 3.97 42.30
O3' ADN Z . 5.02 4.52 42.92
C2' ADN Z . 4.03 3.67 40.82
O2' ADN Z . 5.39 3.96 40.43
C1' ADN Z . 3.62 2.20 40.67
N9 ADN Z . 2.80 1.92 39.46
C8 ADN Z . 1.76 2.60 38.97
N7 ADN Z . 1.29 2.02 37.83
C5 ADN Z . 2.04 0.93 37.59
C6 ADN Z . 2.10 -0.12 36.57
N6 ADN Z . 1.24 -0.18 35.52
N1 ADN Z . 3.05 -1.07 36.72
C2 ADN Z . 3.92 -1.07 37.74
N3 ADN Z . 3.92 -0.14 38.68
C4 ADN Z . 3.02 0.87 38.67
PA NAD AA . 3.04 13.59 48.99
O1A NAD AA . 3.80 13.81 50.28
O2A NAD AA . 3.51 14.29 47.73
O5B NAD AA . 1.52 13.97 49.22
C5B NAD AA . 0.77 13.50 50.34
C4B NAD AA . -0.13 14.63 50.81
O4B NAD AA . -1.00 14.22 51.87
C3B NAD AA . 0.67 15.77 51.38
O3B NAD AA . 0.31 17.00 50.73
C2B NAD AA . 0.32 15.82 52.87
O2B NAD AA . 0.37 17.14 53.41
C1B NAD AA . -1.08 15.24 52.85
N9A NAD AA . -1.57 14.64 54.09
C8A NAD AA . -0.93 13.81 54.95
N7A NAD AA . -1.76 13.43 55.94
C5A NAD AA . -2.94 14.01 55.73
C6A NAD AA . -4.26 14.04 56.41
N6A NAD AA . -4.46 13.34 57.55
N1A NAD AA . -5.24 14.78 55.84
C2A NAD AA . -5.03 15.47 54.71
N3A NAD AA . -3.85 15.49 54.05
C4A NAD AA . -2.81 14.79 54.52
O3 NAD AA . 2.96 11.99 48.71
PN NAD AA . 2.66 11.45 47.22
O1N NAD AA . 3.98 11.36 46.47
O2N NAD AA . 1.49 12.25 46.68
O5D NAD AA . 2.12 9.96 47.45
C5D NAD AA . 1.10 9.73 48.42
C4D NAD AA . 0.84 8.24 48.51
O4D NAD AA . 0.54 7.74 47.21
C3D NAD AA . 2.04 7.47 49.01
O3D NAD AA . 1.59 6.44 49.90
C2D NAD AA . 2.66 6.89 47.75
O2D NAD AA . 3.33 5.65 47.98
C1D NAD AA . 1.43 6.66 46.89
N1N NAD AA . 1.60 6.63 45.44
C2N NAD AA . 0.71 5.87 44.80
C3N NAD AA . 0.71 5.76 43.42
C7N NAD AA . -0.26 4.87 42.73
O7N NAD AA . 0.02 4.42 41.64
N7N NAD AA . -1.40 4.56 43.32
C4N NAD AA . 1.65 6.48 42.68
C5N NAD AA . 2.56 7.27 43.36
C6N NAD AA . 2.51 7.35 44.75
CL CL BA . 15.70 -12.20 75.49
CL CL CA . -23.00 22.00 48.45
CL CL DA . 22.74 -1.14 17.56
CL CL EA . 9.54 -9.81 72.64
O5' ADN FA . -1.10 -41.39 -50.03
C5' ADN FA . -1.22 -40.19 -49.25
C4' ADN FA . -2.30 -40.40 -48.20
O4' ADN FA . -1.92 -41.44 -47.28
C3' ADN FA . -2.60 -39.17 -47.36
O3' ADN FA . -3.59 -38.35 -47.98
C2' ADN FA . -2.98 -39.75 -46.01
O2' ADN FA . -4.35 -39.50 -45.65
C1' ADN FA . -2.71 -41.26 -46.11
N9 ADN FA . -2.10 -41.80 -44.86
C8 ADN FA . -1.10 -41.28 -44.12
N7 ADN FA . -0.86 -42.04 -43.03
C5 ADN FA . -1.73 -43.07 -43.06
C6 ADN FA . -2.02 -44.25 -42.22
N6 ADN FA . -1.34 -44.51 -41.09
N1 ADN FA . -3.02 -45.07 -42.64
C2 ADN FA . -3.72 -44.83 -43.76
N3 ADN FA . -3.48 -43.78 -44.55
C4 ADN FA . -2.53 -42.89 -44.26
PA NAD GA . -0.20 -28.71 -52.21
O1A NAD GA . -0.73 -28.28 -53.55
O2A NAD GA . -0.82 -28.10 -50.98
O5B NAD GA . 1.39 -28.45 -52.12
C5B NAD GA . 2.34 -28.81 -53.12
C4B NAD GA . 3.38 -27.70 -53.22
O4B NAD GA . 4.40 -27.99 -54.18
C3B NAD GA . 2.78 -26.38 -53.67
O3B NAD GA . 3.19 -25.28 -52.81
C2B NAD GA . 3.31 -26.15 -55.08
O2B NAD GA . 3.40 -24.77 -55.46
C1B NAD GA . 4.65 -26.81 -54.94
N9A NAD GA . 5.30 -27.22 -56.19
C8A NAD GA . 4.76 -27.78 -57.29
N7A NAD GA . 5.73 -28.06 -58.20
C5A NAD GA . 6.90 -27.69 -57.67
C6A NAD GA . 8.32 -27.70 -58.09
N6A NAD GA . 8.67 -28.18 -59.31
N1A NAD GA . 9.22 -27.22 -57.22
C2A NAD GA . 8.87 -26.73 -56.01
N3A NAD GA . 7.61 -26.69 -55.58
C4A NAD GA . 6.61 -27.15 -56.35
O3 NAD GA . -0.24 -30.32 -52.16
PN NAD GA . -0.14 -31.08 -50.74
O1N NAD GA . -1.53 -31.15 -50.12
O2N NAD GA . 0.98 -30.47 -49.94
O5D NAD GA . 0.27 -32.57 -51.19
C5D NAD GA . 1.55 -32.79 -51.78
C4D NAD GA . 1.67 -34.24 -52.19
O4D NAD GA . 1.69 -35.04 -51.02
C3D NAD GA . 0.51 -34.73 -53.02
O3D NAD GA . 1.05 -35.52 -54.09
C2D NAD GA . -0.35 -35.57 -52.09
O2D NAD GA . -0.99 -36.68 -52.74
C1D NAD GA . 0.67 -36.05 -51.06
N1N NAD GA . 0.25 -36.23 -49.67
C2N NAD GA . 0.94 -37.15 -48.98
C3N NAD GA . 0.70 -37.42 -47.65
C7N NAD GA . 1.48 -38.47 -46.92
O7N NAD GA . 0.96 -39.08 -45.99
N7N NAD GA . 2.74 -38.73 -47.31
C4N NAD GA . -0.30 -36.69 -47.00
C5N NAD GA . -1.00 -35.73 -47.71
C6N NAD GA . -0.71 -35.51 -49.05
CL CL HA . 28.65 -37.56 -68.75
S SO4 IA . -10.33 -68.44 -53.83
O1 SO4 IA . -9.24 -68.62 -54.82
O2 SO4 IA . -11.61 -68.16 -54.55
O3 SO4 IA . -10.50 -69.66 -53.00
O4 SO4 IA . -9.99 -67.31 -52.95
O5' ADN JA . -7.36 -1.96 -37.23
C5' ADN JA . -6.80 -3.23 -37.59
C4' ADN JA . -6.02 -3.03 -38.88
O4' ADN JA . -4.89 -2.22 -38.61
C3' ADN JA . -5.49 -4.29 -39.52
O3' ADN JA . -6.44 -4.86 -40.42
C2' ADN JA . -4.19 -3.85 -40.19
O2' ADN JA . -4.25 -4.00 -41.62
C1' ADN JA . -4.01 -2.40 -39.71
N9 ADN JA . -2.63 -2.06 -39.30
C8 ADN JA . -1.80 -2.76 -38.51
N7 ADN JA . -0.61 -2.14 -38.37
C5 ADN JA . -0.67 -1.00 -39.09
C6 ADN JA . 0.23 0.13 -39.38
N6 ADN JA . 1.48 0.19 -38.87
N1 ADN JA . -0.26 1.12 -40.18
C2 ADN JA . -1.50 1.08 -40.70
N3 ADN JA . -2.36 0.09 -40.47
C4 ADN JA . -2.01 -0.96 -39.69
PA NAD KA . -11.02 -14.38 -37.21
O1A NAD KA . -12.46 -14.67 -37.45
O2A NAD KA . -10.00 -15.04 -38.12
O5B NAD KA . -10.65 -14.76 -35.69
C5B NAD KA . -11.49 -14.47 -34.59
C4B NAD KA . -11.62 -15.73 -33.74
O4B NAD KA . -12.26 -15.47 -32.49
C3B NAD KA . -12.46 -16.79 -34.42
O3B NAD KA . -11.72 -18.02 -34.54
C2B NAD KA . -13.70 -16.96 -33.55
O2B NAD KA . -14.19 -18.31 -33.49
C1B NAD KA . -13.19 -16.51 -32.21
N9A NAD KA . -14.23 -16.01 -31.28
C8A NAD KA . -15.30 -15.23 -31.51
N7A NAD KA . -15.97 -15.00 -30.34
C5A NAD KA . -15.31 -15.63 -29.37
C6A NAD KA . -15.46 -15.79 -27.92
N6A NAD KA . -16.49 -15.21 -27.27
N1A NAD KA . -14.53 -16.54 -27.26
C2A NAD KA . -13.50 -17.12 -27.92
N3A NAD KA . -13.31 -17.00 -29.24
C4A NAD KA . -14.17 -16.28 -29.99
O3 NAD KA . -10.80 -12.78 -37.26
PN NAD KA . -9.29 -12.19 -37.40
O1N NAD KA . -9.01 -12.04 -38.88
O2N NAD KA . -8.38 -13.04 -36.54
O5D NAD KA . -9.39 -10.75 -36.69
C5D NAD KA . -9.85 -10.66 -35.35
C4D NAD KA . -9.95 -9.19 -34.94
O4D NAD KA . -8.66 -8.59 -35.05
C3D NAD KA . -10.88 -8.37 -35.82
O3D NAD KA . -11.62 -7.48 -35.00
C2D NAD KA . -9.96 -7.60 -36.76
O2D NAD KA . -10.46 -6.32 -37.11
C1D NAD KA . -8.73 -7.43 -35.90
N1N NAD KA . -7.43 -7.30 -36.58
C2N NAD KA . -6.56 -6.54 -35.91
C3N NAD KA . -5.29 -6.33 -36.37
C7N NAD KA . -4.37 -5.46 -35.58
O7N NAD KA . -3.45 -4.94 -36.16
N7N NAD KA . -4.56 -5.25 -34.29
C4N NAD KA . -4.89 -6.92 -37.56
C5N NAD KA . -5.79 -7.72 -38.24
C6N NAD KA . -7.08 -7.91 -37.73
CL CL LA . -1.24 -24.16 -13.85
CL CL MA . -36.72 7.54 -33.18
O5' ADN NA . 25.53 -3.67 -18.46
C5' ADN NA . 25.14 -5.03 -18.69
C4' ADN NA . 24.27 -5.42 -17.53
O4' ADN NA . 23.05 -4.65 -17.57
C3' ADN NA . 23.83 -6.87 -17.50
O3' ADN NA . 24.77 -7.67 -16.78
C2' ADN NA . 22.45 -6.83 -16.86
O2' ADN NA . 22.44 -7.56 -15.63
C1' ADN NA . 22.13 -5.33 -16.72
N9 ADN NA . 20.70 -4.97 -16.98
C8 ADN NA . 19.92 -5.34 -18.02
N7 ADN NA . 18.68 -4.81 -17.90
C5 ADN NA . 18.65 -4.11 -16.76
C6 ADN NA . 17.65 -3.30 -16.03
N6 ADN NA . 16.39 -3.13 -16.47
N1 ADN NA . 18.04 -2.72 -14.89
C2 ADN NA . 19.29 -2.85 -14.42
N3 ADN NA . 20.24 -3.57 -15.04
C4 ADN NA . 19.98 -4.21 -16.18
PA NAD OA . 30.34 -14.93 -23.06
O1A NAD OA . 31.79 -15.15 -22.74
O2A NAD OA . 29.30 -15.91 -22.54
O5B NAD OA . 30.13 -14.86 -24.64
C5B NAD OA . 30.78 -13.96 -25.52
C4B NAD OA . 31.01 -14.75 -26.80
O4B NAD OA . 31.62 -13.99 -27.83
C3B NAD OA . 31.92 -15.93 -26.54
O3B NAD OA . 31.28 -17.16 -26.90
C2B NAD OA . 33.14 -15.70 -27.41
O2B NAD OA . 33.69 -16.91 -27.94
C1B NAD OA . 32.57 -14.83 -28.49
N9A NAD OA . 33.54 -13.98 -29.21
C8A NAD OA . 34.57 -13.26 -28.72
N7A NAD OA . 35.19 -12.58 -29.73
C5A NAD OA . 34.53 -12.85 -30.88
C6A NAD OA . 34.64 -12.48 -32.31
N6A NAD OA . 35.61 -11.64 -32.72
N1A NAD OA . 33.74 -13.00 -33.17
C2A NAD OA . 32.77 -13.84 -32.75
N3A NAD OA . 32.62 -14.22 -31.47
C4A NAD OA . 33.46 -13.77 -30.51
O3 NAD OA . 29.93 -13.42 -22.61
PN NAD OA . 28.38 -13.05 -22.31
O1N NAD OA . 28.07 -13.45 -20.89
O2N NAD OA . 27.55 -13.55 -23.46
O5D NAD OA . 28.35 -11.45 -22.33
C5D NAD OA . 28.72 -10.77 -23.52
C4D NAD OA . 28.70 -9.27 -23.27
O4D NAD OA . 27.38 -8.86 -22.96
C3D NAD OA . 29.57 -8.87 -22.10
O3D NAD OA . 30.28 -7.68 -22.44
C2D NAD OA . 28.61 -8.59 -20.97
O2D NAD OA . 29.13 -7.57 -20.11
C1D NAD OA . 27.36 -8.15 -21.72
N1N NAD OA . 26.03 -8.39 -21.15
C2N NAD OA . 25.09 -7.50 -21.52
C3N NAD OA . 23.78 -7.62 -21.08
C7N NAD OA . 22.74 -6.61 -21.50
O7N NAD OA . 21.79 -6.41 -20.77
N7N NAD OA . 22.85 -5.95 -22.66
C4N NAD OA . 23.45 -8.68 -20.26
C5N NAD OA . 24.42 -9.58 -19.88
C6N NAD OA . 25.73 -9.43 -20.35
CL CL PA . 11.83 -14.47 9.40
CL CL QA . 26.39 22.28 -10.29
CL CL RA . 20.74 -16.64 -48.83
S SO4 SA . 24.35 21.05 -3.41
O1 SO4 SA . 25.59 20.97 -4.21
O2 SO4 SA . 23.17 20.97 -4.31
O3 SO4 SA . 24.31 22.34 -2.69
O4 SO4 SA . 24.32 19.95 -2.43
O5' ADN TA . 23.34 -45.48 -21.19
C5' ADN TA . 23.35 -44.06 -21.39
C4' ADN TA . 24.46 -43.77 -22.39
O4' ADN TA . 24.15 -44.37 -23.63
C3' ADN TA . 24.68 -42.29 -22.68
O3' ADN TA . 25.67 -41.74 -21.81
C2' ADN TA . 25.12 -42.28 -24.14
O2' ADN TA . 26.47 -41.81 -24.28
C1' ADN TA . 24.97 -43.73 -24.61
N9 ADN TA . 24.40 -43.86 -25.97
C8 ADN TA . 23.35 -43.21 -26.50
N7 ADN TA . 23.13 -43.59 -27.80
C5 ADN TA . 24.06 -44.52 -28.10
C6 ADN TA . 24.41 -45.33 -29.28
N6 ADN TA . 23.71 -45.26 -30.44
N1 ADN TA . 25.46 -46.17 -29.16
C2 ADN TA . 26.17 -46.27 -28.01
N3 ADN TA . 25.91 -45.56 -26.90
C4 ADN TA . 24.88 -44.69 -26.90
PA NAD UA . 21.16 -34.53 -14.53
O1A NAD UA . 21.60 -34.41 -13.09
O2A NAD UA . 21.74 -33.56 -15.55
O5B NAD UA . 19.57 -34.43 -14.55
C5B NAD UA . 18.74 -35.24 -13.73
C4B NAD UA . 17.62 -34.35 -13.20
O4B NAD UA . 16.66 -35.13 -12.48
C3B NAD UA . 18.14 -33.33 -12.22
O3B NAD UA . 17.74 -32.01 -12.62
C2B NAD UA . 17.52 -33.70 -10.87
O2B NAD UA . 17.23 -32.56 -10.05
C1B NAD UA . 16.25 -34.40 -11.32
N9A NAD UA . 15.64 -35.31 -10.33
C8A NAD UA . 16.25 -36.18 -9.51
N7A NAD UA . 15.32 -36.85 -8.77
C5A NAD UA . 14.11 -36.41 -9.12
C6A NAD UA . 12.70 -36.70 -8.73
N6A NAD UA . 12.42 -37.62 -7.78
N1A NAD UA . 11.73 -35.98 -9.38
C2A NAD UA . 12.04 -35.07 -10.33
N3A NAD UA . 13.29 -34.78 -10.72
C4A NAD UA . 14.34 -35.40 -10.16
O3 NAD UA . 21.38 -36.02 -15.10
PN NAD UA . 21.40 -36.27 -16.69
O1N NAD UA . 22.82 -36.11 -17.19
O2N NAD UA . 20.31 -35.47 -17.34
O5D NAD UA . 21.01 -37.83 -16.87
C5D NAD UA . 19.95 -38.44 -16.15
C4D NAD UA . 19.94 -39.94 -16.46
O4D NAD UA . 19.98 -40.15 -17.87
C3D NAD UA . 21.17 -40.67 -15.92
O3D NAD UA . 20.78 -41.96 -15.42
C2D NAD UA . 22.08 -40.84 -17.11
O2D NAD UA . 22.94 -41.97 -16.96
C1D NAD UA . 21.07 -41.02 -18.22
N1N NAD UA . 21.45 -40.70 -19.61
C2N NAD UA . 20.83 -41.41 -20.56
C3N NAD UA . 21.06 -41.20 -21.91
C7N NAD UA . 20.36 -42.04 -22.96
O7N NAD UA . 20.89 -42.17 -24.05
N7N NAD UA . 19.20 -42.63 -22.67
C4N NAD UA . 21.96 -40.21 -22.29
C5N NAD UA . 22.60 -39.48 -21.30
C6N NAD UA . 22.32 -39.73 -19.96
CL CL VA . -5.53 -28.98 -18.48
#